data_6FSZ
#
_entry.id   6FSZ
#
_cell.length_a   1.000
_cell.length_b   1.000
_cell.length_c   1.000
_cell.angle_alpha   90.00
_cell.angle_beta   90.00
_cell.angle_gamma   90.00
#
_symmetry.space_group_name_H-M   'P 1'
#
loop_
_entity.id
_entity.type
_entity.pdbx_description
1 polymer "RNA (5'-R(P*AP*AP*AP*AP*UP*UP*UP*AP*AP*AP*UP*UP*UP*UP*UP*UP*UP*UP*UP*UP*UP*UP*U)-3')"
2 polymer 'Exosome complex component RRP45'
3 polymer 'Exosome complex component SKI6'
4 polymer 'Exosome complex component RRP43'
5 polymer 'Exosome complex component RRP46'
6 polymer 'Exosome complex component RRP42'
7 polymer 'Exosome complex component MTR3'
8 polymer 'Exosome complex component RRP40'
9 polymer 'Exosome complex component RRP4'
10 polymer 'Exosome complex component CSL4'
11 polymer 'Exosome complex exonuclease DIS3'
12 polymer 'Exosome complex exonuclease RRP6'
13 polymer 'Exosome complex protein LRP1'
14 polymer 'ATP-dependent RNA helicase DOB1'
15 polymer 'M-phase phosphoprotein 6 homolog,M-phase phosphoprotein 6 homolog,Nuclear exosome-associated RNA binding protein,M-phase phosphoprotein 6 homolog'
#
loop_
_entity_poly.entity_id
_entity_poly.type
_entity_poly.pdbx_seq_one_letter_code
_entity_poly.pdbx_strand_id
1 'polyribonucleotide' AAAAUUUAAAUUUUUUUUUUUUU 2
2 'polypeptide(L)'
;KDIEISASESKFILEALRQNYRLDGRSFDQFRDVEITFGKEFGDVSVKMGNTKVHCRISCQIAQPYEDRPFEGLFVISTE
ISPMAGSQFENGNITGEDEVLCSRIIEKSVRRSGALDVEGLCIVAGSKCWAVRADVHFLDCDGGFIDASCIAVMAGLMHF
KKPDITVHGEQIIVHPVNEREPVPLGILHIPICVTFSFFNPQDTEENIKGETNSEISIIDATLKEELLRDGVLTVTLNKN
REVVQVSKAGGLPMDALTLMKCCHEAYSIIEKITDQILQLLKEDSEKRNKYAAMLTSENAREI
;
AA
3 'polypeptide(L)'
;GHMSRLEIYSPEGLRLDGRRWNELRRFESSINTHPHAADGSSYMEQGNNKIITLVKGPKEPRLKSQMDTSKALLNVSVNI
TKFSKFERSKSSHKNERRVLEIQTSLVRMFEKNVMLNIYPRTVIDIEIHVLEQDGGIMGSLINGITLALIDAGISMFDYI
SGISVGLYDTTPLLDTNSLEENAMSTVTLGVVGKSEKLSLLLVEDKIPLDRLENVLAIGIAGAHRVRDLMDEELRKHAQK
RVSNASAR
;
BB
4 'polypeptide(L)'
;AESTTLETIEIHPITFPPEVLARISPELSLQRHLSLGIRPCLRKYEEFRDVAIENNTLSRYADAGNIDTKNNILGSNVLK
SGKTIVITSITGGIIEETSASIKDLDDFGEEELFEVTKEEDIIANYASVYPVVEVERGRVGACTDEEMTISQKLHDSILH
SRILPKKALKVKAGVRSANEDGTFSVLYPDELEDDTLNETNLKMKRKWSYVLYAKIVVLSRTGPVFDLCWNSLMYALQSV
KLPRAFIDERASDLRMTIRTRGRSATIRETYEIICDQTKSVPLMINAKNIAFASNYGIVELDPECQLQNSDNSEEEEVDI
DMDKLNTVLIADLDTEAEETSIHSTISILAAPSGNYKQLTLMGGGAKITPEMIKRSLLLSRVRADDLSTRFNI
;
CC
5 'polypeptide(L)'
;GHGNNKEPNTKNRLDSAEKKKKMSVQAEIGILDHVDGSSEFVSQDTKVICSVTGPIEPKARQELPTQLALEIIVRPAKGV
ATTREKVLEDKLRAVLTPLITRHCYPRQLCQITCQILESGEDEAEFSLRELSCCINAAFLALVDAGIALNSMCASIPIAI
IKDTSDIIVDPTAEQLKISLSVHTLALEFVNGGKVVKNVLLLDSNGDFNEDQLFSLLELGEQKCQELVTNIRRIIQDNIS
PRLVV
;
DD
6 'polypeptide(L)'
;GHMSLSVAEKSYLYDSLASTPSIRPDGRLPHQFRPIEIFTDFLPSSNGSSRIIASDGSECIVSIKSKVVDHHVENELLQV
DVDIAGQRDDALVVETITSLLNKVLKSGSGVDSSKLQLTKKYSFKIFVDVLVISSHSHPISLISFAIYSALNSTYLPKLI
SAFDDLEVEELPTFHDYDMVKLDINPPLVFILAVVGNNMLLDPAANESEVANNGLIISWSNGKITSPIRSVALNDSNVKS
FKPHLLKQGLAMVEKYAPDVVRSLENL
;
EE
7 'polypeptide(L)'
;MNVQDRRRLLGPAAAKPMAFSNTTTHVPEKKSTDLTPKGNESEQELSLHTGFIENCNGSALVEARSLGHQTSLISAVYGP
RSIRGSFTSQGTISIQLKNGLLEKYNTNELKEVSSFLMGIFNSVVNLSRYPKSGIDIFVYLTYDKDLTNNPQDDDSQSKM
TSSQISSLIPHCITSITLALADAGIELVDMAGAGEANGTVVSFIKNGEEIVGFWKDDGDDEDLLECLDRCKEQYNRYRDL
MISCLMNQET
;
FF
8 'polypeptide(L)'
;GHMSTFIFPGDSFPVDPTTPVKLGPGIYCDPNTQEIRPVNTGVLHVSAKGKSGVQTAYIDYSSKRYIPSVNDFVIGVIIG
TFSDSYKVSLQNFSSSVSLSYMAFPNASKKNRPTLQVGDLVYARVCTAEKELEAEIECFDSTTGRDAGFGILEDGMIIDV
NLNFARQLLFNNDFPLLKVLAAHTKFEVAIGLNGKIWVKCEELSNTLACYRTIMECCQKNDTAAFKDIAKRQFKEILTVK
EE
;
GG
9 'polypeptide(L)'
;RSMSEVITITKRNGAFQNSSNLSYNNTGISDDENDEEDIYMHDVNSASKSESDSQIVTPGELVTDDPIWMRGHGTYFLDN
MTYSSVAGTVSRVNRLLSVIPLKGRYAPETGDHVVGRIAEVGNKRWKVDIGGKQHAVLMLGSVNLPGGILRRKSESDELQ
MRSFLKEGDLLNAEVQSLFQDGSASLHTRSLKYGKLRNGMFCQVPSSLIVRAKNHTHNLPGNITVVLGVNGYIWLRKTSQ
MDLARDTPSANNSSSIKSTGPTGAVSLNPSITRLEEESSWQIYSDENDPSISNNIRQAICRYANVIKALAFCEIGITQQR
IVSAYEASMVYSNVGELIEKNVMESIGSDILTAEKMRGNGN
;
HH
10 'polypeptide(L)'
;MKHHHHHHPMACNFQFPEIAYPGKLICPQYGTENKDGEDIIFNYVPGPGTKLIQYEHNGRTLEAITATLVGTVRCEEEKK
TDQEEEREGTDQSTEEEKSVDASPNDVTRRTVKNILVSVLPGTEKGRKTNKYANNDFANNLPKEGDIVLTRVTRLSLQRA
NVEILAVEDKPSPIDSGIGSNGSGIVAAGGGSGAATFSVSQASSDLGETFRGIIRSQDVRSTDRDRVKVIECFKPGDIVR
AQVLSLGDGTNYYLTTARNDLGVVFARAANGAGGLMYATDWQMMTSPVTGATEKRKCAKPF
;
II
11 'polypeptide(L)'
;GAMSVPAIAPRRKRLADGLSVTQKVFVRSRNGGATKIVREHYLRSDIPCLSRSCTKCPQIVVPDAQNELPKFILSDSPLE
LSAPIGKHYVVLDTNVVLQAIDLLENPNCFFDVIVPQIVLDEVRNKSYPVYTRLRTLCRDSDDHKRFIVFHNEFSEHTFV
ERLPNETINDRNNRAIRKTCQWYSEHLKPYDINVVLVTNDRLNREAATKEVESNIITKSLVQYIELLPNADDIRDSIPQM
DSFDKDLERDTFSDFTFPEYYSTARVMGGLKNGVLYQGNIQISEYNFLEGSVSLPRFSKPVLIVGQKNLNRAFNGDQVIV
ELLPQSEWKAPSSIVLDSEHFDVNDNPDIEAGDDDDNNESSSNTTVISDKQRRLLAKDAMIAQRSKKIQPTAKVVYIQRR
SWRQYVGQLAPSSVDPQSSSTQNVFVILMDKCLPKVRIRTRRAAELLDKRIVISIDSWPTTHKYPLGHFVRDLGTIESAQ
AETEALLLEHDVEYRPFSKKVLECLPAEGHDWKAPTKLDDPEAVSKDPLLTKRKDLRDKLICSIDPPGCVDINDALHAKK
LPNGNWEVGVHIADVTHFVKPGTALDAEGAARGTSVYLVDKRIDMLPMLLGTDLCSLKPYVDRFAFSVIWELDDSANIVN
VNFMKSVIRSREAFSYEQAQLRIDDKTQNDELTMGMRALLKLSVKLKQKRLEAGALNLASPEVKVHMDSETSDPNEVEIK
KLLATNSLVEEFMLLANISVARKIYDAFPQTAMLRRHAAPPSTNFEILNEMLNTRKNMSISLESSKALADSLDRCVDPED
PYFNTLVRIMSTRCMMAAQYFYSGAYSYPDFRHYGLAVDIYTHFTSPIRRYCDVVAHRQLAGAIGYEPLSLTHRDKNKMD
MICRNINRKHRNAQFAGRASIEYYVGQVMRNNESTETGYVIKVFNNGIVVLVPKFGVEGLIRLDNLTEDPNSAAFDEVEY
KLTFVPTNSDKPRDVYVFDKVEVQVRSVMDPITSKRKAELLLK
;
JJ
12 'polypeptide(L)'
;MTSENPDVLLSRVINVVRAASSLASQDVDFYKNLDRGFSKDLKSKADKLADMANEIILSIDEHHESFELKEEDISDLWNN
FGNIMDNLLEMSDHSLDKLNCAINSKSRGSDLQYLGEFSGKNFSPTKRVEKPQLKFKSPIDNSESHPFIPLLKEKPNALK
PLSESLRLVDDDENNPSHYPHPYEYEIDHQEYSPEILQIREEIPSKSWDDSVPIWVDTSTELESMLEDLKNTKEIAVDLE
HHDYRSYYGIVCLMQISTRERDYLVDTLKLRENLHILNEVFTNPSIVKVFHGAFMNIIWLQRDLGLYVVGLFDTYHASKA
IGLPRHSLAYLLENFANFKTSKKYQLADWRIRPLSKPMTAYARADTHFLLNIYDQLRNKLIESNKLAGVLYESRNVAKRR
FEYSKYRPLTPSSEVYSPIEKESPWKILMYQYNIPPEREVLVRELYQWRDLIARRDDESPRFVMPNQLLAALVAYTPTDV
IGVVSLTNGVTEHVRQNAKLLANLIRDALRNIKNTNEEATPIPSSETKADGILLETISVPQIRDVMERFSVLCNSNISKS
RAKPVTNSSILLGKILPREEHDIAYSKDGLPNKVKTEDIRIRAQNFKSALANLEDIIFEIEKPLVVPVKLEEIKTVDPAS
APNHSPEIDNLDDLVVLKKKNIQKKQPAKEKGVTEKDAVDYSKIPNILSNKPGQNNRQQKKRRFDPSSSDSNGPRAAKKR
RPAAKGKNLSFKR
;
KK
13 'polypeptide(L)'
;MEDIEKIKPYVRSFSKALDELKPEIEKLTSKSLDEQLLLLSDERAKLELINRYAYVLSSLMFANMKVLGVKDMSPILGEL
KRVKSYMDKAKQYDNRITKSNEKSQAEQEKAKNIISNVLDGNKNQFEPSISRSNFQGKHTKFENDELAESTTTKIIDSTD
HIRKASSKKSKRLDKVGKKKGGKK
;
LL
14 'polypeptide(L)'
;MDSTDLFDVFEETPVELPTDSNGEKNADTNVGDTPDHTQDKKHGLEEEKEEHEENNSENKKIKSNKSKTEDKNKKVVVPM
LADSFEQEASREVDASKGLTNSETLQVEQDGKVRLSHQVRHQVALPPNYDYTPIAEHKRVNEARTYPFTLDPFQDTAISC
IDRGESVLVSAHTSAGKTVVAEYAIAQSLKNKQRVIYTSPIKALSNQKYRELLAEFGDVGLMTGDITINPDAGCLVMTTE
ILRSMLYRGSEVMREVAWVIFDEVHYMRDKERGVVWEETIILLPDKVRYVFLSATIPNAMEFAEWICKIHSQPCHIVYTN
FRPTPLQHYLFPAHGDGIYLVVDEKSTFREENFQKAMASISNQIGDDPNSTDSRGKKGQTYKGGSAKGDAKGDIYKIVKM
IWKKKYNPVIVFSFSKRDCEELALKMSKLDFNSDDEKEALTKIFNNAIALLPETDRELPQIKHILPLLRRGIGIHHSGLL
PILKEVIEILFQEGFLKVLFATETFSIGLNMPAKTVVFTSVRKWDGQQFRWVSGGEYIQMSGRAGRRGLDDRGIVIMMID
EKMEPQVAKGMVKGQADRLDSAFHLGYNMILNLMRVEGISPEFMLEHSFFQFQNVISVPVMEKKLAELKKDFDGIEVEDE
ENVKEYHEIEQAIKGYREDVRQVVTHPANALSFLQPGRLVEISVNGKDNYGWGAVVDFAKRINKRNPSAVYTDHESYIVN
VVVNTMYIDSPVNLLKPFNPTLPEGIRPAEEGEKSICAVIPITLDSIKSIGNLRLYMPKDIRASGQKETVGKSLREVNRR
FPDGIPVLDPVKNMKIEDEDFLKLMKKIDVLNTKLSSNPLTNSMRLEELYGKYSRKHDLHEDMKQLKRKISESQAVIQLD
DLRRRKRVLRRLGFCTPNDIIELKGRVACEISSGDELLLTELIFNGNFNELKPEQAAALLSCFAFQERCKEAPRLKPELA
EPLKAMREIAAKIAKIMKDSKIEVVEKDYVESFRHELMEVVYEWCRGATFTQICKMTDVYEGSLIRMFKRLEELVKELVD
VANTIGNSSLKEKMEAVLKLIHRDIVSAGSLYL
;
MM
15 'polypeptide(L)'
;(UNK)(UNK)(UNK)(UNK)(UNK)(UNK)(UNK)(UNK)(UNK)(UNK)(UNK)PNLIISNVGYSELRKPEGVISGRKT
FGDN
;
NN
#
loop_
_chem_comp.id
_chem_comp.type
_chem_comp.name
_chem_comp.formula
A RNA linking ADENOSINE-5'-MONOPHOSPHATE 'C10 H14 N5 O7 P'
U RNA linking URIDINE-5'-MONOPHOSPHATE 'C9 H13 N2 O9 P'
#
# COMPACT_ATOMS: atom_id res chain seq x y z
N LYS B 1 -14.84 16.45 5.82
CA LYS B 1 -15.58 16.78 4.61
C LYS B 1 -16.04 15.55 3.87
N ASP B 2 -17.19 15.02 4.24
CA ASP B 2 -17.68 13.75 3.71
C ASP B 2 -19.18 13.82 3.43
N ILE B 3 -19.55 13.38 2.24
CA ILE B 3 -20.93 13.35 1.80
C ILE B 3 -21.56 12.09 2.38
N GLU B 4 -22.69 12.23 3.04
CA GLU B 4 -23.30 11.04 3.64
C GLU B 4 -24.66 10.78 3.02
N ILE B 5 -24.85 9.56 2.55
CA ILE B 5 -26.07 9.13 1.88
C ILE B 5 -26.46 7.78 2.48
N SER B 6 -27.76 7.57 2.69
CA SER B 6 -28.20 6.30 3.22
C SER B 6 -28.05 5.20 2.18
N ALA B 7 -27.78 4.00 2.68
CA ALA B 7 -27.78 2.83 1.82
C ALA B 7 -29.18 2.54 1.31
N SER B 8 -30.20 2.98 2.05
CA SER B 8 -31.56 2.94 1.55
C SER B 8 -31.69 3.80 0.31
N GLU B 9 -31.08 4.97 0.32
CA GLU B 9 -31.13 5.80 -0.86
C GLU B 9 -30.26 5.21 -1.95
N SER B 10 -29.25 4.43 -1.55
CA SER B 10 -28.37 3.80 -2.52
C SER B 10 -29.10 2.75 -3.33
N LYS B 11 -29.93 1.95 -2.67
CA LYS B 11 -30.67 0.93 -3.38
C LYS B 11 -31.73 1.54 -4.27
N PHE B 12 -32.23 2.72 -3.88
CA PHE B 12 -33.37 3.35 -4.51
C PHE B 12 -33.10 3.67 -5.96
N ILE B 13 -32.00 4.38 -6.22
CA ILE B 13 -31.61 4.71 -7.57
C ILE B 13 -31.24 3.46 -8.33
N LEU B 14 -30.59 2.53 -7.64
CA LEU B 14 -30.18 1.28 -8.24
C LEU B 14 -31.39 0.45 -8.65
N GLU B 15 -32.49 0.60 -7.91
CA GLU B 15 -33.75 0.04 -8.36
C GLU B 15 -34.29 0.79 -9.57
N ALA B 16 -34.14 2.11 -9.59
CA ALA B 16 -34.74 2.91 -10.66
C ALA B 16 -34.09 2.59 -11.98
N LEU B 17 -32.80 2.30 -11.97
CA LEU B 17 -32.15 1.85 -13.18
C LEU B 17 -32.63 0.47 -13.56
N ARG B 18 -32.90 -0.38 -12.56
CA ARG B 18 -33.44 -1.69 -12.83
C ARG B 18 -34.87 -1.64 -13.35
N GLN B 19 -35.56 -0.53 -13.22
CA GLN B 19 -36.78 -0.30 -13.96
C GLN B 19 -36.64 0.93 -14.86
N ASN B 20 -35.41 1.19 -15.30
CA ASN B 20 -35.14 2.03 -16.44
C ASN B 20 -35.54 3.47 -16.21
N TYR B 21 -35.44 3.90 -14.96
CA TYR B 21 -35.80 5.25 -14.57
C TYR B 21 -34.57 5.95 -14.03
N ARG B 22 -34.56 7.28 -14.15
CA ARG B 22 -33.55 8.11 -13.53
C ARG B 22 -34.17 9.42 -13.11
N LEU B 23 -33.58 10.04 -12.08
CA LEU B 23 -34.32 10.96 -11.24
C LEU B 23 -34.49 12.31 -11.90
N ASP B 24 -33.56 12.67 -12.78
CA ASP B 24 -33.56 13.96 -13.42
C ASP B 24 -34.74 14.18 -14.34
N GLY B 25 -35.20 13.15 -15.03
CA GLY B 25 -36.16 13.35 -16.09
C GLY B 25 -35.59 13.19 -17.49
N ARG B 26 -34.29 13.00 -17.63
CA ARG B 26 -33.73 12.69 -18.94
C ARG B 26 -33.89 11.20 -19.23
N SER B 27 -33.55 10.83 -20.46
CA SER B 27 -33.23 9.45 -20.75
C SER B 27 -31.88 9.12 -20.16
N PHE B 28 -31.59 7.81 -20.10
CA PHE B 28 -30.27 7.32 -19.76
C PHE B 28 -29.21 7.96 -20.61
N ASP B 29 -29.39 7.91 -21.91
CA ASP B 29 -28.44 8.40 -22.86
C ASP B 29 -28.80 9.77 -23.37
N GLN B 30 -29.28 10.63 -22.50
CA GLN B 30 -29.67 11.98 -22.88
C GLN B 30 -28.81 12.97 -22.10
N PHE B 31 -28.47 14.08 -22.72
CA PHE B 31 -27.58 15.04 -22.11
C PHE B 31 -28.37 16.29 -21.75
N ARG B 32 -27.85 17.05 -20.80
CA ARG B 32 -28.51 18.27 -20.38
C ARG B 32 -28.49 19.32 -21.48
N ASP B 33 -29.25 20.37 -21.27
CA ASP B 33 -29.26 21.46 -22.21
C ASP B 33 -28.29 22.53 -21.75
N VAL B 34 -27.64 23.16 -22.69
CA VAL B 34 -26.49 23.99 -22.41
C VAL B 34 -26.82 25.43 -22.71
N GLU B 35 -26.56 26.32 -21.75
CA GLU B 35 -26.73 27.75 -21.92
C GLU B 35 -25.37 28.39 -22.00
N ILE B 36 -25.07 29.01 -23.12
CA ILE B 36 -23.79 29.69 -23.31
C ILE B 36 -24.08 31.17 -23.42
N THR B 37 -23.39 31.97 -22.63
CA THR B 37 -23.57 33.41 -22.68
C THR B 37 -22.21 34.06 -22.43
N PHE B 38 -21.90 35.06 -23.24
CA PHE B 38 -20.61 35.71 -23.18
C PHE B 38 -20.70 36.99 -22.38
N GLY B 39 -19.61 37.31 -21.70
CA GLY B 39 -19.44 38.63 -21.15
C GLY B 39 -18.94 39.57 -22.24
N LYS B 40 -18.81 40.83 -21.85
CA LYS B 40 -18.43 41.87 -22.80
C LYS B 40 -17.01 41.70 -23.28
N GLU B 41 -16.16 41.11 -22.44
CA GLU B 41 -14.78 40.95 -22.80
C GLU B 41 -14.63 39.83 -23.80
N PHE B 42 -13.55 39.86 -24.55
CA PHE B 42 -13.25 38.75 -25.42
C PHE B 42 -12.55 37.66 -24.64
N GLY B 43 -12.91 36.41 -24.91
CA GLY B 43 -12.55 35.34 -24.03
C GLY B 43 -13.29 35.37 -22.71
N ASP B 44 -14.50 35.93 -22.69
CA ASP B 44 -15.35 35.97 -21.50
C ASP B 44 -16.64 35.24 -21.83
N VAL B 45 -17.00 34.26 -21.00
CA VAL B 45 -18.19 33.46 -21.25
C VAL B 45 -18.69 32.88 -19.93
N SER B 46 -20.00 32.77 -19.81
CA SER B 46 -20.64 32.03 -18.74
C SER B 46 -21.36 30.86 -19.36
N VAL B 47 -21.08 29.66 -18.87
CA VAL B 47 -21.61 28.43 -19.41
C VAL B 47 -22.36 27.73 -18.29
N LYS B 48 -23.55 27.20 -18.62
CA LYS B 48 -24.47 26.72 -17.61
C LYS B 48 -25.26 25.54 -18.16
N MET B 49 -25.25 24.43 -17.44
CA MET B 49 -26.04 23.26 -17.79
C MET B 49 -26.90 22.92 -16.60
N GLY B 50 -28.06 23.55 -16.51
CA GLY B 50 -28.95 23.28 -15.41
C GLY B 50 -28.35 23.72 -14.10
N ASN B 51 -27.89 22.76 -13.32
CA ASN B 51 -27.39 23.07 -12.00
C ASN B 51 -25.91 23.40 -12.00
N THR B 52 -25.10 22.63 -12.72
CA THR B 52 -23.68 22.90 -12.84
C THR B 52 -23.46 24.24 -13.51
N LYS B 53 -22.66 25.09 -12.90
CA LYS B 53 -22.30 26.38 -13.47
C LYS B 53 -20.79 26.49 -13.46
N VAL B 54 -20.22 27.04 -14.53
CA VAL B 54 -18.79 27.26 -14.62
C VAL B 54 -18.55 28.66 -15.13
N HIS B 55 -17.28 29.06 -15.07
CA HIS B 55 -16.82 30.25 -15.74
C HIS B 55 -15.32 30.10 -15.95
N CYS B 56 -14.85 30.55 -17.09
CA CYS B 56 -13.43 30.48 -17.40
C CYS B 56 -13.00 31.81 -17.97
N ARG B 57 -11.70 31.95 -18.27
CA ARG B 57 -11.18 33.20 -18.78
C ARG B 57 -9.92 32.96 -19.58
N ILE B 58 -9.84 33.58 -20.74
CA ILE B 58 -8.68 33.51 -21.61
C ILE B 58 -8.00 34.85 -21.59
N SER B 59 -6.67 34.83 -21.49
CA SER B 59 -5.89 36.04 -21.64
C SER B 59 -4.56 35.68 -22.27
N CYS B 60 -3.76 36.71 -22.52
CA CYS B 60 -2.46 36.53 -23.13
C CYS B 60 -1.59 37.73 -22.82
N GLN B 61 -0.28 37.50 -22.86
CA GLN B 61 0.67 38.55 -22.56
C GLN B 61 2.00 38.17 -23.18
N ILE B 62 2.99 39.02 -22.95
CA ILE B 62 4.24 38.87 -23.65
C ILE B 62 5.24 38.17 -22.76
N ALA B 63 5.92 37.17 -23.29
CA ALA B 63 7.00 36.51 -22.59
C ALA B 63 7.94 35.90 -23.60
N GLN B 64 8.98 35.38 -23.10
CA GLN B 64 9.88 34.67 -23.98
C GLN B 64 9.47 33.22 -24.02
N PRO B 65 9.77 32.50 -25.09
CA PRO B 65 9.53 31.06 -25.09
C PRO B 65 10.61 30.32 -24.34
N TYR B 66 10.36 29.02 -24.16
CA TYR B 66 11.35 28.16 -23.53
C TYR B 66 12.52 27.92 -24.45
N GLU B 67 13.55 27.35 -23.84
CA GLU B 67 14.62 26.71 -24.59
C GLU B 67 14.11 25.46 -25.27
N ASP B 68 13.09 24.82 -24.68
CA ASP B 68 12.66 23.49 -25.08
C ASP B 68 12.13 23.50 -26.50
N ARG B 69 11.05 24.25 -26.73
CA ARG B 69 10.57 24.55 -28.08
C ARG B 69 10.79 26.05 -28.24
N PRO B 70 11.96 26.46 -28.71
CA PRO B 70 12.21 27.90 -28.88
C PRO B 70 11.43 28.53 -30.01
N PHE B 71 10.71 27.74 -30.79
CA PHE B 71 9.88 28.24 -31.86
C PHE B 71 8.56 28.81 -31.38
N GLU B 72 8.01 28.29 -30.29
CA GLU B 72 6.57 28.31 -30.08
C GLU B 72 6.22 29.10 -28.83
N GLY B 73 4.98 29.58 -28.77
CA GLY B 73 4.53 30.36 -27.63
C GLY B 73 4.21 29.52 -26.42
N LEU B 74 3.67 30.18 -25.41
CA LEU B 74 3.40 29.55 -24.13
C LEU B 74 1.94 29.56 -23.77
N PHE B 75 1.48 28.47 -23.17
CA PHE B 75 0.06 28.29 -22.91
C PHE B 75 -0.12 27.20 -21.86
N VAL B 76 -1.07 27.41 -20.96
CA VAL B 76 -1.36 26.48 -19.88
C VAL B 76 -2.75 26.81 -19.35
N ILE B 77 -3.38 25.81 -18.72
CA ILE B 77 -4.73 25.94 -18.22
C ILE B 77 -4.72 25.73 -16.72
N SER B 78 -5.24 26.70 -15.99
CA SER B 78 -5.48 26.53 -14.57
C SER B 78 -6.90 26.06 -14.36
N THR B 79 -7.08 25.11 -13.45
CA THR B 79 -8.39 24.58 -13.10
C THR B 79 -8.52 24.49 -11.60
N GLU B 80 -8.20 25.56 -10.90
CA GLU B 80 -8.18 25.49 -9.46
C GLU B 80 -9.58 25.53 -8.88
N ILE B 81 -9.97 24.43 -8.23
CA ILE B 81 -11.24 24.34 -7.53
C ILE B 81 -11.26 25.27 -6.34
N SER B 82 -12.36 26.00 -6.20
CA SER B 82 -12.63 26.70 -4.96
C SER B 82 -13.72 25.95 -4.25
N PRO B 83 -13.69 25.89 -2.91
CA PRO B 83 -14.77 25.24 -2.17
C PRO B 83 -16.08 25.97 -2.22
N MET B 84 -16.12 27.15 -2.84
CA MET B 84 -17.36 27.77 -3.29
C MET B 84 -18.26 26.79 -4.02
N ALA B 85 -17.73 25.99 -4.94
CA ALA B 85 -18.60 25.17 -5.76
C ALA B 85 -19.13 23.93 -5.06
N GLY B 86 -18.79 23.72 -3.79
CA GLY B 86 -19.26 22.58 -3.03
C GLY B 86 -18.32 22.43 -1.86
N SER B 87 -18.87 22.04 -0.72
CA SER B 87 -18.08 22.05 0.50
C SER B 87 -17.18 20.83 0.64
N GLN B 88 -17.14 19.96 -0.36
CA GLN B 88 -16.26 18.80 -0.33
C GLN B 88 -14.81 19.20 -0.39
N PHE B 89 -14.52 20.33 -1.00
CA PHE B 89 -13.25 20.55 -1.63
C PHE B 89 -12.33 21.34 -0.73
N GLU B 90 -11.04 21.08 -0.83
CA GLU B 90 -10.06 21.88 -0.15
C GLU B 90 -9.92 23.23 -0.83
N ASN B 91 -9.31 24.15 -0.10
CA ASN B 91 -8.93 25.43 -0.65
C ASN B 91 -7.80 25.20 -1.63
N GLY B 92 -8.12 25.06 -2.91
CA GLY B 92 -7.13 24.98 -3.95
C GLY B 92 -6.23 23.76 -3.90
N ASN B 93 -6.77 22.58 -3.63
CA ASN B 93 -5.94 21.39 -3.63
C ASN B 93 -5.53 21.06 -5.05
N ILE B 94 -4.28 21.32 -5.40
CA ILE B 94 -3.74 20.88 -6.66
C ILE B 94 -3.19 19.46 -6.56
N THR B 95 -3.33 18.85 -5.40
CA THR B 95 -2.81 17.52 -5.17
C THR B 95 -3.89 16.51 -4.86
N GLY B 96 -5.16 16.88 -4.96
CA GLY B 96 -6.21 15.90 -4.85
C GLY B 96 -6.35 15.08 -6.12
N GLU B 97 -6.91 13.89 -5.96
CA GLU B 97 -6.92 12.93 -7.06
C GLU B 97 -7.95 13.30 -8.10
N ASP B 98 -9.15 13.66 -7.65
CA ASP B 98 -10.25 13.98 -8.57
C ASP B 98 -9.92 15.24 -9.35
N GLU B 99 -9.18 16.12 -8.71
CA GLU B 99 -8.62 17.30 -9.33
C GLU B 99 -7.71 16.91 -10.48
N VAL B 100 -6.82 15.96 -10.21
CA VAL B 100 -5.95 15.41 -11.25
C VAL B 100 -6.80 14.72 -12.30
N LEU B 101 -7.87 14.05 -11.86
CA LEU B 101 -8.83 13.45 -12.78
C LEU B 101 -9.55 14.51 -13.57
N CYS B 102 -9.67 15.71 -13.01
CA CYS B 102 -10.12 16.82 -13.82
C CYS B 102 -8.96 17.39 -14.62
N SER B 103 -7.74 17.28 -14.10
CA SER B 103 -6.62 17.98 -14.71
C SER B 103 -6.18 17.32 -15.99
N ARG B 104 -5.70 16.08 -15.90
CA ARG B 104 -4.97 15.41 -16.98
C ARG B 104 -5.80 15.27 -18.24
N ILE B 105 -7.11 15.15 -18.05
CA ILE B 105 -8.05 15.19 -19.16
C ILE B 105 -7.88 16.46 -19.94
N ILE B 106 -8.12 17.59 -19.29
CA ILE B 106 -8.05 18.88 -19.95
C ILE B 106 -6.63 19.18 -20.38
N GLU B 107 -5.66 18.60 -19.67
CA GLU B 107 -4.29 18.62 -20.16
C GLU B 107 -4.18 17.88 -21.49
N LYS B 108 -4.71 16.68 -21.55
CA LYS B 108 -4.67 15.99 -22.81
C LYS B 108 -5.70 16.51 -23.79
N SER B 109 -6.82 17.03 -23.31
CA SER B 109 -7.88 17.50 -24.19
C SER B 109 -7.46 18.71 -24.97
N VAL B 110 -6.60 19.52 -24.41
CA VAL B 110 -6.16 20.74 -25.07
C VAL B 110 -4.69 20.65 -25.42
N ARG B 111 -3.82 20.57 -24.41
CA ARG B 111 -2.40 20.82 -24.59
C ARG B 111 -1.72 19.76 -25.43
N ARG B 112 -1.88 18.48 -25.07
CA ARG B 112 -1.22 17.46 -25.88
C ARG B 112 -1.97 17.23 -27.17
N SER B 113 -3.29 17.44 -27.17
CA SER B 113 -4.04 17.37 -28.41
C SER B 113 -3.69 18.51 -29.34
N GLY B 114 -3.54 19.71 -28.82
CA GLY B 114 -3.26 20.82 -29.69
C GLY B 114 -4.44 21.20 -30.55
N ALA B 115 -5.49 21.73 -29.94
CA ALA B 115 -6.48 22.41 -30.75
C ALA B 115 -5.95 23.75 -31.22
N LEU B 116 -5.07 24.35 -30.44
CA LEU B 116 -4.59 25.70 -30.67
C LEU B 116 -3.19 25.68 -31.24
N ASP B 117 -2.96 26.47 -32.26
CA ASP B 117 -1.62 26.60 -32.85
C ASP B 117 -0.76 27.42 -31.90
N VAL B 118 0.19 26.74 -31.25
CA VAL B 118 1.12 27.46 -30.41
C VAL B 118 2.19 28.15 -31.24
N GLU B 119 2.35 27.73 -32.49
CA GLU B 119 3.39 28.33 -33.32
C GLU B 119 2.95 29.67 -33.82
N GLY B 120 1.63 29.88 -33.89
CA GLY B 120 0.98 31.15 -34.14
C GLY B 120 0.93 32.06 -32.94
N LEU B 121 1.65 31.70 -31.89
CA LEU B 121 1.95 32.59 -30.80
C LEU B 121 3.36 33.14 -30.91
N CYS B 122 4.15 32.65 -31.85
CA CYS B 122 5.50 33.13 -32.03
C CYS B 122 5.45 34.53 -32.62
N ILE B 123 5.77 35.52 -31.82
CA ILE B 123 5.84 36.88 -32.34
C ILE B 123 7.20 37.01 -32.99
N VAL B 124 8.25 36.84 -32.20
CA VAL B 124 9.60 36.74 -32.70
C VAL B 124 10.24 35.54 -32.05
N ALA B 125 11.01 34.80 -32.83
CA ALA B 125 11.51 33.52 -32.39
C ALA B 125 12.53 33.69 -31.28
N GLY B 126 12.25 33.07 -30.14
CA GLY B 126 13.18 33.10 -29.05
C GLY B 126 13.26 34.40 -28.28
N SER B 127 12.56 35.45 -28.72
CA SER B 127 12.75 36.74 -28.08
C SER B 127 11.51 37.13 -27.30
N LYS B 128 10.38 37.19 -27.99
CA LYS B 128 9.11 37.55 -27.41
C LYS B 128 8.03 36.72 -28.05
N CYS B 129 7.18 36.12 -27.23
CA CYS B 129 6.08 35.31 -27.73
C CYS B 129 4.85 35.62 -26.91
N TRP B 130 3.86 34.76 -27.00
CA TRP B 130 2.68 34.94 -26.17
C TRP B 130 2.67 33.96 -25.00
N ALA B 131 2.08 34.40 -23.90
CA ALA B 131 1.81 33.56 -22.74
C ALA B 131 0.30 33.55 -22.57
N VAL B 132 -0.36 32.51 -23.06
CA VAL B 132 -1.82 32.48 -23.10
C VAL B 132 -2.33 31.69 -21.91
N ARG B 133 -3.35 32.20 -21.25
CA ARG B 133 -3.72 31.72 -19.94
C ARG B 133 -5.19 31.33 -19.92
N ALA B 134 -5.49 30.26 -19.18
CA ALA B 134 -6.84 29.70 -19.10
C ALA B 134 -7.15 29.35 -17.66
N ASP B 135 -7.82 30.26 -16.95
CA ASP B 135 -8.17 30.05 -15.55
C ASP B 135 -9.60 29.53 -15.51
N VAL B 136 -9.79 28.31 -15.03
CA VAL B 136 -11.10 27.69 -14.94
C VAL B 136 -11.63 27.87 -13.54
N HIS B 137 -12.84 28.36 -13.44
CA HIS B 137 -13.50 28.50 -12.15
C HIS B 137 -14.73 27.63 -12.15
N PHE B 138 -14.98 27.00 -11.02
CA PHE B 138 -16.19 26.22 -10.83
C PHE B 138 -17.11 27.06 -9.98
N LEU B 139 -18.41 26.94 -10.20
CA LEU B 139 -19.32 27.80 -9.46
C LEU B 139 -20.18 26.97 -8.53
N ASP B 140 -20.65 25.83 -9.01
CA ASP B 140 -21.62 25.02 -8.32
C ASP B 140 -21.65 23.70 -9.07
N CYS B 141 -21.62 22.58 -8.36
CA CYS B 141 -21.40 21.29 -8.99
C CYS B 141 -22.70 20.50 -9.04
N ASP B 142 -22.99 19.95 -10.20
CA ASP B 142 -23.88 18.82 -10.34
C ASP B 142 -23.19 17.78 -11.20
N GLY B 143 -21.86 17.82 -11.20
CA GLY B 143 -21.06 16.98 -12.06
C GLY B 143 -21.01 17.49 -13.47
N GLY B 144 -20.26 16.77 -14.29
CA GLY B 144 -20.08 17.17 -15.67
C GLY B 144 -19.11 18.33 -15.82
N PHE B 145 -18.40 18.67 -14.75
CA PHE B 145 -17.36 19.69 -14.76
C PHE B 145 -16.35 19.45 -15.85
N ILE B 146 -15.84 18.22 -15.93
CA ILE B 146 -14.78 17.91 -16.88
C ILE B 146 -15.34 17.91 -18.29
N ASP B 147 -16.65 17.73 -18.44
CA ASP B 147 -17.27 18.04 -19.72
C ASP B 147 -17.56 19.52 -19.83
N ALA B 148 -17.89 20.17 -18.72
CA ALA B 148 -18.19 21.60 -18.81
C ALA B 148 -16.93 22.39 -19.07
N SER B 149 -15.85 22.04 -18.37
CA SER B 149 -14.58 22.72 -18.58
C SER B 149 -13.98 22.34 -19.92
N CYS B 150 -14.34 21.17 -20.44
CA CYS B 150 -14.04 20.87 -21.83
C CYS B 150 -14.66 21.91 -22.75
N ILE B 151 -15.93 22.23 -22.51
CA ILE B 151 -16.61 23.12 -23.42
C ILE B 151 -16.19 24.54 -23.20
N ALA B 152 -16.20 24.98 -21.94
CA ALA B 152 -16.12 26.39 -21.63
C ALA B 152 -14.76 26.96 -21.97
N VAL B 153 -13.72 26.13 -21.93
CA VAL B 153 -12.43 26.56 -22.42
C VAL B 153 -12.46 26.71 -23.92
N MET B 154 -12.97 25.69 -24.60
CA MET B 154 -13.00 25.74 -26.05
C MET B 154 -14.01 26.75 -26.53
N ALA B 155 -15.02 27.05 -25.71
CA ALA B 155 -15.85 28.21 -25.97
C ALA B 155 -15.01 29.47 -25.90
N GLY B 156 -14.13 29.56 -24.91
CA GLY B 156 -13.43 30.80 -24.67
C GLY B 156 -12.39 31.10 -25.73
N LEU B 157 -11.81 30.05 -26.30
CA LEU B 157 -10.81 30.24 -27.34
C LEU B 157 -11.43 30.77 -28.60
N MET B 158 -12.69 30.44 -28.84
CA MET B 158 -13.33 30.94 -30.03
C MET B 158 -13.98 32.28 -29.80
N HIS B 159 -13.66 32.93 -28.69
CA HIS B 159 -14.15 34.27 -28.46
C HIS B 159 -13.05 35.24 -28.12
N PHE B 160 -11.82 34.76 -27.93
CA PHE B 160 -10.77 35.69 -27.59
C PHE B 160 -10.05 36.20 -28.84
N LYS B 161 -9.63 37.47 -28.79
CA LYS B 161 -8.86 38.08 -29.86
C LYS B 161 -7.62 38.74 -29.29
N LYS B 162 -6.46 38.66 -30.03
CA LYS B 162 -5.32 39.32 -29.41
C LYS B 162 -4.97 40.59 -30.17
N PRO B 163 -4.39 41.58 -29.52
CA PRO B 163 -4.20 42.89 -30.17
C PRO B 163 -3.08 42.91 -31.21
N ASP B 164 -2.76 44.11 -31.67
CA ASP B 164 -1.93 44.28 -32.86
C ASP B 164 -0.46 44.49 -32.49
N ILE B 165 0.43 43.99 -33.35
CA ILE B 165 1.86 43.84 -33.09
C ILE B 165 2.63 44.41 -34.27
N THR B 166 3.75 45.08 -33.99
CA THR B 166 4.73 45.45 -35.02
C THR B 166 6.14 45.32 -34.46
N VAL B 167 7.03 44.69 -35.24
CA VAL B 167 8.36 44.27 -34.81
C VAL B 167 9.41 45.14 -35.49
N HIS B 168 10.34 45.69 -34.69
CA HIS B 168 11.63 46.13 -35.20
C HIS B 168 12.72 45.75 -34.22
N GLY B 169 13.22 44.52 -34.34
CA GLY B 169 14.25 44.06 -33.42
C GLY B 169 13.78 44.07 -31.99
N GLU B 170 14.28 45.04 -31.22
CA GLU B 170 13.73 45.29 -29.89
C GLU B 170 12.52 46.21 -29.96
N GLN B 171 12.42 47.04 -30.99
CA GLN B 171 11.30 47.97 -31.07
C GLN B 171 10.03 47.22 -31.45
N ILE B 172 9.39 46.67 -30.44
CA ILE B 172 8.21 45.83 -30.59
C ILE B 172 6.99 46.66 -30.25
N ILE B 173 6.16 46.90 -31.24
CA ILE B 173 5.17 47.95 -31.18
C ILE B 173 3.83 47.29 -30.94
N VAL B 174 3.44 47.19 -29.67
CA VAL B 174 2.08 46.86 -29.29
C VAL B 174 1.23 48.13 -29.47
N HIS B 175 0.21 48.03 -30.29
CA HIS B 175 -0.50 49.22 -30.71
C HIS B 175 -1.61 49.50 -29.70
N PRO B 176 -2.20 50.69 -29.70
CA PRO B 176 -3.41 50.91 -28.90
C PRO B 176 -4.53 50.00 -29.35
N VAL B 177 -5.37 49.67 -28.37
CA VAL B 177 -6.38 48.64 -28.53
C VAL B 177 -7.45 49.11 -29.51
N ASN B 178 -7.75 50.40 -29.48
CA ASN B 178 -8.99 50.84 -30.10
C ASN B 178 -8.73 51.43 -31.47
N GLU B 179 -7.49 51.81 -31.76
CA GLU B 179 -7.13 52.15 -33.12
C GLU B 179 -6.99 50.89 -33.97
N ARG B 180 -6.18 49.94 -33.50
CA ARG B 180 -5.85 48.75 -34.26
C ARG B 180 -6.45 47.54 -33.57
N GLU B 181 -7.18 46.76 -34.37
CA GLU B 181 -8.15 45.81 -33.84
C GLU B 181 -7.49 44.60 -33.18
N PRO B 182 -8.18 43.95 -32.25
CA PRO B 182 -7.70 42.68 -31.73
C PRO B 182 -8.02 41.54 -32.69
N VAL B 183 -7.17 40.53 -32.66
CA VAL B 183 -7.11 39.52 -33.71
C VAL B 183 -7.37 38.16 -33.08
N PRO B 184 -8.35 37.42 -33.55
CA PRO B 184 -8.64 36.10 -32.97
C PRO B 184 -7.61 35.05 -33.37
N LEU B 185 -7.89 33.83 -32.92
CA LEU B 185 -6.88 32.80 -32.78
C LEU B 185 -7.22 31.58 -33.64
N GLY B 186 -6.21 30.71 -33.80
CA GLY B 186 -6.30 29.64 -34.76
C GLY B 186 -6.55 28.29 -34.12
N ILE B 187 -7.73 27.74 -34.38
CA ILE B 187 -8.18 26.50 -33.76
C ILE B 187 -8.10 25.40 -34.79
N LEU B 188 -7.31 24.37 -34.51
CA LEU B 188 -7.10 23.30 -35.47
C LEU B 188 -8.30 22.37 -35.54
N HIS B 189 -8.97 22.16 -34.42
CA HIS B 189 -10.04 21.20 -34.30
C HIS B 189 -10.76 21.51 -33.00
N ILE B 190 -12.03 21.11 -32.94
CA ILE B 190 -12.78 21.42 -31.74
C ILE B 190 -13.11 20.14 -30.99
N PRO B 191 -12.53 19.93 -29.82
CA PRO B 191 -12.80 18.69 -29.07
C PRO B 191 -13.94 18.86 -28.11
N ILE B 192 -14.74 17.80 -27.96
CA ILE B 192 -15.81 17.74 -26.98
C ILE B 192 -15.71 16.42 -26.24
N CYS B 193 -15.59 16.49 -24.91
CA CYS B 193 -15.52 15.31 -24.06
C CYS B 193 -16.91 14.85 -23.65
N VAL B 194 -17.02 13.60 -23.21
CA VAL B 194 -18.29 13.02 -22.76
C VAL B 194 -18.05 12.18 -21.53
N THR B 195 -18.73 12.49 -20.43
CA THR B 195 -18.69 11.66 -19.24
C THR B 195 -19.60 10.46 -19.43
N PHE B 196 -19.11 9.28 -19.08
CA PHE B 196 -19.92 8.10 -18.99
C PHE B 196 -19.90 7.52 -17.58
N SER B 197 -21.06 7.01 -17.17
CA SER B 197 -21.38 6.79 -15.77
C SER B 197 -21.98 5.40 -15.60
N PHE B 198 -21.45 4.62 -14.67
CA PHE B 198 -21.57 3.17 -14.74
C PHE B 198 -22.09 2.56 -13.45
N PHE B 199 -22.96 1.59 -13.59
CA PHE B 199 -23.74 1.10 -12.48
C PHE B 199 -23.92 -0.40 -12.60
N ASN B 200 -23.27 -1.13 -11.71
CA ASN B 200 -23.52 -2.55 -11.60
C ASN B 200 -24.75 -2.71 -10.74
N PRO B 201 -25.79 -3.38 -11.21
CA PRO B 201 -26.91 -3.70 -10.33
C PRO B 201 -26.65 -4.94 -9.53
N GLN B 202 -25.51 -5.58 -9.73
CA GLN B 202 -25.26 -6.91 -9.23
C GLN B 202 -24.05 -6.85 -8.31
N ASP B 203 -23.51 -8.01 -7.96
CA ASP B 203 -22.28 -8.12 -7.20
C ASP B 203 -21.09 -7.95 -8.14
N THR B 204 -19.93 -8.38 -7.63
CA THR B 204 -18.76 -8.39 -8.48
C THR B 204 -18.79 -9.56 -9.45
N GLU B 205 -19.13 -10.75 -8.96
CA GLU B 205 -18.91 -11.98 -9.71
C GLU B 205 -19.83 -12.07 -10.93
N GLU B 206 -21.06 -11.58 -10.80
CA GLU B 206 -21.92 -11.56 -11.97
C GLU B 206 -21.49 -10.52 -12.97
N ASN B 207 -20.70 -9.54 -12.56
CA ASN B 207 -19.96 -8.82 -13.56
C ASN B 207 -18.74 -9.61 -13.99
N ILE B 208 -18.10 -10.33 -13.10
CA ILE B 208 -16.85 -11.00 -13.44
C ILE B 208 -17.11 -12.28 -14.22
N LYS B 209 -17.83 -13.22 -13.64
CA LYS B 209 -18.04 -14.47 -14.33
C LYS B 209 -19.47 -14.67 -14.76
N GLY B 210 -20.38 -13.81 -14.32
CA GLY B 210 -21.64 -13.70 -15.00
C GLY B 210 -21.42 -13.17 -16.40
N GLU B 211 -21.61 -14.03 -17.38
CA GLU B 211 -21.28 -13.73 -18.76
C GLU B 211 -22.24 -12.71 -19.33
N THR B 212 -23.43 -12.65 -18.76
CA THR B 212 -24.46 -11.75 -19.22
C THR B 212 -24.09 -10.33 -18.89
N ASN B 213 -23.81 -9.54 -19.94
CA ASN B 213 -23.62 -8.11 -19.75
C ASN B 213 -24.91 -7.48 -19.26
N SER B 214 -24.81 -6.81 -18.13
CA SER B 214 -26.00 -6.30 -17.47
C SER B 214 -25.74 -4.95 -16.84
N GLU B 215 -24.95 -4.10 -17.47
CA GLU B 215 -24.43 -2.94 -16.77
C GLU B 215 -24.92 -1.67 -17.44
N ILE B 216 -25.44 -0.78 -16.64
CA ILE B 216 -26.14 0.38 -17.17
C ILE B 216 -25.17 1.54 -17.24
N SER B 217 -25.17 2.22 -18.37
CA SER B 217 -24.28 3.33 -18.60
C SER B 217 -25.11 4.55 -18.97
N ILE B 218 -24.88 5.66 -18.29
CA ILE B 218 -25.62 6.86 -18.60
C ILE B 218 -24.68 8.03 -18.82
N ILE B 219 -25.29 9.13 -19.27
CA ILE B 219 -24.59 10.35 -19.62
C ILE B 219 -24.90 11.38 -18.56
N ASP B 220 -23.87 12.12 -18.12
CA ASP B 220 -24.01 13.31 -17.31
C ASP B 220 -24.70 12.98 -15.98
N ALA B 221 -23.93 12.28 -15.15
CA ALA B 221 -24.37 11.96 -13.81
C ALA B 221 -24.69 13.22 -13.04
N THR B 222 -25.87 13.25 -12.45
CA THR B 222 -26.10 14.34 -11.52
C THR B 222 -25.36 14.02 -10.23
N LEU B 223 -25.46 14.96 -9.29
CA LEU B 223 -24.66 14.90 -8.07
C LEU B 223 -24.93 13.64 -7.28
N LYS B 224 -26.21 13.35 -7.03
CA LYS B 224 -26.57 12.14 -6.33
C LYS B 224 -26.28 10.91 -7.18
N GLU B 225 -26.47 11.03 -8.49
CA GLU B 225 -26.14 9.94 -9.41
C GLU B 225 -24.67 9.62 -9.37
N GLU B 226 -23.85 10.65 -9.21
CA GLU B 226 -22.43 10.48 -9.41
C GLU B 226 -21.79 9.78 -8.23
N LEU B 227 -22.44 9.83 -7.08
CA LEU B 227 -21.79 9.34 -5.87
C LEU B 227 -21.81 7.83 -5.73
N LEU B 228 -22.50 7.13 -6.62
CA LEU B 228 -22.60 5.68 -6.48
C LEU B 228 -22.04 4.95 -7.68
N ARG B 229 -21.44 5.66 -8.61
CA ARG B 229 -21.09 5.00 -9.85
C ARG B 229 -19.84 4.17 -9.69
N ASP B 230 -19.70 3.21 -10.59
CA ASP B 230 -18.79 2.10 -10.40
C ASP B 230 -17.58 2.15 -11.30
N GLY B 231 -17.71 2.73 -12.49
CA GLY B 231 -16.57 3.00 -13.33
C GLY B 231 -16.65 4.41 -13.83
N VAL B 232 -15.55 4.92 -14.36
CA VAL B 232 -15.48 6.28 -14.84
C VAL B 232 -14.84 6.29 -16.22
N LEU B 233 -15.54 6.87 -17.19
CA LEU B 233 -15.04 6.84 -18.56
C LEU B 233 -15.35 8.13 -19.27
N THR B 234 -14.34 8.68 -19.94
CA THR B 234 -14.55 9.85 -20.79
C THR B 234 -13.83 9.66 -22.12
N VAL B 235 -14.56 9.91 -23.20
CA VAL B 235 -14.04 9.92 -24.55
C VAL B 235 -14.18 11.34 -25.06
N THR B 236 -13.40 11.70 -26.08
CA THR B 236 -13.44 13.02 -26.68
C THR B 236 -13.27 12.90 -28.17
N LEU B 237 -14.06 13.63 -28.93
CA LEU B 237 -13.99 13.62 -30.38
C LEU B 237 -14.21 15.02 -30.92
N ASN B 238 -14.45 15.09 -32.23
CA ASN B 238 -14.32 16.30 -33.02
C ASN B 238 -15.49 16.41 -33.97
N LYS B 239 -15.33 17.21 -35.01
CA LYS B 239 -16.24 17.02 -36.13
C LYS B 239 -15.69 16.08 -37.17
N ASN B 240 -14.39 15.95 -37.29
CA ASN B 240 -13.85 15.05 -38.30
C ASN B 240 -13.71 13.63 -37.82
N ARG B 241 -14.50 13.23 -36.82
CA ARG B 241 -14.76 11.82 -36.53
C ARG B 241 -13.51 11.11 -35.97
N GLU B 242 -12.51 11.88 -35.57
CA GLU B 242 -11.37 11.23 -34.96
C GLU B 242 -11.57 11.26 -33.46
N VAL B 243 -10.99 10.27 -32.80
CA VAL B 243 -11.15 10.15 -31.37
C VAL B 243 -9.98 10.86 -30.69
N VAL B 244 -10.29 11.83 -29.85
CA VAL B 244 -9.22 12.59 -29.23
C VAL B 244 -8.57 11.78 -28.12
N GLN B 245 -9.33 11.51 -27.07
CA GLN B 245 -8.80 10.73 -25.97
C GLN B 245 -9.84 9.73 -25.57
N VAL B 246 -9.39 8.70 -24.87
CA VAL B 246 -10.28 7.83 -24.11
C VAL B 246 -9.61 7.65 -22.76
N SER B 247 -10.40 7.68 -21.69
CA SER B 247 -9.87 7.35 -20.38
C SER B 247 -10.89 6.56 -19.58
N LYS B 248 -10.72 5.24 -19.55
CA LYS B 248 -11.28 4.43 -18.49
C LYS B 248 -10.10 4.08 -17.59
N ALA B 249 -10.03 4.76 -16.45
CA ALA B 249 -9.02 4.46 -15.46
C ALA B 249 -9.64 3.62 -14.38
N GLY B 250 -9.87 2.35 -14.69
CA GLY B 250 -10.23 1.42 -13.64
C GLY B 250 -11.69 1.48 -13.28
N GLY B 251 -11.98 1.13 -12.03
CA GLY B 251 -13.34 1.11 -11.55
C GLY B 251 -13.99 -0.23 -11.78
N LEU B 252 -15.19 -0.15 -12.31
CA LEU B 252 -15.93 -1.35 -12.66
C LEU B 252 -15.30 -2.02 -13.86
N PRO B 253 -15.31 -3.34 -13.96
CA PRO B 253 -14.93 -3.99 -15.21
C PRO B 253 -15.98 -3.73 -16.28
N MET B 254 -15.58 -3.83 -17.54
CA MET B 254 -16.44 -3.31 -18.60
C MET B 254 -16.12 -3.90 -19.96
N ASP B 255 -17.15 -4.43 -20.61
CA ASP B 255 -17.04 -5.00 -21.95
C ASP B 255 -16.57 -3.98 -22.98
N ALA B 256 -15.72 -4.46 -23.89
CA ALA B 256 -15.23 -3.63 -24.98
C ALA B 256 -16.33 -3.30 -25.95
N LEU B 257 -17.19 -4.27 -26.25
CA LEU B 257 -18.22 -4.11 -27.27
C LEU B 257 -19.20 -3.03 -26.88
N THR B 258 -19.37 -2.82 -25.59
CA THR B 258 -20.18 -1.72 -25.10
C THR B 258 -19.56 -0.39 -25.48
N LEU B 259 -18.24 -0.29 -25.39
CA LEU B 259 -17.58 1.01 -25.44
C LEU B 259 -17.64 1.62 -26.83
N MET B 260 -17.42 0.81 -27.86
CA MET B 260 -17.66 1.27 -29.22
C MET B 260 -19.12 1.64 -29.41
N LYS B 261 -20.01 0.80 -28.88
CA LYS B 261 -21.43 1.08 -28.96
C LYS B 261 -21.78 2.31 -28.15
N CYS B 262 -21.03 2.57 -27.10
CA CYS B 262 -21.16 3.83 -26.39
C CYS B 262 -20.68 5.00 -27.24
N CYS B 263 -19.51 4.88 -27.84
CA CYS B 263 -18.83 6.05 -28.39
C CYS B 263 -19.48 6.51 -29.69
N HIS B 264 -20.20 5.63 -30.34
CA HIS B 264 -20.94 6.08 -31.52
C HIS B 264 -22.04 7.04 -31.14
N GLU B 265 -22.68 6.82 -30.00
CA GLU B 265 -23.77 7.68 -29.61
C GLU B 265 -23.27 9.03 -29.18
N ALA B 266 -22.00 9.08 -28.74
CA ALA B 266 -21.36 10.33 -28.43
C ALA B 266 -21.36 11.26 -29.62
N TYR B 267 -21.15 10.69 -30.82
CA TYR B 267 -20.90 11.46 -32.02
C TYR B 267 -22.09 12.32 -32.40
N SER B 268 -23.29 11.75 -32.41
CA SER B 268 -24.46 12.48 -32.83
C SER B 268 -24.83 13.54 -31.81
N ILE B 269 -24.51 13.29 -30.54
CA ILE B 269 -24.75 14.26 -29.50
C ILE B 269 -23.89 15.48 -29.69
N ILE B 270 -22.59 15.27 -29.82
CA ILE B 270 -21.64 16.37 -29.69
C ILE B 270 -21.70 17.26 -30.91
N GLU B 271 -22.09 16.70 -32.05
CA GLU B 271 -22.08 17.45 -33.29
C GLU B 271 -23.12 18.57 -33.27
N LYS B 272 -24.33 18.26 -32.79
CA LYS B 272 -25.39 19.26 -32.77
C LYS B 272 -25.05 20.39 -31.82
N ILE B 273 -24.47 20.05 -30.68
CA ILE B 273 -24.13 21.05 -29.68
C ILE B 273 -22.99 21.91 -30.18
N THR B 274 -22.09 21.31 -30.92
CA THR B 274 -20.95 22.02 -31.49
C THR B 274 -21.41 23.13 -32.41
N ASP B 275 -22.37 22.84 -33.26
CA ASP B 275 -22.82 23.82 -34.23
C ASP B 275 -23.62 24.91 -33.55
N GLN B 276 -24.26 24.55 -32.43
CA GLN B 276 -24.97 25.53 -31.63
C GLN B 276 -24.02 26.56 -31.06
N ILE B 277 -22.80 26.13 -30.72
CA ILE B 277 -21.78 27.08 -30.36
C ILE B 277 -21.44 27.95 -31.55
N LEU B 278 -21.34 27.31 -32.73
CA LEU B 278 -20.82 27.96 -33.91
C LEU B 278 -21.75 29.07 -34.38
N GLN B 279 -23.05 28.84 -34.30
CA GLN B 279 -23.97 29.92 -34.63
C GLN B 279 -23.89 31.03 -33.60
N LEU B 280 -23.87 30.68 -32.32
CA LEU B 280 -23.90 31.68 -31.27
C LEU B 280 -22.66 32.55 -31.24
N LEU B 281 -21.52 31.98 -31.60
CA LEU B 281 -20.34 32.78 -31.81
C LEU B 281 -20.52 33.77 -32.93
N LYS B 282 -21.07 33.29 -34.04
CA LYS B 282 -21.40 34.17 -35.14
C LYS B 282 -22.46 35.17 -34.72
N GLU B 283 -23.56 34.68 -34.13
CA GLU B 283 -24.73 35.49 -33.86
C GLU B 283 -24.44 36.58 -32.83
N ASP B 284 -23.60 36.27 -31.85
CA ASP B 284 -23.18 37.31 -30.92
C ASP B 284 -22.27 38.31 -31.61
N SER B 285 -21.35 37.82 -32.43
CA SER B 285 -20.50 38.72 -33.20
C SER B 285 -21.32 39.46 -34.23
N GLU B 286 -22.35 38.81 -34.76
CA GLU B 286 -23.34 39.53 -35.53
C GLU B 286 -24.02 40.57 -34.68
N LYS B 287 -24.37 40.20 -33.44
CA LYS B 287 -24.96 41.19 -32.55
C LYS B 287 -23.94 42.24 -32.15
N ARG B 288 -22.66 41.84 -32.08
CA ARG B 288 -21.63 42.86 -31.92
C ARG B 288 -21.58 43.78 -33.12
N ASN B 289 -21.71 43.24 -34.32
CA ASN B 289 -21.56 44.08 -35.50
C ASN B 289 -22.84 44.83 -35.81
N LYS B 290 -23.99 44.26 -35.48
CA LYS B 290 -25.23 45.02 -35.59
C LYS B 290 -25.27 46.13 -34.56
N TYR B 291 -24.70 45.89 -33.38
CA TYR B 291 -24.57 47.00 -32.46
C TYR B 291 -23.40 47.90 -32.86
N ALA B 292 -22.40 47.36 -33.56
CA ALA B 292 -21.44 48.23 -34.21
C ALA B 292 -22.11 49.05 -35.30
N ALA B 293 -23.09 48.45 -35.98
CA ALA B 293 -23.96 49.23 -36.85
C ALA B 293 -24.85 50.16 -36.06
N MET B 294 -25.22 49.77 -34.84
CA MET B 294 -25.96 50.67 -33.96
C MET B 294 -25.06 51.64 -33.21
N LEU B 295 -23.76 51.66 -33.54
CA LEU B 295 -22.83 52.59 -32.90
C LEU B 295 -22.35 53.68 -33.83
N THR B 296 -21.85 53.32 -35.02
CA THR B 296 -21.29 54.30 -35.94
C THR B 296 -22.39 55.18 -36.53
N SER B 297 -23.56 54.61 -36.80
CA SER B 297 -24.71 55.41 -37.17
C SER B 297 -25.19 56.25 -35.99
N GLU B 298 -25.03 55.71 -34.77
CA GLU B 298 -25.34 56.48 -33.58
C GLU B 298 -24.32 57.59 -33.36
N ASN B 299 -23.04 57.28 -33.45
CA ASN B 299 -22.00 58.28 -33.29
C ASN B 299 -21.79 59.01 -34.63
N MET C 3 9.76 14.16 -40.82
CA MET C 3 10.33 13.08 -41.63
C MET C 3 11.29 12.24 -40.80
N SER C 4 11.03 10.93 -40.77
CA SER C 4 11.89 9.99 -40.08
C SER C 4 12.84 9.37 -41.08
N ARG C 5 14.13 9.39 -40.75
CA ARG C 5 15.13 8.74 -41.60
C ARG C 5 15.17 7.24 -41.42
N LEU C 6 14.25 6.65 -40.65
CA LEU C 6 14.27 5.24 -40.41
C LEU C 6 13.07 4.55 -41.03
N GLU C 7 12.93 3.27 -40.70
CA GLU C 7 12.00 2.35 -41.35
C GLU C 7 11.07 1.81 -40.28
N ILE C 8 9.81 2.26 -40.31
CA ILE C 8 8.88 1.91 -39.25
C ILE C 8 8.51 0.44 -39.31
N TYR C 9 7.84 0.05 -40.38
CA TYR C 9 7.31 -1.29 -40.49
C TYR C 9 7.54 -1.69 -41.93
N SER C 10 8.11 -2.85 -42.12
CA SER C 10 8.48 -3.24 -43.46
C SER C 10 7.23 -3.61 -44.23
N PRO C 11 7.26 -3.44 -45.55
CA PRO C 11 6.23 -4.07 -46.38
C PRO C 11 6.36 -5.56 -46.38
N GLU C 12 7.54 -6.05 -46.05
CA GLU C 12 7.81 -7.47 -45.87
C GLU C 12 7.38 -7.95 -44.50
N GLY C 13 6.67 -7.13 -43.75
CA GLY C 13 5.97 -7.59 -42.56
C GLY C 13 6.73 -7.45 -41.27
N LEU C 14 7.82 -6.70 -41.26
CA LEU C 14 8.76 -6.80 -40.15
C LEU C 14 8.84 -5.49 -39.38
N ARG C 15 9.25 -5.61 -38.12
CA ARG C 15 9.49 -4.46 -37.26
C ARG C 15 10.98 -4.24 -37.07
N LEU C 16 11.29 -3.39 -36.09
CA LEU C 16 12.64 -2.90 -35.89
C LEU C 16 13.62 -4.01 -35.54
N ASP C 17 13.25 -4.88 -34.61
CA ASP C 17 14.00 -6.10 -34.38
C ASP C 17 13.62 -7.20 -35.34
N GLY C 18 12.68 -6.94 -36.24
CA GLY C 18 12.18 -7.93 -37.16
C GLY C 18 10.88 -8.55 -36.73
N ARG C 19 10.22 -7.99 -35.73
CA ARG C 19 9.02 -8.62 -35.23
C ARG C 19 7.88 -8.47 -36.20
N ARG C 20 6.92 -9.37 -36.07
CA ARG C 20 5.67 -9.21 -36.79
C ARG C 20 4.76 -8.31 -35.94
N TRP C 21 3.63 -7.94 -36.50
CA TRP C 21 2.73 -7.01 -35.85
C TRP C 21 2.02 -7.66 -34.67
N ASN C 22 1.96 -8.98 -34.67
CA ASN C 22 1.30 -9.78 -33.65
C ASN C 22 2.27 -10.55 -32.78
N GLU C 23 3.35 -9.93 -32.35
CA GLU C 23 4.38 -10.62 -31.60
C GLU C 23 4.76 -9.84 -30.36
N LEU C 24 5.42 -10.52 -29.43
CA LEU C 24 5.74 -9.95 -28.14
C LEU C 24 7.24 -9.79 -27.96
N ARG C 25 7.60 -9.07 -26.91
CA ARG C 25 8.97 -9.10 -26.45
C ARG C 25 9.18 -10.31 -25.56
N ARG C 26 10.43 -10.46 -25.13
CA ARG C 26 10.72 -11.50 -24.15
C ARG C 26 10.11 -11.12 -22.83
N PHE C 27 9.46 -12.08 -22.22
CA PHE C 27 8.57 -11.82 -21.11
C PHE C 27 9.01 -12.72 -19.97
N GLU C 28 9.47 -12.11 -18.88
CA GLU C 28 10.00 -12.86 -17.77
C GLU C 28 9.45 -12.28 -16.47
N SER C 29 8.90 -13.14 -15.64
CA SER C 29 8.50 -12.77 -14.29
C SER C 29 9.32 -13.56 -13.28
N SER C 30 9.12 -13.25 -12.00
CA SER C 30 9.72 -14.04 -10.93
C SER C 30 8.91 -13.85 -9.65
N ILE C 31 8.94 -14.85 -8.77
CA ILE C 31 8.15 -14.86 -7.56
C ILE C 31 9.09 -15.02 -6.37
N ASN C 32 8.77 -14.30 -5.30
CA ASN C 32 9.53 -14.28 -4.04
C ASN C 32 10.97 -13.85 -4.31
N THR C 33 11.09 -12.68 -4.90
CA THR C 33 12.39 -12.14 -5.20
C THR C 33 13.05 -11.55 -3.98
N HIS C 34 12.26 -11.20 -2.96
CA HIS C 34 12.77 -10.55 -1.76
C HIS C 34 12.02 -11.07 -0.56
N PRO C 35 12.44 -12.22 -0.03
CA PRO C 35 11.75 -12.79 1.12
C PRO C 35 11.97 -11.99 2.36
N HIS C 36 13.14 -11.42 2.50
CA HIS C 36 13.51 -10.66 3.68
C HIS C 36 12.88 -9.29 3.70
N ALA C 37 12.27 -8.87 2.60
CA ALA C 37 11.69 -7.55 2.52
C ALA C 37 10.20 -7.54 2.78
N ALA C 38 9.41 -8.27 2.00
CA ALA C 38 7.98 -8.31 2.21
C ALA C 38 7.50 -9.62 1.63
N ASP C 39 6.29 -10.00 2.01
CA ASP C 39 5.74 -11.26 1.52
C ASP C 39 5.21 -11.12 0.10
N GLY C 40 5.12 -9.89 -0.40
CA GLY C 40 4.90 -9.70 -1.82
C GLY C 40 6.16 -9.17 -2.45
N SER C 41 6.83 -9.98 -3.28
CA SER C 41 8.04 -9.52 -3.93
C SER C 41 8.20 -10.24 -5.26
N SER C 42 8.10 -9.47 -6.33
CA SER C 42 8.07 -10.05 -7.66
C SER C 42 8.84 -9.14 -8.61
N TYR C 43 9.48 -9.76 -9.60
CA TYR C 43 10.34 -9.04 -10.54
C TYR C 43 9.86 -9.25 -11.96
N MET C 44 9.82 -8.16 -12.73
CA MET C 44 9.42 -8.20 -14.13
C MET C 44 10.55 -7.84 -15.07
N GLU C 45 10.70 -8.64 -16.12
CA GLU C 45 11.37 -8.22 -17.35
C GLU C 45 10.39 -8.47 -18.46
N GLN C 46 9.91 -7.42 -19.07
CA GLN C 46 9.19 -7.54 -20.32
C GLN C 46 9.99 -6.72 -21.31
N GLY C 47 10.83 -7.42 -22.07
CA GLY C 47 11.83 -6.76 -22.88
C GLY C 47 12.76 -6.03 -21.95
N ASN C 48 13.11 -4.79 -22.29
CA ASN C 48 13.92 -4.03 -21.35
C ASN C 48 13.10 -3.23 -20.37
N ASN C 49 11.78 -3.38 -20.37
CA ASN C 49 11.03 -2.82 -19.26
C ASN C 49 11.26 -3.67 -18.03
N LYS C 50 11.96 -3.11 -17.06
CA LYS C 50 12.38 -3.85 -15.88
C LYS C 50 11.83 -3.15 -14.66
N ILE C 51 11.05 -3.89 -13.86
CA ILE C 51 10.31 -3.33 -12.74
C ILE C 51 10.52 -4.22 -11.54
N ILE C 52 10.82 -3.61 -10.39
CA ILE C 52 10.74 -4.29 -9.11
C ILE C 52 9.43 -3.93 -8.46
N THR C 53 8.67 -4.94 -8.05
CA THR C 53 7.31 -4.77 -7.56
C THR C 53 7.24 -5.28 -6.14
N LEU C 54 6.74 -4.44 -5.23
CA LEU C 54 6.74 -4.75 -3.81
C LEU C 54 5.40 -4.42 -3.17
N VAL C 55 4.95 -5.29 -2.28
CA VAL C 55 3.63 -5.24 -1.69
C VAL C 55 3.77 -5.45 -0.20
N LYS C 56 3.19 -4.55 0.58
CA LYS C 56 3.18 -4.64 2.02
C LYS C 56 1.74 -4.73 2.51
N GLY C 57 1.52 -5.57 3.52
CA GLY C 57 0.21 -5.71 4.12
C GLY C 57 -0.09 -7.17 4.41
N PRO C 58 -1.32 -7.46 4.85
CA PRO C 58 -2.37 -6.56 5.33
C PRO C 58 -2.05 -6.22 6.76
N LYS C 59 -1.97 -4.95 7.14
CA LYS C 59 -1.40 -4.66 8.45
C LYS C 59 -1.88 -3.33 8.98
N GLU C 60 -1.32 -3.00 10.12
CA GLU C 60 -1.79 -1.88 10.92
C GLU C 60 -1.41 -0.56 10.26
N PRO C 61 -2.24 0.47 10.37
CA PRO C 61 -1.89 1.75 9.79
C PRO C 61 -0.86 2.48 10.63
N ARG C 62 -0.32 3.55 10.07
CA ARG C 62 0.49 4.45 10.86
C ARG C 62 -0.34 5.35 11.75
N LEU C 63 -1.55 5.72 11.32
CA LEU C 63 -2.41 6.60 12.10
C LEU C 63 -3.79 5.98 12.16
N LYS C 64 -4.52 6.27 13.24
CA LYS C 64 -5.88 5.81 13.34
C LYS C 64 -6.83 6.63 12.48
N SER C 65 -6.39 7.81 12.02
CA SER C 65 -7.17 8.57 11.05
C SER C 65 -7.30 7.79 9.76
N GLN C 66 -6.17 7.40 9.18
CA GLN C 66 -6.15 6.55 8.01
C GLN C 66 -6.52 5.12 8.43
N MET C 67 -7.83 4.92 8.60
CA MET C 67 -8.35 3.64 9.04
C MET C 67 -9.82 3.56 8.66
N ASP C 68 -10.27 2.38 8.24
CA ASP C 68 -11.68 2.14 7.98
C ASP C 68 -12.10 0.91 8.77
N THR C 69 -13.37 0.88 9.14
CA THR C 69 -13.98 -0.30 9.70
C THR C 69 -14.78 -1.08 8.68
N SER C 70 -14.40 -1.03 7.40
CA SER C 70 -15.09 -1.84 6.41
C SER C 70 -14.17 -2.65 5.52
N LYS C 71 -13.04 -2.09 5.11
CA LYS C 71 -12.25 -2.71 4.06
C LYS C 71 -10.80 -2.26 4.16
N ALA C 72 -10.03 -2.62 3.16
CA ALA C 72 -8.63 -2.23 3.13
C ALA C 72 -8.47 -0.87 2.47
N LEU C 73 -7.26 -0.34 2.56
CA LEU C 73 -6.87 0.78 1.71
C LEU C 73 -5.76 0.34 0.77
N LEU C 74 -5.52 1.14 -0.24
CA LEU C 74 -4.57 0.82 -1.27
C LEU C 74 -3.72 2.04 -1.58
N ASN C 75 -2.43 1.94 -1.36
CA ASN C 75 -1.53 3.03 -1.68
C ASN C 75 -0.65 2.65 -2.86
N VAL C 76 -0.48 3.61 -3.75
CA VAL C 76 0.36 3.46 -4.93
C VAL C 76 1.49 4.45 -4.82
N SER C 77 2.71 3.95 -4.85
CA SER C 77 3.90 4.77 -4.83
C SER C 77 4.75 4.35 -6.01
N VAL C 78 4.90 5.25 -6.97
CA VAL C 78 5.60 4.97 -8.20
C VAL C 78 6.98 5.59 -8.09
N ASN C 79 8.00 4.86 -8.46
CA ASN C 79 9.33 5.44 -8.43
C ASN C 79 9.90 5.40 -9.84
N ILE C 80 9.87 6.55 -10.51
CA ILE C 80 10.58 6.68 -11.78
C ILE C 80 11.95 7.25 -11.46
N THR C 81 13.00 6.49 -11.77
CA THR C 81 14.34 6.98 -11.54
C THR C 81 14.73 7.96 -12.63
N LYS C 82 15.72 8.78 -12.30
CA LYS C 82 16.28 9.65 -13.33
C LYS C 82 17.19 8.89 -14.26
N PHE C 83 17.54 7.65 -13.96
CA PHE C 83 18.27 6.81 -14.89
C PHE C 83 17.35 5.84 -15.61
N SER C 84 16.05 6.06 -15.55
CA SER C 84 15.13 5.13 -16.19
C SER C 84 15.22 5.19 -17.70
N LYS C 85 15.63 6.32 -18.25
CA LYS C 85 15.67 6.50 -19.68
C LYS C 85 17.10 6.56 -20.20
N PHE C 86 17.21 6.70 -21.51
CA PHE C 86 18.47 7.06 -22.15
C PHE C 86 18.96 8.41 -21.67
N GLU C 87 18.21 9.47 -21.96
CA GLU C 87 18.56 10.80 -21.52
C GLU C 87 18.16 10.92 -20.05
N ARG C 88 19.10 11.38 -19.22
CA ARG C 88 18.82 11.47 -17.80
C ARG C 88 17.96 12.70 -17.48
N SER C 89 16.81 12.45 -16.87
CA SER C 89 15.88 13.51 -16.50
C SER C 89 16.48 14.36 -15.40
N LYS C 90 16.21 15.66 -15.44
CA LYS C 90 16.82 16.55 -14.46
C LYS C 90 16.11 16.44 -13.12
N SER C 91 14.85 16.86 -13.05
CA SER C 91 14.18 17.00 -11.77
C SER C 91 13.54 15.68 -11.34
N SER C 92 13.11 15.64 -10.09
CA SER C 92 12.43 14.47 -9.55
C SER C 92 10.95 14.52 -9.91
N HIS C 93 10.26 13.41 -9.65
CA HIS C 93 8.92 13.19 -10.17
C HIS C 93 7.88 13.01 -9.08
N LYS C 94 8.26 13.21 -7.81
CA LYS C 94 7.53 12.55 -6.73
C LYS C 94 6.18 13.20 -6.48
N ASN C 95 5.93 14.38 -7.03
CA ASN C 95 4.59 14.91 -7.08
C ASN C 95 4.19 15.33 -8.48
N GLU C 96 4.78 14.74 -9.50
CA GLU C 96 4.49 15.13 -10.88
C GLU C 96 3.08 14.69 -11.27
N ARG C 97 2.32 15.63 -11.83
CA ARG C 97 0.90 15.40 -12.06
C ARG C 97 0.65 14.34 -13.11
N ARG C 98 1.64 14.08 -13.96
CA ARG C 98 1.58 12.94 -14.86
C ARG C 98 1.52 11.64 -14.08
N VAL C 99 2.33 11.54 -13.03
CA VAL C 99 2.50 10.28 -12.33
C VAL C 99 1.28 10.00 -11.48
N LEU C 100 0.75 11.04 -10.83
CA LEU C 100 -0.36 10.94 -9.89
C LEU C 100 -1.59 10.34 -10.55
N GLU C 101 -1.75 10.62 -11.84
CA GLU C 101 -2.80 10.03 -12.65
C GLU C 101 -2.75 8.52 -12.61
N ILE C 102 -1.55 7.96 -12.80
CA ILE C 102 -1.39 6.52 -12.75
C ILE C 102 -1.60 6.02 -11.33
N GLN C 103 -1.18 6.81 -10.36
CA GLN C 103 -1.39 6.48 -8.96
C GLN C 103 -2.87 6.41 -8.64
N THR C 104 -3.65 7.29 -9.26
CA THR C 104 -5.09 7.14 -9.20
C THR C 104 -5.50 5.88 -9.94
N SER C 105 -4.84 5.61 -11.06
CA SER C 105 -5.38 4.69 -12.04
C SER C 105 -5.34 3.26 -11.53
N LEU C 106 -4.20 2.88 -10.96
CA LEU C 106 -4.04 1.50 -10.51
C LEU C 106 -4.92 1.20 -9.31
N VAL C 107 -5.28 2.24 -8.57
CA VAL C 107 -6.20 2.05 -7.46
C VAL C 107 -7.54 1.60 -7.99
N ARG C 108 -8.14 2.39 -8.87
CA ARG C 108 -9.44 2.05 -9.41
C ARG C 108 -9.38 0.83 -10.29
N MET C 109 -8.22 0.52 -10.86
CA MET C 109 -8.07 -0.77 -11.50
C MET C 109 -8.10 -1.90 -10.48
N PHE C 110 -7.60 -1.64 -9.29
CA PHE C 110 -7.49 -2.69 -8.32
C PHE C 110 -8.34 -2.45 -7.09
N GLU C 111 -9.31 -1.54 -7.20
CA GLU C 111 -10.39 -1.52 -6.23
C GLU C 111 -11.22 -2.79 -6.31
N LYS C 112 -11.24 -3.45 -7.45
CA LYS C 112 -12.23 -4.47 -7.72
C LYS C 112 -11.64 -5.83 -8.01
N ASN C 113 -10.39 -6.06 -7.69
CA ASN C 113 -9.99 -7.46 -7.65
C ASN C 113 -9.88 -7.89 -6.20
N VAL C 114 -9.43 -6.97 -5.36
CA VAL C 114 -9.24 -7.28 -3.95
C VAL C 114 -10.58 -7.48 -3.28
N MET C 115 -10.74 -8.61 -2.59
CA MET C 115 -11.90 -8.83 -1.75
C MET C 115 -11.76 -7.92 -0.54
N LEU C 116 -12.18 -6.68 -0.72
CA LEU C 116 -11.86 -5.62 0.23
C LEU C 116 -12.49 -5.84 1.59
N ASN C 117 -13.72 -6.33 1.61
CA ASN C 117 -14.43 -6.56 2.85
C ASN C 117 -13.73 -7.55 3.76
N ILE C 118 -13.09 -8.58 3.21
CA ILE C 118 -12.47 -9.57 4.07
C ILE C 118 -11.08 -9.15 4.52
N TYR C 119 -10.66 -7.95 4.17
CA TYR C 119 -9.50 -7.35 4.80
C TYR C 119 -9.82 -5.95 5.31
N PRO C 120 -10.55 -5.84 6.41
CA PRO C 120 -10.84 -4.52 6.95
C PRO C 120 -9.80 -4.12 7.97
N ARG C 121 -9.83 -2.83 8.33
CA ARG C 121 -8.91 -2.20 9.28
C ARG C 121 -7.43 -2.40 8.92
N THR C 122 -7.10 -2.68 7.67
CA THR C 122 -5.73 -2.97 7.32
C THR C 122 -5.33 -2.27 6.04
N VAL C 123 -4.04 -2.34 5.77
CA VAL C 123 -3.39 -1.47 4.82
C VAL C 123 -2.73 -2.34 3.77
N ILE C 124 -2.90 -1.98 2.52
CA ILE C 124 -2.14 -2.58 1.45
C ILE C 124 -1.34 -1.48 0.79
N ASP C 125 -0.02 -1.65 0.74
CA ASP C 125 0.86 -0.67 0.11
C ASP C 125 1.61 -1.34 -1.01
N ILE C 126 1.58 -0.73 -2.18
CA ILE C 126 2.18 -1.30 -3.36
C ILE C 126 3.30 -0.41 -3.81
N GLU C 127 4.49 -0.97 -3.83
CA GLU C 127 5.68 -0.21 -4.11
C GLU C 127 6.17 -0.54 -5.51
N ILE C 128 6.58 0.47 -6.23
CA ILE C 128 6.96 0.36 -7.62
C ILE C 128 8.39 0.84 -7.74
N HIS C 129 9.21 0.11 -8.49
CA HIS C 129 10.53 0.60 -8.82
C HIS C 129 10.81 0.38 -10.29
N VAL C 130 10.67 1.45 -11.04
CA VAL C 130 10.87 1.45 -12.48
C VAL C 130 12.37 1.54 -12.71
N LEU C 131 12.95 0.49 -13.27
CA LEU C 131 14.38 0.54 -13.47
C LEU C 131 14.75 0.85 -14.89
N GLU C 132 14.45 -0.04 -15.81
CA GLU C 132 14.86 0.18 -17.19
C GLU C 132 13.58 0.28 -17.98
N GLN C 133 13.51 1.29 -18.83
CA GLN C 133 12.26 1.69 -19.47
C GLN C 133 12.37 1.52 -20.97
N ASP C 134 11.38 0.85 -21.56
CA ASP C 134 11.52 0.34 -22.91
C ASP C 134 10.27 0.66 -23.72
N GLY C 135 9.41 1.51 -23.20
CA GLY C 135 8.15 1.79 -23.87
C GLY C 135 7.12 0.71 -23.61
N GLY C 136 5.86 0.96 -23.95
CA GLY C 136 4.82 0.05 -23.51
C GLY C 136 4.65 0.14 -22.01
N ILE C 137 4.81 1.33 -21.45
CA ILE C 137 5.18 1.45 -20.06
C ILE C 137 3.98 1.18 -19.16
N MET C 138 2.78 1.42 -19.67
CA MET C 138 1.61 1.35 -18.82
C MET C 138 1.22 -0.09 -18.54
N GLY C 139 1.09 -0.89 -19.60
CA GLY C 139 0.71 -2.28 -19.43
C GLY C 139 1.81 -3.11 -18.82
N SER C 140 3.04 -2.60 -18.89
CA SER C 140 4.16 -3.19 -18.18
C SER C 140 3.91 -3.24 -16.68
N LEU C 141 3.31 -2.19 -16.15
CA LEU C 141 3.08 -2.07 -14.72
C LEU C 141 2.09 -3.12 -14.24
N ILE C 142 0.97 -3.23 -14.94
CA ILE C 142 -0.18 -3.97 -14.45
C ILE C 142 0.15 -5.44 -14.38
N ASN C 143 0.95 -5.89 -15.32
CA ASN C 143 1.38 -7.27 -15.30
C ASN C 143 2.31 -7.53 -14.15
N GLY C 144 3.08 -6.52 -13.74
CA GLY C 144 3.87 -6.65 -12.54
C GLY C 144 3.01 -6.65 -11.29
N ILE C 145 1.87 -5.96 -11.34
CA ILE C 145 0.99 -5.91 -10.18
C ILE C 145 0.39 -7.27 -9.93
N THR C 146 -0.07 -7.91 -11.01
CA THR C 146 -0.82 -9.15 -10.91
C THR C 146 0.04 -10.26 -10.33
N LEU C 147 1.35 -10.18 -10.55
CA LEU C 147 2.27 -11.01 -9.82
C LEU C 147 2.19 -10.74 -8.34
N ALA C 148 2.32 -9.48 -7.98
CA ALA C 148 2.71 -9.12 -6.64
C ALA C 148 1.60 -9.39 -5.64
N LEU C 149 0.37 -9.32 -6.10
CA LEU C 149 -0.75 -9.64 -5.22
C LEU C 149 -0.82 -11.13 -4.99
N ILE C 150 -0.56 -11.90 -6.04
CA ILE C 150 -0.49 -13.34 -5.89
C ILE C 150 0.80 -13.72 -5.17
N ASP C 151 1.80 -12.85 -5.24
CA ASP C 151 3.10 -13.14 -4.63
C ASP C 151 2.99 -13.24 -3.13
N ALA C 152 2.02 -12.57 -2.52
CA ALA C 152 1.64 -12.89 -1.16
C ALA C 152 0.41 -13.76 -1.10
N GLY C 153 -0.27 -13.96 -2.22
CA GLY C 153 -1.49 -14.74 -2.21
C GLY C 153 -2.66 -14.01 -1.60
N ILE C 154 -2.86 -12.76 -1.97
CA ILE C 154 -3.94 -11.96 -1.44
C ILE C 154 -5.22 -12.40 -2.14
N SER C 155 -6.34 -12.23 -1.46
CA SER C 155 -7.62 -12.68 -2.00
C SER C 155 -8.01 -11.87 -3.21
N MET C 156 -8.44 -12.57 -4.25
CA MET C 156 -8.77 -11.87 -5.47
C MET C 156 -9.73 -12.69 -6.31
N PHE C 157 -10.10 -12.12 -7.45
CA PHE C 157 -10.99 -12.84 -8.33
C PHE C 157 -10.22 -13.54 -9.44
N ASP C 158 -9.19 -12.90 -9.98
CA ASP C 158 -8.83 -13.21 -11.34
C ASP C 158 -7.46 -12.64 -11.65
N TYR C 159 -6.89 -13.12 -12.76
CA TYR C 159 -5.80 -12.45 -13.42
C TYR C 159 -6.28 -11.14 -14.02
N ILE C 160 -5.36 -10.18 -14.15
CA ILE C 160 -5.59 -8.93 -14.84
C ILE C 160 -4.38 -8.65 -15.71
N SER C 161 -4.59 -8.45 -17.00
CA SER C 161 -3.48 -8.27 -17.94
C SER C 161 -3.46 -6.87 -18.49
N GLY C 162 -2.25 -6.40 -18.83
CA GLY C 162 -2.05 -5.07 -19.39
C GLY C 162 -1.06 -5.08 -20.53
N ILE C 163 -1.37 -4.30 -21.58
CA ILE C 163 -0.53 -4.21 -22.78
C ILE C 163 -0.89 -2.96 -23.57
N SER C 164 0.15 -2.25 -24.02
CA SER C 164 0.01 -1.19 -25.00
C SER C 164 0.11 -1.79 -26.38
N VAL C 165 -0.84 -1.46 -27.23
CA VAL C 165 -0.83 -1.89 -28.62
C VAL C 165 -0.93 -0.66 -29.50
N GLY C 166 -0.02 -0.53 -30.45
CA GLY C 166 0.04 0.68 -31.24
C GLY C 166 -0.55 0.54 -32.61
N LEU C 167 -0.81 1.69 -33.24
CA LEU C 167 -1.35 1.77 -34.60
C LEU C 167 -0.39 2.56 -35.48
N TYR C 168 0.29 1.86 -36.37
CA TYR C 168 0.85 2.46 -37.57
C TYR C 168 -0.23 2.29 -38.62
N ASP C 169 -0.27 3.19 -39.59
CA ASP C 169 -1.46 3.85 -40.20
C ASP C 169 -2.69 2.94 -40.18
N THR C 170 -2.60 1.73 -40.73
CA THR C 170 -3.77 0.86 -40.75
C THR C 170 -3.55 -0.33 -39.83
N THR C 171 -2.33 -0.50 -39.38
CA THR C 171 -1.90 -1.81 -38.94
C THR C 171 -1.67 -1.81 -37.44
N PRO C 172 -2.26 -2.73 -36.73
CA PRO C 172 -2.05 -2.79 -35.29
C PRO C 172 -0.64 -3.25 -34.96
N LEU C 173 -0.10 -2.77 -33.86
CA LEU C 173 1.20 -3.23 -33.40
C LEU C 173 1.10 -3.65 -31.95
N LEU C 174 0.96 -4.95 -31.75
CA LEU C 174 1.19 -5.55 -30.46
C LEU C 174 2.61 -5.24 -29.99
N ASP C 175 2.69 -4.82 -28.72
CA ASP C 175 3.95 -4.71 -27.97
C ASP C 175 4.92 -3.74 -28.65
N THR C 176 4.54 -2.48 -28.67
CA THR C 176 5.39 -1.46 -29.24
C THR C 176 6.55 -1.15 -28.29
N ASN C 177 7.51 -0.39 -28.79
CA ASN C 177 8.52 0.17 -27.92
C ASN C 177 8.43 1.69 -27.94
N SER C 178 9.27 2.33 -27.13
CA SER C 178 9.23 3.78 -26.97
C SER C 178 9.62 4.49 -28.25
N LEU C 179 10.48 3.87 -29.06
CA LEU C 179 10.76 4.41 -30.38
C LEU C 179 9.52 4.40 -31.23
N GLU C 180 8.79 3.30 -31.21
CA GLU C 180 7.55 3.22 -31.95
C GLU C 180 6.47 4.06 -31.28
N GLU C 181 6.51 4.16 -29.95
CA GLU C 181 5.55 4.99 -29.22
C GLU C 181 5.62 6.44 -29.64
N ASN C 182 6.82 6.98 -29.80
CA ASN C 182 6.89 8.34 -30.29
C ASN C 182 6.66 8.42 -31.79
N ALA C 183 6.49 7.30 -32.46
CA ALA C 183 6.37 7.29 -33.90
C ALA C 183 4.93 7.24 -34.39
N MET C 184 3.98 6.87 -33.55
CA MET C 184 2.64 6.64 -34.07
C MET C 184 1.64 6.78 -32.94
N SER C 185 0.42 6.34 -33.21
CA SER C 185 -0.63 6.33 -32.22
C SER C 185 -0.73 4.98 -31.52
N THR C 186 -0.86 5.02 -30.19
CA THR C 186 -0.88 3.83 -29.36
C THR C 186 -2.06 3.84 -28.40
N VAL C 187 -2.50 2.64 -28.01
CA VAL C 187 -3.54 2.45 -27.00
C VAL C 187 -3.09 1.35 -26.06
N THR C 188 -3.30 1.53 -24.76
CA THR C 188 -3.03 0.50 -23.78
C THR C 188 -4.35 -0.07 -23.28
N LEU C 189 -4.38 -1.36 -23.00
CA LEU C 189 -5.59 -2.04 -22.54
C LEU C 189 -5.33 -2.76 -21.22
N GLY C 190 -6.14 -2.44 -20.23
CA GLY C 190 -6.14 -3.20 -18.99
C GLY C 190 -7.22 -4.26 -19.04
N VAL C 191 -6.81 -5.49 -19.26
CA VAL C 191 -7.70 -6.58 -19.62
C VAL C 191 -7.80 -7.54 -18.45
N VAL C 192 -9.01 -8.04 -18.21
CA VAL C 192 -9.28 -8.82 -17.02
C VAL C 192 -9.44 -10.28 -17.37
N GLY C 193 -8.46 -11.09 -16.99
CA GLY C 193 -8.65 -12.54 -16.97
C GLY C 193 -8.76 -13.12 -18.36
N LYS C 194 -9.78 -13.95 -18.55
CA LYS C 194 -10.06 -14.51 -19.85
C LYS C 194 -11.15 -13.74 -20.57
N SER C 195 -11.68 -12.70 -19.95
CA SER C 195 -12.92 -12.11 -20.39
C SER C 195 -12.72 -11.19 -21.57
N GLU C 196 -13.79 -10.48 -21.87
CA GLU C 196 -13.78 -9.36 -22.76
C GLU C 196 -14.14 -8.08 -22.04
N LYS C 197 -13.92 -8.03 -20.73
CA LYS C 197 -14.20 -6.82 -19.97
C LYS C 197 -12.92 -6.13 -19.58
N LEU C 198 -12.97 -4.81 -19.46
CA LEU C 198 -11.78 -4.00 -19.32
C LEU C 198 -11.66 -3.41 -17.93
N SER C 199 -10.42 -3.39 -17.44
CA SER C 199 -10.12 -2.56 -16.30
C SER C 199 -9.64 -1.19 -16.75
N LEU C 200 -8.52 -1.15 -17.45
CA LEU C 200 -7.93 0.12 -17.87
C LEU C 200 -8.21 0.31 -19.35
N LEU C 201 -8.54 1.54 -19.73
CA LEU C 201 -8.58 1.95 -21.12
C LEU C 201 -8.12 3.39 -21.20
N LEU C 202 -7.03 3.62 -21.91
CA LEU C 202 -6.44 4.94 -21.93
C LEU C 202 -5.90 5.23 -23.32
N VAL C 203 -6.31 6.35 -23.88
CA VAL C 203 -5.87 6.79 -25.19
C VAL C 203 -5.41 8.22 -25.07
N GLU C 204 -4.13 8.45 -25.35
CA GLU C 204 -3.68 9.82 -25.50
C GLU C 204 -3.70 10.29 -26.94
N ASP C 205 -3.19 9.50 -27.87
CA ASP C 205 -2.96 9.92 -29.24
C ASP C 205 -4.28 10.10 -29.96
N LYS C 206 -4.20 10.69 -31.14
CA LYS C 206 -5.39 10.90 -31.93
C LYS C 206 -5.66 9.69 -32.79
N ILE C 207 -6.91 9.22 -32.74
CA ILE C 207 -7.26 7.96 -33.36
C ILE C 207 -8.44 8.19 -34.29
N PRO C 208 -8.38 7.74 -35.52
CA PRO C 208 -9.58 7.68 -36.33
C PRO C 208 -10.50 6.62 -35.75
N LEU C 209 -11.79 6.94 -35.74
CA LEU C 209 -12.79 6.13 -35.05
C LEU C 209 -12.89 4.72 -35.59
N ASP C 210 -12.73 4.57 -36.89
CA ASP C 210 -13.26 3.40 -37.57
C ASP C 210 -12.40 2.18 -37.33
N ARG C 211 -11.13 2.37 -37.07
CA ARG C 211 -10.25 1.27 -36.74
C ARG C 211 -10.55 0.67 -35.38
N LEU C 212 -11.17 1.43 -34.49
CA LEU C 212 -10.98 1.24 -33.06
C LEU C 212 -11.57 -0.07 -32.57
N GLU C 213 -12.72 -0.46 -33.12
CA GLU C 213 -13.32 -1.74 -32.80
C GLU C 213 -12.40 -2.88 -33.18
N ASN C 214 -11.82 -2.79 -34.37
CA ASN C 214 -10.83 -3.77 -34.78
C ASN C 214 -9.61 -3.69 -33.90
N VAL C 215 -9.19 -2.47 -33.55
CA VAL C 215 -8.01 -2.25 -32.72
C VAL C 215 -8.20 -2.89 -31.36
N LEU C 216 -9.38 -2.69 -30.79
CA LEU C 216 -9.71 -3.32 -29.53
C LEU C 216 -9.78 -4.83 -29.68
N ALA C 217 -10.19 -5.30 -30.85
CA ALA C 217 -10.28 -6.73 -31.07
C ALA C 217 -8.89 -7.37 -31.18
N ILE C 218 -7.86 -6.55 -31.36
CA ILE C 218 -6.53 -7.11 -31.46
C ILE C 218 -6.06 -7.61 -30.11
N GLY C 219 -6.10 -6.74 -29.11
CA GLY C 219 -5.20 -6.88 -27.97
C GLY C 219 -5.57 -8.01 -27.04
N ILE C 220 -6.76 -8.57 -27.24
CA ILE C 220 -7.29 -9.59 -26.35
C ILE C 220 -6.49 -10.86 -26.49
N ALA C 221 -6.17 -11.23 -27.73
CA ALA C 221 -5.37 -12.41 -27.99
C ALA C 221 -3.97 -12.25 -27.44
N GLY C 222 -3.43 -11.05 -27.55
CA GLY C 222 -2.21 -10.76 -26.83
C GLY C 222 -2.41 -10.87 -25.33
N ALA C 223 -3.47 -10.24 -24.83
CA ALA C 223 -3.70 -10.20 -23.39
C ALA C 223 -4.01 -11.57 -22.84
N HIS C 224 -4.68 -12.40 -23.61
CA HIS C 224 -4.89 -13.76 -23.15
C HIS C 224 -3.58 -14.53 -23.14
N ARG C 225 -2.68 -14.23 -24.07
CA ARG C 225 -1.39 -14.92 -24.02
C ARG C 225 -0.51 -14.36 -22.92
N VAL C 226 -0.84 -13.18 -22.43
CA VAL C 226 -0.11 -12.65 -21.29
C VAL C 226 -0.39 -13.49 -20.05
N ARG C 227 -1.64 -13.51 -19.61
CA ARG C 227 -2.01 -14.20 -18.39
C ARG C 227 -1.84 -15.70 -18.52
N ASP C 228 -1.83 -16.18 -19.77
CA ASP C 228 -1.23 -17.47 -20.08
C ASP C 228 0.17 -17.59 -19.51
N LEU C 229 1.10 -16.76 -19.98
CA LEU C 229 2.50 -17.00 -19.66
C LEU C 229 2.81 -16.67 -18.22
N MET C 230 1.94 -15.89 -17.58
CA MET C 230 2.09 -15.65 -16.16
C MET C 230 1.82 -16.91 -15.37
N ASP C 231 0.87 -17.71 -15.86
CA ASP C 231 0.26 -18.76 -15.04
C ASP C 231 1.22 -19.91 -14.79
N GLU C 232 1.68 -20.56 -15.86
CA GLU C 232 2.58 -21.69 -15.77
C GLU C 232 3.87 -21.31 -15.08
N GLU C 233 4.35 -20.11 -15.38
CA GLU C 233 5.57 -19.59 -14.78
C GLU C 233 5.43 -19.48 -13.27
N LEU C 234 4.24 -19.13 -12.80
CA LEU C 234 3.95 -19.29 -11.39
C LEU C 234 3.85 -20.75 -11.00
N ARG C 235 3.23 -21.55 -11.86
CA ARG C 235 2.97 -22.95 -11.51
C ARG C 235 4.26 -23.73 -11.40
N LYS C 236 5.23 -23.49 -12.28
CA LYS C 236 6.48 -24.24 -12.19
C LYS C 236 7.26 -23.80 -10.96
N HIS C 237 7.11 -22.53 -10.58
CA HIS C 237 7.50 -22.15 -9.24
C HIS C 237 6.67 -22.87 -8.19
N ALA C 238 5.36 -22.97 -8.41
CA ALA C 238 4.49 -23.53 -7.39
C ALA C 238 4.79 -25.01 -7.15
N GLN C 239 5.22 -25.70 -8.20
CA GLN C 239 5.66 -27.08 -8.02
C GLN C 239 6.97 -27.14 -7.27
N LYS C 240 7.79 -26.11 -7.40
CA LYS C 240 9.13 -26.18 -6.82
C LYS C 240 9.07 -26.07 -5.31
N ARG C 241 7.97 -25.54 -4.78
CA ARG C 241 7.82 -25.46 -3.33
C ARG C 241 7.66 -26.83 -2.72
N VAL C 242 6.52 -27.47 -2.99
CA VAL C 242 6.06 -28.57 -2.15
C VAL C 242 6.87 -29.81 -2.44
N SER C 243 7.40 -29.91 -3.65
CA SER C 243 8.28 -31.01 -4.03
C SER C 243 9.56 -31.00 -3.21
N ASN C 244 9.99 -29.82 -2.78
CA ASN C 244 11.17 -29.76 -1.94
C ASN C 244 10.85 -29.25 -0.55
N ALA C 245 9.67 -28.69 -0.34
CA ALA C 245 9.20 -28.51 1.02
C ALA C 245 8.94 -29.85 1.67
N SER C 246 8.06 -30.66 1.07
CA SER C 246 7.88 -32.03 1.48
C SER C 246 9.03 -32.84 0.93
N GLU D 7 -29.60 39.60 48.21
CA GLU D 7 -28.88 39.68 49.47
C GLU D 7 -27.55 40.39 49.28
N THR D 8 -27.35 41.46 50.04
CA THR D 8 -26.10 42.22 49.99
C THR D 8 -24.99 41.38 50.58
N ILE D 9 -24.02 40.99 49.74
CA ILE D 9 -23.01 40.03 50.12
C ILE D 9 -21.63 40.57 49.81
N GLU D 10 -20.74 40.48 50.79
CA GLU D 10 -19.34 40.78 50.57
C GLU D 10 -18.69 39.57 49.93
N ILE D 11 -18.80 39.46 48.62
CA ILE D 11 -18.19 38.35 47.92
C ILE D 11 -16.72 38.67 47.79
N HIS D 12 -15.91 37.95 48.53
CA HIS D 12 -14.49 38.17 48.41
C HIS D 12 -13.96 37.53 47.15
N PRO D 13 -13.30 38.30 46.29
CA PRO D 13 -12.74 37.72 45.06
C PRO D 13 -11.41 37.06 45.37
N ILE D 14 -10.82 36.49 44.34
CA ILE D 14 -9.50 35.92 44.45
C ILE D 14 -8.57 36.67 43.53
N THR D 15 -7.53 37.27 44.08
CA THR D 15 -6.56 38.02 43.31
C THR D 15 -5.22 37.29 43.30
N PHE D 16 -4.37 37.65 42.34
CA PHE D 16 -3.19 36.89 41.92
C PHE D 16 -1.99 37.81 41.77
N PRO D 17 -0.79 37.27 41.58
CA PRO D 17 0.28 38.07 41.00
C PRO D 17 -0.09 38.55 39.62
N PRO D 18 0.44 39.69 39.18
CA PRO D 18 0.03 40.23 37.87
C PRO D 18 0.51 39.38 36.70
N GLU D 19 1.66 38.71 36.85
CA GLU D 19 2.14 37.85 35.79
C GLU D 19 1.25 36.63 35.62
N VAL D 20 0.57 36.23 36.69
CA VAL D 20 -0.46 35.23 36.56
C VAL D 20 -1.59 35.74 35.70
N LEU D 21 -1.95 37.01 35.89
CA LEU D 21 -3.22 37.50 35.38
C LEU D 21 -3.21 37.67 33.87
N ALA D 22 -2.11 38.19 33.32
CA ALA D 22 -2.07 38.51 31.89
C ALA D 22 -2.11 37.25 31.04
N ARG D 23 -1.38 36.22 31.45
CA ARG D 23 -1.48 34.89 30.85
C ARG D 23 -2.91 34.37 30.91
N ILE D 24 -3.60 34.65 32.00
CA ILE D 24 -4.99 34.23 32.10
C ILE D 24 -5.88 35.17 31.32
N SER D 25 -5.98 36.42 31.76
CA SER D 25 -6.79 37.41 31.06
C SER D 25 -5.82 38.39 30.46
N PRO D 26 -5.63 38.34 29.16
CA PRO D 26 -5.06 39.49 28.47
C PRO D 26 -5.90 40.74 28.66
N GLU D 27 -7.20 40.59 28.78
CA GLU D 27 -8.10 41.72 28.65
C GLU D 27 -8.29 42.42 29.98
N LEU D 28 -8.53 41.67 31.03
CA LEU D 28 -8.79 42.30 32.30
C LEU D 28 -7.53 42.87 32.91
N SER D 29 -6.39 42.21 32.67
CA SER D 29 -5.12 42.73 33.12
C SER D 29 -4.80 44.05 32.43
N LEU D 30 -5.19 44.16 31.17
CA LEU D 30 -5.22 45.46 30.51
C LEU D 30 -6.13 46.43 31.25
N GLN D 31 -7.33 45.96 31.60
CA GLN D 31 -8.30 46.81 32.28
C GLN D 31 -7.81 47.23 33.66
N ARG D 32 -6.92 46.45 34.25
CA ARG D 32 -6.23 46.90 35.45
C ARG D 32 -5.34 48.10 35.14
N HIS D 33 -4.64 48.04 34.02
CA HIS D 33 -3.73 49.14 33.70
C HIS D 33 -4.50 50.38 33.28
N LEU D 34 -5.68 50.20 32.72
CA LEU D 34 -6.48 51.35 32.31
C LEU D 34 -7.09 52.04 33.50
N SER D 35 -7.28 51.31 34.60
CA SER D 35 -7.79 51.91 35.82
C SER D 35 -6.85 52.96 36.35
N LEU D 36 -5.57 52.64 36.46
CA LEU D 36 -4.56 53.65 36.72
C LEU D 36 -4.29 54.47 35.47
N GLY D 37 -4.76 54.01 34.32
CA GLY D 37 -4.46 54.73 33.11
C GLY D 37 -3.10 54.44 32.54
N ILE D 38 -2.61 53.21 32.68
CA ILE D 38 -1.30 52.90 32.17
C ILE D 38 -1.40 51.77 31.17
N ARG D 39 -0.26 51.31 30.68
CA ARG D 39 -0.16 50.24 29.69
C ARG D 39 0.48 49.05 30.36
N PRO D 40 0.17 47.84 29.90
CA PRO D 40 0.78 46.65 30.51
C PRO D 40 2.21 46.45 30.08
N CYS D 41 2.66 47.20 29.09
CA CYS D 41 4.07 47.41 28.85
C CYS D 41 4.65 48.49 29.76
N LEU D 42 3.99 48.75 30.88
CA LEU D 42 4.37 49.65 31.96
C LEU D 42 4.38 51.10 31.54
N ARG D 43 3.79 51.43 30.41
CA ARG D 43 3.82 52.79 29.94
C ARG D 43 2.55 53.51 30.31
N LYS D 44 2.62 54.83 30.31
CA LYS D 44 1.43 55.64 30.31
C LYS D 44 0.96 55.74 28.87
N TYR D 45 -0.24 56.34 28.69
CA TYR D 45 -1.01 56.35 27.44
C TYR D 45 -0.18 56.63 26.20
N GLU D 46 0.64 57.67 26.26
CA GLU D 46 1.29 58.18 25.08
C GLU D 46 2.80 58.07 25.17
N GLU D 47 3.26 57.28 26.13
CA GLU D 47 4.69 57.03 26.26
C GLU D 47 5.11 56.12 25.11
N PHE D 48 6.07 56.58 24.33
CA PHE D 48 6.40 55.87 23.09
C PHE D 48 7.78 55.27 23.16
N ARG D 49 7.96 54.15 22.47
CA ARG D 49 9.21 53.41 22.55
C ARG D 49 10.34 54.16 21.88
N ASP D 50 11.55 53.93 22.39
CA ASP D 50 12.71 54.46 21.73
C ASP D 50 12.99 53.65 20.46
N VAL D 51 13.66 54.31 19.53
CA VAL D 51 14.03 53.74 18.25
C VAL D 51 15.53 53.91 18.10
N ALA D 52 16.22 52.84 17.77
CA ALA D 52 17.67 52.88 17.62
C ALA D 52 18.04 52.15 16.35
N ILE D 53 18.93 52.77 15.55
CA ILE D 53 19.38 52.12 14.33
C ILE D 53 20.90 52.10 14.28
N GLU D 54 21.42 51.32 13.33
CA GLU D 54 22.68 51.60 12.66
C GLU D 54 22.42 51.33 11.19
N ASN D 55 22.78 52.26 10.33
CA ASN D 55 22.69 52.03 8.90
C ASN D 55 23.99 51.51 8.34
N ASN D 56 23.88 50.88 7.17
CA ASN D 56 24.97 50.65 6.23
C ASN D 56 26.04 49.73 6.79
N THR D 57 25.76 49.02 7.88
CA THR D 57 26.79 48.16 8.44
C THR D 57 26.97 46.89 7.65
N LEU D 58 25.90 46.35 7.08
CA LEU D 58 25.97 45.05 6.44
C LEU D 58 26.09 45.15 4.93
N SER D 59 26.01 46.35 4.37
CA SER D 59 26.38 46.49 2.98
C SER D 59 27.90 46.38 2.83
N ARG D 60 28.33 45.99 1.63
CA ARG D 60 29.76 45.98 1.34
C ARG D 60 30.30 47.39 1.23
N TYR D 61 29.41 48.36 1.04
CA TYR D 61 29.75 49.75 0.93
C TYR D 61 29.83 50.42 2.28
N ALA D 62 29.98 49.62 3.34
CA ALA D 62 30.29 50.16 4.65
C ALA D 62 31.65 50.85 4.64
N ASP D 63 32.70 50.10 4.37
CA ASP D 63 34.03 50.66 4.24
C ASP D 63 34.10 51.35 2.89
N ALA D 64 34.09 52.68 2.91
CA ALA D 64 34.35 53.42 1.68
C ALA D 64 35.79 53.24 1.23
N GLY D 65 36.70 52.98 2.17
CA GLY D 65 38.10 52.83 1.85
C GLY D 65 38.42 51.54 1.13
N ASN D 66 37.95 50.42 1.66
CA ASN D 66 38.23 49.11 1.07
C ASN D 66 36.90 48.36 1.00
N ILE D 67 36.25 48.43 -0.16
CA ILE D 67 35.08 47.61 -0.40
C ILE D 67 35.53 46.20 -0.73
N ASP D 68 34.97 45.22 -0.04
CA ASP D 68 35.48 43.86 -0.18
C ASP D 68 34.91 43.19 -1.41
N THR D 69 35.21 41.90 -1.55
CA THR D 69 35.18 41.19 -2.82
C THR D 69 33.88 40.49 -3.12
N LYS D 70 33.42 39.61 -2.24
CA LYS D 70 32.39 38.63 -2.56
C LYS D 70 31.04 39.02 -2.02
N ASN D 71 30.93 40.25 -1.55
CA ASN D 71 29.71 40.70 -0.90
C ASN D 71 28.82 41.32 -1.95
N ASN D 72 27.52 41.33 -1.67
CA ASN D 72 26.52 41.61 -2.68
C ASN D 72 25.38 42.47 -2.14
N ILE D 73 25.66 43.32 -1.16
CA ILE D 73 24.62 44.00 -0.42
C ILE D 73 24.79 45.50 -0.60
N LEU D 74 23.68 46.18 -0.87
CA LEU D 74 23.74 47.55 -1.35
C LEU D 74 23.70 48.58 -0.26
N GLY D 75 22.68 48.57 0.59
CA GLY D 75 22.62 49.49 1.70
C GLY D 75 21.76 48.90 2.81
N SER D 76 22.35 48.84 4.00
CA SER D 76 21.78 47.99 5.03
C SER D 76 21.29 48.83 6.20
N ASN D 77 20.44 48.22 7.02
CA ASN D 77 19.80 48.92 8.12
C ASN D 77 19.59 47.96 9.26
N VAL D 78 19.91 48.41 10.47
CA VAL D 78 19.60 47.69 11.69
C VAL D 78 18.47 48.44 12.34
N LEU D 79 17.47 47.75 12.88
CA LEU D 79 16.49 48.45 13.68
C LEU D 79 16.15 47.67 14.94
N LYS D 80 16.31 48.32 16.09
CA LYS D 80 15.77 47.85 17.35
C LYS D 80 14.86 48.94 17.90
N SER D 81 13.67 48.55 18.33
CA SER D 81 12.78 49.43 19.06
C SER D 81 11.96 48.57 19.99
N GLY D 82 12.05 48.85 21.28
CA GLY D 82 11.37 48.03 22.24
C GLY D 82 12.02 46.68 22.38
N LYS D 83 11.26 45.62 22.16
CA LYS D 83 11.77 44.29 22.34
C LYS D 83 11.76 43.50 21.04
N THR D 84 11.95 44.16 19.91
CA THR D 84 11.94 43.50 18.62
C THR D 84 13.02 44.09 17.72
N ILE D 85 13.98 43.24 17.37
CA ILE D 85 15.09 43.60 16.49
C ILE D 85 14.73 43.13 15.09
N VAL D 86 14.84 44.04 14.13
CA VAL D 86 14.53 43.76 12.74
C VAL D 86 15.65 44.30 11.88
N ILE D 87 16.12 43.49 10.95
CA ILE D 87 17.27 43.82 10.12
C ILE D 87 16.84 43.82 8.67
N THR D 88 17.15 44.90 7.97
CA THR D 88 16.70 45.12 6.60
C THR D 88 17.90 45.02 5.68
N SER D 89 17.77 44.23 4.61
CA SER D 89 18.85 44.01 3.67
C SER D 89 18.39 44.29 2.25
N ILE D 90 19.22 44.95 1.46
CA ILE D 90 18.87 45.35 0.11
C ILE D 90 19.82 44.69 -0.88
N THR D 91 19.25 43.94 -1.81
CA THR D 91 19.92 43.59 -3.03
C THR D 91 19.16 44.15 -4.22
N GLY D 92 19.77 44.01 -5.39
CA GLY D 92 19.16 44.45 -6.61
C GLY D 92 19.51 43.53 -7.76
N GLY D 93 18.65 43.56 -8.76
CA GLY D 93 18.87 42.79 -9.96
C GLY D 93 18.62 43.69 -11.14
N ILE D 94 18.94 43.20 -12.32
CA ILE D 94 18.82 43.98 -13.53
C ILE D 94 18.13 43.14 -14.58
N ILE D 95 17.12 43.73 -15.21
CA ILE D 95 16.48 43.14 -16.38
C ILE D 95 16.88 43.97 -17.58
N GLU D 96 16.92 43.35 -18.74
CA GLU D 96 17.27 44.04 -19.96
C GLU D 96 16.07 44.82 -20.44
N GLU D 97 16.18 46.14 -20.42
CA GLU D 97 15.01 46.98 -20.61
C GLU D 97 14.67 47.12 -22.08
N THR D 98 13.49 46.67 -22.45
CA THR D 98 13.04 46.73 -23.83
C THR D 98 11.60 47.23 -23.90
N GLU D 120 4.89 62.88 -14.80
CA GLU D 120 4.73 63.92 -13.79
C GLU D 120 4.56 63.30 -12.42
N ASP D 121 3.32 62.96 -12.08
CA ASP D 121 3.04 62.24 -10.84
C ASP D 121 1.98 61.18 -11.06
N ILE D 122 1.94 60.55 -12.22
CA ILE D 122 0.99 59.49 -12.41
C ILE D 122 1.64 58.15 -12.09
N ILE D 123 0.80 57.20 -11.67
CA ILE D 123 1.22 55.93 -11.10
C ILE D 123 2.06 55.09 -12.05
N ALA D 124 1.90 55.27 -13.36
CA ALA D 124 2.64 54.45 -14.30
C ALA D 124 4.10 54.84 -14.39
N ASN D 125 4.49 55.97 -13.81
CA ASN D 125 5.88 56.36 -13.74
C ASN D 125 6.60 55.65 -12.62
N TYR D 126 5.87 54.91 -11.80
CA TYR D 126 6.29 54.59 -10.46
C TYR D 126 6.42 53.09 -10.27
N ALA D 127 7.55 52.68 -9.74
CA ALA D 127 7.83 51.28 -9.50
C ALA D 127 8.13 51.07 -8.02
N SER D 128 8.51 49.83 -7.67
CA SER D 128 8.90 49.50 -6.31
C SER D 128 9.88 48.35 -6.34
N VAL D 129 10.03 47.71 -5.19
CA VAL D 129 11.04 46.69 -4.98
C VAL D 129 10.34 45.36 -4.75
N TYR D 130 11.13 44.33 -4.51
CA TYR D 130 10.54 43.05 -4.16
C TYR D 130 11.06 42.58 -2.81
N PRO D 131 10.28 42.74 -1.74
CA PRO D 131 10.71 42.32 -0.41
C PRO D 131 10.25 40.94 -0.04
N VAL D 132 10.94 40.33 0.92
CA VAL D 132 10.54 39.07 1.52
C VAL D 132 10.76 39.20 3.02
N VAL D 133 9.71 39.00 3.78
CA VAL D 133 9.78 39.08 5.23
C VAL D 133 9.82 37.66 5.78
N GLU D 134 10.52 37.47 6.89
CA GLU D 134 10.35 36.29 7.71
C GLU D 134 10.22 36.71 9.16
N VAL D 135 9.25 36.14 9.85
CA VAL D 135 9.08 36.31 11.28
C VAL D 135 9.46 35.02 11.94
N GLU D 136 10.53 35.05 12.72
CA GLU D 136 11.02 33.85 13.36
C GLU D 136 10.24 33.62 14.63
N ARG D 137 8.98 33.25 14.48
CA ARG D 137 8.10 33.15 15.62
C ARG D 137 8.05 31.73 16.15
N GLY D 138 9.17 31.02 16.11
CA GLY D 138 9.19 29.69 16.66
C GLY D 138 8.60 28.61 15.79
N ARG D 139 7.60 28.92 14.98
CA ARG D 139 6.92 27.91 14.20
C ARG D 139 7.76 27.57 12.99
N VAL D 140 8.02 26.28 12.84
CA VAL D 140 8.61 25.74 11.62
C VAL D 140 7.51 25.67 10.59
N GLY D 141 7.89 25.54 9.32
CA GLY D 141 6.92 25.25 8.30
C GLY D 141 6.99 26.25 7.17
N ALA D 142 5.88 26.35 6.44
CA ALA D 142 5.83 27.15 5.23
C ALA D 142 5.68 28.63 5.56
N CYS D 143 5.43 29.41 4.51
CA CYS D 143 5.33 30.83 4.66
C CYS D 143 4.04 31.19 5.38
N THR D 144 4.17 31.87 6.51
CA THR D 144 3.00 32.14 7.31
C THR D 144 2.21 33.27 6.69
N ASP D 145 0.94 33.30 7.04
CA ASP D 145 0.02 34.18 6.37
C ASP D 145 0.18 35.61 6.83
N GLU D 146 0.72 35.79 8.03
CA GLU D 146 1.06 37.12 8.48
C GLU D 146 2.16 37.70 7.63
N GLU D 147 3.16 36.88 7.31
CA GLU D 147 4.27 37.33 6.49
C GLU D 147 3.83 37.66 5.08
N MET D 148 2.97 36.82 4.51
CA MET D 148 2.61 36.94 3.11
C MET D 148 1.85 38.23 2.84
N THR D 149 1.18 38.75 3.86
CA THR D 149 0.60 40.07 3.74
C THR D 149 1.66 41.16 3.65
N ILE D 150 2.76 41.01 4.41
CA ILE D 150 3.62 42.13 4.73
C ILE D 150 4.30 42.69 3.50
N SER D 151 4.99 41.82 2.76
CA SER D 151 5.76 42.24 1.60
C SER D 151 4.85 42.81 0.53
N GLN D 152 3.61 42.35 0.49
CA GLN D 152 2.63 42.99 -0.36
C GLN D 152 2.32 44.39 0.14
N LYS D 153 1.99 44.51 1.43
CA LYS D 153 1.44 45.74 1.98
C LYS D 153 2.41 46.89 1.90
N LEU D 154 3.70 46.59 2.06
CA LEU D 154 4.72 47.62 1.90
C LEU D 154 4.75 48.11 0.47
N HIS D 155 4.94 47.18 -0.46
CA HIS D 155 5.03 47.42 -1.90
C HIS D 155 3.86 48.24 -2.41
N ASP D 156 2.70 48.05 -1.82
CA ASP D 156 1.50 48.77 -2.22
C ASP D 156 1.65 50.25 -1.95
N SER D 157 1.93 50.61 -0.71
CA SER D 157 1.96 52.03 -0.42
C SER D 157 3.27 52.63 -0.86
N ILE D 158 4.29 51.82 -1.10
CA ILE D 158 5.48 52.32 -1.80
C ILE D 158 5.11 52.80 -3.18
N LEU D 159 4.23 52.07 -3.85
CA LEU D 159 3.65 52.61 -5.07
C LEU D 159 2.79 53.81 -4.75
N HIS D 160 2.10 53.79 -3.62
CA HIS D 160 1.19 54.88 -3.33
C HIS D 160 1.93 56.02 -2.67
N SER D 161 3.20 55.81 -2.37
CA SER D 161 4.09 56.87 -1.96
C SER D 161 4.57 57.72 -3.11
N ARG D 162 4.65 57.11 -4.29
CA ARG D 162 5.10 57.74 -5.54
C ARG D 162 6.55 58.20 -5.40
N ILE D 163 7.30 57.46 -4.57
CA ILE D 163 8.70 57.77 -4.32
C ILE D 163 9.53 57.66 -5.57
N LEU D 164 9.26 56.67 -6.40
CA LEU D 164 10.27 56.21 -7.34
CA LEU D 164 10.28 56.21 -7.34
C LEU D 164 9.84 56.35 -8.79
N PRO D 165 10.26 57.40 -9.49
CA PRO D 165 10.12 57.39 -10.94
C PRO D 165 11.10 56.40 -11.50
N LYS D 166 10.75 55.82 -12.65
CA LYS D 166 11.60 54.80 -13.22
C LYS D 166 12.81 55.42 -13.92
N LYS D 167 12.83 56.75 -14.03
CA LYS D 167 14.04 57.47 -14.38
C LYS D 167 15.19 57.12 -13.46
N ALA D 168 14.89 56.90 -12.19
CA ALA D 168 15.88 56.44 -11.23
C ALA D 168 16.34 55.02 -11.48
N LEU D 169 15.64 54.26 -12.29
CA LEU D 169 16.11 52.94 -12.64
C LEU D 169 16.86 52.90 -13.94
N LYS D 170 16.98 54.03 -14.63
CA LYS D 170 17.61 54.03 -15.93
C LYS D 170 19.11 53.88 -15.79
N VAL D 171 19.66 52.87 -16.46
CA VAL D 171 21.06 52.51 -16.25
C VAL D 171 21.85 53.01 -17.44
N LYS D 172 23.02 53.59 -17.18
CA LYS D 172 23.84 54.19 -18.22
C LYS D 172 25.18 53.47 -18.24
N ALA D 173 25.23 52.41 -19.02
CA ALA D 173 26.35 51.49 -18.95
C ALA D 173 27.54 52.01 -19.74
N GLY D 174 28.72 51.55 -19.35
CA GLY D 174 29.93 51.82 -20.08
C GLY D 174 30.38 50.62 -20.90
N VAL D 175 31.47 50.83 -21.62
CA VAL D 175 32.09 49.79 -22.45
C VAL D 175 33.57 49.71 -22.11
N ARG D 176 34.05 48.50 -21.88
CA ARG D 176 35.38 48.29 -21.35
C ARG D 176 36.38 48.21 -22.47
N SER D 177 37.01 49.34 -22.77
CA SER D 177 37.90 49.47 -23.92
C SER D 177 39.15 48.61 -23.73
N ALA D 178 39.29 47.61 -24.59
CA ALA D 178 40.45 46.72 -24.59
C ALA D 178 41.62 47.52 -25.11
N ASN D 179 42.36 48.14 -24.20
CA ASN D 179 43.32 49.16 -24.59
C ASN D 179 44.70 48.54 -24.75
N GLU D 180 45.71 49.39 -24.87
CA GLU D 180 47.02 48.97 -25.35
C GLU D 180 47.74 48.12 -24.32
N ASP D 181 48.49 47.14 -24.84
CA ASP D 181 49.32 46.19 -24.09
C ASP D 181 48.53 45.36 -23.08
N GLY D 182 47.25 45.10 -23.37
CA GLY D 182 46.42 44.33 -22.48
C GLY D 182 46.02 45.06 -21.21
N THR D 183 45.42 46.23 -21.34
CA THR D 183 44.79 46.90 -20.21
C THR D 183 43.36 47.26 -20.57
N PHE D 184 42.56 47.44 -19.52
CA PHE D 184 41.13 47.66 -19.63
C PHE D 184 40.74 48.94 -18.93
N SER D 185 40.11 49.85 -19.67
CA SER D 185 39.44 51.00 -19.11
C SER D 185 38.02 51.02 -19.65
N VAL D 186 37.06 51.27 -18.78
CA VAL D 186 35.68 51.28 -19.21
C VAL D 186 35.33 52.70 -19.63
N LEU D 187 35.06 52.86 -20.91
CA LEU D 187 34.62 54.13 -21.44
C LEU D 187 33.24 54.43 -20.87
N TYR D 188 33.16 55.44 -20.03
CA TYR D 188 31.79 55.68 -19.64
C TYR D 188 31.20 56.87 -20.37
N PRO D 189 30.07 56.67 -21.03
CA PRO D 189 29.30 57.81 -21.52
C PRO D 189 28.74 58.58 -20.35
N ASP D 190 28.41 59.83 -20.61
CA ASP D 190 27.87 60.69 -19.58
C ASP D 190 26.94 61.68 -20.23
N GLU D 191 25.83 61.99 -19.54
CA GLU D 191 24.87 63.03 -19.92
C GLU D 191 24.24 62.76 -21.29
N LEU D 192 23.37 61.75 -21.31
CA LEU D 192 22.48 61.55 -22.46
C LEU D 192 21.10 62.14 -22.19
N LYS D 205 19.21 50.75 -30.08
CA LYS D 205 20.27 50.37 -29.16
C LYS D 205 19.65 50.20 -27.78
N ARG D 206 20.05 49.14 -27.08
CA ARG D 206 19.25 48.62 -25.98
C ARG D 206 19.31 49.53 -24.75
N LYS D 207 18.49 49.19 -23.75
CA LYS D 207 18.47 49.86 -22.46
C LYS D 207 18.38 48.80 -21.39
N TRP D 208 18.65 49.21 -20.16
CA TRP D 208 18.70 48.30 -19.03
C TRP D 208 18.20 48.99 -17.77
N SER D 209 17.74 48.19 -16.81
CA SER D 209 17.07 48.73 -15.65
C SER D 209 17.41 47.93 -14.42
N TYR D 210 17.81 48.64 -13.37
CA TYR D 210 17.88 48.05 -12.04
C TYR D 210 16.52 47.58 -11.58
N VAL D 211 16.49 46.47 -10.87
CA VAL D 211 15.30 46.01 -10.15
C VAL D 211 15.75 45.58 -8.77
N LEU D 212 15.19 46.17 -7.73
CA LEU D 212 15.75 46.04 -6.40
C LEU D 212 14.98 45.03 -5.57
N TYR D 213 15.59 44.58 -4.49
CA TYR D 213 15.02 43.57 -3.64
C TYR D 213 15.24 43.91 -2.18
N ALA D 214 14.41 43.32 -1.34
CA ALA D 214 14.54 43.55 0.09
C ALA D 214 14.36 42.24 0.82
N LYS D 215 14.90 42.16 2.02
CA LYS D 215 14.59 41.07 2.92
C LYS D 215 14.49 41.59 4.34
N ILE D 216 13.42 41.21 5.01
CA ILE D 216 13.15 41.63 6.36
C ILE D 216 13.23 40.39 7.22
N VAL D 217 14.10 40.40 8.20
CA VAL D 217 14.08 39.37 9.21
C VAL D 217 13.56 39.98 10.50
N VAL D 218 12.70 39.24 11.18
CA VAL D 218 11.99 39.72 12.35
C VAL D 218 12.36 38.83 13.51
N LEU D 219 12.91 39.43 14.55
CA LEU D 219 13.28 38.67 15.72
C LEU D 219 12.62 39.25 16.95
N SER D 220 12.08 38.35 17.78
CA SER D 220 11.39 38.65 19.02
C SER D 220 10.17 39.55 18.76
N ARG D 221 9.23 39.01 17.99
CA ARG D 221 7.97 39.68 17.77
C ARG D 221 7.18 39.80 19.05
N THR D 222 6.83 41.02 19.43
CA THR D 222 6.08 41.23 20.64
C THR D 222 4.73 41.88 20.39
N GLY D 223 4.42 42.21 19.15
CA GLY D 223 3.19 42.92 18.85
C GLY D 223 2.98 43.04 17.36
N PRO D 224 2.24 44.06 16.95
CA PRO D 224 2.14 44.36 15.51
C PRO D 224 3.50 44.79 15.00
N VAL D 225 3.76 44.51 13.73
CA VAL D 225 5.09 44.60 13.20
C VAL D 225 5.20 45.60 12.06
N PHE D 226 4.08 46.01 11.49
CA PHE D 226 4.04 46.65 10.19
C PHE D 226 4.72 48.00 10.19
N ASP D 227 4.56 48.76 11.28
CA ASP D 227 5.20 50.06 11.36
C ASP D 227 6.70 49.94 11.40
N LEU D 228 7.19 48.97 12.16
CA LEU D 228 8.62 48.75 12.20
C LEU D 228 9.09 48.09 10.92
N CYS D 229 8.21 47.35 10.24
CA CYS D 229 8.54 46.90 8.90
C CYS D 229 8.68 48.07 7.95
N TRP D 230 7.81 49.06 8.09
CA TRP D 230 7.89 50.23 7.24
C TRP D 230 9.16 51.02 7.50
N ASN D 231 9.33 51.40 8.75
CA ASN D 231 10.30 52.44 9.07
C ASN D 231 11.72 51.93 8.91
N SER D 232 11.93 50.63 9.15
CA SER D 232 13.27 50.07 9.00
C SER D 232 13.68 50.06 7.55
N LEU D 233 12.72 49.96 6.64
CA LEU D 233 13.04 49.97 5.23
C LEU D 233 13.54 51.33 4.82
N MET D 234 12.92 52.37 5.38
CA MET D 234 13.13 53.74 4.95
C MET D 234 14.58 54.15 5.11
N TYR D 235 15.19 53.75 6.22
CA TYR D 235 16.58 54.09 6.42
C TYR D 235 17.48 53.22 5.56
N ALA D 236 17.04 52.03 5.24
CA ALA D 236 17.79 51.22 4.29
C ALA D 236 17.70 51.83 2.89
N LEU D 237 16.58 52.48 2.59
CA LEU D 237 16.40 53.06 1.27
C LEU D 237 17.36 54.19 1.01
N GLN D 238 17.68 54.96 2.03
CA GLN D 238 18.56 56.07 1.83
C GLN D 238 20.01 55.66 1.73
N SER D 239 20.34 54.44 2.14
CA SER D 239 21.71 53.98 2.12
C SER D 239 22.04 53.20 0.86
N VAL D 240 21.13 53.12 -0.11
CA VAL D 240 21.41 52.28 -1.27
C VAL D 240 22.20 53.07 -2.30
N LYS D 241 23.39 52.59 -2.59
CA LYS D 241 24.20 53.08 -3.68
C LYS D 241 23.78 52.31 -4.91
N LEU D 242 23.80 52.96 -6.06
CA LEU D 242 23.63 52.24 -7.30
C LEU D 242 25.00 51.89 -7.84
N PRO D 243 25.37 50.62 -7.91
CA PRO D 243 26.70 50.27 -8.40
C PRO D 243 26.82 50.54 -9.89
N ARG D 244 28.03 50.92 -10.30
CA ARG D 244 28.26 51.24 -11.69
C ARG D 244 28.19 49.99 -12.55
N ALA D 245 27.25 49.98 -13.49
CA ALA D 245 27.09 48.87 -14.39
C ALA D 245 27.70 49.22 -15.73
N PHE D 246 28.26 48.23 -16.41
CA PHE D 246 28.82 48.47 -17.72
C PHE D 246 28.65 47.23 -18.55
N ILE D 247 28.67 47.40 -19.86
CA ILE D 247 28.69 46.24 -20.73
C ILE D 247 30.09 46.13 -21.28
N ASP D 248 30.30 45.07 -22.03
CA ASP D 248 31.57 44.89 -22.70
C ASP D 248 31.71 45.93 -23.80
N GLU D 249 32.95 46.20 -24.18
CA GLU D 249 33.24 46.99 -25.37
C GLU D 249 32.51 46.42 -26.57
N ARG D 250 32.77 45.15 -26.87
CA ARG D 250 32.11 44.34 -27.89
C ARG D 250 32.13 42.94 -27.27
N ALA D 251 30.98 42.50 -26.77
CA ALA D 251 30.93 41.21 -26.10
C ALA D 251 31.09 40.10 -27.12
N SER D 252 31.80 39.04 -26.70
CA SER D 252 31.93 37.85 -27.53
C SER D 252 30.60 37.19 -27.76
N ASP D 253 29.67 37.34 -26.82
CA ASP D 253 28.38 36.68 -26.89
C ASP D 253 27.48 37.41 -27.89
N LEU D 254 27.48 36.92 -29.13
CA LEU D 254 26.90 37.58 -30.29
C LEU D 254 25.69 36.81 -30.82
N ARG D 255 25.20 37.22 -32.00
CA ARG D 255 23.99 36.63 -32.58
C ARG D 255 24.20 35.20 -33.06
N MET D 256 23.22 34.35 -32.76
CA MET D 256 23.26 32.95 -33.16
C MET D 256 21.98 32.64 -33.93
N THR D 257 22.05 31.68 -34.84
CA THR D 257 20.89 31.32 -35.64
C THR D 257 20.34 29.96 -35.27
N ILE D 258 19.03 29.79 -35.46
CA ILE D 258 18.31 28.56 -35.18
C ILE D 258 17.56 28.16 -36.44
N ARG D 259 17.75 26.92 -36.87
CA ARG D 259 17.11 26.39 -38.07
C ARG D 259 15.71 25.88 -37.78
N THR D 260 14.73 26.31 -38.57
CA THR D 260 13.35 25.82 -38.56
C THR D 260 13.33 24.58 -39.47
N ARG D 261 12.15 24.10 -39.87
CA ARG D 261 12.08 22.92 -40.73
C ARG D 261 12.18 23.32 -42.21
N GLY D 262 13.15 24.19 -42.49
CA GLY D 262 13.33 24.80 -43.78
C GLY D 262 13.68 26.27 -43.68
N ARG D 263 13.17 26.94 -42.65
CA ARG D 263 13.44 28.34 -42.43
C ARG D 263 14.51 28.50 -41.35
N SER D 264 14.76 29.75 -40.96
CA SER D 264 15.68 30.06 -39.88
C SER D 264 15.41 31.44 -39.32
N ALA D 265 15.85 31.64 -38.07
CA ALA D 265 15.78 32.93 -37.40
C ALA D 265 17.12 33.22 -36.76
N THR D 266 17.21 34.37 -36.10
CA THR D 266 18.45 34.81 -35.46
C THR D 266 18.16 35.15 -34.00
N ILE D 267 18.90 34.54 -33.09
CA ILE D 267 18.93 35.00 -31.70
C ILE D 267 19.70 36.30 -31.65
N ARG D 268 19.16 37.29 -30.92
CA ARG D 268 19.84 38.57 -30.78
C ARG D 268 21.11 38.42 -29.95
N GLU D 269 22.02 39.38 -30.09
CA GLU D 269 23.30 39.29 -29.42
C GLU D 269 23.14 39.49 -27.92
N THR D 270 23.85 38.69 -27.13
CA THR D 270 23.62 38.63 -25.71
C THR D 270 24.62 39.53 -24.99
N TYR D 271 24.30 40.80 -24.84
CA TYR D 271 25.16 41.70 -24.11
C TYR D 271 24.90 41.60 -22.62
N GLU D 272 25.73 40.83 -21.94
CA GLU D 272 25.60 40.65 -20.50
C GLU D 272 26.14 41.91 -19.82
N ILE D 273 25.25 42.62 -19.15
CA ILE D 273 25.63 43.75 -18.32
C ILE D 273 26.49 43.26 -17.16
N ILE D 274 27.50 44.03 -16.79
CA ILE D 274 28.38 43.74 -15.65
C ILE D 274 28.44 44.97 -14.76
N CYS D 275 28.24 44.78 -13.47
CA CYS D 275 28.45 45.88 -12.55
C CYS D 275 29.90 45.96 -12.14
N ASP D 276 30.35 47.20 -11.90
CA ASP D 276 31.74 47.43 -11.54
C ASP D 276 32.04 46.84 -10.19
N GLN D 277 33.27 46.37 -10.04
CA GLN D 277 33.75 45.99 -8.73
C GLN D 277 33.91 47.20 -7.83
N THR D 278 34.13 48.38 -8.42
CA THR D 278 34.49 49.56 -7.64
C THR D 278 33.44 50.68 -7.69
N LYS D 279 33.14 51.22 -8.86
CA LYS D 279 32.43 52.49 -8.91
C LYS D 279 30.96 52.32 -8.60
N SER D 280 30.35 53.39 -8.12
CA SER D 280 28.95 53.38 -7.75
C SER D 280 28.46 54.81 -7.66
N VAL D 281 27.15 54.97 -7.82
CA VAL D 281 26.50 56.27 -7.70
C VAL D 281 25.42 56.09 -6.65
N PRO D 282 24.88 57.14 -6.05
CA PRO D 282 23.82 56.94 -5.07
C PRO D 282 22.48 56.77 -5.74
N LEU D 283 21.45 56.80 -4.92
CA LEU D 283 20.10 56.61 -5.40
C LEU D 283 19.34 57.93 -5.39
N MET D 284 18.50 58.16 -6.39
CA MET D 284 17.72 59.40 -6.47
C MET D 284 16.34 59.12 -5.89
N ILE D 285 15.90 60.00 -4.99
CA ILE D 285 14.70 59.78 -4.19
C ILE D 285 13.80 61.01 -4.30
N ASN D 286 12.49 60.80 -4.44
CA ASN D 286 11.57 61.88 -4.14
C ASN D 286 11.54 62.07 -2.64
N ALA D 287 12.50 62.84 -2.13
CA ALA D 287 12.77 62.86 -0.70
C ALA D 287 11.66 63.52 0.09
N LYS D 288 10.87 64.36 -0.57
CA LYS D 288 9.78 65.06 0.07
C LYS D 288 8.54 64.19 0.21
N ASN D 289 8.65 62.91 -0.09
CA ASN D 289 7.57 61.98 0.13
C ASN D 289 7.98 60.81 1.01
N ILE D 290 9.11 60.90 1.69
CA ILE D 290 9.57 59.80 2.54
C ILE D 290 8.74 59.79 3.82
N ALA D 291 7.83 58.86 3.94
CA ALA D 291 6.92 58.86 5.08
C ALA D 291 7.54 58.19 6.29
N PHE D 292 6.77 58.14 7.36
CA PHE D 292 7.03 57.26 8.48
C PHE D 292 5.71 56.72 9.00
N ALA D 293 5.80 55.72 9.88
CA ALA D 293 4.65 54.92 10.25
C ALA D 293 4.27 55.08 11.71
N SER D 294 2.99 54.86 12.02
CA SER D 294 2.48 54.93 13.37
C SER D 294 1.13 54.25 13.42
N ASN D 295 0.92 53.43 14.44
CA ASN D 295 -0.36 52.81 14.68
C ASN D 295 -1.03 53.45 15.88
N TYR D 296 -2.31 53.15 16.05
CA TYR D 296 -3.11 53.79 17.08
C TYR D 296 -4.21 52.82 17.50
N GLY D 297 -4.64 52.96 18.75
CA GLY D 297 -5.76 52.17 19.25
C GLY D 297 -6.66 53.00 20.16
N ILE D 298 -7.96 52.78 19.99
CA ILE D 298 -9.00 53.46 20.78
C ILE D 298 -9.84 52.41 21.47
N VAL D 299 -9.98 52.55 22.79
CA VAL D 299 -10.73 51.60 23.60
C VAL D 299 -11.82 52.32 24.37
N GLU D 300 -12.78 51.53 24.85
CA GLU D 300 -13.87 52.00 25.69
C GLU D 300 -13.83 51.22 26.99
N LEU D 301 -14.33 51.83 28.07
CA LEU D 301 -13.92 51.40 29.40
C LEU D 301 -15.08 50.88 30.24
N ASP D 302 -14.79 49.88 31.05
CA ASP D 302 -15.74 49.30 32.00
C ASP D 302 -15.70 50.09 33.30
N PRO D 303 -16.84 50.41 33.90
CA PRO D 303 -16.81 50.91 35.28
C PRO D 303 -16.27 49.91 36.29
N GLU D 304 -16.40 48.61 36.03
CA GLU D 304 -16.10 47.59 37.01
C GLU D 304 -14.61 47.45 37.28
N CYS D 305 -13.77 47.85 36.34
CA CYS D 305 -12.39 47.40 36.34
C CYS D 305 -11.45 48.34 37.08
N GLN D 306 -11.96 49.15 37.99
CA GLN D 306 -11.11 50.18 38.56
C GLN D 306 -10.48 49.75 39.87
N LEU D 307 -9.26 50.19 40.08
CA LEU D 307 -8.59 50.11 41.37
C LEU D 307 -8.04 51.48 41.73
N GLN D 308 -8.52 52.03 42.83
CA GLN D 308 -8.13 53.36 43.26
C GLN D 308 -6.69 53.33 43.79
N ASN D 309 -5.94 54.38 43.47
CA ASN D 309 -4.56 54.51 43.94
C ASN D 309 -4.47 55.33 45.22
N LEU D 325 -18.92 59.01 28.58
CA LEU D 325 -18.16 57.78 28.80
C LEU D 325 -16.68 58.05 28.96
N ASN D 326 -15.86 57.01 28.82
CA ASN D 326 -14.42 57.16 28.96
C ASN D 326 -13.75 56.38 27.85
N THR D 327 -13.10 57.09 26.95
CA THR D 327 -12.63 56.52 25.70
C THR D 327 -11.22 57.02 25.37
N VAL D 328 -10.26 56.11 25.35
CA VAL D 328 -8.85 56.46 25.44
C VAL D 328 -8.16 56.09 24.13
N LEU D 329 -7.31 56.98 23.65
CA LEU D 329 -6.41 56.71 22.53
C LEU D 329 -5.05 56.23 23.02
N ILE D 330 -4.59 55.10 22.47
CA ILE D 330 -3.26 54.58 22.68
C ILE D 330 -2.60 54.44 21.32
N ALA D 331 -1.32 54.77 21.25
CA ALA D 331 -0.50 54.45 20.10
C ALA D 331 0.66 53.58 20.53
N ASP D 332 1.57 53.30 19.58
CA ASP D 332 2.79 52.51 19.76
C ASP D 332 2.42 51.15 20.34
N LEU D 333 1.69 50.39 19.56
CA LEU D 333 0.98 49.26 20.10
C LEU D 333 1.89 48.04 20.11
N ASP D 334 1.72 47.18 21.09
CA ASP D 334 2.66 46.11 21.34
C ASP D 334 1.89 45.01 22.06
N THR D 335 2.61 44.06 22.67
CA THR D 335 2.18 43.42 23.93
C THR D 335 0.84 42.68 23.84
N GLU D 336 0.91 41.40 23.39
CA GLU D 336 -0.18 40.58 22.83
C GLU D 336 -1.58 40.92 23.34
N ALA D 337 -1.69 41.09 24.66
CA ALA D 337 -2.93 41.51 25.31
C ALA D 337 -3.53 42.74 24.67
N GLU D 338 -2.69 43.69 24.30
CA GLU D 338 -3.15 44.84 23.55
C GLU D 338 -3.61 44.41 22.16
N GLU D 339 -2.85 43.54 21.52
CA GLU D 339 -3.10 43.24 20.11
C GLU D 339 -4.30 42.32 19.97
N THR D 340 -4.60 41.55 21.00
CA THR D 340 -5.85 40.84 21.08
C THR D 340 -7.02 41.78 21.18
N SER D 341 -6.95 42.69 22.12
CA SER D 341 -8.13 43.33 22.67
C SER D 341 -8.45 44.68 22.06
N ILE D 342 -7.56 45.28 21.30
CA ILE D 342 -7.87 46.52 20.61
C ILE D 342 -8.52 46.13 19.29
N HIS D 343 -9.66 46.72 18.99
CA HIS D 343 -10.40 46.32 17.82
C HIS D 343 -10.69 47.46 16.87
N SER D 344 -10.88 48.67 17.36
CA SER D 344 -10.88 49.84 16.50
C SER D 344 -9.48 50.42 16.50
N THR D 345 -8.83 50.40 15.34
CA THR D 345 -7.45 50.82 15.26
C THR D 345 -7.19 51.68 14.04
N ILE D 346 -6.08 52.41 14.12
CA ILE D 346 -5.67 53.39 13.13
C ILE D 346 -4.18 53.20 12.87
N SER D 347 -3.80 53.11 11.61
CA SER D 347 -2.40 53.12 11.23
C SER D 347 -2.18 54.12 10.12
N ILE D 348 -1.10 54.90 10.22
CA ILE D 348 -0.90 56.07 9.37
C ILE D 348 0.51 56.07 8.82
N LEU D 349 0.65 56.34 7.53
CA LEU D 349 1.91 56.81 6.98
C LEU D 349 1.87 58.32 6.81
N ALA D 350 3.01 58.97 7.06
CA ALA D 350 3.15 60.41 6.97
C ALA D 350 4.61 60.80 6.85
N ALA D 351 4.91 61.72 5.89
CA ALA D 351 6.16 62.43 5.62
C ALA D 351 6.10 63.82 6.25
N PRO D 352 7.21 64.27 6.84
CA PRO D 352 7.12 65.15 8.02
C PRO D 352 6.53 66.54 7.78
N SER D 353 6.34 66.97 6.53
CA SER D 353 5.80 68.30 6.32
C SER D 353 4.29 68.33 6.28
N GLY D 354 3.62 67.42 6.98
CA GLY D 354 2.18 67.33 6.90
C GLY D 354 1.71 66.40 5.81
N ASN D 355 2.60 65.62 5.24
CA ASN D 355 2.25 64.78 4.11
C ASN D 355 1.68 63.49 4.64
N TYR D 356 1.02 62.73 3.78
CA TYR D 356 0.47 61.43 4.17
C TYR D 356 0.56 60.46 3.02
N LYS D 357 1.37 59.41 3.20
CA LYS D 357 1.42 58.37 2.19
C LYS D 357 0.18 57.49 2.26
N GLN D 358 -0.21 57.05 3.45
CA GLN D 358 -1.48 56.34 3.55
C GLN D 358 -2.04 56.52 4.95
N LEU D 359 -3.29 56.08 5.09
CA LEU D 359 -3.92 55.89 6.39
C LEU D 359 -4.77 54.62 6.36
N THR D 360 -4.82 53.95 7.51
CA THR D 360 -5.42 52.63 7.62
C THR D 360 -6.31 52.59 8.86
N LEU D 361 -7.62 52.56 8.64
CA LEU D 361 -8.59 52.40 9.72
C LEU D 361 -9.26 51.05 9.66
N MET D 362 -9.13 50.30 10.73
CA MET D 362 -9.99 49.17 11.02
C MET D 362 -10.74 49.53 12.29
N GLY D 363 -12.02 49.86 12.16
CA GLY D 363 -12.82 50.19 13.32
C GLY D 363 -13.69 49.04 13.75
N GLY D 364 -13.28 48.31 14.79
CA GLY D 364 -13.99 47.13 15.20
C GLY D 364 -14.37 47.11 16.66
N GLY D 365 -13.89 48.09 17.40
CA GLY D 365 -14.28 48.22 18.80
C GLY D 365 -15.13 49.45 18.98
N ALA D 366 -14.48 50.53 19.40
CA ALA D 366 -15.15 51.78 19.71
C ALA D 366 -15.72 52.45 18.47
N LYS D 367 -16.39 53.58 18.68
CA LYS D 367 -16.56 54.54 17.61
C LYS D 367 -15.24 55.21 17.30
N ILE D 368 -15.25 56.06 16.29
CA ILE D 368 -14.14 56.97 16.08
C ILE D 368 -14.70 58.38 16.01
N THR D 369 -14.20 59.22 16.90
CA THR D 369 -14.51 60.63 16.90
C THR D 369 -13.81 61.27 15.73
N PRO D 370 -14.24 62.42 15.31
CA PRO D 370 -13.39 63.24 14.44
C PRO D 370 -12.13 63.74 15.12
N GLU D 371 -12.05 63.65 16.44
CA GLU D 371 -11.00 64.36 17.16
C GLU D 371 -9.86 63.44 17.52
N MET D 372 -10.15 62.18 17.81
CA MET D 372 -9.09 61.19 17.95
C MET D 372 -8.34 61.01 16.64
N ILE D 373 -9.06 61.21 15.54
CA ILE D 373 -8.43 61.36 14.23
C ILE D 373 -7.40 62.46 14.28
N LYS D 374 -7.85 63.67 14.60
CA LYS D 374 -6.97 64.83 14.60
C LYS D 374 -5.89 64.70 15.66
N ARG D 375 -6.24 64.03 16.76
CA ARG D 375 -5.26 63.81 17.81
C ARG D 375 -4.17 62.87 17.30
N SER D 376 -4.57 61.79 16.64
CA SER D 376 -3.59 60.89 16.05
C SER D 376 -2.80 61.57 14.96
N LEU D 377 -3.47 62.43 14.19
CA LEU D 377 -2.77 63.27 13.22
C LEU D 377 -1.79 64.18 13.92
N LEU D 378 -2.20 64.77 15.04
CA LEU D 378 -1.27 65.57 15.83
C LEU D 378 -0.17 64.68 16.37
N LEU D 379 -0.51 63.46 16.72
CA LEU D 379 0.52 62.56 17.18
C LEU D 379 1.27 61.93 16.03
N SER D 380 0.74 62.04 14.81
CA SER D 380 1.46 61.51 13.66
C SER D 380 2.71 62.32 13.38
N ARG D 381 2.54 63.63 13.20
CA ARG D 381 3.58 64.47 12.67
C ARG D 381 4.69 64.69 13.67
N VAL D 382 4.48 64.28 14.91
CA VAL D 382 5.54 64.32 15.88
C VAL D 382 6.44 63.11 15.73
N ARG D 383 5.85 61.91 15.85
CA ARG D 383 6.61 60.67 15.95
C ARG D 383 7.40 60.40 14.69
N ALA D 384 6.85 60.82 13.56
CA ALA D 384 7.57 60.70 12.30
C ALA D 384 8.73 61.67 12.25
N ASP D 385 8.47 62.93 12.55
CA ASP D 385 9.41 64.00 12.25
C ASP D 385 10.63 63.89 13.13
N ASP D 386 10.44 63.40 14.34
CA ASP D 386 11.57 63.11 15.22
C ASP D 386 12.48 62.08 14.57
N LEU D 387 11.90 61.01 14.04
CA LEU D 387 12.71 59.95 13.45
C LEU D 387 13.38 60.38 12.19
N SER D 388 12.76 61.30 11.44
CA SER D 388 13.47 61.93 10.32
C SER D 388 14.70 62.65 10.82
N THR D 389 14.58 63.30 11.95
CA THR D 389 15.66 64.09 12.48
C THR D 389 16.52 63.32 13.46
N ARG D 390 16.10 62.13 13.85
CA ARG D 390 16.83 61.43 14.90
C ARG D 390 18.16 60.92 14.39
N PHE D 391 18.15 60.26 13.24
CA PHE D 391 19.37 59.59 12.82
C PHE D 391 20.02 60.24 11.63
N ASN D 392 19.49 61.39 11.19
CA ASN D 392 20.01 62.34 10.21
C ASN D 392 20.70 61.73 8.98
N ILE D 393 20.18 60.63 8.48
CA ILE D 393 20.68 60.00 7.25
C ILE D 393 19.84 60.42 6.05
N MET E 23 -27.18 55.42 -10.21
CA MET E 23 -26.82 54.30 -9.36
C MET E 23 -26.93 52.99 -10.11
N SER E 24 -25.98 52.75 -11.02
CA SER E 24 -26.03 51.57 -11.90
C SER E 24 -25.49 50.34 -11.17
N VAL E 25 -26.13 50.06 -10.06
CA VAL E 25 -25.84 48.86 -9.30
C VAL E 25 -27.07 47.97 -9.29
N GLN E 26 -26.84 46.70 -9.00
CA GLN E 26 -27.84 45.66 -9.17
C GLN E 26 -27.29 44.39 -8.54
N ALA E 27 -28.17 43.53 -8.06
CA ALA E 27 -27.71 42.41 -7.27
C ALA E 27 -28.63 41.22 -7.45
N GLU E 28 -28.11 40.05 -7.10
CA GLU E 28 -28.89 38.83 -7.11
C GLU E 28 -28.69 38.11 -5.79
N ILE E 29 -29.73 37.46 -5.32
CA ILE E 29 -29.69 36.70 -4.09
C ILE E 29 -30.11 35.28 -4.41
N GLY E 30 -29.42 34.30 -3.81
CA GLY E 30 -29.88 32.93 -3.86
C GLY E 30 -29.75 32.33 -5.23
N ILE E 31 -28.52 32.32 -5.74
CA ILE E 31 -28.30 31.91 -7.11
C ILE E 31 -27.37 30.73 -7.23
N LEU E 32 -26.91 30.17 -6.12
CA LEU E 32 -26.21 28.90 -6.12
C LEU E 32 -27.12 27.85 -5.52
N ASP E 33 -26.62 26.62 -5.44
CA ASP E 33 -27.53 25.59 -4.99
C ASP E 33 -27.11 24.94 -3.69
N HIS E 34 -25.89 24.42 -3.65
CA HIS E 34 -25.48 23.56 -2.54
C HIS E 34 -24.83 24.36 -1.44
N VAL E 35 -24.94 25.67 -1.50
CA VAL E 35 -24.21 26.58 -0.65
C VAL E 35 -25.23 27.35 0.18
N ASP E 36 -24.87 27.67 1.42
CA ASP E 36 -25.81 28.32 2.33
C ASP E 36 -26.15 29.72 1.86
N GLY E 37 -25.16 30.57 1.62
CA GLY E 37 -25.43 31.93 1.22
C GLY E 37 -24.71 32.28 -0.06
N SER E 38 -25.45 32.87 -0.99
CA SER E 38 -24.92 33.18 -2.32
C SER E 38 -25.46 34.52 -2.77
N SER E 39 -24.60 35.30 -3.41
CA SER E 39 -25.01 36.60 -3.91
C SER E 39 -24.14 36.99 -5.09
N GLU E 40 -24.78 37.55 -6.11
CA GLU E 40 -24.06 38.25 -7.17
C GLU E 40 -24.25 39.73 -6.91
N PHE E 41 -23.16 40.44 -6.72
CA PHE E 41 -23.18 41.88 -6.68
C PHE E 41 -22.64 42.45 -7.98
N VAL E 42 -23.43 43.30 -8.61
CA VAL E 42 -23.00 43.92 -9.85
C VAL E 42 -23.12 45.43 -9.70
N SER E 43 -21.99 46.09 -9.55
CA SER E 43 -21.89 47.53 -9.72
C SER E 43 -21.55 47.80 -11.18
N GLN E 44 -21.12 49.02 -11.47
CA GLN E 44 -21.12 49.63 -12.80
C GLN E 44 -20.27 48.83 -13.79
N ASP E 45 -19.11 48.34 -13.40
CA ASP E 45 -18.30 47.61 -14.36
C ASP E 45 -17.88 46.24 -13.89
N THR E 46 -17.83 46.04 -12.59
CA THR E 46 -17.27 44.82 -12.03
C THR E 46 -18.38 43.87 -11.62
N LYS E 47 -18.26 42.64 -12.06
CA LYS E 47 -19.12 41.53 -11.69
C LYS E 47 -18.36 40.67 -10.70
N VAL E 48 -18.92 40.50 -9.51
CA VAL E 48 -18.33 39.69 -8.45
C VAL E 48 -19.44 38.90 -7.78
N ILE E 49 -19.21 37.60 -7.60
CA ILE E 49 -20.10 36.73 -6.85
C ILE E 49 -19.38 36.26 -5.59
N CYS E 50 -20.12 36.20 -4.48
CA CYS E 50 -19.63 35.71 -3.20
C CYS E 50 -20.48 34.53 -2.75
N SER E 51 -19.85 33.62 -2.02
CA SER E 51 -20.55 32.46 -1.52
C SER E 51 -20.28 32.29 -0.03
N VAL E 52 -21.29 31.79 0.68
CA VAL E 52 -21.23 31.62 2.12
C VAL E 52 -21.71 30.24 2.47
N THR E 53 -20.85 29.46 3.14
CA THR E 53 -21.25 28.18 3.70
C THR E 53 -20.99 28.18 5.19
N GLY E 54 -22.04 28.09 5.99
CA GLY E 54 -21.89 28.04 7.41
C GLY E 54 -23.21 28.08 8.16
N PRO E 55 -23.20 27.71 9.44
CA PRO E 55 -22.07 27.13 10.16
C PRO E 55 -21.97 25.66 9.88
N ILE E 56 -20.74 25.21 9.70
CA ILE E 56 -20.46 23.83 9.34
C ILE E 56 -19.31 23.34 10.20
N GLU E 57 -18.90 22.12 9.94
CA GLU E 57 -17.91 21.45 10.77
C GLU E 57 -16.54 22.08 10.64
N PRO E 58 -15.96 22.59 11.73
CA PRO E 58 -14.63 23.18 11.65
C PRO E 58 -13.54 22.13 11.73
N LYS E 59 -12.36 22.51 11.22
CA LYS E 59 -11.22 21.62 11.33
C LYS E 59 -10.60 21.67 12.71
N ALA E 60 -9.57 20.84 12.87
CA ALA E 60 -8.86 20.75 14.14
C ALA E 60 -8.12 22.04 14.44
N ARG E 61 -7.31 22.51 13.50
CA ARG E 61 -6.48 23.68 13.76
C ARG E 61 -7.25 24.99 13.70
N GLN E 62 -8.56 24.96 13.59
CA GLN E 62 -9.29 26.15 13.23
C GLN E 62 -10.27 26.62 14.28
N GLU E 63 -10.52 25.82 15.30
CA GLU E 63 -11.63 26.12 16.19
C GLU E 63 -11.30 27.23 17.18
N LEU E 64 -12.34 27.86 17.68
CA LEU E 64 -12.27 28.74 18.82
C LEU E 64 -13.23 28.24 19.87
N PRO E 65 -12.85 28.22 21.13
CA PRO E 65 -13.74 27.71 22.18
C PRO E 65 -14.94 28.59 22.41
N THR E 66 -14.85 29.86 22.06
CA THR E 66 -15.91 30.80 22.35
C THR E 66 -16.59 31.36 21.14
N GLN E 67 -15.86 32.01 20.28
CA GLN E 67 -16.48 32.75 19.21
C GLN E 67 -16.55 31.89 17.96
N LEU E 68 -16.95 32.53 16.88
CA LEU E 68 -17.08 31.87 15.60
C LEU E 68 -15.84 32.07 14.76
N ALA E 69 -15.32 30.98 14.22
CA ALA E 69 -14.15 31.00 13.37
C ALA E 69 -14.58 31.30 11.94
N LEU E 70 -13.79 32.11 11.26
CA LEU E 70 -14.10 32.53 9.90
C LEU E 70 -12.89 32.31 9.00
N GLU E 71 -13.13 31.73 7.84
CA GLU E 71 -12.08 31.55 6.83
C GLU E 71 -12.61 32.03 5.49
N ILE E 72 -11.81 32.84 4.80
CA ILE E 72 -12.28 33.65 3.69
C ILE E 72 -11.38 33.40 2.50
N ILE E 73 -11.97 33.11 1.35
CA ILE E 73 -11.25 32.85 0.12
C ILE E 73 -11.71 33.82 -0.95
N VAL E 74 -10.77 34.51 -1.58
CA VAL E 74 -11.09 35.34 -2.73
C VAL E 74 -10.31 34.82 -3.92
N ARG E 75 -11.03 34.48 -4.97
CA ARG E 75 -10.39 34.14 -6.20
C ARG E 75 -10.40 35.34 -7.12
N PRO E 76 -9.28 35.65 -7.74
CA PRO E 76 -9.25 36.73 -8.72
C PRO E 76 -9.93 36.28 -10.00
N ALA E 77 -10.12 37.24 -10.89
CA ALA E 77 -10.55 36.85 -12.22
C ALA E 77 -9.39 36.22 -12.99
N LYS E 78 -8.19 36.71 -12.78
CA LYS E 78 -7.07 36.41 -13.64
C LYS E 78 -5.94 35.88 -12.77
N GLY E 79 -5.18 34.93 -13.29
CA GLY E 79 -4.10 34.42 -12.50
C GLY E 79 -4.61 33.55 -11.36
N VAL E 80 -3.75 33.36 -10.37
CA VAL E 80 -4.06 32.51 -9.25
C VAL E 80 -3.96 33.31 -7.96
N ALA E 81 -4.19 32.63 -6.85
CA ALA E 81 -4.17 33.28 -5.54
C ALA E 81 -2.74 33.56 -5.12
N THR E 82 -2.38 34.84 -5.07
CA THR E 82 -1.09 35.26 -4.56
C THR E 82 -1.27 36.32 -3.50
N THR E 83 -0.16 37.00 -3.22
CA THR E 83 -0.09 38.00 -2.18
C THR E 83 -1.00 39.19 -2.42
N ARG E 84 -1.19 39.57 -3.69
CA ARG E 84 -2.07 40.69 -4.00
C ARG E 84 -3.49 40.40 -3.56
N GLU E 85 -3.91 39.15 -3.73
CA GLU E 85 -5.19 38.71 -3.22
C GLU E 85 -5.21 38.71 -1.70
N LYS E 86 -4.08 38.36 -1.09
CA LYS E 86 -4.03 38.00 0.32
C LYS E 86 -4.44 39.15 1.24
N VAL E 87 -4.09 40.37 0.87
CA VAL E 87 -4.36 41.48 1.77
C VAL E 87 -5.79 41.94 1.65
N LEU E 88 -6.32 41.93 0.41
CA LEU E 88 -7.73 42.24 0.19
C LEU E 88 -8.61 41.25 0.92
N GLU E 89 -8.17 40.00 1.03
CA GLU E 89 -8.78 39.04 1.91
C GLU E 89 -8.75 39.54 3.35
N ASP E 90 -7.59 39.96 3.80
CA ASP E 90 -7.35 40.06 5.22
C ASP E 90 -7.96 41.32 5.80
N LYS E 91 -7.99 42.39 5.02
CA LYS E 91 -8.75 43.56 5.44
C LYS E 91 -10.23 43.25 5.45
N LEU E 92 -10.67 42.41 4.53
CA LEU E 92 -12.05 41.96 4.55
C LEU E 92 -12.31 41.02 5.72
N ARG E 93 -11.28 40.34 6.22
CA ARG E 93 -11.46 39.62 7.48
C ARG E 93 -11.80 40.57 8.61
N ALA E 94 -11.15 41.72 8.63
CA ALA E 94 -11.35 42.66 9.73
C ALA E 94 -12.75 43.24 9.75
N VAL E 95 -13.38 43.41 8.59
CA VAL E 95 -14.64 44.13 8.54
C VAL E 95 -15.79 43.23 8.97
N LEU E 96 -15.72 41.97 8.61
CA LEU E 96 -16.84 41.06 8.85
C LEU E 96 -16.95 40.68 10.30
N THR E 97 -15.81 40.68 10.98
CA THR E 97 -15.73 40.20 12.36
C THR E 97 -16.64 40.94 13.33
N PRO E 98 -16.82 42.27 13.26
CA PRO E 98 -17.90 42.85 14.07
C PRO E 98 -19.27 42.75 13.43
N LEU E 99 -19.39 42.46 12.14
CA LEU E 99 -20.71 42.28 11.57
C LEU E 99 -21.37 41.02 12.10
N ILE E 100 -20.57 40.03 12.41
CA ILE E 100 -21.07 38.74 12.81
C ILE E 100 -21.28 38.74 14.31
N THR E 101 -22.44 38.28 14.74
CA THR E 101 -22.70 38.03 16.15
C THR E 101 -21.90 36.77 16.50
N ARG E 102 -20.63 36.97 16.83
CA ARG E 102 -19.68 35.87 16.82
C ARG E 102 -19.85 34.94 17.99
N HIS E 103 -20.46 35.39 19.08
CA HIS E 103 -20.67 34.49 20.19
C HIS E 103 -21.74 33.45 19.91
N CYS E 104 -22.56 33.67 18.89
CA CYS E 104 -23.70 32.80 18.67
C CYS E 104 -23.29 31.42 18.15
N TYR E 105 -22.09 31.27 17.63
CA TYR E 105 -21.72 30.02 16.98
C TYR E 105 -20.37 29.54 17.50
N PRO E 106 -20.34 29.01 18.71
CA PRO E 106 -19.07 28.55 19.26
C PRO E 106 -18.65 27.24 18.63
N ARG E 107 -17.33 27.06 18.53
CA ARG E 107 -16.71 25.81 18.07
C ARG E 107 -17.18 25.43 16.66
N GLN E 108 -17.40 26.45 15.84
CA GLN E 108 -18.00 26.28 14.52
C GLN E 108 -17.17 26.96 13.47
N LEU E 109 -17.61 26.82 12.24
CA LEU E 109 -16.93 27.44 11.11
C LEU E 109 -17.92 27.82 10.03
N CYS E 110 -17.75 29.03 9.52
CA CYS E 110 -18.39 29.45 8.29
C CYS E 110 -17.30 29.79 7.28
N GLN E 111 -17.11 28.91 6.31
CA GLN E 111 -16.30 29.28 5.15
C GLN E 111 -17.10 30.21 4.26
N ILE E 112 -16.49 31.33 3.91
CA ILE E 112 -17.07 32.29 2.98
C ILE E 112 -16.09 32.38 1.84
N THR E 113 -16.59 32.45 0.61
CA THR E 113 -15.73 32.50 -0.55
C THR E 113 -16.24 33.54 -1.54
N CYS E 114 -15.32 34.33 -2.08
CA CYS E 114 -15.63 35.36 -3.04
C CYS E 114 -14.97 35.03 -4.37
N GLN E 115 -15.68 35.27 -5.45
CA GLN E 115 -15.10 35.19 -6.78
C GLN E 115 -15.10 36.57 -7.43
N ILE E 116 -13.91 37.06 -7.77
CA ILE E 116 -13.82 38.13 -8.74
C ILE E 116 -14.10 37.55 -10.11
N LEU E 117 -15.16 38.02 -10.76
CA LEU E 117 -15.31 37.64 -12.14
C LEU E 117 -14.88 38.72 -13.11
N GLU E 118 -15.20 39.97 -12.82
CA GLU E 118 -14.82 41.01 -13.75
C GLU E 118 -13.87 41.90 -13.00
N SER E 119 -12.87 42.44 -13.68
CA SER E 119 -12.00 43.39 -13.00
C SER E 119 -12.69 44.72 -12.83
N GLY E 120 -12.98 45.38 -13.94
CA GLY E 120 -13.42 46.76 -13.89
C GLY E 120 -12.38 47.75 -13.42
N GLU E 121 -11.15 47.31 -13.21
CA GLU E 121 -10.05 48.11 -12.72
C GLU E 121 -8.77 47.34 -12.98
N ASP E 122 -7.70 48.08 -13.23
CA ASP E 122 -6.39 47.50 -13.51
C ASP E 122 -5.86 46.84 -12.25
N GLU E 123 -5.85 45.51 -12.27
CA GLU E 123 -5.37 44.72 -11.15
C GLU E 123 -3.87 44.88 -10.94
N ALA E 124 -3.12 45.23 -11.99
CA ALA E 124 -1.72 45.53 -11.80
C ALA E 124 -1.53 46.83 -11.05
N GLU E 125 -2.40 47.80 -11.27
CA GLU E 125 -2.20 49.09 -10.66
C GLU E 125 -3.14 49.37 -9.52
N PHE E 126 -4.29 48.71 -9.46
CA PHE E 126 -5.25 49.08 -8.45
C PHE E 126 -5.87 47.83 -7.86
N SER E 127 -6.50 48.03 -6.71
CA SER E 127 -7.35 47.00 -6.13
C SER E 127 -8.59 47.61 -5.52
N LEU E 128 -8.94 48.82 -5.94
CA LEU E 128 -9.78 49.67 -5.11
C LEU E 128 -11.23 49.24 -5.16
N ARG E 129 -11.78 49.21 -6.38
CA ARG E 129 -13.19 48.92 -6.58
C ARG E 129 -13.57 47.54 -6.07
N GLU E 130 -12.70 46.56 -6.28
CA GLU E 130 -12.96 45.19 -5.85
C GLU E 130 -13.14 45.12 -4.35
N LEU E 131 -12.33 45.87 -3.62
CA LEU E 131 -12.46 45.90 -2.18
C LEU E 131 -13.79 46.52 -1.78
N SER E 132 -14.23 47.54 -2.50
CA SER E 132 -15.57 48.04 -2.30
C SER E 132 -16.60 47.02 -2.74
N CYS E 133 -16.29 46.33 -3.83
CA CYS E 133 -17.27 45.44 -4.43
C CYS E 133 -17.49 44.20 -3.57
N CYS E 134 -16.40 43.57 -3.12
CA CYS E 134 -16.51 42.28 -2.44
C CYS E 134 -17.20 42.40 -1.10
N ILE E 135 -16.98 43.51 -0.40
CA ILE E 135 -17.72 43.75 0.83
C ILE E 135 -19.19 43.88 0.54
N ASN E 136 -19.51 44.65 -0.49
CA ASN E 136 -20.87 44.81 -0.93
C ASN E 136 -21.40 43.51 -1.50
N ALA E 137 -20.50 42.64 -1.94
CA ALA E 137 -20.93 41.31 -2.36
C ALA E 137 -21.20 40.42 -1.16
N ALA E 138 -20.27 40.35 -0.22
CA ALA E 138 -20.37 39.35 0.83
C ALA E 138 -21.42 39.71 1.85
N PHE E 139 -21.79 40.99 1.90
CA PHE E 139 -22.84 41.43 2.81
C PHE E 139 -24.17 40.79 2.44
N LEU E 140 -24.40 40.56 1.16
CA LEU E 140 -25.71 40.13 0.75
C LEU E 140 -25.83 38.62 0.80
N ALA E 141 -24.72 37.90 0.59
CA ALA E 141 -24.79 36.44 0.68
C ALA E 141 -24.99 35.99 2.12
N LEU E 142 -24.57 36.81 3.07
CA LEU E 142 -24.91 36.51 4.45
C LEU E 142 -26.39 36.66 4.72
N VAL E 143 -27.03 37.58 4.00
CA VAL E 143 -28.47 37.74 4.15
C VAL E 143 -29.18 36.53 3.58
N ASP E 144 -28.69 36.04 2.44
CA ASP E 144 -29.08 34.73 1.95
C ASP E 144 -28.81 33.66 3.00
N ALA E 145 -27.65 33.73 3.65
CA ALA E 145 -27.31 32.75 4.66
C ALA E 145 -28.13 32.89 5.91
N GLY E 146 -28.59 34.09 6.23
CA GLY E 146 -29.45 34.28 7.39
C GLY E 146 -28.80 34.00 8.72
N ILE E 147 -27.56 34.41 8.88
CA ILE E 147 -26.79 34.17 10.09
C ILE E 147 -26.99 35.35 11.02
N ALA E 148 -26.84 35.13 12.32
CA ALA E 148 -26.99 36.21 13.30
C ALA E 148 -25.96 37.30 13.05
N LEU E 149 -26.44 38.47 12.71
CA LEU E 149 -25.57 39.58 12.35
C LEU E 149 -25.85 40.74 13.28
N ASN E 150 -25.23 41.88 13.00
CA ASN E 150 -25.29 42.93 13.99
C ASN E 150 -25.90 44.22 13.46
N SER E 151 -25.71 44.53 12.20
CA SER E 151 -25.98 45.88 11.72
C SER E 151 -26.14 45.84 10.21
N MET E 152 -26.05 47.00 9.58
CA MET E 152 -26.04 47.09 8.14
C MET E 152 -24.79 47.86 7.69
N CYS E 153 -24.42 47.68 6.42
CA CYS E 153 -23.12 48.15 5.95
C CYS E 153 -23.17 48.57 4.50
N ALA E 154 -22.10 49.25 4.06
CA ALA E 154 -21.91 49.66 2.68
C ALA E 154 -20.46 50.04 2.43
N SER E 155 -20.02 49.87 1.19
CA SER E 155 -18.72 50.38 0.75
C SER E 155 -18.80 50.96 -0.65
N ILE E 156 -18.05 52.03 -0.85
CA ILE E 156 -17.97 52.72 -2.14
C ILE E 156 -16.51 52.99 -2.43
N PRO E 157 -16.12 53.12 -3.69
CA PRO E 157 -14.78 53.61 -4.00
C PRO E 157 -14.81 55.11 -4.28
N ILE E 158 -13.81 55.81 -3.76
CA ILE E 158 -13.74 57.26 -3.92
C ILE E 158 -12.35 57.62 -4.38
N ALA E 159 -12.27 58.47 -5.40
CA ALA E 159 -10.97 58.92 -5.86
C ALA E 159 -10.92 60.42 -5.92
N ILE E 160 -9.69 60.92 -5.93
CA ILE E 160 -9.38 62.33 -6.09
C ILE E 160 -8.44 62.47 -7.28
N ILE E 161 -8.80 63.31 -8.24
CA ILE E 161 -8.11 63.43 -9.51
C ILE E 161 -6.80 64.17 -9.27
N LYS E 162 -5.72 63.69 -9.92
CA LYS E 162 -4.43 64.39 -9.83
C LYS E 162 -4.50 65.76 -10.45
N ASP E 163 -5.07 65.88 -11.63
CA ASP E 163 -4.91 67.11 -12.38
C ASP E 163 -6.02 68.09 -12.08
N THR E 164 -7.24 67.61 -11.97
CA THR E 164 -8.37 68.51 -11.74
C THR E 164 -8.43 68.93 -10.28
N SER E 165 -7.90 68.08 -9.40
CA SER E 165 -7.92 68.17 -7.94
C SER E 165 -9.34 68.12 -7.43
N ASP E 166 -10.25 67.45 -8.11
CA ASP E 166 -11.60 67.29 -7.60
C ASP E 166 -11.77 65.85 -7.12
N ILE E 167 -12.95 65.56 -6.55
CA ILE E 167 -13.23 64.29 -5.88
C ILE E 167 -14.45 63.66 -6.51
N ILE E 168 -14.33 62.43 -6.98
CA ILE E 168 -15.45 61.70 -7.54
C ILE E 168 -15.75 60.49 -6.66
N VAL E 169 -17.01 60.35 -6.30
CA VAL E 169 -17.51 59.11 -5.76
C VAL E 169 -17.78 58.16 -6.91
N ASP E 170 -17.30 56.91 -6.79
CA ASP E 170 -17.40 55.84 -7.77
C ASP E 170 -16.75 56.25 -9.09
N PRO E 171 -15.44 56.28 -9.16
CA PRO E 171 -14.78 56.70 -10.40
C PRO E 171 -14.72 55.56 -11.40
N THR E 172 -14.03 55.83 -12.52
CA THR E 172 -13.67 54.75 -13.42
C THR E 172 -12.17 54.60 -13.50
N ALA E 173 -11.75 53.53 -14.18
CA ALA E 173 -10.34 53.16 -14.21
C ALA E 173 -9.50 54.15 -14.98
N GLU E 174 -10.08 54.76 -16.00
CA GLU E 174 -9.34 55.82 -16.68
C GLU E 174 -9.28 57.06 -15.81
N GLN E 175 -10.33 57.30 -15.04
CA GLN E 175 -10.26 58.35 -14.04
C GLN E 175 -9.32 57.94 -12.92
N LEU E 176 -9.14 56.64 -12.70
CA LEU E 176 -8.14 56.20 -11.74
C LEU E 176 -6.73 56.51 -12.23
N LYS E 177 -6.54 56.51 -13.55
CA LYS E 177 -5.23 56.81 -14.11
C LYS E 177 -4.84 58.25 -13.83
N ILE E 178 -5.82 59.12 -13.78
CA ILE E 178 -5.56 60.53 -13.52
C ILE E 178 -5.96 60.83 -12.09
N SER E 179 -6.35 59.81 -11.35
CA SER E 179 -6.62 60.00 -9.93
C SER E 179 -5.31 60.18 -9.18
N LEU E 180 -5.35 61.01 -8.16
CA LEU E 180 -4.20 61.16 -7.29
C LEU E 180 -4.25 60.20 -6.11
N SER E 181 -5.44 59.88 -5.63
CA SER E 181 -5.53 59.13 -4.40
C SER E 181 -6.82 58.35 -4.39
N VAL E 182 -6.73 57.10 -3.95
CA VAL E 182 -7.82 56.16 -4.05
C VAL E 182 -8.29 55.80 -2.66
N HIS E 183 -9.61 55.67 -2.49
CA HIS E 183 -10.17 55.59 -1.15
C HIS E 183 -11.37 54.68 -1.10
N THR E 184 -11.41 53.87 -0.05
CA THR E 184 -12.51 52.99 0.23
C THR E 184 -12.99 53.25 1.66
N LEU E 185 -14.30 53.44 1.81
CA LEU E 185 -14.90 53.70 3.10
C LEU E 185 -15.94 52.64 3.40
N ALA E 186 -15.84 52.05 4.58
CA ALA E 186 -16.82 51.07 5.03
C ALA E 186 -17.43 51.58 6.31
N LEU E 187 -18.76 51.64 6.35
CA LEU E 187 -19.48 52.22 7.46
C LEU E 187 -20.46 51.22 8.05
N GLU E 188 -20.84 51.48 9.28
CA GLU E 188 -21.78 50.62 9.99
C GLU E 188 -23.07 51.40 10.19
N PHE E 189 -24.17 50.84 9.69
CA PHE E 189 -25.42 51.57 9.60
C PHE E 189 -26.52 50.88 10.38
N VAL E 190 -27.18 51.65 11.24
CA VAL E 190 -28.21 51.17 12.14
C VAL E 190 -29.34 52.20 12.17
N ASN E 191 -30.40 51.82 12.90
CA ASN E 191 -31.61 52.61 13.11
C ASN E 191 -32.24 52.97 11.78
N GLY E 192 -32.75 51.94 11.12
CA GLY E 192 -33.12 52.09 9.74
C GLY E 192 -31.93 52.25 8.84
N GLY E 193 -30.77 51.77 9.30
CA GLY E 193 -29.51 51.96 8.59
C GLY E 193 -29.10 53.41 8.51
N LYS E 194 -29.63 54.25 9.39
CA LYS E 194 -29.43 55.67 9.25
C LYS E 194 -28.29 56.19 10.10
N VAL E 195 -28.13 55.68 11.31
CA VAL E 195 -27.08 56.14 12.19
C VAL E 195 -25.81 55.47 11.75
N VAL E 196 -24.77 56.27 11.52
CA VAL E 196 -23.44 55.72 11.39
C VAL E 196 -23.09 55.17 12.76
N LYS E 197 -23.16 53.86 12.93
CA LYS E 197 -22.82 53.32 14.23
C LYS E 197 -21.33 53.37 14.46
N ASN E 198 -20.56 53.02 13.45
CA ASN E 198 -19.11 53.05 13.55
C ASN E 198 -18.61 53.10 12.12
N VAL E 199 -17.33 53.36 11.97
CA VAL E 199 -16.64 53.14 10.71
C VAL E 199 -16.14 51.71 10.78
N LEU E 200 -16.06 51.05 9.63
CA LEU E 200 -15.45 49.74 9.60
C LEU E 200 -14.06 49.84 9.00
N LEU E 201 -13.99 50.34 7.77
CA LEU E 201 -12.74 50.48 7.05
C LEU E 201 -12.66 51.86 6.44
N LEU E 202 -11.50 52.49 6.59
CA LEU E 202 -11.13 53.62 5.77
C LEU E 202 -9.78 53.32 5.15
N ASP E 203 -9.78 53.09 3.85
CA ASP E 203 -8.59 52.69 3.12
C ASP E 203 -8.07 53.92 2.40
N SER E 204 -7.26 54.70 3.10
CA SER E 204 -6.65 55.87 2.50
C SER E 204 -5.39 55.47 1.77
N ASN E 205 -5.38 55.72 0.46
CA ASN E 205 -4.24 55.40 -0.37
C ASN E 205 -4.04 56.53 -1.36
N GLY E 206 -2.79 56.79 -1.70
CA GLY E 206 -2.44 57.94 -2.49
C GLY E 206 -2.10 59.10 -1.58
N ASP E 207 -1.81 60.23 -2.18
CA ASP E 207 -1.41 61.40 -1.41
C ASP E 207 -2.64 62.12 -0.90
N PHE E 208 -2.58 62.56 0.36
CA PHE E 208 -3.69 63.27 0.97
C PHE E 208 -3.17 64.05 2.16
N ASN E 209 -4.01 64.93 2.67
CA ASN E 209 -3.63 65.79 3.77
C ASN E 209 -4.55 65.56 4.95
N GLU E 210 -4.49 66.48 5.89
CA GLU E 210 -5.58 66.66 6.83
C GLU E 210 -6.89 66.96 6.13
N ASP E 211 -6.90 68.02 5.32
CA ASP E 211 -8.10 68.83 5.10
C ASP E 211 -9.07 68.14 4.18
N GLN E 212 -8.54 67.37 3.23
CA GLN E 212 -9.35 66.64 2.28
C GLN E 212 -10.17 65.58 2.98
N LEU E 213 -9.64 65.06 4.09
CA LEU E 213 -10.12 63.81 4.65
C LEU E 213 -11.50 63.96 5.26
N PHE E 214 -11.70 65.02 6.04
CA PHE E 214 -13.03 65.25 6.56
C PHE E 214 -14.01 65.61 5.47
N SER E 215 -13.52 66.26 4.41
CA SER E 215 -14.32 66.39 3.22
C SER E 215 -14.51 65.04 2.55
N LEU E 216 -13.49 64.18 2.62
CA LEU E 216 -13.55 62.88 1.98
C LEU E 216 -14.58 61.98 2.65
N LEU E 217 -14.73 62.09 3.96
CA LEU E 217 -15.83 61.39 4.60
C LEU E 217 -17.17 61.92 4.15
N GLU E 218 -17.26 63.23 3.96
CA GLU E 218 -18.51 63.93 4.16
C GLU E 218 -19.50 63.64 3.05
N LEU E 219 -19.02 63.30 1.86
CA LEU E 219 -19.91 62.71 0.87
C LEU E 219 -20.23 61.27 1.18
N GLY E 220 -19.21 60.48 1.54
CA GLY E 220 -19.44 59.07 1.80
C GLY E 220 -20.21 58.85 3.08
N GLU E 221 -20.21 59.85 3.96
CA GLU E 221 -21.21 59.94 5.01
C GLU E 221 -22.61 59.83 4.44
N GLN E 222 -22.88 60.54 3.36
CA GLN E 222 -24.20 60.49 2.76
C GLN E 222 -24.35 59.27 1.87
N LYS E 223 -23.39 59.10 0.94
CA LYS E 223 -23.51 58.20 -0.21
C LYS E 223 -23.72 56.74 0.19
N CYS E 224 -23.03 56.26 1.22
CA CYS E 224 -23.20 54.88 1.61
C CYS E 224 -24.58 54.66 2.20
N GLN E 225 -25.09 55.66 2.92
CA GLN E 225 -26.47 55.59 3.36
C GLN E 225 -27.41 55.63 2.17
N GLU E 226 -27.10 56.48 1.19
CA GLU E 226 -27.87 56.54 -0.04
C GLU E 226 -27.78 55.23 -0.79
N LEU E 227 -26.64 54.56 -0.67
CA LEU E 227 -26.53 53.21 -1.20
C LEU E 227 -27.45 52.25 -0.47
N VAL E 228 -27.37 52.23 0.86
CA VAL E 228 -28.17 51.32 1.67
C VAL E 228 -29.64 51.63 1.54
N THR E 229 -29.97 52.90 1.31
CA THR E 229 -31.35 53.32 1.06
C THR E 229 -31.93 52.59 -0.14
N ASN E 230 -31.11 52.38 -1.16
CA ASN E 230 -31.53 51.50 -2.24
C ASN E 230 -31.64 50.07 -1.75
N ILE E 231 -30.70 49.66 -0.90
CA ILE E 231 -30.48 48.25 -0.63
CA ILE E 231 -30.48 48.25 -0.63
C ILE E 231 -31.62 47.67 0.20
N ARG E 232 -32.06 48.42 1.22
CA ARG E 232 -33.12 48.01 2.14
C ARG E 232 -34.36 47.55 1.40
N ARG E 233 -34.71 48.28 0.36
CA ARG E 233 -35.76 47.88 -0.57
C ARG E 233 -35.46 46.55 -1.23
N ILE E 234 -34.24 46.40 -1.77
CA ILE E 234 -33.90 45.31 -2.69
C ILE E 234 -33.97 43.97 -2.00
N ILE E 235 -33.54 43.96 -0.75
CA ILE E 235 -33.52 42.75 0.05
C ILE E 235 -34.93 42.21 0.21
N GLN E 236 -35.85 43.06 0.64
CA GLN E 236 -37.20 42.64 0.90
C GLN E 236 -37.92 42.27 -0.39
N ASP E 237 -37.58 42.96 -1.48
CA ASP E 237 -38.17 42.63 -2.77
C ASP E 237 -37.78 41.25 -3.23
N ASN E 238 -36.58 40.81 -2.89
CA ASN E 238 -36.13 39.52 -3.38
C ASN E 238 -36.59 38.39 -2.49
N ILE E 239 -36.87 38.69 -1.23
CA ILE E 239 -36.92 37.63 -0.23
C ILE E 239 -38.31 37.50 0.36
N SER E 240 -39.08 38.59 0.40
CA SER E 240 -40.47 38.43 0.81
C SER E 240 -41.31 37.55 -0.11
N PRO E 241 -41.07 37.43 -1.42
CA PRO E 241 -41.71 36.31 -2.12
C PRO E 241 -41.08 34.99 -1.80
N ARG E 242 -39.81 34.96 -1.41
CA ARG E 242 -39.27 33.73 -0.85
C ARG E 242 -39.85 33.49 0.53
N LEU E 243 -40.25 34.55 1.20
CA LEU E 243 -40.95 34.36 2.44
C LEU E 243 -42.37 33.92 2.19
N VAL E 244 -42.95 33.31 3.21
CA VAL E 244 -44.29 32.78 3.15
C VAL E 244 -45.19 33.74 3.93
N VAL E 245 -46.47 33.72 3.60
CA VAL E 245 -47.44 34.51 4.34
C VAL E 245 -48.42 33.61 5.06
N GLY F 1 13.97 5.62 15.47
CA GLY F 1 14.62 4.80 14.48
C GLY F 1 13.73 3.76 13.83
N HIS F 2 14.33 2.69 13.31
CA HIS F 2 13.60 1.57 12.72
C HIS F 2 12.82 0.81 13.79
N MET F 3 13.54 0.29 14.77
CA MET F 3 13.04 -0.79 15.60
C MET F 3 12.63 -0.22 16.95
N SER F 4 11.83 -0.98 17.69
CA SER F 4 11.58 -0.71 19.09
C SER F 4 11.84 -1.98 19.89
N LEU F 5 12.82 -1.94 20.78
CA LEU F 5 13.25 -3.12 21.52
C LEU F 5 12.91 -2.95 22.98
N SER F 6 13.13 -4.02 23.75
CA SER F 6 12.70 -4.00 25.13
C SER F 6 13.88 -3.76 26.06
N VAL F 7 13.56 -3.18 27.22
CA VAL F 7 14.56 -2.63 28.11
C VAL F 7 15.40 -3.73 28.73
N ALA F 8 14.77 -4.86 29.03
CA ALA F 8 15.47 -5.96 29.66
C ALA F 8 16.53 -6.54 28.74
N GLU F 9 16.24 -6.57 27.44
CA GLU F 9 17.27 -6.89 26.46
C GLU F 9 18.38 -5.87 26.49
N LYS F 10 17.99 -4.60 26.49
CA LYS F 10 18.90 -3.49 26.28
C LYS F 10 19.98 -3.45 27.34
N SER F 11 19.66 -3.88 28.54
CA SER F 11 20.72 -4.12 29.50
C SER F 11 21.60 -5.26 29.04
N TYR F 12 21.01 -6.45 28.85
CA TYR F 12 21.76 -7.65 28.49
C TYR F 12 22.54 -7.46 27.21
N LEU F 13 21.94 -6.78 26.25
CA LEU F 13 22.68 -6.46 25.04
C LEU F 13 23.82 -5.50 25.34
N TYR F 14 23.59 -4.54 26.22
CA TYR F 14 24.68 -3.65 26.59
C TYR F 14 25.62 -4.36 27.55
N ASP F 15 25.13 -5.40 28.20
CA ASP F 15 26.03 -6.20 29.03
C ASP F 15 26.98 -7.01 28.19
N SER F 16 26.41 -7.81 27.28
CA SER F 16 27.19 -8.85 26.62
C SER F 16 28.19 -8.26 25.65
N LEU F 17 27.85 -7.15 25.05
CA LEU F 17 28.76 -6.57 24.09
C LEU F 17 29.84 -5.79 24.80
N ALA F 18 29.53 -5.24 25.97
CA ALA F 18 30.57 -4.62 26.76
C ALA F 18 31.31 -5.59 27.63
N SER F 19 31.26 -6.88 27.32
CA SER F 19 32.12 -7.84 28.00
C SER F 19 33.57 -7.52 27.72
N THR F 20 34.43 -7.85 28.67
CA THR F 20 35.85 -7.65 28.42
C THR F 20 36.39 -8.75 27.51
N PRO F 21 36.00 -10.03 27.64
CA PRO F 21 35.99 -10.87 26.43
C PRO F 21 34.70 -10.61 25.67
N SER F 22 34.72 -9.58 24.82
CA SER F 22 33.51 -9.02 24.23
C SER F 22 32.77 -10.01 23.34
N ILE F 23 31.45 -9.93 23.39
CA ILE F 23 30.57 -10.93 22.80
C ILE F 23 29.57 -10.23 21.90
N ARG F 24 29.54 -10.62 20.64
CA ARG F 24 28.49 -10.10 19.77
C ARG F 24 27.21 -10.90 19.96
N PRO F 25 26.03 -10.36 19.59
CA PRO F 25 24.81 -11.18 19.66
C PRO F 25 24.83 -12.34 18.71
N ASP F 26 25.51 -12.23 17.59
CA ASP F 26 25.80 -13.36 16.73
CA ASP F 26 25.80 -13.36 16.73
C ASP F 26 27.16 -13.96 17.03
N GLY F 27 27.93 -13.34 17.92
CA GLY F 27 29.17 -13.89 18.39
C GLY F 27 30.29 -13.95 17.38
N ARG F 28 30.35 -13.03 16.42
CA ARG F 28 31.51 -12.95 15.55
C ARG F 28 32.72 -12.46 16.33
N LEU F 29 33.85 -12.52 15.69
CA LEU F 29 35.01 -11.81 16.21
C LEU F 29 34.77 -10.33 16.09
N PRO F 30 35.39 -9.50 16.95
CA PRO F 30 34.98 -8.10 17.05
C PRO F 30 35.23 -7.27 15.83
N HIS F 31 36.12 -7.76 14.98
CA HIS F 31 36.48 -7.08 13.77
C HIS F 31 35.79 -7.64 12.54
N GLN F 32 34.91 -8.62 12.67
CA GLN F 32 34.30 -9.26 11.50
C GLN F 32 33.26 -8.33 10.89
N PHE F 33 32.89 -8.62 9.66
CA PHE F 33 31.66 -8.05 9.12
C PHE F 33 30.66 -9.19 8.91
N ARG F 34 29.58 -8.87 8.24
CA ARG F 34 28.56 -9.88 7.99
C ARG F 34 28.57 -10.31 6.52
N PRO F 35 28.02 -11.49 6.21
CA PRO F 35 28.05 -11.95 4.81
C PRO F 35 27.14 -11.15 3.91
N ILE F 36 27.62 -10.87 2.70
CA ILE F 36 26.86 -10.10 1.73
C ILE F 36 26.94 -10.75 0.36
N GLU F 37 26.26 -10.12 -0.59
CA GLU F 37 26.22 -10.53 -1.98
C GLU F 37 26.38 -9.29 -2.84
N ILE F 38 27.12 -9.41 -3.94
CA ILE F 38 27.50 -8.26 -4.74
C ILE F 38 27.27 -8.57 -6.22
N PHE F 39 26.35 -7.86 -6.84
CA PHE F 39 26.01 -8.05 -8.24
C PHE F 39 26.22 -6.72 -8.97
N THR F 40 26.68 -6.79 -10.22
CA THR F 40 26.76 -5.59 -11.04
C THR F 40 26.38 -5.90 -12.48
N ASP F 41 26.51 -4.86 -13.31
CA ASP F 41 26.59 -4.97 -14.77
C ASP F 41 25.28 -5.53 -15.32
N PHE F 42 24.18 -5.07 -14.76
CA PHE F 42 22.91 -5.67 -15.10
C PHE F 42 21.90 -4.67 -15.62
N LEU F 43 22.26 -3.39 -15.66
CA LEU F 43 21.40 -2.40 -16.27
C LEU F 43 22.09 -1.95 -17.53
N PRO F 44 21.89 -2.63 -18.65
CA PRO F 44 22.72 -2.39 -19.83
C PRO F 44 22.41 -1.10 -20.53
N SER F 45 21.41 -0.34 -20.07
CA SER F 45 21.29 1.03 -20.53
C SER F 45 22.26 1.96 -19.82
N SER F 46 22.92 1.50 -18.77
CA SER F 46 23.74 2.38 -17.96
C SER F 46 25.21 2.21 -18.28
N ASN F 47 25.98 3.24 -17.94
CA ASN F 47 27.42 3.15 -17.95
C ASN F 47 27.93 2.11 -16.99
N GLY F 48 27.27 1.96 -15.86
CA GLY F 48 27.55 0.88 -14.93
C GLY F 48 26.37 0.67 -14.03
N SER F 49 26.28 -0.53 -13.46
CA SER F 49 25.20 -0.82 -12.53
C SER F 49 25.78 -1.58 -11.36
N SER F 50 24.95 -1.80 -10.34
CA SER F 50 25.40 -2.37 -9.09
C SER F 50 24.20 -2.88 -8.32
N ARG F 51 24.40 -3.96 -7.56
CA ARG F 51 23.32 -4.57 -6.81
C ARG F 51 23.92 -5.36 -5.67
N ILE F 52 23.53 -5.03 -4.45
CA ILE F 52 24.19 -5.54 -3.26
C ILE F 52 23.13 -6.02 -2.28
N ILE F 53 23.44 -7.09 -1.55
CA ILE F 53 22.47 -7.77 -0.71
C ILE F 53 23.03 -7.93 0.69
N ALA F 54 22.30 -7.46 1.69
CA ALA F 54 22.71 -7.58 3.07
C ALA F 54 22.20 -8.87 3.68
N SER F 55 22.69 -9.18 4.87
CA SER F 55 22.24 -10.35 5.59
C SER F 55 20.88 -10.15 6.24
N ASP F 56 20.56 -8.93 6.66
CA ASP F 56 19.24 -8.64 7.18
C ASP F 56 18.26 -8.28 6.09
N GLY F 57 18.65 -8.45 4.84
CA GLY F 57 17.79 -8.08 3.75
C GLY F 57 17.73 -6.60 3.48
N SER F 58 18.69 -5.82 3.96
CA SER F 58 18.79 -4.45 3.49
C SER F 58 19.25 -4.45 2.05
N GLU F 59 18.75 -3.52 1.25
CA GLU F 59 18.83 -3.66 -0.20
C GLU F 59 18.97 -2.33 -0.91
N CYS F 60 19.96 -2.24 -1.79
CA CYS F 60 20.18 -1.04 -2.58
C CYS F 60 20.71 -1.40 -3.95
N ILE F 61 20.55 -0.45 -4.87
CA ILE F 61 21.14 -0.48 -6.20
C ILE F 61 21.58 0.93 -6.54
N VAL F 62 22.82 1.06 -7.02
CA VAL F 62 23.36 2.34 -7.45
C VAL F 62 23.64 2.26 -8.94
N SER F 63 23.18 3.27 -9.67
CA SER F 63 23.31 3.35 -11.12
C SER F 63 24.40 4.32 -11.52
N ILE F 64 24.99 4.07 -12.68
CA ILE F 64 26.01 4.93 -13.23
C ILE F 64 25.55 5.39 -14.61
N LYS F 65 25.18 6.65 -14.73
CA LYS F 65 25.08 7.27 -16.01
C LYS F 65 26.11 8.38 -16.12
N SER F 66 26.66 8.52 -17.31
CA SER F 66 27.65 9.54 -17.58
C SER F 66 27.05 10.59 -18.51
N LYS F 67 27.88 11.58 -18.81
CA LYS F 67 27.52 12.70 -19.67
C LYS F 67 28.81 13.43 -19.99
N VAL F 68 28.95 13.90 -21.23
CA VAL F 68 30.11 14.69 -21.58
C VAL F 68 29.83 16.14 -21.24
N VAL F 69 30.82 16.81 -20.65
CA VAL F 69 30.70 18.21 -20.28
C VAL F 69 32.01 18.93 -20.51
N ASP F 70 31.90 20.25 -20.63
CA ASP F 70 33.02 21.17 -20.54
C ASP F 70 33.55 21.14 -19.11
N HIS F 71 34.81 20.77 -18.93
CA HIS F 71 35.27 20.75 -17.55
C HIS F 71 35.76 22.10 -17.06
N HIS F 72 35.55 23.17 -17.82
CA HIS F 72 35.92 24.48 -17.29
C HIS F 72 34.73 25.25 -16.77
N VAL F 73 33.58 25.15 -17.43
CA VAL F 73 32.42 25.88 -16.97
C VAL F 73 31.75 25.23 -15.78
N GLU F 74 32.16 24.02 -15.40
CA GLU F 74 31.53 23.33 -14.28
C GLU F 74 32.61 22.86 -13.32
N ASN F 75 32.37 23.06 -12.03
CA ASN F 75 33.37 22.67 -11.04
C ASN F 75 33.19 21.22 -10.64
N GLU F 76 32.00 20.86 -10.17
CA GLU F 76 31.77 19.48 -9.75
C GLU F 76 31.64 18.60 -10.97
N LEU F 77 32.62 17.74 -11.15
CA LEU F 77 32.67 16.82 -12.26
C LEU F 77 31.95 15.52 -11.93
N LEU F 78 31.55 15.34 -10.68
CA LEU F 78 31.05 14.05 -10.23
C LEU F 78 29.94 14.31 -9.22
N GLN F 79 28.76 13.77 -9.47
CA GLN F 79 27.58 14.08 -8.67
C GLN F 79 26.97 12.82 -8.10
N VAL F 80 26.60 12.88 -6.83
CA VAL F 80 25.91 11.80 -6.15
C VAL F 80 24.47 12.25 -5.93
N ASP F 81 23.52 11.35 -6.14
CA ASP F 81 22.11 11.63 -5.90
C ASP F 81 21.49 10.35 -5.36
N VAL F 82 20.77 10.44 -4.25
CA VAL F 82 20.42 9.27 -3.47
C VAL F 82 18.92 9.21 -3.33
N ASP F 83 18.36 8.00 -3.37
CA ASP F 83 16.96 7.80 -2.99
C ASP F 83 16.83 6.63 -2.02
N ILE F 84 16.13 6.89 -0.92
CA ILE F 84 15.73 5.86 0.02
C ILE F 84 14.25 5.62 -0.23
N ALA F 85 13.86 4.35 -0.30
CA ALA F 85 12.43 4.06 -0.37
C ALA F 85 11.77 4.37 0.96
N GLY F 86 10.52 4.77 0.91
CA GLY F 86 9.73 4.96 2.10
C GLY F 86 9.86 6.31 2.77
N GLN F 87 10.67 7.21 2.24
CA GLN F 87 10.94 8.46 2.93
C GLN F 87 10.72 9.66 2.03
N ARG F 88 10.51 10.79 2.68
CA ARG F 88 10.41 12.06 2.01
C ARG F 88 11.80 12.51 1.57
N ASP F 89 11.83 13.42 0.60
CA ASP F 89 13.06 14.13 0.30
C ASP F 89 13.57 14.93 1.51
N ASP F 90 12.66 15.44 2.34
CA ASP F 90 13.00 16.44 3.34
C ASP F 90 13.69 15.86 4.56
N ALA F 91 13.74 14.54 4.68
CA ALA F 91 14.14 13.92 5.93
C ALA F 91 15.64 14.06 6.16
N LEU F 92 16.05 13.76 7.39
CA LEU F 92 17.41 14.07 7.81
C LEU F 92 18.42 13.07 7.25
N VAL F 93 18.19 11.78 7.51
CA VAL F 93 19.16 10.72 7.24
C VAL F 93 19.40 10.61 5.74
N VAL F 94 18.39 10.98 4.96
CA VAL F 94 18.53 11.19 3.54
C VAL F 94 19.66 12.16 3.24
N GLU F 95 19.52 13.38 3.73
CA GLU F 95 20.29 14.50 3.19
C GLU F 95 21.72 14.45 3.66
N THR F 96 21.95 13.92 4.86
CA THR F 96 23.29 13.90 5.40
C THR F 96 24.15 12.88 4.66
N ILE F 97 23.62 11.68 4.50
CA ILE F 97 24.28 10.63 3.71
C ILE F 97 24.47 11.10 2.28
N THR F 98 23.49 11.83 1.76
CA THR F 98 23.58 12.41 0.44
C THR F 98 24.73 13.40 0.34
N SER F 99 24.78 14.33 1.29
CA SER F 99 25.82 15.34 1.27
C SER F 99 27.16 14.75 1.63
N LEU F 100 27.16 13.57 2.25
CA LEU F 100 28.40 12.97 2.69
C LEU F 100 29.23 12.51 1.51
N LEU F 101 28.62 11.74 0.61
CA LEU F 101 29.41 11.01 -0.36
C LEU F 101 29.92 11.93 -1.44
N ASN F 102 29.29 13.09 -1.59
CA ASN F 102 29.87 14.17 -2.35
C ASN F 102 31.22 14.58 -1.79
N LYS F 103 31.30 14.75 -0.47
CA LYS F 103 32.58 15.05 0.15
C LYS F 103 33.54 13.90 0.01
N VAL F 104 33.02 12.68 0.07
CA VAL F 104 33.87 11.50 -0.02
C VAL F 104 34.46 11.38 -1.41
N LEU F 105 33.75 11.89 -2.40
CA LEU F 105 34.21 11.81 -3.77
C LEU F 105 34.44 13.19 -4.35
N LYS F 106 35.07 14.06 -3.57
CA LYS F 106 35.58 15.29 -4.10
C LYS F 106 36.61 15.01 -5.18
N SER F 107 36.68 15.94 -6.14
CA SER F 107 37.18 15.66 -7.48
C SER F 107 38.68 15.37 -7.48
N GLY F 108 39.40 15.79 -6.45
CA GLY F 108 40.82 15.51 -6.37
C GLY F 108 41.25 15.08 -4.99
N SER F 109 40.32 14.57 -4.20
CA SER F 109 40.65 14.17 -2.84
C SER F 109 40.99 12.70 -2.82
N GLY F 110 40.12 11.89 -3.39
CA GLY F 110 40.41 10.49 -3.63
C GLY F 110 39.98 10.13 -5.04
N VAL F 111 39.55 11.13 -5.78
CA VAL F 111 39.06 10.95 -7.14
C VAL F 111 40.13 11.46 -8.09
N ASP F 112 40.41 10.70 -9.14
CA ASP F 112 41.50 11.03 -10.05
C ASP F 112 40.90 11.56 -11.34
N SER F 113 40.42 12.81 -11.28
CA SER F 113 39.65 13.43 -12.34
C SER F 113 40.41 13.61 -13.64
N SER F 114 41.74 13.48 -13.60
CA SER F 114 42.51 13.36 -14.82
C SER F 114 42.10 12.13 -15.62
N LYS F 115 41.77 11.04 -14.94
CA LYS F 115 41.21 9.90 -15.65
C LYS F 115 39.83 10.19 -16.20
N LEU F 116 39.11 11.12 -15.60
CA LEU F 116 37.85 11.54 -16.17
C LEU F 116 38.02 12.54 -17.30
N GLN F 117 39.21 13.08 -17.48
CA GLN F 117 39.39 14.19 -18.39
C GLN F 117 39.32 13.71 -19.83
N LEU F 118 38.45 14.34 -20.61
CA LEU F 118 38.34 14.04 -22.02
C LEU F 118 39.31 14.86 -22.85
N THR F 119 39.15 16.18 -22.86
CA THR F 119 40.02 17.01 -23.69
C THR F 119 40.70 18.05 -22.83
N LYS F 120 41.38 18.98 -23.49
CA LYS F 120 41.80 20.20 -22.80
C LYS F 120 40.63 21.11 -22.50
N LYS F 121 39.45 20.84 -23.04
CA LYS F 121 38.28 21.66 -22.81
C LYS F 121 37.13 20.88 -22.21
N TYR F 122 37.08 19.57 -22.40
CA TYR F 122 35.90 18.81 -22.04
C TYR F 122 36.25 17.65 -21.12
N SER F 123 35.22 17.12 -20.46
CA SER F 123 35.35 15.94 -19.64
C SER F 123 33.99 15.29 -19.42
N PHE F 124 33.92 14.44 -18.40
CA PHE F 124 32.79 13.56 -18.18
C PHE F 124 32.06 13.89 -16.89
N LYS F 125 30.82 14.35 -17.01
CA LYS F 125 29.99 14.44 -15.83
C LYS F 125 29.39 13.07 -15.58
N ILE F 126 29.47 12.63 -14.33
CA ILE F 126 29.08 11.29 -13.95
C ILE F 126 27.94 11.48 -12.98
N PHE F 127 27.11 10.47 -12.81
CA PHE F 127 25.99 10.55 -11.89
C PHE F 127 25.94 9.30 -11.02
N VAL F 128 26.27 9.46 -9.75
CA VAL F 128 26.11 8.40 -8.77
C VAL F 128 24.65 8.46 -8.34
N ASP F 129 23.85 7.55 -8.87
CA ASP F 129 22.41 7.61 -8.65
C ASP F 129 21.99 6.36 -7.90
N VAL F 130 21.37 6.56 -6.75
CA VAL F 130 21.28 5.56 -5.69
C VAL F 130 19.81 5.31 -5.37
N LEU F 131 19.43 4.04 -5.36
CA LEU F 131 18.10 3.65 -4.93
C LEU F 131 18.22 2.57 -3.87
N VAL F 132 17.89 2.91 -2.64
CA VAL F 132 17.87 1.96 -1.55
C VAL F 132 16.45 1.42 -1.45
N ILE F 133 16.30 0.11 -1.63
CA ILE F 133 15.03 -0.51 -1.34
C ILE F 133 14.75 -0.48 0.14
N SER F 134 15.57 -1.16 0.93
CA SER F 134 15.28 -1.23 2.34
C SER F 134 16.55 -1.17 3.14
N SER F 135 16.41 -0.74 4.37
CA SER F 135 17.50 -0.76 5.32
C SER F 135 16.90 -1.06 6.67
N HIS F 136 17.68 -1.69 7.51
CA HIS F 136 17.40 -1.64 8.92
C HIS F 136 18.56 -1.06 9.67
N SER F 137 19.50 -0.44 8.98
CA SER F 137 20.73 -0.02 9.60
C SER F 137 20.94 1.45 9.30
N HIS F 138 21.95 2.02 9.93
CA HIS F 138 22.49 3.26 9.43
C HIS F 138 23.23 2.85 8.17
N PRO F 139 22.68 3.08 6.99
CA PRO F 139 22.94 2.21 5.84
C PRO F 139 24.26 2.46 5.13
N ILE F 140 25.02 3.45 5.59
CA ILE F 140 25.97 4.15 4.72
C ILE F 140 27.11 3.27 4.23
N SER F 141 27.69 2.45 5.10
CA SER F 141 28.91 1.74 4.71
C SER F 141 28.59 0.60 3.75
N LEU F 142 27.35 0.12 3.76
CA LEU F 142 26.88 -0.74 2.70
C LEU F 142 26.92 -0.03 1.36
N ILE F 143 26.55 1.25 1.36
CA ILE F 143 26.24 1.94 0.12
C ILE F 143 27.50 2.22 -0.67
N SER F 144 28.60 2.48 0.04
CA SER F 144 29.88 2.69 -0.63
C SER F 144 30.33 1.45 -1.38
N PHE F 145 29.98 0.29 -0.85
CA PHE F 145 30.54 -0.98 -1.32
C PHE F 145 30.07 -1.29 -2.73
N ALA F 146 28.79 -1.08 -2.99
CA ALA F 146 28.27 -1.30 -4.32
C ALA F 146 28.82 -0.28 -5.30
N ILE F 147 29.01 0.94 -4.83
CA ILE F 147 29.54 2.01 -5.68
C ILE F 147 30.96 1.69 -6.09
N TYR F 148 31.73 1.10 -5.18
CA TYR F 148 33.08 0.65 -5.45
C TYR F 148 33.08 -0.37 -6.58
N SER F 149 32.13 -1.29 -6.51
CA SER F 149 31.98 -2.25 -7.59
C SER F 149 31.37 -1.59 -8.81
N ALA F 150 30.54 -0.56 -8.61
CA ALA F 150 29.90 0.11 -9.73
C ALA F 150 30.93 0.84 -10.58
N LEU F 151 31.89 1.47 -9.94
CA LEU F 151 32.97 2.10 -10.69
C LEU F 151 33.88 1.06 -11.30
N ASN F 152 33.96 -0.10 -10.69
CA ASN F 152 34.68 -1.22 -11.26
C ASN F 152 33.84 -1.98 -12.26
N SER F 153 32.68 -1.46 -12.63
CA SER F 153 31.85 -2.08 -13.64
C SER F 153 31.36 -1.04 -14.62
N THR F 154 32.21 -0.09 -14.99
CA THR F 154 31.76 1.02 -15.79
C THR F 154 32.68 1.22 -16.99
N TYR F 155 32.09 1.22 -18.17
CA TYR F 155 32.85 1.34 -19.41
C TYR F 155 32.46 2.65 -20.06
N LEU F 156 33.38 3.24 -20.78
CA LEU F 156 33.13 4.52 -21.42
C LEU F 156 33.58 4.54 -22.85
N PRO F 157 32.81 5.20 -23.71
CA PRO F 157 33.09 5.19 -25.15
C PRO F 157 34.39 5.93 -25.48
N LYS F 158 35.03 5.48 -26.54
CA LYS F 158 36.39 5.89 -26.84
C LYS F 158 36.41 7.19 -27.63
N LEU F 159 37.25 8.11 -27.20
CA LEU F 159 37.67 9.26 -27.98
C LEU F 159 38.22 8.85 -29.34
N ILE F 160 37.78 9.55 -30.38
CA ILE F 160 38.39 9.43 -31.70
C ILE F 160 39.31 10.61 -32.01
N SER F 161 38.76 11.82 -32.04
CA SER F 161 39.53 12.96 -32.53
C SER F 161 40.53 13.46 -31.48
N ALA F 162 41.15 14.60 -31.78
CA ALA F 162 42.17 15.14 -30.89
C ALA F 162 41.53 15.87 -29.72
N PHE F 163 42.36 16.44 -28.86
CA PHE F 163 41.84 16.94 -27.59
C PHE F 163 42.26 18.36 -27.25
N ASP F 164 42.76 19.12 -28.22
CA ASP F 164 43.23 20.47 -27.95
C ASP F 164 42.33 21.48 -28.69
N ASP F 165 41.30 21.93 -27.98
CA ASP F 165 40.25 22.73 -28.62
C ASP F 165 40.40 24.20 -28.31
N LEU F 166 41.59 24.65 -27.92
CA LEU F 166 41.77 26.07 -27.66
C LEU F 166 41.87 26.84 -28.97
N GLU F 167 42.70 26.36 -29.90
CA GLU F 167 42.82 27.03 -31.18
C GLU F 167 41.75 26.51 -32.11
N VAL F 168 41.76 25.20 -32.37
CA VAL F 168 40.97 24.68 -33.49
C VAL F 168 39.51 24.48 -33.07
N GLU F 169 39.26 24.24 -31.77
CA GLU F 169 37.93 24.10 -31.17
C GLU F 169 37.10 23.01 -31.85
N GLU F 170 37.64 21.79 -31.86
CA GLU F 170 36.95 20.67 -32.48
C GLU F 170 35.85 20.15 -31.59
N LEU F 171 34.83 19.60 -32.20
CA LEU F 171 33.76 18.98 -31.44
C LEU F 171 34.08 17.50 -31.29
N PRO F 172 34.29 17.00 -30.07
CA PRO F 172 34.86 15.65 -29.88
C PRO F 172 34.00 14.49 -30.32
N THR F 173 34.65 13.44 -30.77
CA THR F 173 34.01 12.36 -31.51
C THR F 173 34.26 11.03 -30.85
N PHE F 174 33.22 10.23 -30.72
CA PHE F 174 33.33 8.91 -30.12
C PHE F 174 32.98 7.80 -31.10
N HIS F 175 33.72 6.70 -30.94
CA HIS F 175 33.40 5.47 -31.65
C HIS F 175 32.13 4.87 -31.05
N ASP F 176 31.44 4.06 -31.84
CA ASP F 176 30.10 3.67 -31.49
C ASP F 176 30.04 2.29 -30.83
N TYR F 177 31.17 1.61 -30.71
CA TYR F 177 31.19 0.27 -30.15
C TYR F 177 32.32 0.13 -29.14
N ASP F 178 33.35 0.93 -29.32
CA ASP F 178 34.56 0.73 -28.55
C ASP F 178 34.46 1.45 -27.22
N MET F 179 34.29 0.69 -26.15
CA MET F 179 34.28 1.29 -24.83
C MET F 179 35.53 0.91 -24.08
N VAL F 180 35.94 1.77 -23.18
CA VAL F 180 37.07 1.49 -22.31
C VAL F 180 36.60 1.62 -20.87
N LYS F 181 37.13 0.76 -20.01
CA LYS F 181 36.81 0.81 -18.60
C LYS F 181 37.38 2.06 -17.97
N LEU F 182 36.60 2.68 -17.10
CA LEU F 182 37.11 3.75 -16.26
C LEU F 182 38.11 3.18 -15.28
N ASP F 183 39.38 3.53 -15.46
CA ASP F 183 40.38 3.30 -14.43
C ASP F 183 40.13 4.30 -13.32
N ILE F 184 40.02 3.81 -12.09
CA ILE F 184 39.68 4.65 -10.96
C ILE F 184 40.09 3.94 -9.68
N ASN F 185 40.41 4.71 -8.64
CA ASN F 185 40.67 4.19 -7.30
C ASN F 185 39.59 4.74 -6.38
N PRO F 186 38.45 4.06 -6.26
CA PRO F 186 37.34 4.59 -5.48
C PRO F 186 37.58 4.36 -4.00
N PRO F 187 36.97 5.17 -3.14
CA PRO F 187 37.18 5.01 -1.70
C PRO F 187 36.21 4.01 -1.09
N LEU F 188 36.39 3.76 0.20
CA LEU F 188 35.46 2.96 0.99
C LEU F 188 35.21 3.56 2.37
N VAL F 189 34.08 3.17 2.94
CA VAL F 189 33.48 3.79 4.11
C VAL F 189 33.18 2.67 5.08
N PHE F 190 33.43 2.89 6.36
CA PHE F 190 33.18 1.86 7.34
C PHE F 190 32.47 2.43 8.56
N ILE F 191 31.41 1.74 8.97
CA ILE F 191 30.62 2.13 10.12
C ILE F 191 31.22 1.51 11.37
N LEU F 192 31.38 2.32 12.40
CA LEU F 192 31.93 1.86 13.66
C LEU F 192 30.97 2.19 14.77
N ALA F 193 31.28 1.64 15.95
CA ALA F 193 30.46 1.81 17.14
C ALA F 193 31.31 1.56 18.38
N VAL F 194 31.00 2.29 19.43
CA VAL F 194 31.75 2.21 20.67
C VAL F 194 30.79 1.77 21.77
N VAL F 195 31.11 0.64 22.40
CA VAL F 195 30.37 0.15 23.54
C VAL F 195 31.38 -0.08 24.64
N GLY F 196 31.28 0.71 25.71
CA GLY F 196 32.08 0.52 26.89
C GLY F 196 33.54 0.70 26.62
N ASN F 197 34.24 -0.42 26.52
CA ASN F 197 35.62 -0.43 26.04
C ASN F 197 35.79 -1.33 24.85
N ASN F 198 34.77 -1.51 24.05
CA ASN F 198 34.86 -2.40 22.91
C ASN F 198 34.45 -1.68 21.64
N MET F 199 34.99 -2.12 20.51
CA MET F 199 34.71 -1.49 19.23
C MET F 199 34.40 -2.55 18.21
N LEU F 200 33.13 -2.67 17.86
CA LEU F 200 32.73 -3.67 16.89
C LEU F 200 32.83 -3.10 15.50
N LEU F 201 32.90 -4.00 14.55
CA LEU F 201 32.96 -3.65 13.15
C LEU F 201 31.73 -4.24 12.48
N ASP F 202 31.20 -3.51 11.50
CA ASP F 202 29.89 -3.71 10.88
C ASP F 202 28.82 -3.87 11.95
N PRO F 203 28.40 -2.77 12.58
CA PRO F 203 27.30 -2.87 13.54
C PRO F 203 26.01 -3.26 12.86
N ALA F 204 25.49 -4.42 13.24
CA ALA F 204 24.12 -4.77 12.93
C ALA F 204 23.19 -3.92 13.77
N ALA F 205 21.89 -3.99 13.45
CA ALA F 205 20.91 -3.01 13.95
C ALA F 205 20.76 -3.08 15.45
N ASN F 206 20.77 -4.30 15.99
CA ASN F 206 20.84 -4.47 17.44
C ASN F 206 22.12 -3.89 18.01
N GLU F 207 23.26 -4.22 17.39
CA GLU F 207 24.53 -3.65 17.79
C GLU F 207 24.52 -2.15 17.55
N SER F 208 23.85 -1.72 16.48
CA SER F 208 23.76 -0.30 16.20
C SER F 208 22.88 0.40 17.21
N GLU F 209 21.95 -0.33 17.82
CA GLU F 209 21.05 0.35 18.73
C GLU F 209 21.72 0.66 20.05
N VAL F 210 22.44 -0.30 20.62
CA VAL F 210 22.86 -0.18 22.00
C VAL F 210 24.10 0.67 22.17
N ALA F 211 24.65 1.20 21.09
CA ALA F 211 25.99 1.77 21.16
C ALA F 211 26.01 3.09 21.90
N ASN F 212 27.13 3.35 22.55
CA ASN F 212 27.31 4.67 23.15
C ASN F 212 27.50 5.71 22.07
N ASN F 213 28.38 5.45 21.12
CA ASN F 213 28.57 6.34 19.99
C ASN F 213 29.25 5.56 18.89
N GLY F 214 29.28 6.12 17.68
CA GLY F 214 29.90 5.46 16.56
C GLY F 214 30.62 6.41 15.64
N LEU F 215 31.35 5.82 14.70
CA LEU F 215 32.21 6.55 13.77
C LEU F 215 31.88 6.21 12.33
N ILE F 216 32.39 7.05 11.45
CA ILE F 216 32.49 6.77 10.03
C ILE F 216 33.88 7.17 9.58
N ILE F 217 34.60 6.24 8.99
CA ILE F 217 36.00 6.42 8.64
C ILE F 217 36.15 6.22 7.15
N SER F 218 36.76 7.19 6.50
CA SER F 218 36.94 7.11 5.06
C SER F 218 38.23 6.41 4.72
N TRP F 219 38.09 5.33 3.96
CA TRP F 219 39.23 4.58 3.48
C TRP F 219 39.39 4.93 2.02
N SER F 220 40.60 5.24 1.61
CA SER F 220 40.86 5.40 0.19
C SER F 220 42.32 5.07 -0.05
N ASN F 221 42.60 4.56 -1.24
CA ASN F 221 43.95 4.47 -1.80
C ASN F 221 44.83 3.54 -0.98
N GLY F 222 44.22 2.61 -0.26
CA GLY F 222 45.00 1.82 0.64
C GLY F 222 45.41 2.53 1.90
N LYS F 223 44.59 3.46 2.40
CA LYS F 223 44.89 4.10 3.67
C LYS F 223 43.64 4.77 4.23
N ILE F 224 43.81 5.30 5.44
CA ILE F 224 42.80 6.14 6.07
C ILE F 224 42.85 7.51 5.42
N THR F 225 41.69 8.13 5.24
CA THR F 225 41.63 9.53 4.83
C THR F 225 40.35 10.18 5.32
N SER F 226 40.19 11.45 4.95
CA SER F 226 38.98 12.19 5.25
C SER F 226 37.91 11.81 4.23
N PRO F 227 36.62 12.10 4.49
CA PRO F 227 35.89 12.69 5.63
C PRO F 227 35.71 11.70 6.75
N ILE F 228 35.85 12.16 7.98
CA ILE F 228 35.69 11.30 9.15
C ILE F 228 34.74 11.98 10.12
N ARG F 229 33.68 11.29 10.50
CA ARG F 229 32.69 11.83 11.39
C ARG F 229 32.35 10.84 12.50
N SER F 230 32.47 11.31 13.73
CA SER F 230 31.76 10.74 14.85
C SER F 230 30.27 10.81 14.57
N VAL F 231 29.55 9.75 14.89
CA VAL F 231 28.16 9.69 14.47
C VAL F 231 27.29 8.92 15.45
N ALA F 232 26.18 9.55 15.82
CA ALA F 232 25.16 8.96 16.66
C ALA F 232 24.41 7.90 15.87
N LEU F 233 24.03 6.82 16.55
CA LEU F 233 23.13 5.87 15.94
C LEU F 233 21.72 5.99 16.49
N ASN F 234 21.56 5.78 17.78
CA ASN F 234 20.32 6.09 18.48
C ASN F 234 20.44 7.50 19.03
N ASP F 235 19.56 7.87 19.95
CA ASP F 235 19.84 9.01 20.79
C ASP F 235 19.35 8.82 22.21
N SER F 236 19.17 7.58 22.64
CA SER F 236 18.82 7.31 24.02
C SER F 236 20.01 6.86 24.85
N ASN F 237 21.15 6.63 24.21
CA ASN F 237 22.26 6.00 24.90
C ASN F 237 23.57 6.65 24.49
N VAL F 238 23.56 7.97 24.31
CA VAL F 238 24.70 8.65 23.71
C VAL F 238 25.69 9.02 24.80
N LYS F 239 26.84 8.36 24.82
CA LYS F 239 27.86 8.66 25.80
C LYS F 239 29.13 9.12 25.11
N SER F 240 29.95 9.84 25.88
CA SER F 240 31.23 10.32 25.40
C SER F 240 32.27 9.21 25.46
N PHE F 241 33.52 9.58 25.24
CA PHE F 241 34.50 8.61 24.80
C PHE F 241 35.93 9.08 25.02
N LYS F 242 36.76 8.13 25.45
CA LYS F 242 38.19 8.35 25.56
C LYS F 242 38.82 8.42 24.18
N PRO F 243 39.77 9.32 24.00
CA PRO F 243 40.30 9.54 22.66
C PRO F 243 41.22 8.45 22.19
N HIS F 244 41.83 7.68 23.09
CA HIS F 244 42.71 6.64 22.63
C HIS F 244 41.91 5.50 22.04
N LEU F 245 40.67 5.33 22.51
CA LEU F 245 39.72 4.44 21.86
C LEU F 245 39.44 4.90 20.45
N LEU F 246 39.28 6.22 20.27
CA LEU F 246 39.26 6.78 18.94
C LEU F 246 40.58 6.54 18.23
N LYS F 247 41.68 6.67 18.95
CA LYS F 247 42.96 6.33 18.33
C LYS F 247 43.09 4.84 18.10
N GLN F 248 42.37 4.03 18.87
CA GLN F 248 42.48 2.59 18.72
C GLN F 248 41.84 2.12 17.42
N GLY F 249 40.70 2.71 17.06
CA GLY F 249 39.89 2.13 16.01
C GLY F 249 40.49 2.30 14.63
N LEU F 250 41.39 3.26 14.50
CA LEU F 250 41.89 3.65 13.19
C LEU F 250 42.70 2.54 12.56
N ALA F 251 43.71 2.05 13.27
CA ALA F 251 44.44 0.89 12.79
C ALA F 251 43.59 -0.37 12.91
N MET F 252 42.64 -0.39 13.86
CA MET F 252 41.71 -1.49 13.97
C MET F 252 40.87 -1.62 12.72
N VAL F 253 40.50 -0.48 12.15
CA VAL F 253 40.02 -0.49 10.77
C VAL F 253 41.13 -0.93 9.84
N GLU F 254 42.29 -0.27 9.94
CA GLU F 254 43.25 -0.29 8.86
C GLU F 254 43.92 -1.64 8.69
N LYS F 255 44.24 -2.36 9.76
CA LYS F 255 44.84 -3.66 9.58
C LYS F 255 43.84 -4.75 9.20
N TYR F 256 42.56 -4.41 9.08
CA TYR F 256 41.60 -5.33 8.48
C TYR F 256 40.95 -4.75 7.25
N ALA F 257 41.21 -3.49 6.95
CA ALA F 257 40.57 -2.88 5.79
C ALA F 257 40.96 -3.53 4.46
N PRO F 258 42.24 -3.68 4.08
CA PRO F 258 42.51 -4.10 2.71
C PRO F 258 42.16 -5.54 2.44
N ASP F 259 42.03 -6.33 3.49
CA ASP F 259 41.58 -7.70 3.32
C ASP F 259 40.14 -7.74 2.87
N VAL F 260 39.33 -6.81 3.37
CA VAL F 260 38.00 -6.63 2.83
C VAL F 260 38.10 -6.08 1.42
N VAL F 261 39.05 -5.16 1.21
CA VAL F 261 39.23 -4.58 -0.11
C VAL F 261 39.70 -5.63 -1.09
N ARG F 262 40.70 -6.44 -0.70
CA ARG F 262 41.23 -7.47 -1.60
C ARG F 262 40.18 -8.53 -1.89
N SER F 263 39.31 -8.80 -0.93
CA SER F 263 38.16 -9.66 -1.17
C SER F 263 37.24 -9.09 -2.23
N LEU F 264 37.17 -7.77 -2.35
CA LEU F 264 36.42 -7.11 -3.39
C LEU F 264 37.30 -6.65 -4.56
N GLU F 265 38.60 -6.40 -4.33
CA GLU F 265 39.58 -6.20 -5.40
C GLU F 265 39.80 -7.45 -6.23
N ASN F 266 39.54 -8.62 -5.63
CA ASN F 266 39.28 -9.86 -6.35
C ASN F 266 38.32 -9.60 -7.50
N LEU F 267 38.66 -10.10 -8.68
CA LEU F 267 37.81 -9.86 -9.85
C LEU F 267 36.79 -10.98 -10.02
N GLN G 4 6.13 30.29 -11.51
CA GLN G 4 7.10 30.05 -10.44
C GLN G 4 6.43 29.79 -9.12
N ASP G 5 6.94 30.42 -8.08
CA ASP G 5 6.38 30.29 -6.75
C ASP G 5 5.28 31.32 -6.56
N ARG G 6 4.07 30.83 -6.42
CA ARG G 6 2.88 31.65 -6.29
C ARG G 6 2.67 32.17 -4.88
N ARG G 7 3.60 31.91 -3.98
CA ARG G 7 3.46 32.30 -2.60
C ARG G 7 4.29 33.51 -2.23
N ARG G 8 5.13 34.01 -3.12
CA ARG G 8 6.09 35.05 -2.76
C ARG G 8 6.22 36.07 -3.88
N LEU G 9 6.93 37.15 -3.57
CA LEU G 9 7.26 38.21 -4.52
C LEU G 9 8.69 37.98 -4.97
N LEU G 10 8.86 37.45 -6.17
CA LEU G 10 10.21 37.21 -6.68
C LEU G 10 10.54 38.04 -7.91
N GLY G 11 9.74 39.06 -8.20
CA GLY G 11 10.02 39.90 -9.34
C GLY G 11 9.59 39.28 -10.65
N PRO G 12 9.75 40.04 -11.73
CA PRO G 12 9.65 39.43 -13.05
C PRO G 12 10.82 38.50 -13.31
N ALA G 13 10.54 37.42 -14.04
CA ALA G 13 11.46 36.30 -14.13
C ALA G 13 12.71 36.62 -14.92
N ALA G 14 12.58 37.40 -15.98
CA ALA G 14 13.70 37.61 -16.90
C ALA G 14 14.78 38.53 -16.35
N ALA G 15 14.60 39.07 -15.15
CA ALA G 15 15.68 39.82 -14.54
C ALA G 15 16.76 38.87 -14.04
N LYS G 16 17.93 39.42 -13.77
CA LYS G 16 18.99 38.68 -13.14
C LYS G 16 19.73 39.54 -12.13
N PRO G 17 20.31 38.94 -11.09
CA PRO G 17 21.09 39.72 -10.14
C PRO G 17 22.37 40.25 -10.77
N MET G 18 23.05 41.11 -10.04
CA MET G 18 24.15 41.87 -10.61
C MET G 18 25.45 41.10 -10.49
N ALA G 19 26.39 41.37 -11.39
CA ALA G 19 27.60 40.57 -11.54
C ALA G 19 28.83 41.46 -11.46
N PHE G 20 29.92 40.88 -10.95
CA PHE G 20 31.16 41.59 -10.72
C PHE G 20 32.34 40.71 -11.13
N SER G 21 33.47 41.34 -11.40
CA SER G 21 34.68 40.59 -11.67
C SER G 21 35.87 41.32 -11.09
N ASN G 22 37.05 40.78 -11.34
CA ASN G 22 38.28 41.31 -10.78
C ASN G 22 38.76 42.46 -11.64
N THR G 23 39.07 43.58 -10.99
CA THR G 23 39.60 44.75 -11.66
C THR G 23 40.87 45.24 -10.96
N GLU G 41 50.38 31.70 14.14
CA GLU G 41 49.04 31.47 14.69
C GLU G 41 48.32 32.79 14.98
N SER G 42 47.11 32.91 14.46
CA SER G 42 46.36 34.17 14.46
C SER G 42 45.27 34.13 15.51
N GLU G 43 44.63 35.27 15.73
CA GLU G 43 43.67 35.37 16.81
C GLU G 43 42.25 35.33 16.31
N GLN G 44 41.42 34.66 17.09
CA GLN G 44 39.97 34.66 16.96
C GLN G 44 39.46 35.48 18.13
N GLU G 45 38.22 35.93 18.07
CA GLU G 45 37.76 36.94 19.00
C GLU G 45 36.24 36.93 19.08
N LEU G 46 35.69 37.18 20.26
CA LEU G 46 34.27 37.00 20.51
C LEU G 46 33.62 38.23 21.09
N SER G 47 32.28 38.21 21.09
CA SER G 47 31.46 39.16 21.83
C SER G 47 30.09 38.54 22.12
N LEU G 48 29.93 38.04 23.34
CA LEU G 48 28.88 37.06 23.62
C LEU G 48 27.82 37.70 24.48
N HIS G 49 26.57 37.55 24.07
CA HIS G 49 25.50 38.29 24.73
C HIS G 49 24.25 37.45 24.79
N THR G 50 23.51 37.55 25.89
CA THR G 50 22.30 36.79 26.09
C THR G 50 21.15 37.73 26.38
N GLY G 51 19.95 37.16 26.53
CA GLY G 51 18.78 37.83 27.05
C GLY G 51 18.31 39.03 26.25
N PHE G 52 17.92 38.79 25.01
CA PHE G 52 17.59 39.87 24.11
C PHE G 52 16.46 39.51 23.15
N ILE G 53 15.85 38.35 23.33
CA ILE G 53 14.73 37.91 22.51
C ILE G 53 13.61 37.54 23.45
N GLU G 54 12.43 38.10 23.22
CA GLU G 54 11.37 37.88 24.18
C GLU G 54 10.38 36.85 23.70
N ASN G 55 10.52 36.43 22.45
CA ASN G 55 9.78 35.25 22.03
C ASN G 55 10.33 34.01 22.70
N CYS G 56 11.64 33.93 22.85
CA CYS G 56 12.28 32.70 23.24
C CYS G 56 12.24 32.56 24.74
N ASN G 57 12.92 31.55 25.23
CA ASN G 57 13.31 31.55 26.63
C ASN G 57 14.80 31.45 26.75
N GLY G 58 15.48 31.16 25.64
CA GLY G 58 16.93 31.15 25.59
C GLY G 58 17.44 31.83 24.34
N SER G 59 18.28 32.84 24.50
CA SER G 59 18.84 33.56 23.38
C SER G 59 20.34 33.67 23.60
N ALA G 60 21.08 33.78 22.51
CA ALA G 60 22.51 33.99 22.61
C ALA G 60 22.98 34.74 21.38
N LEU G 61 23.91 35.66 21.58
CA LEU G 61 24.43 36.45 20.48
C LEU G 61 25.92 36.20 20.39
N VAL G 62 26.42 36.06 19.17
CA VAL G 62 27.82 35.75 18.93
C VAL G 62 28.35 36.67 17.84
N GLU G 63 29.38 37.44 18.17
CA GLU G 63 30.24 38.06 17.18
C GLU G 63 31.52 37.24 17.09
N ALA G 64 32.05 37.11 15.88
CA ALA G 64 33.34 36.49 15.66
C ALA G 64 34.07 37.27 14.59
N ARG G 65 35.39 37.42 14.73
CA ARG G 65 36.22 38.13 13.76
C ARG G 65 37.62 37.53 13.82
N SER G 66 38.11 37.02 12.68
CA SER G 66 39.43 36.41 12.69
C SER G 66 40.07 36.52 11.32
N LEU G 67 40.93 37.53 11.17
CA LEU G 67 42.03 37.67 10.21
C LEU G 67 41.64 37.89 8.75
N GLY G 68 40.47 37.44 8.34
CA GLY G 68 39.95 37.86 7.06
C GLY G 68 38.45 37.70 7.13
N HIS G 69 37.99 37.34 8.32
CA HIS G 69 36.77 36.59 8.41
C HIS G 69 36.01 37.09 9.62
N GLN G 70 34.84 37.66 9.39
CA GLN G 70 34.03 38.19 10.46
C GLN G 70 32.64 37.59 10.34
N THR G 71 32.11 37.14 11.48
CA THR G 71 30.97 36.24 11.47
C THR G 71 30.06 36.54 12.64
N SER G 72 28.76 36.61 12.37
CA SER G 72 27.76 36.85 13.42
C SER G 72 26.54 35.97 13.16
N LEU G 73 25.98 35.42 14.23
CA LEU G 73 24.99 34.36 14.16
C LEU G 73 24.18 34.30 15.45
N ILE G 74 22.97 33.79 15.35
CA ILE G 74 21.99 33.85 16.44
C ILE G 74 21.44 32.46 16.69
N SER G 75 21.41 32.05 17.95
CA SER G 75 20.86 30.77 18.38
C SER G 75 19.63 30.99 19.26
N ALA G 76 18.52 30.33 18.89
CA ALA G 76 17.20 30.59 19.45
C ALA G 76 16.59 29.33 20.04
N VAL G 77 15.96 29.47 21.20
CA VAL G 77 15.47 28.34 21.98
C VAL G 77 13.96 28.44 22.08
N TYR G 78 13.27 27.34 21.82
CA TYR G 78 11.89 27.21 22.22
C TYR G 78 11.74 25.86 22.90
N GLY G 79 11.30 25.90 24.15
CA GLY G 79 11.17 24.71 24.94
C GLY G 79 10.67 25.03 26.32
N PRO G 80 10.07 24.06 27.00
CA PRO G 80 9.69 22.78 26.43
C PRO G 80 8.34 22.87 25.73
N ARG G 81 8.31 22.57 24.45
CA ARG G 81 7.07 22.61 23.70
C ARG G 81 6.42 21.24 23.78
N SER G 82 5.10 21.23 23.66
CA SER G 82 4.37 19.98 23.77
C SER G 82 4.54 19.16 22.50
N ILE G 83 4.39 17.86 22.64
CA ILE G 83 4.54 16.91 21.54
C ILE G 83 3.19 16.30 21.27
N ARG G 84 2.65 16.54 20.08
CA ARG G 84 1.36 15.99 19.74
C ARG G 84 1.47 14.53 19.31
N GLY G 85 2.69 14.01 19.20
CA GLY G 85 2.88 12.67 18.65
C GLY G 85 2.42 11.56 19.57
N SER G 86 3.17 11.31 20.65
CA SER G 86 2.91 10.17 21.52
C SER G 86 3.69 10.33 22.80
N PHE G 87 3.75 9.26 23.58
CA PHE G 87 4.55 9.28 24.78
C PHE G 87 6.02 9.05 24.47
N THR G 88 6.88 9.80 25.17
CA THR G 88 8.29 9.46 25.28
C THR G 88 8.67 9.50 26.74
N SER G 89 9.71 8.78 27.10
CA SER G 89 10.26 8.87 28.45
C SER G 89 10.89 10.22 28.69
N GLN G 90 11.39 10.86 27.64
CA GLN G 90 12.28 11.98 27.84
C GLN G 90 12.25 12.92 26.64
N GLY G 91 13.17 13.90 26.67
CA GLY G 91 13.08 15.01 25.77
C GLY G 91 13.61 14.72 24.39
N THR G 92 13.41 15.68 23.50
CA THR G 92 13.73 15.53 22.09
C THR G 92 14.17 16.88 21.51
N ILE G 93 15.25 16.86 20.77
CA ILE G 93 15.93 18.07 20.33
C ILE G 93 15.63 18.28 18.85
N SER G 94 15.44 19.53 18.45
CA SER G 94 15.22 19.88 17.06
C SER G 94 16.01 21.12 16.71
N ILE G 95 16.79 21.05 15.63
CA ILE G 95 17.84 22.00 15.31
C ILE G 95 17.69 22.47 13.87
N GLN G 96 17.68 23.78 13.66
CA GLN G 96 17.55 24.37 12.33
C GLN G 96 18.69 25.31 12.02
N LEU G 97 19.30 25.12 10.86
CA LEU G 97 20.32 26.02 10.35
C LEU G 97 19.74 26.76 9.17
N LYS G 98 19.77 28.08 9.21
CA LYS G 98 19.16 28.85 8.15
C LYS G 98 20.11 29.95 7.69
N ASN G 99 20.21 30.14 6.38
CA ASN G 99 21.02 31.19 5.82
C ASN G 99 20.50 32.55 6.22
N GLY G 100 21.42 33.45 6.52
CA GLY G 100 21.10 34.83 6.76
C GLY G 100 21.08 35.59 5.46
N LEU G 101 21.95 36.59 5.38
CA LEU G 101 21.80 37.57 4.33
C LEU G 101 22.66 37.25 3.12
N LEU G 102 23.97 37.14 3.29
CA LEU G 102 24.88 37.06 2.16
C LEU G 102 25.31 35.63 1.86
N GLU G 103 25.93 34.97 2.81
CA GLU G 103 26.52 33.68 2.53
C GLU G 103 25.42 32.65 2.36
N LYS G 104 25.54 31.86 1.32
CA LYS G 104 24.55 30.84 1.05
C LYS G 104 25.25 29.50 1.03
N TYR G 105 25.13 28.79 2.14
CA TYR G 105 25.61 27.43 2.16
C TYR G 105 24.52 26.52 1.63
N ASN G 106 24.95 25.37 1.14
CA ASN G 106 24.05 24.47 0.45
C ASN G 106 23.07 23.83 1.41
N THR G 107 21.93 23.42 0.87
CA THR G 107 20.86 22.84 1.68
C THR G 107 21.28 21.56 2.34
N ASN G 108 21.80 20.62 1.56
CA ASN G 108 22.24 19.36 2.12
C ASN G 108 23.50 19.55 2.94
N GLU G 109 24.25 20.61 2.64
CA GLU G 109 25.37 20.98 3.48
C GLU G 109 24.92 21.38 4.88
N LEU G 110 23.72 21.95 4.99
CA LEU G 110 23.24 22.38 6.29
C LEU G 110 22.95 21.22 7.21
N LYS G 111 22.12 20.30 6.77
CA LYS G 111 21.52 19.37 7.70
C LYS G 111 22.52 18.35 8.21
N GLU G 112 23.59 18.13 7.44
CA GLU G 112 24.70 17.31 7.91
C GLU G 112 25.28 17.87 9.19
N VAL G 113 25.44 19.18 9.24
CA VAL G 113 25.87 19.81 10.46
C VAL G 113 24.82 19.65 11.55
N SER G 114 23.54 19.80 11.17
CA SER G 114 22.45 19.61 12.12
C SER G 114 22.44 18.20 12.67
N SER G 115 22.82 17.23 11.84
CA SER G 115 23.03 15.89 12.36
C SER G 115 24.19 15.88 13.33
N PHE G 116 25.27 16.57 12.99
CA PHE G 116 26.43 16.53 13.85
C PHE G 116 26.21 17.31 15.11
N LEU G 117 25.33 18.29 15.06
CA LEU G 117 24.96 19.01 16.25
C LEU G 117 24.29 18.13 17.28
N MET G 118 23.29 17.36 16.88
CA MET G 118 22.43 16.69 17.84
C MET G 118 23.15 15.63 18.63
N GLY G 119 24.20 15.04 18.04
CA GLY G 119 24.90 13.96 18.69
C GLY G 119 25.60 14.41 19.96
N ILE G 120 26.11 15.62 19.96
CA ILE G 120 26.85 16.09 21.11
C ILE G 120 25.92 16.41 22.27
N PHE G 121 24.82 17.10 21.97
CA PHE G 121 23.90 17.48 23.04
C PHE G 121 23.16 16.29 23.61
N ASN G 122 23.10 15.22 22.86
CA ASN G 122 22.64 13.96 23.43
C ASN G 122 23.67 13.31 24.33
N SER G 123 24.87 13.86 24.44
CA SER G 123 25.66 13.64 25.63
C SER G 123 25.71 14.85 26.52
N VAL G 124 24.73 15.74 26.48
CA VAL G 124 24.70 16.91 27.32
C VAL G 124 23.44 16.99 28.15
N VAL G 125 22.28 16.91 27.51
CA VAL G 125 21.05 17.39 28.12
C VAL G 125 20.41 16.29 28.94
N ASN G 126 19.98 16.64 30.16
CA ASN G 126 19.17 15.75 30.97
C ASN G 126 17.77 15.71 30.34
N LEU G 127 17.64 14.89 29.31
CA LEU G 127 16.33 14.65 28.75
C LEU G 127 15.44 13.93 29.73
N SER G 128 16.02 13.09 30.58
CA SER G 128 15.29 12.38 31.61
C SER G 128 14.61 13.33 32.59
N ARG G 129 15.09 14.56 32.70
CA ARG G 129 14.35 15.56 33.44
C ARG G 129 13.11 16.04 32.68
N TYR G 130 13.05 15.82 31.39
CA TYR G 130 12.01 16.43 30.58
C TYR G 130 11.27 15.38 29.77
N PRO G 131 10.35 14.66 30.39
CA PRO G 131 9.52 13.74 29.63
C PRO G 131 8.56 14.50 28.76
N LYS G 132 8.21 13.88 27.63
CA LYS G 132 7.26 14.32 26.61
C LYS G 132 7.36 15.79 26.25
N SER G 133 8.58 16.29 26.18
CA SER G 133 8.83 17.71 26.02
C SER G 133 9.82 17.94 24.90
N GLY G 134 9.59 18.99 24.14
CA GLY G 134 10.39 19.22 22.96
C GLY G 134 11.42 20.30 23.12
N ILE G 135 12.42 20.29 22.25
CA ILE G 135 13.48 21.29 22.24
C ILE G 135 13.58 21.82 20.83
N ASP G 136 13.46 23.13 20.68
CA ASP G 136 13.51 23.76 19.37
C ASP G 136 14.72 24.66 19.35
N ILE G 137 15.56 24.47 18.34
CA ILE G 137 16.80 25.21 18.23
C ILE G 137 16.88 25.81 16.84
N PHE G 138 16.90 27.13 16.80
CA PHE G 138 16.94 27.87 15.56
C PHE G 138 18.25 28.62 15.48
N VAL G 139 19.03 28.35 14.44
CA VAL G 139 20.35 28.93 14.29
C VAL G 139 20.37 29.72 13.00
N TYR G 140 20.75 30.97 13.10
CA TYR G 140 20.62 31.91 12.01
C TYR G 140 22.00 32.32 11.55
N LEU G 141 22.47 31.71 10.47
CA LEU G 141 23.80 32.04 9.96
C LEU G 141 23.74 33.39 9.28
N THR G 142 23.79 34.41 10.11
CA THR G 142 23.13 35.66 9.82
C THR G 142 23.91 36.48 8.81
N TYR G 143 25.22 36.55 9.01
CA TYR G 143 26.07 37.43 8.23
C TYR G 143 27.48 36.91 8.41
N ASP G 144 28.21 36.75 7.32
CA ASP G 144 29.62 36.42 7.43
C ASP G 144 30.46 37.17 6.42
N LYS G 145 31.54 37.76 6.91
CA LYS G 145 32.64 38.21 6.09
C LYS G 145 33.58 37.05 5.84
N ASP G 146 33.99 36.89 4.60
CA ASP G 146 35.20 36.14 4.27
C ASP G 146 35.97 36.97 3.26
N LEU G 147 36.85 37.83 3.75
CA LEU G 147 37.53 38.80 2.92
C LEU G 147 38.91 38.32 2.47
N THR G 148 39.07 37.03 2.23
CA THR G 148 40.39 36.44 2.05
C THR G 148 40.95 36.50 0.63
N ASN G 149 40.27 37.22 -0.26
CA ASN G 149 40.71 37.49 -1.64
C ASN G 149 40.95 36.22 -2.46
N SER G 163 35.32 23.25 2.32
CA SER G 163 35.32 23.19 3.78
C SER G 163 35.06 24.58 4.36
N GLN G 164 34.37 25.40 3.60
CA GLN G 164 34.04 26.74 4.04
C GLN G 164 33.01 26.76 5.14
N ILE G 165 32.21 25.70 5.27
CA ILE G 165 31.33 25.62 6.43
C ILE G 165 32.06 25.05 7.63
N SER G 166 33.16 24.35 7.40
CA SER G 166 33.85 23.66 8.47
C SER G 166 34.52 24.63 9.41
N SER G 167 34.83 25.83 8.92
CA SER G 167 35.39 26.88 9.73
C SER G 167 34.37 27.53 10.66
N LEU G 168 33.11 27.13 10.64
CA LEU G 168 32.15 27.77 11.51
C LEU G 168 31.50 26.82 12.48
N ILE G 169 31.93 25.57 12.49
CA ILE G 169 31.33 24.58 13.37
C ILE G 169 31.42 24.92 14.86
N PRO G 170 32.60 25.18 15.45
CA PRO G 170 32.68 25.19 16.93
C PRO G 170 31.94 26.33 17.54
N HIS G 171 31.76 27.39 16.76
CA HIS G 171 31.11 28.56 17.30
C HIS G 171 29.63 28.33 17.46
N CYS G 172 29.10 27.36 16.72
CA CYS G 172 27.69 27.03 16.86
C CYS G 172 27.41 26.46 18.23
N ILE G 173 28.20 25.46 18.61
CA ILE G 173 28.05 24.75 19.87
C ILE G 173 28.13 25.70 21.03
N THR G 174 29.06 26.64 20.95
CA THR G 174 29.16 27.69 21.96
C THR G 174 27.92 28.55 21.94
N SER G 175 27.43 28.90 20.76
CA SER G 175 26.27 29.76 20.66
C SER G 175 25.02 29.05 21.15
N ILE G 176 24.97 27.75 20.97
CA ILE G 176 23.83 26.99 21.47
C ILE G 176 23.88 26.89 22.98
N THR G 177 25.08 26.65 23.52
CA THR G 177 25.24 26.37 24.95
C THR G 177 24.83 27.56 25.78
N LEU G 178 25.16 28.75 25.30
CA LEU G 178 24.81 29.97 26.01
C LEU G 178 23.31 30.20 25.99
N ALA G 179 22.68 29.95 24.84
CA ALA G 179 21.24 30.08 24.82
C ALA G 179 20.57 29.01 25.64
N LEU G 180 21.17 27.82 25.69
CA LEU G 180 20.55 26.75 26.48
C LEU G 180 20.77 26.96 27.96
N ALA G 181 21.82 27.67 28.32
CA ALA G 181 21.90 28.12 29.69
C ALA G 181 20.87 29.18 29.98
N ASP G 182 20.47 29.95 28.96
CA ASP G 182 19.57 31.04 29.22
C ASP G 182 18.15 30.56 29.45
N ALA G 183 17.76 29.52 28.73
CA ALA G 183 16.52 28.83 29.08
C ALA G 183 16.68 28.01 30.34
N GLY G 184 17.91 27.83 30.81
CA GLY G 184 18.14 27.25 32.10
C GLY G 184 17.89 25.78 32.14
N ILE G 185 18.22 25.07 31.09
CA ILE G 185 17.84 23.67 30.98
C ILE G 185 18.97 22.88 31.59
N GLU G 186 18.67 21.68 32.09
CA GLU G 186 19.69 20.89 32.75
C GLU G 186 20.74 20.39 31.77
N LEU G 187 21.95 20.94 31.90
CA LEU G 187 23.08 20.65 31.04
C LEU G 187 24.19 20.11 31.90
N VAL G 188 24.83 19.04 31.44
CA VAL G 188 25.89 18.47 32.25
C VAL G 188 27.11 19.38 32.25
N ASP G 189 27.58 19.76 31.08
CA ASP G 189 28.85 20.43 31.02
C ASP G 189 28.77 21.59 30.05
N MET G 190 29.55 22.61 30.33
CA MET G 190 29.91 23.57 29.30
C MET G 190 30.84 22.83 28.35
N ALA G 191 30.26 22.21 27.33
CA ALA G 191 31.05 21.51 26.34
C ALA G 191 31.35 22.46 25.22
N GLY G 192 32.55 22.37 24.65
CA GLY G 192 32.95 23.23 23.57
C GLY G 192 33.84 22.51 22.57
N ALA G 193 33.89 23.09 21.38
CA ALA G 193 34.72 22.55 20.33
C ALA G 193 35.82 23.55 20.01
N GLY G 194 36.97 23.01 19.63
CA GLY G 194 38.08 23.83 19.19
C GLY G 194 38.42 23.42 17.78
N GLU G 195 39.09 24.32 17.08
CA GLU G 195 39.33 24.09 15.66
C GLU G 195 40.82 24.13 15.43
N ALA G 196 41.30 23.22 14.57
CA ALA G 196 42.67 23.31 14.09
C ALA G 196 42.67 22.94 12.61
N ASN G 197 42.49 23.95 11.77
CA ASN G 197 42.78 23.88 10.34
C ASN G 197 41.96 22.82 9.62
N GLY G 198 40.66 23.06 9.52
CA GLY G 198 39.78 22.12 8.85
C GLY G 198 39.42 20.92 9.69
N THR G 199 39.59 21.01 11.00
CA THR G 199 39.35 19.90 11.89
C THR G 199 38.59 20.43 13.10
N VAL G 200 37.55 19.74 13.51
CA VAL G 200 36.72 20.17 14.63
C VAL G 200 36.61 19.04 15.64
N VAL G 201 36.98 19.32 16.89
CA VAL G 201 36.98 18.36 17.97
C VAL G 201 36.29 19.00 19.17
N SER G 202 35.28 18.34 19.71
CA SER G 202 34.50 18.90 20.81
C SER G 202 34.78 18.18 22.12
N PHE G 203 34.92 18.94 23.20
CA PHE G 203 35.42 18.41 24.45
C PHE G 203 34.40 18.51 25.57
N ILE G 204 34.75 17.85 26.69
CA ILE G 204 34.19 18.07 28.00
C ILE G 204 35.29 17.91 29.03
N LYS G 205 34.92 18.11 30.30
CA LYS G 205 35.73 17.79 31.47
C LYS G 205 37.06 18.53 31.46
N ASN G 206 37.02 19.77 30.97
CA ASN G 206 38.21 20.55 30.63
C ASN G 206 39.09 19.81 29.64
N GLY G 207 38.47 19.19 28.64
CA GLY G 207 39.22 18.60 27.57
C GLY G 207 39.62 17.18 27.85
N GLU G 208 39.26 16.65 29.00
CA GLU G 208 39.76 15.33 29.36
C GLU G 208 38.95 14.23 28.70
N GLU G 209 37.80 14.58 28.11
CA GLU G 209 37.14 13.70 27.16
C GLU G 209 36.64 14.49 25.97
N ILE G 210 36.47 13.76 24.87
CA ILE G 210 36.01 14.31 23.61
C ILE G 210 34.59 13.81 23.39
N VAL G 211 33.71 14.70 22.94
CA VAL G 211 32.32 14.37 22.74
C VAL G 211 31.89 14.49 21.30
N GLY G 212 32.70 15.08 20.43
CA GLY G 212 32.25 15.26 19.06
C GLY G 212 33.37 15.49 18.09
N PHE G 213 33.45 14.65 17.07
CA PHE G 213 34.62 14.62 16.21
C PHE G 213 34.23 14.88 14.78
N TRP G 214 35.01 15.74 14.14
CA TRP G 214 34.75 16.18 12.78
C TRP G 214 36.08 16.40 12.09
N LYS G 215 36.25 15.80 10.93
CA LYS G 215 37.54 15.89 10.25
C LYS G 215 37.31 16.10 8.77
N ASP G 216 37.99 17.08 8.22
CA ASP G 216 38.21 17.13 6.79
C ASP G 216 39.69 17.05 6.50
N ASP G 217 40.04 17.29 5.23
CA ASP G 217 41.17 16.73 4.52
C ASP G 217 42.53 16.74 5.20
N GLY G 218 43.11 17.92 5.40
CA GLY G 218 44.33 18.17 6.14
C GLY G 218 45.52 17.28 5.79
N ASP G 219 46.31 17.00 6.83
CA ASP G 219 47.49 16.16 6.75
C ASP G 219 47.11 14.74 7.09
N ASP G 220 48.12 13.93 7.32
CA ASP G 220 47.95 12.58 7.83
C ASP G 220 48.71 12.47 9.15
N GLU G 221 48.04 11.90 10.16
CA GLU G 221 48.59 11.70 11.51
C GLU G 221 49.05 13.01 12.15
N ASP G 222 48.39 14.10 11.79
CA ASP G 222 48.54 15.38 12.48
C ASP G 222 47.63 15.47 13.69
N LEU G 223 46.99 14.35 14.00
CA LEU G 223 45.96 14.25 15.04
C LEU G 223 46.46 14.74 16.39
N LEU G 224 47.72 14.44 16.69
CA LEU G 224 48.25 14.77 18.00
C LEU G 224 48.42 16.26 18.15
N GLU G 225 48.85 16.94 17.10
CA GLU G 225 48.78 18.39 17.13
C GLU G 225 47.34 18.87 16.99
N CYS G 226 46.50 18.08 16.31
CA CYS G 226 45.10 18.44 16.19
C CYS G 226 44.38 18.28 17.53
N LEU G 227 44.97 17.53 18.45
CA LEU G 227 44.47 17.58 19.82
C LEU G 227 44.64 18.95 20.41
N ASP G 228 45.77 19.58 20.14
CA ASP G 228 46.29 20.59 21.04
C ASP G 228 45.64 21.95 20.79
N ARG G 229 45.71 22.40 19.54
CA ARG G 229 45.26 23.74 19.20
C ARG G 229 43.76 23.86 19.36
N CYS G 230 43.04 22.76 19.12
CA CYS G 230 41.62 22.71 19.43
C CYS G 230 41.39 22.84 20.92
N LYS G 231 42.19 22.11 21.72
CA LYS G 231 41.99 22.05 23.16
C LYS G 231 42.15 23.41 23.81
N GLU G 232 43.15 24.16 23.38
CA GLU G 232 43.45 25.43 24.03
C GLU G 232 42.44 26.48 23.64
N GLN G 233 41.92 26.43 22.41
CA GLN G 233 40.80 27.29 22.08
C GLN G 233 39.58 26.94 22.90
N TYR G 234 39.32 25.65 23.03
CA TYR G 234 38.32 25.18 23.99
C TYR G 234 38.66 25.66 25.39
N ASN G 235 39.93 25.61 25.77
CA ASN G 235 40.33 26.14 27.06
C ASN G 235 40.16 27.65 27.11
N ARG G 236 40.29 28.31 25.97
CA ARG G 236 39.96 29.73 25.93
C ARG G 236 38.46 29.94 26.01
N TYR G 237 37.70 29.23 25.18
CA TYR G 237 36.34 29.63 24.90
C TYR G 237 35.43 29.44 26.09
N ARG G 238 35.57 28.31 26.78
CA ARG G 238 34.68 28.01 27.89
C ARG G 238 34.86 29.02 29.00
N ASP G 239 36.07 29.54 29.13
CA ASP G 239 36.30 30.60 30.09
C ASP G 239 35.62 31.89 29.65
N LEU G 240 35.60 32.14 28.33
CA LEU G 240 34.89 33.31 27.83
C LEU G 240 33.40 33.19 28.05
N MET G 241 32.89 31.97 27.93
CA MET G 241 31.46 31.72 28.11
C MET G 241 31.03 31.97 29.54
N ILE G 242 31.76 31.39 30.49
CA ILE G 242 31.34 31.44 31.88
C ILE G 242 31.49 32.84 32.41
N SER G 243 32.39 33.61 31.80
CA SER G 243 32.46 35.02 32.12
C SER G 243 31.21 35.74 31.67
N CYS G 244 30.63 35.31 30.55
CA CYS G 244 29.47 36.00 30.00
C CYS G 244 28.24 35.83 30.88
N LEU G 245 28.22 34.79 31.71
CA LEU G 245 27.02 34.57 32.49
C LEU G 245 27.22 34.87 33.95
N MET G 246 28.32 34.39 34.54
CA MET G 246 28.52 34.50 35.99
C MET G 246 28.78 35.96 36.35
N ASN G 247 29.30 36.75 35.42
CA ASN G 247 29.50 38.17 35.68
C ASN G 247 28.22 38.96 35.45
N GLN G 248 27.20 38.31 34.91
CA GLN G 248 25.91 38.96 34.77
C GLN G 248 24.96 38.53 35.87
N MET H 3 -45.11 45.83 2.96
CA MET H 3 -46.14 46.23 3.91
C MET H 3 -46.27 45.21 5.03
N SER H 4 -45.19 45.01 5.80
CA SER H 4 -45.19 44.04 6.88
C SER H 4 -44.44 44.60 8.07
N THR H 5 -44.14 43.72 9.01
CA THR H 5 -43.25 44.03 10.10
C THR H 5 -41.87 43.52 9.68
N PHE H 6 -41.42 43.99 8.52
CA PHE H 6 -40.14 43.59 7.98
C PHE H 6 -39.03 44.24 8.79
N ILE H 7 -37.87 43.59 8.83
CA ILE H 7 -36.80 44.06 9.70
C ILE H 7 -35.45 43.69 9.10
N PHE H 8 -34.41 44.33 9.61
CA PHE H 8 -33.01 44.08 9.37
C PHE H 8 -32.32 43.92 10.72
N PRO H 9 -31.22 43.18 10.78
CA PRO H 9 -30.35 43.31 11.94
C PRO H 9 -29.74 44.69 11.98
N GLY H 10 -29.97 45.40 13.07
CA GLY H 10 -29.60 46.78 13.14
C GLY H 10 -30.74 47.73 12.95
N ASP H 11 -31.97 47.27 13.08
CA ASP H 11 -33.09 48.19 13.07
C ASP H 11 -33.49 48.57 14.48
N SER H 12 -34.44 49.50 14.54
CA SER H 12 -35.08 49.78 15.81
C SER H 12 -36.03 48.65 16.18
N PHE H 13 -35.82 48.08 17.35
CA PHE H 13 -36.72 47.09 17.87
C PHE H 13 -38.05 47.74 18.26
N PRO H 14 -39.19 47.18 17.86
CA PRO H 14 -40.46 47.93 18.02
C PRO H 14 -41.01 48.01 19.43
N VAL H 15 -40.93 46.92 20.18
CA VAL H 15 -41.73 46.78 21.40
C VAL H 15 -41.05 47.52 22.55
N ASP H 16 -41.87 48.03 23.49
CA ASP H 16 -41.40 48.66 24.72
C ASP H 16 -40.61 47.68 25.57
N PRO H 17 -39.68 48.19 26.37
CA PRO H 17 -38.83 47.29 27.16
C PRO H 17 -39.49 46.74 28.41
N THR H 18 -40.56 47.37 28.90
CA THR H 18 -41.11 46.95 30.18
C THR H 18 -42.12 45.82 30.07
N THR H 19 -42.05 45.04 29.05
CA THR H 19 -43.07 44.02 28.88
C THR H 19 -42.49 42.67 29.25
N PRO H 20 -43.21 41.84 29.99
CA PRO H 20 -42.79 40.43 30.14
C PRO H 20 -42.94 39.73 28.80
N VAL H 21 -41.82 39.31 28.24
CA VAL H 21 -41.82 38.76 26.89
C VAL H 21 -40.96 37.52 26.85
N LYS H 22 -41.56 36.40 26.46
CA LYS H 22 -40.81 35.22 26.10
C LYS H 22 -40.09 35.47 24.80
N LEU H 23 -38.78 35.21 24.78
CA LEU H 23 -37.99 35.39 23.59
C LEU H 23 -38.22 34.26 22.61
N GLY H 24 -38.50 34.60 21.36
CA GLY H 24 -38.42 33.65 20.29
C GLY H 24 -37.06 33.73 19.65
N PRO H 25 -36.83 32.92 18.64
CA PRO H 25 -35.53 32.97 17.95
C PRO H 25 -35.43 34.21 17.08
N GLY H 26 -34.22 34.48 16.64
CA GLY H 26 -33.95 35.61 15.79
C GLY H 26 -33.64 36.89 16.53
N ILE H 27 -33.96 36.97 17.79
CA ILE H 27 -33.66 38.16 18.57
C ILE H 27 -32.52 37.79 19.48
N TYR H 28 -31.67 38.75 19.81
CA TYR H 28 -30.58 38.46 20.71
C TYR H 28 -30.50 39.51 21.80
N CYS H 29 -30.33 39.04 23.04
CA CYS H 29 -30.12 39.89 24.19
C CYS H 29 -28.63 40.00 24.43
N ASP H 30 -28.18 41.18 24.81
CA ASP H 30 -26.76 41.40 25.03
C ASP H 30 -26.38 40.79 26.37
N PRO H 31 -25.40 39.90 26.41
CA PRO H 31 -24.87 39.49 27.71
C PRO H 31 -23.98 40.54 28.31
N ASN H 32 -23.53 41.50 27.53
CA ASN H 32 -22.61 42.49 28.05
C ASN H 32 -23.32 43.75 28.53
N THR H 33 -24.27 44.26 27.75
CA THR H 33 -24.96 45.49 28.09
C THR H 33 -26.46 45.33 28.26
N GLN H 34 -26.94 44.09 28.36
CA GLN H 34 -28.32 43.74 28.72
C GLN H 34 -29.36 44.20 27.72
N GLU H 35 -28.96 44.83 26.63
CA GLU H 35 -29.91 45.30 25.64
C GLU H 35 -30.29 44.13 24.74
N ILE H 36 -31.36 44.31 24.01
CA ILE H 36 -31.95 43.23 23.23
C ILE H 36 -32.19 43.74 21.83
N ARG H 37 -31.70 43.03 20.83
CA ARG H 37 -31.93 43.55 19.51
C ARG H 37 -32.26 42.46 18.51
N PRO H 38 -33.02 42.80 17.48
CA PRO H 38 -33.17 41.90 16.34
C PRO H 38 -31.86 41.78 15.59
N VAL H 39 -31.42 40.55 15.40
CA VAL H 39 -30.11 40.27 14.84
C VAL H 39 -30.18 39.46 13.57
N ASN H 40 -31.37 39.30 13.00
CA ASN H 40 -31.52 38.57 11.76
C ASN H 40 -32.40 39.33 10.80
N THR H 41 -32.54 38.75 9.63
CA THR H 41 -33.17 39.39 8.50
C THR H 41 -34.59 38.88 8.36
N GLY H 42 -35.50 39.76 7.98
CA GLY H 42 -36.82 39.29 7.56
C GLY H 42 -37.94 40.04 8.21
N VAL H 43 -38.98 39.30 8.57
CA VAL H 43 -40.22 39.88 9.07
C VAL H 43 -40.46 39.39 10.48
N LEU H 44 -40.65 40.33 11.39
CA LEU H 44 -41.13 40.04 12.73
C LEU H 44 -42.57 39.56 12.66
N HIS H 45 -42.97 38.70 13.58
CA HIS H 45 -44.38 38.49 13.80
C HIS H 45 -44.64 38.53 15.30
N VAL H 46 -45.30 39.60 15.72
CA VAL H 46 -45.57 39.86 17.13
C VAL H 46 -46.65 38.90 17.57
N SER H 47 -46.40 38.16 18.65
CA SER H 47 -47.48 37.42 19.26
C SER H 47 -48.47 38.39 19.89
N ALA H 48 -49.74 38.23 19.53
CA ALA H 48 -50.78 39.16 19.93
C ALA H 48 -51.04 39.07 21.43
N LYS H 49 -51.75 40.07 21.94
CA LYS H 49 -51.93 40.24 23.37
C LYS H 49 -52.87 39.19 23.95
N GLY H 50 -52.95 39.18 25.27
CA GLY H 50 -53.79 38.25 26.00
C GLY H 50 -53.10 36.99 26.46
N LYS H 51 -51.92 36.68 25.92
CA LYS H 51 -51.20 35.45 26.25
C LYS H 51 -50.55 35.59 27.62
N SER H 52 -51.40 35.50 28.65
CA SER H 52 -51.03 35.63 30.07
C SER H 52 -50.36 36.97 30.37
N GLY H 53 -50.62 37.99 29.56
CA GLY H 53 -49.87 39.21 29.62
C GLY H 53 -48.43 39.10 29.14
N VAL H 54 -48.04 38.00 28.50
CA VAL H 54 -46.67 37.79 28.06
C VAL H 54 -46.67 37.55 26.57
N GLN H 55 -46.00 38.42 25.83
CA GLN H 55 -45.98 38.33 24.40
C GLN H 55 -44.65 37.74 23.94
N THR H 56 -44.47 37.60 22.64
CA THR H 56 -43.33 36.90 22.08
C THR H 56 -43.04 37.46 20.70
N ALA H 57 -41.77 37.70 20.42
CA ALA H 57 -41.32 38.18 19.12
C ALA H 57 -40.56 37.07 18.42
N TYR H 58 -40.70 36.98 17.11
CA TYR H 58 -39.85 36.10 16.33
C TYR H 58 -39.77 36.63 14.91
N ILE H 59 -38.58 36.53 14.35
CA ILE H 59 -38.31 36.97 13.00
C ILE H 59 -38.45 35.78 12.09
N ASP H 60 -39.24 35.92 11.03
CA ASP H 60 -39.13 35.00 9.93
C ASP H 60 -37.80 35.27 9.25
N TYR H 61 -36.90 34.29 9.28
CA TYR H 61 -35.67 34.36 8.51
C TYR H 61 -35.60 33.12 7.63
N SER H 62 -34.89 33.26 6.52
CA SER H 62 -34.78 32.15 5.60
C SER H 62 -33.44 31.47 5.75
N SER H 63 -33.45 30.15 5.84
CA SER H 63 -32.21 29.41 5.74
C SER H 63 -32.46 28.01 5.24
N LYS H 64 -31.37 27.40 4.78
CA LYS H 64 -31.29 25.99 4.53
C LYS H 64 -30.43 25.26 5.56
N ARG H 65 -29.44 25.91 6.14
CA ARG H 65 -28.52 25.24 7.04
C ARG H 65 -29.19 25.15 8.39
N TYR H 66 -29.55 23.95 8.79
CA TYR H 66 -30.38 23.78 9.97
C TYR H 66 -29.57 23.93 11.25
N ILE H 67 -30.12 24.68 12.19
CA ILE H 67 -29.51 24.92 13.49
C ILE H 67 -30.21 24.00 14.50
N PRO H 68 -29.49 23.07 15.11
CA PRO H 68 -30.13 22.12 16.03
C PRO H 68 -30.68 22.79 17.27
N SER H 69 -31.95 22.51 17.54
CA SER H 69 -32.68 23.10 18.64
C SER H 69 -33.66 22.06 19.19
N VAL H 70 -34.14 22.29 20.41
CA VAL H 70 -34.75 21.21 21.17
C VAL H 70 -36.21 21.01 20.81
N ASN H 71 -36.71 19.83 21.16
CA ASN H 71 -38.07 19.35 20.86
C ASN H 71 -38.40 19.44 19.38
N ASP H 72 -37.46 19.03 18.54
CA ASP H 72 -37.60 19.22 17.11
C ASP H 72 -37.41 17.89 16.40
N PHE H 73 -38.33 17.58 15.49
CA PHE H 73 -38.34 16.30 14.80
C PHE H 73 -37.44 16.36 13.59
N VAL H 74 -36.39 15.56 13.58
CA VAL H 74 -35.44 15.56 12.49
C VAL H 74 -35.18 14.13 12.05
N ILE H 75 -34.52 14.01 10.91
CA ILE H 75 -34.24 12.73 10.29
C ILE H 75 -32.73 12.58 10.22
N GLY H 76 -32.23 11.42 10.66
CA GLY H 76 -30.80 11.24 10.82
C GLY H 76 -30.20 9.98 10.22
N VAL H 77 -28.87 9.93 10.16
CA VAL H 77 -28.14 8.90 9.45
C VAL H 77 -27.07 8.29 10.36
N ILE H 78 -27.10 6.97 10.49
CA ILE H 78 -26.19 6.30 11.41
C ILE H 78 -24.83 6.20 10.79
N ILE H 79 -23.84 6.81 11.44
CA ILE H 79 -22.56 6.99 10.78
C ILE H 79 -21.43 6.40 11.60
N GLY H 80 -21.72 5.96 12.82
CA GLY H 80 -20.67 5.39 13.63
C GLY H 80 -21.19 4.86 14.94
N THR H 81 -20.48 3.86 15.44
CA THR H 81 -20.89 3.10 16.62
C THR H 81 -19.93 3.30 17.77
N PHE H 82 -19.63 4.57 18.00
CA PHE H 82 -19.19 5.07 19.30
C PHE H 82 -20.02 4.36 20.36
N SER H 83 -19.36 3.60 21.23
CA SER H 83 -20.10 2.72 22.11
C SER H 83 -20.86 3.53 23.14
N ASP H 84 -21.99 2.98 23.58
CA ASP H 84 -23.05 3.48 24.45
C ASP H 84 -23.89 4.54 23.77
N SER H 85 -23.45 5.05 22.64
CA SER H 85 -23.93 6.34 22.21
C SER H 85 -23.61 6.60 20.76
N TYR H 86 -24.62 6.63 19.90
CA TYR H 86 -24.41 6.62 18.46
C TYR H 86 -23.74 7.88 17.94
N LYS H 87 -23.00 7.70 16.86
CA LYS H 87 -22.65 8.80 15.97
C LYS H 87 -23.77 8.89 14.95
N VAL H 88 -24.34 10.07 14.81
CA VAL H 88 -25.39 10.30 13.83
C VAL H 88 -25.21 11.70 13.28
N SER H 89 -25.50 11.86 11.99
CA SER H 89 -25.45 13.16 11.34
C SER H 89 -26.84 13.60 10.96
N LEU H 90 -27.00 14.90 10.73
CA LEU H 90 -28.30 15.41 10.33
C LEU H 90 -28.21 16.14 9.01
N GLN H 91 -27.05 16.64 8.68
CA GLN H 91 -26.88 17.40 7.46
C GLN H 91 -25.44 17.21 7.07
N ASN H 92 -25.19 17.07 5.77
CA ASN H 92 -23.83 16.92 5.29
C ASN H 92 -23.02 18.16 5.62
N PHE H 93 -21.75 17.92 5.94
CA PHE H 93 -20.72 18.87 6.34
C PHE H 93 -20.99 19.52 7.69
N SER H 94 -22.06 19.16 8.37
CA SER H 94 -22.33 19.72 9.67
C SER H 94 -21.70 18.86 10.75
N SER H 95 -21.94 19.24 12.00
CA SER H 95 -21.40 18.46 13.10
C SER H 95 -22.27 17.26 13.38
N SER H 96 -21.62 16.16 13.74
CA SER H 96 -22.34 14.95 14.08
C SER H 96 -23.04 15.12 15.42
N VAL H 97 -24.05 14.30 15.63
CA VAL H 97 -24.88 14.36 16.82
C VAL H 97 -24.67 13.05 17.56
N SER H 98 -24.83 13.09 18.88
CA SER H 98 -24.74 11.92 19.72
C SER H 98 -26.12 11.47 20.20
N LEU H 99 -26.38 10.18 20.07
CA LEU H 99 -27.64 9.57 20.47
C LEU H 99 -27.32 8.37 21.33
N SER H 100 -27.91 8.34 22.53
CA SER H 100 -27.77 7.22 23.45
C SER H 100 -28.20 5.91 22.82
N TYR H 101 -27.57 4.83 23.25
CA TYR H 101 -28.08 3.54 22.85
C TYR H 101 -29.30 3.16 23.66
N MET H 102 -29.58 3.88 24.75
CA MET H 102 -30.62 3.44 25.66
C MET H 102 -31.87 4.28 25.51
N ALA H 103 -31.78 5.39 24.79
CA ALA H 103 -32.90 6.31 24.66
C ALA H 103 -33.88 5.73 23.66
N PHE H 104 -34.63 4.72 24.07
CA PHE H 104 -35.37 3.87 23.15
C PHE H 104 -36.55 3.27 23.89
N PRO H 105 -37.68 3.01 23.18
CA PRO H 105 -38.96 2.86 23.89
C PRO H 105 -39.06 1.63 24.76
N ASN H 106 -38.31 0.60 24.46
CA ASN H 106 -38.06 -0.43 25.44
C ASN H 106 -36.67 -0.14 25.97
N ALA H 107 -36.62 0.77 26.93
CA ALA H 107 -35.36 1.13 27.54
C ALA H 107 -34.87 -0.04 28.39
N SER H 108 -33.73 -0.59 28.00
CA SER H 108 -33.19 -1.77 28.63
C SER H 108 -31.69 -1.76 28.43
N LYS H 109 -30.95 -1.67 29.54
CA LYS H 109 -29.52 -1.43 29.46
C LYS H 109 -28.73 -2.71 29.21
N LYS H 110 -29.30 -3.86 29.58
CA LYS H 110 -28.70 -5.13 29.20
C LYS H 110 -29.01 -5.45 27.74
N ASN H 111 -29.99 -4.76 27.16
CA ASN H 111 -30.41 -5.03 25.79
C ASN H 111 -29.83 -3.97 24.85
N ARG H 112 -28.86 -4.39 24.05
CA ARG H 112 -28.28 -3.45 23.11
C ARG H 112 -28.95 -3.59 21.76
N PRO H 113 -29.51 -2.49 21.24
CA PRO H 113 -30.28 -2.59 19.99
C PRO H 113 -29.42 -2.84 18.76
N THR H 114 -30.07 -2.76 17.61
CA THR H 114 -29.69 -3.53 16.45
C THR H 114 -29.24 -2.68 15.27
N LEU H 115 -29.33 -1.37 15.34
CA LEU H 115 -29.17 -0.57 14.13
C LEU H 115 -27.70 -0.46 13.73
N GLN H 116 -27.48 -0.25 12.44
CA GLN H 116 -26.18 -0.41 11.81
C GLN H 116 -25.83 0.85 11.05
N VAL H 117 -24.58 0.95 10.62
CA VAL H 117 -24.09 2.20 10.06
C VAL H 117 -24.69 2.44 8.69
N GLY H 118 -25.46 3.52 8.56
CA GLY H 118 -26.08 3.89 7.31
C GLY H 118 -27.59 3.82 7.31
N ASP H 119 -28.21 3.81 8.48
CA ASP H 119 -29.66 3.67 8.52
C ASP H 119 -30.30 5.04 8.68
N LEU H 120 -31.57 5.11 8.31
CA LEU H 120 -32.35 6.31 8.55
C LEU H 120 -33.31 6.10 9.71
N VAL H 121 -33.28 7.02 10.65
CA VAL H 121 -34.04 6.93 11.88
C VAL H 121 -34.81 8.22 12.08
N TYR H 122 -35.94 8.13 12.74
CA TYR H 122 -36.75 9.29 13.06
C TYR H 122 -36.49 9.58 14.52
N ALA H 123 -36.19 10.82 14.85
CA ALA H 123 -35.84 11.16 16.21
C ALA H 123 -36.09 12.64 16.48
N ARG H 124 -36.25 12.95 17.76
CA ARG H 124 -36.47 14.32 18.20
C ARG H 124 -35.25 14.76 19.00
N VAL H 125 -34.85 16.01 18.79
CA VAL H 125 -33.79 16.62 19.57
C VAL H 125 -34.28 16.68 21.01
N CYS H 126 -33.60 15.93 21.87
CA CYS H 126 -33.92 16.03 23.29
C CYS H 126 -33.20 17.21 23.93
N THR H 127 -31.88 17.14 24.01
CA THR H 127 -31.07 18.05 24.80
C THR H 127 -29.93 18.56 23.95
N ALA H 128 -29.81 19.88 23.86
CA ALA H 128 -28.82 20.49 22.98
C ALA H 128 -28.52 21.91 23.46
N GLU H 129 -27.37 22.07 24.10
CA GLU H 129 -26.85 23.42 24.27
C GLU H 129 -26.33 23.95 22.96
N LYS H 130 -26.19 25.27 22.89
CA LYS H 130 -25.66 25.92 21.70
C LYS H 130 -24.20 25.56 21.50
N GLU H 131 -23.53 25.14 22.55
CA GLU H 131 -22.09 25.07 22.61
C GLU H 131 -21.61 23.65 22.90
N LEU H 132 -22.56 22.73 23.01
CA LEU H 132 -22.17 21.43 23.49
C LEU H 132 -22.51 20.42 22.40
N GLU H 133 -21.95 19.23 22.53
CA GLU H 133 -22.36 18.12 21.66
C GLU H 133 -23.83 17.84 21.85
N ALA H 134 -24.59 18.10 20.79
CA ALA H 134 -26.03 18.03 20.86
C ALA H 134 -26.51 16.59 20.96
N GLU H 135 -27.73 16.42 21.46
CA GLU H 135 -28.31 15.10 21.63
C GLU H 135 -29.75 15.08 21.18
N ILE H 136 -30.16 13.92 20.71
CA ILE H 136 -31.48 13.68 20.18
C ILE H 136 -32.08 12.52 20.94
N GLU H 137 -33.33 12.19 20.63
CA GLU H 137 -33.99 10.97 21.10
C GLU H 137 -35.05 10.53 20.09
N CYS H 138 -35.14 9.22 19.89
CA CYS H 138 -36.30 8.69 19.18
C CYS H 138 -37.48 8.59 20.13
N PHE H 139 -37.36 7.70 21.11
CA PHE H 139 -38.25 7.64 22.24
C PHE H 139 -37.90 8.73 23.24
N ASP H 140 -38.91 9.37 23.78
CA ASP H 140 -38.69 10.46 24.70
C ASP H 140 -39.58 10.33 25.92
N SER H 141 -39.26 11.12 26.95
CA SER H 141 -40.21 11.38 28.01
C SER H 141 -41.36 12.26 27.51
N THR H 142 -41.05 13.18 26.59
CA THR H 142 -42.10 14.02 26.02
C THR H 142 -42.90 13.27 24.98
N THR H 143 -42.40 12.11 24.54
CA THR H 143 -43.27 11.15 23.89
C THR H 143 -44.32 10.67 24.86
N GLY H 144 -43.98 10.57 26.14
CA GLY H 144 -44.93 10.11 27.13
C GLY H 144 -45.15 8.64 26.88
N ARG H 145 -44.05 7.89 26.86
CA ARG H 145 -43.94 6.49 26.53
C ARG H 145 -44.43 6.19 25.12
N ASP H 146 -44.35 7.14 24.19
CA ASP H 146 -44.79 6.90 22.82
C ASP H 146 -43.63 6.37 22.00
N ALA H 147 -43.82 5.23 21.39
CA ALA H 147 -42.92 4.74 20.37
C ALA H 147 -43.44 5.21 19.01
N GLY H 148 -43.35 6.51 18.76
CA GLY H 148 -43.80 7.07 17.52
C GLY H 148 -42.70 7.42 16.56
N PHE H 149 -41.54 7.80 17.07
CA PHE H 149 -40.34 7.85 16.27
C PHE H 149 -39.78 6.45 16.09
N GLY H 150 -38.73 6.32 15.30
CA GLY H 150 -38.10 5.03 15.11
C GLY H 150 -37.21 5.00 13.89
N ILE H 151 -36.58 3.84 13.69
CA ILE H 151 -35.84 3.59 12.47
C ILE H 151 -36.81 3.49 11.32
N LEU H 152 -36.32 3.78 10.13
CA LEU H 152 -37.15 3.76 8.95
C LEU H 152 -36.83 2.51 8.16
N GLU H 153 -37.68 2.21 7.20
CA GLU H 153 -37.35 1.29 6.12
C GLU H 153 -36.92 2.17 4.95
N ASP H 154 -36.76 1.56 3.78
CA ASP H 154 -36.01 1.99 2.62
C ASP H 154 -36.48 3.37 2.17
N GLY H 155 -37.70 3.52 1.65
CA GLY H 155 -38.29 4.78 1.26
C GLY H 155 -37.44 5.63 0.32
N MET H 156 -37.51 6.93 0.56
CA MET H 156 -36.77 7.93 -0.19
C MET H 156 -36.81 9.25 0.57
N ILE H 157 -35.69 9.92 0.58
CA ILE H 157 -35.58 11.17 1.32
C ILE H 157 -35.11 12.28 0.41
N ILE H 158 -35.72 13.46 0.56
CA ILE H 158 -35.48 14.62 -0.29
C ILE H 158 -35.12 15.78 0.62
N ASP H 159 -34.22 16.65 0.16
CA ASP H 159 -33.83 17.82 0.93
C ASP H 159 -34.56 19.07 0.45
N VAL H 160 -35.07 19.84 1.40
CA VAL H 160 -35.67 21.13 1.09
C VAL H 160 -35.10 22.15 2.05
N ASN H 161 -35.52 23.40 1.87
CA ASN H 161 -35.18 24.42 2.85
C ASN H 161 -36.15 24.38 4.01
N LEU H 162 -35.73 25.03 5.08
CA LEU H 162 -36.28 24.76 6.39
C LEU H 162 -37.67 25.33 6.54
N ASN H 163 -37.86 26.56 6.05
CA ASN H 163 -39.13 27.25 6.21
C ASN H 163 -40.24 26.53 5.50
N PHE H 164 -39.89 25.88 4.39
CA PHE H 164 -40.80 24.99 3.70
C PHE H 164 -41.17 23.81 4.58
N ALA H 165 -40.19 23.27 5.29
CA ALA H 165 -40.43 22.09 6.10
C ALA H 165 -41.27 22.42 7.32
N ARG H 166 -41.17 23.66 7.80
CA ARG H 166 -42.08 24.12 8.84
C ARG H 166 -43.51 24.06 8.36
N GLN H 167 -43.74 24.60 7.16
CA GLN H 167 -45.05 24.60 6.53
C GLN H 167 -45.55 23.20 6.29
N LEU H 168 -44.65 22.26 6.05
CA LEU H 168 -45.05 20.86 6.05
C LEU H 168 -45.51 20.41 7.41
N LEU H 169 -44.84 20.83 8.46
CA LEU H 169 -45.29 20.45 9.78
C LEU H 169 -46.37 21.36 10.32
N PHE H 170 -46.08 22.64 10.44
CA PHE H 170 -46.89 23.56 11.23
C PHE H 170 -48.22 23.92 10.62
N ASN H 171 -48.47 23.58 9.37
CA ASN H 171 -49.51 24.26 8.62
C ASN H 171 -50.41 23.26 7.92
N ASN H 172 -51.71 23.39 8.15
CA ASN H 172 -52.66 22.59 7.39
C ASN H 172 -53.04 23.25 6.08
N ASP H 173 -52.91 24.58 5.98
CA ASP H 173 -53.18 25.29 4.73
C ASP H 173 -52.18 24.98 3.64
N PHE H 174 -51.09 24.33 3.99
CA PHE H 174 -50.08 23.87 3.09
C PHE H 174 -50.68 22.84 2.15
N PRO H 175 -50.78 23.12 0.86
CA PRO H 175 -51.67 22.34 -0.01
C PRO H 175 -51.11 21.00 -0.41
N LEU H 176 -49.89 20.69 0.01
CA LEU H 176 -49.12 19.61 -0.58
C LEU H 176 -49.72 18.26 -0.26
N LEU H 177 -50.10 18.06 0.98
CA LEU H 177 -50.51 16.74 1.44
C LEU H 177 -51.88 16.39 0.91
N LYS H 178 -52.63 17.40 0.49
CA LYS H 178 -53.92 17.17 -0.12
C LYS H 178 -53.78 16.41 -1.43
N VAL H 179 -53.09 17.00 -2.39
CA VAL H 179 -53.08 16.47 -3.76
C VAL H 179 -52.31 15.17 -3.82
N LEU H 180 -51.35 14.99 -2.93
CA LEU H 180 -50.61 13.75 -2.88
C LEU H 180 -51.46 12.60 -2.39
N ALA H 181 -52.23 12.81 -1.33
CA ALA H 181 -53.24 11.86 -0.91
C ALA H 181 -54.31 11.63 -1.97
N ALA H 182 -54.52 12.61 -2.84
CA ALA H 182 -55.48 12.49 -3.93
C ALA H 182 -54.97 11.63 -5.08
N HIS H 183 -53.84 11.01 -4.95
CA HIS H 183 -53.49 10.04 -5.98
C HIS H 183 -53.22 8.66 -5.43
N THR H 184 -52.37 8.55 -4.42
CA THR H 184 -51.96 7.25 -3.94
C THR H 184 -51.81 7.33 -2.43
N LYS H 185 -51.59 6.19 -1.82
CA LYS H 185 -51.48 6.11 -0.37
C LYS H 185 -50.08 5.68 -0.01
N PHE H 186 -49.56 6.26 1.07
CA PHE H 186 -48.14 6.26 1.32
C PHE H 186 -47.88 6.78 2.72
N GLU H 187 -46.61 6.97 3.01
CA GLU H 187 -46.15 7.42 4.30
C GLU H 187 -45.40 8.72 4.14
N VAL H 188 -45.23 9.42 5.26
CA VAL H 188 -44.42 10.63 5.27
C VAL H 188 -43.82 10.83 6.64
N ALA H 189 -42.51 11.08 6.66
CA ALA H 189 -41.81 11.52 7.84
C ALA H 189 -41.29 12.92 7.59
N ILE H 190 -41.42 13.78 8.60
CA ILE H 190 -41.05 15.17 8.46
C ILE H 190 -39.87 15.44 9.36
N GLY H 191 -38.79 15.95 8.78
CA GLY H 191 -37.59 16.28 9.53
C GLY H 191 -37.31 17.77 9.48
N LEU H 192 -37.14 18.38 10.64
CA LEU H 192 -36.87 19.81 10.70
C LEU H 192 -35.46 20.17 10.25
N ASN H 193 -34.64 19.18 9.94
CA ASN H 193 -33.36 19.37 9.31
C ASN H 193 -33.49 19.45 7.79
N GLY H 194 -34.64 19.87 7.28
CA GLY H 194 -34.82 20.00 5.85
C GLY H 194 -34.96 18.66 5.15
N LYS H 195 -35.13 17.60 5.92
CA LYS H 195 -35.22 16.25 5.39
C LYS H 195 -36.67 15.86 5.30
N ILE H 196 -37.07 15.26 4.19
CA ILE H 196 -38.42 14.77 4.03
C ILE H 196 -38.34 13.33 3.57
N TRP H 197 -38.74 12.41 4.43
CA TRP H 197 -38.67 11.00 4.09
C TRP H 197 -40.04 10.48 3.71
N VAL H 198 -40.13 9.88 2.54
CA VAL H 198 -41.38 9.38 2.01
C VAL H 198 -41.18 7.93 1.63
N LYS H 199 -42.14 7.08 1.97
CA LYS H 199 -42.22 5.77 1.34
C LYS H 199 -43.63 5.55 0.83
N CYS H 200 -43.72 5.02 -0.37
CA CYS H 200 -44.98 4.70 -1.02
C CYS H 200 -45.17 3.20 -1.06
N GLU H 201 -46.25 2.79 -1.70
CA GLU H 201 -46.34 1.40 -2.13
C GLU H 201 -45.49 1.18 -3.36
N GLU H 202 -45.24 2.23 -4.13
CA GLU H 202 -44.48 2.11 -5.36
C GLU H 202 -43.37 3.12 -5.48
N LEU H 203 -42.24 2.62 -5.96
CA LEU H 203 -41.16 3.45 -6.43
C LEU H 203 -41.59 4.34 -7.57
N SER H 204 -42.51 3.84 -8.40
CA SER H 204 -43.01 4.61 -9.54
C SER H 204 -43.69 5.87 -9.08
N ASN H 205 -44.52 5.75 -8.08
CA ASN H 205 -45.19 6.93 -7.55
C ASN H 205 -44.23 7.71 -6.68
N THR H 206 -43.20 7.05 -6.16
CA THR H 206 -42.22 7.73 -5.34
C THR H 206 -41.40 8.69 -6.18
N LEU H 207 -41.06 8.27 -7.40
CA LEU H 207 -40.45 9.21 -8.33
C LEU H 207 -41.41 10.32 -8.68
N ALA H 208 -42.68 9.98 -8.85
CA ALA H 208 -43.71 11.01 -8.97
C ALA H 208 -43.77 11.83 -7.70
N CYS H 209 -43.62 11.18 -6.55
CA CYS H 209 -43.50 11.93 -5.32
C CYS H 209 -42.20 12.72 -5.30
N TYR H 210 -41.15 12.19 -5.90
CA TYR H 210 -39.86 12.86 -5.86
C TYR H 210 -39.90 14.15 -6.65
N ARG H 211 -40.38 14.08 -7.87
CA ARG H 211 -40.12 15.15 -8.82
C ARG H 211 -40.97 16.37 -8.52
N THR H 212 -42.14 16.16 -7.94
CA THR H 212 -42.99 17.27 -7.54
C THR H 212 -42.32 18.09 -6.46
N ILE H 213 -41.82 17.41 -5.44
CA ILE H 213 -41.35 18.10 -4.25
C ILE H 213 -40.08 18.86 -4.55
N MET H 214 -39.27 18.32 -5.47
CA MET H 214 -38.15 19.08 -5.99
C MET H 214 -38.63 20.32 -6.72
N GLU H 215 -39.70 20.18 -7.51
CA GLU H 215 -40.12 21.29 -8.35
C GLU H 215 -40.91 22.32 -7.56
N CYS H 216 -41.82 21.84 -6.72
CA CYS H 216 -42.70 22.73 -5.98
C CYS H 216 -41.93 23.61 -5.01
N CYS H 217 -41.09 23.00 -4.17
CA CYS H 217 -40.25 23.75 -3.25
C CYS H 217 -39.31 24.69 -3.98
N GLN H 218 -38.87 24.31 -5.17
CA GLN H 218 -38.15 25.24 -6.02
C GLN H 218 -39.01 26.43 -6.40
N LYS H 219 -40.19 26.16 -6.93
CA LYS H 219 -41.02 27.28 -7.37
C LYS H 219 -41.64 28.02 -6.22
N ASN H 220 -41.95 27.30 -5.13
CA ASN H 220 -42.32 27.88 -3.85
C ASN H 220 -43.59 28.73 -3.97
N ASP H 221 -44.55 28.24 -4.76
CA ASP H 221 -45.78 28.94 -5.09
C ASP H 221 -46.95 27.99 -4.86
N THR H 222 -47.45 27.97 -3.61
CA THR H 222 -48.31 26.88 -3.14
C THR H 222 -49.62 26.79 -3.89
N ALA H 223 -50.08 27.92 -4.43
CA ALA H 223 -51.32 27.94 -5.18
C ALA H 223 -51.16 27.24 -6.52
N ALA H 224 -49.95 27.23 -7.06
CA ALA H 224 -49.77 26.70 -8.40
C ALA H 224 -49.62 25.18 -8.38
N PHE H 225 -49.61 24.59 -7.20
CA PHE H 225 -49.11 23.23 -7.08
C PHE H 225 -50.17 22.21 -7.46
N LYS H 226 -51.34 22.66 -7.85
CA LYS H 226 -52.39 21.74 -8.27
C LYS H 226 -51.99 20.99 -9.54
N ASP H 227 -51.76 21.73 -10.62
CA ASP H 227 -51.52 21.09 -11.90
C ASP H 227 -50.11 20.54 -11.98
N ILE H 228 -49.20 21.23 -11.31
CA ILE H 228 -47.79 20.88 -11.36
C ILE H 228 -47.56 19.52 -10.76
N ALA H 229 -48.26 19.24 -9.67
CA ALA H 229 -48.20 17.91 -9.08
C ALA H 229 -48.81 16.88 -10.01
N LYS H 230 -49.98 17.18 -10.57
CA LYS H 230 -50.72 16.17 -11.32
C LYS H 230 -50.03 15.86 -12.64
N ARG H 231 -49.26 16.81 -13.15
CA ARG H 231 -48.59 16.61 -14.43
C ARG H 231 -47.53 15.52 -14.35
N GLN H 232 -46.85 15.44 -13.20
CA GLN H 232 -45.78 14.47 -13.05
C GLN H 232 -46.34 13.07 -13.04
N PHE H 233 -47.58 12.91 -12.58
CA PHE H 233 -48.25 11.64 -12.71
C PHE H 233 -48.39 11.25 -14.17
N LYS H 234 -48.89 12.18 -14.99
CA LYS H 234 -48.90 11.98 -16.43
C LYS H 234 -47.50 11.77 -16.98
N GLU H 235 -46.51 12.40 -16.36
CA GLU H 235 -45.15 12.17 -16.79
C GLU H 235 -44.68 10.78 -16.38
N ILE H 236 -45.21 10.26 -15.27
CA ILE H 236 -45.00 8.86 -14.98
C ILE H 236 -45.94 8.01 -15.81
N LEU H 237 -47.17 8.46 -15.96
CA LEU H 237 -48.12 7.76 -16.82
C LEU H 237 -47.90 8.05 -18.30
N THR H 238 -46.82 8.75 -18.64
CA THR H 238 -46.26 8.64 -19.98
C THR H 238 -45.93 7.19 -20.31
N VAL H 239 -45.17 6.52 -19.44
CA VAL H 239 -44.58 5.17 -19.55
C VAL H 239 -44.27 4.66 -20.96
N SER I 4 39.19 -17.47 9.90
CA SER I 4 40.12 -16.35 9.80
C SER I 4 39.76 -15.43 8.63
N GLU I 5 38.74 -14.60 8.84
CA GLU I 5 38.24 -13.68 7.82
C GLU I 5 37.61 -12.48 8.48
N VAL I 6 36.95 -11.62 7.69
CA VAL I 6 36.12 -10.55 8.23
C VAL I 6 34.70 -10.61 7.65
N ILE I 7 34.60 -10.81 6.34
CA ILE I 7 33.35 -10.62 5.60
C ILE I 7 33.32 -11.65 4.48
N THR I 8 32.11 -12.04 4.07
CA THR I 8 31.94 -12.84 2.86
C THR I 8 31.78 -11.89 1.68
N ILE I 9 32.82 -11.80 0.84
CA ILE I 9 32.75 -11.07 -0.42
C ILE I 9 33.01 -12.05 -1.56
N THR I 10 31.93 -12.52 -2.17
CA THR I 10 31.98 -13.38 -3.35
C THR I 10 31.20 -12.65 -4.43
N LYS I 11 31.69 -12.72 -5.67
CA LYS I 11 31.29 -11.80 -6.72
C LYS I 11 30.62 -12.52 -7.89
N ARG I 12 29.67 -11.81 -8.50
CA ARG I 12 28.86 -12.33 -9.58
C ARG I 12 28.33 -11.14 -10.35
N ASN I 13 28.92 -10.88 -11.52
CA ASN I 13 28.73 -9.62 -12.20
C ASN I 13 28.16 -9.84 -13.60
N GLY I 14 27.25 -8.97 -14.00
CA GLY I 14 26.62 -9.15 -15.29
C GLY I 14 25.24 -9.74 -15.27
N ALA I 15 24.56 -9.71 -14.13
CA ALA I 15 23.24 -10.31 -14.02
C ALA I 15 22.45 -9.67 -12.89
N PHE I 16 21.15 -9.48 -13.14
CA PHE I 16 20.22 -9.17 -12.05
C PHE I 16 20.17 -10.30 -11.03
N GLN I 17 20.11 -11.54 -11.49
CA GLN I 17 19.93 -12.68 -10.62
C GLN I 17 20.69 -13.86 -11.19
N ASN I 18 20.95 -14.84 -10.33
CA ASN I 18 21.35 -16.14 -10.82
C ASN I 18 20.15 -16.79 -11.49
N SER I 19 20.28 -17.10 -12.78
CA SER I 19 19.18 -17.62 -13.57
C SER I 19 19.68 -18.45 -14.74
N SER I 52 3.37 -36.88 -3.14
CA SER I 52 3.45 -35.45 -2.84
C SER I 52 2.56 -34.69 -3.79
N ASP I 53 1.72 -35.42 -4.52
CA ASP I 53 0.90 -34.84 -5.57
C ASP I 53 -0.42 -34.38 -4.98
N SER I 54 -0.82 -33.16 -5.34
CA SER I 54 -2.12 -32.61 -5.00
C SER I 54 -2.43 -31.48 -5.97
N GLN I 55 -3.66 -31.01 -5.93
CA GLN I 55 -4.08 -29.99 -6.88
C GLN I 55 -3.46 -28.65 -6.51
N ILE I 56 -2.82 -28.03 -7.48
CA ILE I 56 -2.24 -26.71 -7.31
C ILE I 56 -2.96 -25.73 -8.19
N VAL I 57 -3.72 -24.84 -7.57
CA VAL I 57 -4.68 -24.05 -8.32
C VAL I 57 -4.32 -22.59 -8.21
N THR I 58 -4.88 -21.81 -9.11
CA THR I 58 -4.59 -20.40 -9.25
C THR I 58 -5.85 -19.60 -9.00
N PRO I 59 -5.75 -18.30 -8.77
CA PRO I 59 -6.95 -17.48 -8.77
C PRO I 59 -7.51 -17.38 -10.17
N GLY I 60 -8.82 -17.13 -10.24
CA GLY I 60 -9.49 -17.10 -11.52
C GLY I 60 -9.80 -18.47 -12.08
N GLU I 61 -9.47 -19.52 -11.36
CA GLU I 61 -9.51 -20.85 -11.92
C GLU I 61 -10.73 -21.59 -11.41
N LEU I 62 -11.34 -22.37 -12.29
CA LEU I 62 -12.44 -23.23 -11.90
C LEU I 62 -11.90 -24.44 -11.18
N VAL I 63 -12.54 -24.84 -10.10
CA VAL I 63 -12.29 -26.15 -9.53
C VAL I 63 -13.24 -27.17 -10.11
N THR I 64 -14.53 -26.97 -9.86
CA THR I 64 -15.57 -27.84 -10.39
C THR I 64 -16.90 -27.10 -10.36
N ASP I 65 -17.95 -27.81 -10.72
CA ASP I 65 -19.29 -27.27 -10.58
C ASP I 65 -20.28 -28.33 -10.12
N ASP I 66 -19.79 -29.37 -9.45
CA ASP I 66 -20.63 -30.22 -8.64
C ASP I 66 -21.24 -29.38 -7.55
N PRO I 67 -22.57 -29.21 -7.50
CA PRO I 67 -23.17 -28.36 -6.46
C PRO I 67 -23.08 -28.93 -5.07
N ILE I 68 -22.73 -30.20 -4.93
CA ILE I 68 -22.84 -30.86 -3.63
C ILE I 68 -21.73 -30.37 -2.71
N TRP I 69 -20.65 -29.85 -3.26
CA TRP I 69 -19.56 -29.37 -2.44
C TRP I 69 -19.93 -28.10 -1.70
N MET I 70 -19.32 -27.95 -0.52
CA MET I 70 -19.46 -26.75 0.30
C MET I 70 -18.27 -25.84 0.06
N ARG I 71 -18.50 -24.55 0.27
CA ARG I 71 -17.57 -23.54 -0.18
C ARG I 71 -17.06 -22.74 0.99
N GLY I 72 -15.77 -22.88 1.29
CA GLY I 72 -15.15 -22.26 2.42
C GLY I 72 -14.02 -21.34 2.03
N HIS I 73 -12.91 -21.49 2.74
CA HIS I 73 -11.85 -20.51 2.61
C HIS I 73 -11.05 -20.73 1.34
N GLY I 74 -10.60 -19.62 0.78
CA GLY I 74 -10.01 -19.59 -0.53
C GLY I 74 -10.97 -19.79 -1.66
N THR I 75 -12.28 -19.81 -1.38
CA THR I 75 -13.24 -20.15 -2.40
C THR I 75 -14.28 -19.03 -2.53
N TYR I 76 -14.55 -18.68 -3.77
CA TYR I 76 -15.70 -17.87 -4.12
C TYR I 76 -16.32 -18.54 -5.32
N PHE I 77 -17.48 -18.04 -5.76
CA PHE I 77 -18.28 -18.84 -6.66
C PHE I 77 -19.41 -18.04 -7.29
N LEU I 78 -19.98 -18.64 -8.34
CA LEU I 78 -21.27 -18.21 -8.85
C LEU I 78 -22.09 -19.47 -9.10
N ASP I 79 -22.79 -19.93 -8.06
CA ASP I 79 -23.89 -20.88 -8.04
C ASP I 79 -23.55 -22.31 -8.43
N ASN I 80 -22.49 -22.49 -9.20
CA ASN I 80 -21.84 -23.77 -9.41
C ASN I 80 -20.34 -23.62 -9.44
N MET I 81 -19.89 -22.53 -10.03
CA MET I 81 -18.52 -22.42 -10.47
C MET I 81 -17.59 -22.17 -9.30
N THR I 82 -16.87 -23.21 -8.92
CA THR I 82 -16.01 -23.19 -7.76
C THR I 82 -14.70 -22.53 -8.15
N TYR I 83 -14.43 -21.37 -7.57
CA TYR I 83 -13.35 -20.52 -8.00
C TYR I 83 -12.37 -20.24 -6.89
N SER I 84 -11.12 -20.64 -7.11
CA SER I 84 -10.07 -20.33 -6.17
C SER I 84 -9.66 -18.87 -6.28
N SER I 85 -8.97 -18.39 -5.25
CA SER I 85 -8.61 -16.99 -5.14
C SER I 85 -7.16 -16.78 -4.78
N VAL I 86 -6.42 -17.86 -4.53
CA VAL I 86 -5.02 -17.72 -4.13
C VAL I 86 -4.17 -18.70 -4.89
N ALA I 87 -2.87 -18.63 -4.65
CA ALA I 87 -1.96 -19.71 -5.00
C ALA I 87 -1.94 -20.67 -3.84
N GLY I 88 -2.58 -21.82 -4.02
CA GLY I 88 -2.60 -22.78 -2.94
C GLY I 88 -3.15 -24.11 -3.40
N THR I 89 -3.56 -24.87 -2.40
CA THR I 89 -3.93 -26.26 -2.59
C THR I 89 -5.41 -26.47 -2.37
N VAL I 90 -5.99 -27.34 -3.19
CA VAL I 90 -7.33 -27.81 -2.95
C VAL I 90 -7.34 -28.71 -1.72
N SER I 91 -8.17 -28.36 -0.75
CA SER I 91 -8.46 -29.24 0.36
C SER I 91 -9.91 -29.68 0.26
N ARG I 92 -10.11 -30.97 0.10
CA ARG I 92 -11.44 -31.59 0.03
C ARG I 92 -11.65 -32.30 1.35
N VAL I 93 -12.50 -31.78 2.22
CA VAL I 93 -12.76 -32.47 3.47
C VAL I 93 -14.20 -32.97 3.44
N ASN I 94 -14.38 -34.15 2.85
CA ASN I 94 -15.43 -35.13 3.09
C ASN I 94 -16.80 -34.67 2.60
N ARG I 95 -17.12 -33.38 2.61
CA ARG I 95 -17.88 -32.68 1.59
C ARG I 95 -17.41 -31.26 1.45
N LEU I 96 -16.45 -30.86 2.28
CA LEU I 96 -16.03 -29.48 2.34
C LEU I 96 -14.85 -29.30 1.44
N LEU I 97 -15.00 -28.43 0.47
CA LEU I 97 -13.89 -28.03 -0.34
C LEU I 97 -13.47 -26.63 0.09
N SER I 98 -12.17 -26.44 0.25
CA SER I 98 -11.62 -25.15 0.60
C SER I 98 -10.19 -25.10 0.10
N VAL I 99 -9.67 -23.89 -0.03
CA VAL I 99 -8.35 -23.69 -0.61
C VAL I 99 -7.44 -23.20 0.49
N ILE I 100 -6.42 -23.97 0.80
CA ILE I 100 -5.40 -23.48 1.70
C ILE I 100 -4.31 -22.85 0.85
N PRO I 101 -3.93 -21.61 1.13
CA PRO I 101 -2.86 -20.97 0.35
C PRO I 101 -1.50 -21.53 0.76
N LEU I 102 -0.46 -21.02 0.12
CA LEU I 102 0.87 -21.33 0.62
C LEU I 102 1.50 -20.11 1.27
N LYS I 103 1.08 -18.92 0.86
CA LYS I 103 1.77 -17.71 1.30
C LYS I 103 0.77 -16.82 2.04
N GLY I 104 1.22 -16.28 3.15
CA GLY I 104 0.41 -15.38 3.93
C GLY I 104 0.99 -15.15 5.29
N ARG I 105 0.36 -14.24 6.03
CA ARG I 105 0.81 -13.96 7.37
C ARG I 105 0.40 -15.07 8.33
N TYR I 106 0.77 -14.88 9.58
CA TYR I 106 0.42 -15.85 10.60
C TYR I 106 -1.08 -15.81 10.88
N ALA I 107 -1.67 -16.98 10.97
CA ALA I 107 -3.08 -17.07 11.31
C ALA I 107 -3.19 -17.24 12.80
N PRO I 108 -3.83 -16.32 13.51
CA PRO I 108 -4.01 -16.50 14.94
C PRO I 108 -5.10 -17.52 15.21
N GLU I 109 -4.86 -18.40 16.18
CA GLU I 109 -5.89 -19.29 16.66
C GLU I 109 -5.85 -19.33 18.17
N THR I 110 -6.96 -19.76 18.77
CA THR I 110 -7.10 -19.70 20.22
C THR I 110 -6.21 -20.73 20.88
N GLY I 111 -5.90 -20.50 22.14
CA GLY I 111 -5.10 -21.42 22.91
C GLY I 111 -3.66 -21.54 22.47
N ASP I 112 -3.15 -20.62 21.68
CA ASP I 112 -1.81 -20.80 21.17
C ASP I 112 -0.80 -20.03 22.01
N HIS I 113 0.42 -20.49 21.99
CA HIS I 113 1.45 -19.95 22.84
C HIS I 113 2.40 -19.13 21.99
N VAL I 114 2.21 -17.81 22.01
CA VAL I 114 3.02 -16.95 21.16
C VAL I 114 3.65 -15.85 21.97
N VAL I 115 4.35 -14.96 21.26
CA VAL I 115 5.14 -13.91 21.86
C VAL I 115 4.66 -12.58 21.29
N GLY I 116 4.39 -11.63 22.17
CA GLY I 116 3.92 -10.34 21.74
C GLY I 116 4.94 -9.25 22.03
N ARG I 117 5.04 -8.32 21.10
CA ARG I 117 5.82 -7.12 21.25
C ARG I 117 4.85 -5.96 21.43
N ILE I 118 5.08 -5.17 22.47
CA ILE I 118 4.05 -4.22 22.89
C ILE I 118 3.98 -3.06 21.92
N ALA I 119 2.86 -2.97 21.22
CA ALA I 119 2.68 -1.84 20.33
C ALA I 119 2.20 -0.63 21.09
N GLU I 120 0.98 -0.66 21.63
CA GLU I 120 0.44 0.56 22.17
C GLU I 120 -0.34 0.30 23.43
N VAL I 121 -0.78 1.41 24.02
CA VAL I 121 -1.62 1.45 25.20
C VAL I 121 -2.89 2.21 24.86
N GLY I 122 -4.03 1.65 25.21
CA GLY I 122 -5.30 2.30 24.94
C GLY I 122 -5.93 2.75 26.24
N ASN I 123 -7.25 2.81 26.21
CA ASN I 123 -8.07 3.35 27.29
C ASN I 123 -7.88 2.49 28.53
N LYS I 124 -8.32 1.25 28.53
CA LYS I 124 -7.86 0.23 29.46
C LYS I 124 -7.38 -0.93 28.63
N ARG I 125 -6.94 -0.61 27.41
CA ARG I 125 -6.59 -1.63 26.45
C ARG I 125 -5.11 -1.49 26.13
N TRP I 126 -4.56 -2.54 25.54
CA TRP I 126 -3.22 -2.48 24.98
C TRP I 126 -3.23 -3.01 23.55
N LYS I 127 -2.32 -2.50 22.76
CA LYS I 127 -2.09 -3.03 21.43
C LYS I 127 -0.71 -3.65 21.41
N VAL I 128 -0.59 -4.74 20.67
CA VAL I 128 0.56 -5.62 20.75
C VAL I 128 0.64 -6.44 19.48
N ASP I 129 1.82 -6.52 18.91
CA ASP I 129 1.97 -7.18 17.63
C ASP I 129 2.01 -8.68 17.84
N ILE I 130 1.29 -9.38 16.97
CA ILE I 130 1.44 -10.80 16.80
C ILE I 130 2.44 -11.12 15.71
N GLY I 131 2.46 -10.28 14.68
CA GLY I 131 3.18 -10.59 13.48
C GLY I 131 2.17 -10.92 12.41
N GLY I 132 0.93 -11.13 12.83
CA GLY I 132 -0.16 -11.49 11.94
C GLY I 132 -0.69 -10.31 11.17
N LYS I 133 -1.99 -10.35 10.89
CA LYS I 133 -2.58 -9.21 10.21
C LYS I 133 -2.66 -8.00 11.11
N GLN I 134 -3.18 -8.15 12.32
CA GLN I 134 -3.46 -7.01 13.15
C GLN I 134 -2.89 -7.21 14.53
N HIS I 135 -3.12 -6.23 15.39
CA HIS I 135 -2.69 -6.41 16.75
C HIS I 135 -3.67 -7.27 17.51
N ALA I 136 -3.16 -7.96 18.51
CA ALA I 136 -4.07 -8.50 19.50
C ALA I 136 -4.45 -7.42 20.48
N VAL I 137 -5.49 -7.69 21.20
CA VAL I 137 -5.87 -6.82 22.30
C VAL I 137 -5.72 -7.61 23.59
N LEU I 138 -5.71 -6.87 24.68
CA LEU I 138 -5.26 -7.37 25.97
C LEU I 138 -5.97 -6.49 26.98
N MET I 139 -6.93 -7.08 27.69
CA MET I 139 -7.71 -6.31 28.65
C MET I 139 -6.86 -5.87 29.82
N LEU I 140 -7.35 -4.88 30.54
CA LEU I 140 -6.58 -4.33 31.64
C LEU I 140 -6.44 -5.34 32.76
N GLY I 141 -7.54 -6.00 33.11
CA GLY I 141 -7.47 -7.00 34.16
C GLY I 141 -7.14 -8.38 33.60
N SER I 142 -6.52 -8.43 32.43
CA SER I 142 -6.27 -9.73 31.81
C SER I 142 -4.92 -10.29 32.23
N VAL I 143 -4.28 -9.67 33.21
CA VAL I 143 -2.89 -9.95 33.48
C VAL I 143 -2.69 -10.36 34.91
N ASN I 144 -1.57 -11.03 35.17
CA ASN I 144 -1.23 -11.50 36.50
C ASN I 144 -0.82 -10.29 37.34
N LEU I 145 -1.50 -10.08 38.46
CA LEU I 145 -1.16 -8.95 39.30
C LEU I 145 -0.10 -9.37 40.31
N PRO I 146 0.82 -8.47 40.66
CA PRO I 146 1.76 -8.78 41.74
C PRO I 146 1.01 -8.81 43.06
N GLY I 147 1.26 -9.85 43.85
CA GLY I 147 0.40 -10.14 44.97
C GLY I 147 -0.83 -10.94 44.63
N GLY I 148 -1.14 -11.11 43.34
CA GLY I 148 -2.20 -12.01 42.97
C GLY I 148 -3.57 -11.39 43.15
N ILE I 149 -4.56 -12.25 43.39
CA ILE I 149 -5.97 -11.85 43.33
C ILE I 149 -6.36 -11.07 44.59
N LEU I 150 -5.58 -11.23 45.67
CA LEU I 150 -5.73 -10.41 46.86
C LEU I 150 -5.60 -8.93 46.54
N ARG I 151 -4.72 -8.60 45.59
CA ARG I 151 -4.89 -7.37 44.84
C ARG I 151 -6.11 -7.50 43.94
N ARG I 152 -7.19 -6.87 44.33
CA ARG I 152 -8.37 -6.87 43.48
C ARG I 152 -8.37 -5.68 42.55
N LYS I 153 -9.55 -5.36 42.02
CA LYS I 153 -9.70 -4.27 41.06
C LYS I 153 -9.40 -2.91 41.68
N SER I 154 -9.08 -1.94 40.84
CA SER I 154 -8.94 -0.53 41.21
C SER I 154 -9.03 0.34 39.97
N GLU I 155 -9.70 1.48 40.09
CA GLU I 155 -9.73 2.40 38.96
C GLU I 155 -8.42 3.16 38.86
N SER I 156 -7.62 3.14 39.92
CA SER I 156 -6.32 3.80 39.86
C SER I 156 -5.34 3.00 39.03
N ASP I 157 -5.71 1.78 38.66
CA ASP I 157 -4.83 0.94 37.86
C ASP I 157 -4.68 1.49 36.44
N GLU I 158 -5.71 2.15 35.92
CA GLU I 158 -5.58 2.72 34.60
C GLU I 158 -4.72 3.98 34.64
N LEU I 159 -4.50 4.51 35.84
CA LEU I 159 -3.55 5.59 35.99
C LEU I 159 -2.14 5.05 36.04
N GLN I 160 -2.00 3.73 36.11
CA GLN I 160 -0.73 3.05 36.07
C GLN I 160 -0.65 1.98 35.00
N MET I 161 -1.18 2.23 33.81
CA MET I 161 -1.01 1.25 32.76
C MET I 161 0.44 1.15 32.36
N ARG I 162 1.13 2.28 32.33
CA ARG I 162 2.49 2.35 31.85
C ARG I 162 3.45 1.78 32.89
N SER I 163 2.96 1.66 34.12
CA SER I 163 3.75 1.09 35.20
C SER I 163 4.10 -0.35 34.92
N PHE I 164 3.10 -1.18 34.66
CA PHE I 164 3.38 -2.60 34.51
C PHE I 164 3.90 -2.90 33.12
N LEU I 165 3.43 -2.16 32.11
CA LEU I 165 3.77 -2.48 30.73
C LEU I 165 4.23 -1.21 30.02
N LYS I 166 5.14 -1.35 29.08
CA LYS I 166 5.34 -0.29 28.10
C LYS I 166 5.83 -0.91 26.80
N GLU I 167 6.18 -0.03 25.86
CA GLU I 167 6.23 -0.37 24.44
C GLU I 167 7.33 -1.37 24.13
N GLY I 168 7.08 -2.19 23.12
CA GLY I 168 8.09 -3.05 22.54
C GLY I 168 8.46 -4.26 23.36
N ASP I 169 7.83 -4.46 24.50
CA ASP I 169 8.36 -5.46 25.40
C ASP I 169 7.79 -6.83 25.07
N LEU I 170 8.47 -7.86 25.54
CA LEU I 170 8.20 -9.22 25.10
C LEU I 170 7.74 -10.08 26.25
N LEU I 171 6.84 -11.02 25.93
CA LEU I 171 6.13 -11.71 26.97
C LEU I 171 5.54 -13.01 26.46
N ASN I 172 4.96 -13.75 27.39
CA ASN I 172 4.30 -15.00 27.07
C ASN I 172 2.80 -14.79 27.17
N ALA I 173 2.10 -15.23 26.13
CA ALA I 173 0.70 -14.86 26.05
C ALA I 173 -0.12 -16.03 25.56
N GLU I 174 -1.38 -16.03 25.94
CA GLU I 174 -2.25 -17.18 25.78
C GLU I 174 -3.47 -16.75 25.00
N VAL I 175 -3.70 -17.39 23.84
CA VAL I 175 -4.70 -16.83 22.94
C VAL I 175 -6.10 -17.26 23.34
N GLN I 176 -6.92 -16.27 23.68
CA GLN I 176 -8.19 -16.56 24.31
C GLN I 176 -9.24 -16.85 23.26
N SER I 177 -9.61 -15.85 22.50
CA SER I 177 -10.80 -15.85 21.68
C SER I 177 -10.71 -14.67 20.73
N LEU I 178 -11.71 -14.52 19.88
CA LEU I 178 -11.57 -13.67 18.71
C LEU I 178 -12.60 -12.56 18.69
N PHE I 179 -12.62 -11.84 17.59
CA PHE I 179 -13.69 -10.94 17.25
C PHE I 179 -14.40 -11.42 16.00
N GLN I 180 -15.28 -10.56 15.49
CA GLN I 180 -16.06 -10.91 14.32
C GLN I 180 -15.18 -11.02 13.07
N ASP I 181 -14.04 -10.33 13.06
CA ASP I 181 -13.23 -10.38 11.87
C ASP I 181 -12.32 -11.60 11.83
N GLY I 182 -11.65 -11.90 12.93
CA GLY I 182 -10.50 -12.77 12.88
C GLY I 182 -9.37 -12.18 13.69
N SER I 183 -9.60 -11.02 14.28
CA SER I 183 -8.65 -10.51 15.25
C SER I 183 -8.97 -11.06 16.64
N ALA I 184 -7.94 -11.50 17.33
CA ALA I 184 -8.07 -12.26 18.56
C ALA I 184 -7.36 -11.56 19.70
N SER I 185 -7.57 -12.06 20.91
CA SER I 185 -7.01 -11.43 22.10
C SER I 185 -6.20 -12.42 22.92
N LEU I 186 -5.58 -11.91 23.97
CA LEU I 186 -4.60 -12.65 24.77
C LEU I 186 -4.88 -12.51 26.25
N HIS I 187 -4.12 -13.27 27.04
CA HIS I 187 -4.07 -13.16 28.49
C HIS I 187 -2.92 -14.00 29.02
N THR I 188 -2.74 -13.97 30.33
CA THR I 188 -1.65 -14.67 31.01
C THR I 188 -2.15 -15.56 32.13
N ARG I 189 -3.12 -16.43 31.86
CA ARG I 189 -3.65 -17.21 32.98
C ARG I 189 -2.71 -18.33 33.40
N SER I 190 -1.57 -17.93 33.97
CA SER I 190 -0.63 -18.72 34.74
C SER I 190 0.44 -17.79 35.25
N LEU I 191 1.19 -18.28 36.22
CA LEU I 191 2.51 -17.75 36.50
C LEU I 191 3.45 -17.94 35.32
N LYS I 192 3.23 -19.00 34.54
CA LYS I 192 4.13 -19.37 33.46
C LYS I 192 4.11 -18.34 32.34
N TYR I 193 2.99 -17.66 32.15
CA TYR I 193 2.96 -16.59 31.18
C TYR I 193 3.40 -15.31 31.85
N GLY I 194 4.16 -14.51 31.13
CA GLY I 194 4.59 -13.23 31.65
C GLY I 194 5.73 -12.62 30.85
N LYS I 195 6.12 -11.44 31.32
CA LYS I 195 7.10 -10.60 30.65
C LYS I 195 8.48 -11.22 30.70
N LEU I 196 9.18 -11.14 29.58
CA LEU I 196 10.43 -11.84 29.41
C LEU I 196 11.59 -11.08 30.01
N ARG I 197 12.69 -11.80 30.18
CA ARG I 197 13.97 -11.30 30.65
C ARG I 197 14.99 -12.41 30.44
N ASN I 198 16.20 -12.18 30.94
CA ASN I 198 17.27 -13.17 31.08
C ASN I 198 17.73 -13.74 29.75
N GLY I 199 17.50 -13.03 28.65
CA GLY I 199 17.99 -13.56 27.40
C GLY I 199 17.86 -12.69 26.17
N MET I 200 17.46 -13.30 25.06
CA MET I 200 17.56 -12.69 23.75
C MET I 200 16.41 -13.17 22.87
N PHE I 201 15.99 -12.31 21.95
CA PHE I 201 14.95 -12.61 21.00
C PHE I 201 15.56 -12.99 19.65
N CYS I 202 14.85 -13.85 18.92
CA CYS I 202 15.08 -14.02 17.50
C CYS I 202 13.73 -14.28 16.83
N GLN I 203 13.69 -14.20 15.51
CA GLN I 203 12.44 -14.41 14.83
C GLN I 203 12.64 -15.16 13.52
N VAL I 204 11.58 -15.84 13.11
CA VAL I 204 11.59 -16.78 11.99
C VAL I 204 10.28 -16.62 11.23
N PRO I 205 10.19 -17.20 10.03
CA PRO I 205 8.88 -17.48 9.45
C PRO I 205 8.06 -18.41 10.33
N SER I 206 6.75 -18.21 10.32
CA SER I 206 5.85 -19.00 11.16
C SER I 206 5.69 -20.42 10.65
N SER I 207 6.12 -20.71 9.44
CA SER I 207 5.82 -21.99 8.84
C SER I 207 6.59 -23.13 9.46
N LEU I 208 7.89 -22.96 9.67
CA LEU I 208 8.75 -24.06 10.07
C LEU I 208 8.51 -24.55 11.49
N ILE I 209 7.83 -23.78 12.30
CA ILE I 209 7.55 -24.16 13.67
C ILE I 209 6.48 -25.22 13.64
N VAL I 210 6.77 -26.39 14.19
CA VAL I 210 5.87 -27.51 14.12
C VAL I 210 4.98 -27.48 15.37
N ARG I 211 3.79 -28.05 15.23
CA ARG I 211 2.89 -28.08 16.37
C ARG I 211 3.13 -29.34 17.20
N ALA I 212 3.06 -29.16 18.51
CA ALA I 212 3.13 -30.28 19.43
C ALA I 212 2.28 -29.93 20.64
N LYS I 213 2.18 -30.87 21.58
CA LYS I 213 1.39 -30.61 22.77
C LYS I 213 2.15 -29.75 23.78
N ASN I 214 3.37 -29.36 23.46
CA ASN I 214 4.21 -28.65 24.42
C ASN I 214 4.98 -27.60 23.65
N HIS I 215 5.39 -26.51 24.30
CA HIS I 215 6.10 -25.45 23.62
C HIS I 215 7.27 -24.89 24.38
N THR I 216 7.28 -24.95 25.69
CA THR I 216 8.43 -24.53 26.46
C THR I 216 9.41 -25.67 26.44
N HIS I 217 10.65 -25.39 26.09
CA HIS I 217 11.61 -26.48 26.06
C HIS I 217 12.91 -26.08 26.69
N ASN I 218 13.53 -27.05 27.35
CA ASN I 218 14.66 -26.82 28.22
C ASN I 218 15.83 -27.62 27.68
N LEU I 219 16.97 -26.99 27.53
CA LEU I 219 18.02 -27.57 26.73
C LEU I 219 19.31 -27.60 27.52
N PRO I 220 20.14 -28.63 27.33
CA PRO I 220 21.39 -28.72 28.08
C PRO I 220 22.32 -27.60 27.70
N GLY I 221 22.87 -26.97 28.73
CA GLY I 221 23.32 -25.60 28.67
C GLY I 221 22.54 -24.71 29.59
N ASN I 222 21.66 -25.27 30.41
CA ASN I 222 20.89 -24.58 31.46
C ASN I 222 20.04 -23.47 30.90
N ILE I 223 19.49 -23.68 29.73
CA ILE I 223 18.80 -22.62 29.02
C ILE I 223 17.54 -23.17 28.41
N THR I 224 16.74 -22.26 27.91
CA THR I 224 15.34 -22.52 27.64
C THR I 224 14.93 -21.76 26.38
N VAL I 225 14.29 -22.46 25.48
CA VAL I 225 13.68 -21.80 24.34
C VAL I 225 12.22 -21.59 24.66
N VAL I 226 11.69 -20.46 24.24
CA VAL I 226 10.27 -20.19 24.33
C VAL I 226 9.81 -19.97 22.90
N LEU I 227 9.43 -21.05 22.25
CA LEU I 227 9.02 -20.99 20.86
C LEU I 227 7.60 -20.47 20.86
N GLY I 228 7.42 -19.26 20.32
CA GLY I 228 6.09 -18.85 19.92
C GLY I 228 5.66 -19.66 18.71
N VAL I 229 4.34 -19.69 18.50
CA VAL I 229 3.84 -20.31 17.28
C VAL I 229 4.00 -19.35 16.11
N ASN I 230 3.74 -18.07 16.33
CA ASN I 230 3.65 -17.07 15.29
C ASN I 230 4.96 -16.79 14.58
N GLY I 231 6.08 -17.29 15.06
CA GLY I 231 7.36 -17.00 14.46
C GLY I 231 8.28 -16.19 15.34
N TYR I 232 7.96 -16.05 16.61
CA TYR I 232 8.77 -15.24 17.51
C TYR I 232 9.43 -16.13 18.54
N ILE I 233 10.72 -15.95 18.76
CA ILE I 233 11.52 -16.89 19.50
C ILE I 233 12.35 -16.16 20.55
N TRP I 234 12.13 -16.52 21.81
CA TRP I 234 12.89 -15.96 22.92
C TRP I 234 13.73 -17.04 23.55
N LEU I 235 14.99 -16.73 23.80
CA LEU I 235 15.85 -17.59 24.59
C LEU I 235 16.01 -16.93 25.94
N ARG I 236 16.12 -17.73 27.00
CA ARG I 236 16.64 -17.24 28.26
C ARG I 236 17.18 -18.39 29.08
N LYS I 237 17.85 -18.00 30.15
CA LYS I 237 18.40 -18.93 31.12
C LYS I 237 17.28 -19.64 31.85
N THR I 238 17.48 -20.93 32.10
CA THR I 238 16.51 -21.75 32.82
C THR I 238 16.30 -21.22 34.22
N SER I 239 15.05 -20.94 34.59
CA SER I 239 14.75 -20.47 35.92
C SER I 239 14.42 -21.65 36.82
N GLN I 240 14.15 -21.35 38.09
CA GLN I 240 13.65 -22.39 38.98
C GLN I 240 12.25 -22.80 38.61
N MET I 241 11.43 -21.84 38.14
CA MET I 241 10.10 -22.18 37.68
C MET I 241 10.18 -23.07 36.45
N ASP I 242 11.20 -22.87 35.64
CA ASP I 242 11.47 -23.80 34.56
C ASP I 242 11.87 -25.16 35.10
N LEU I 243 12.74 -25.16 36.12
CA LEU I 243 13.10 -26.39 36.80
C LEU I 243 11.92 -27.00 37.51
N ALA I 244 11.00 -26.16 37.97
CA ALA I 244 9.79 -26.63 38.62
C ALA I 244 8.89 -27.42 37.68
N ARG I 245 9.05 -27.25 36.37
CA ARG I 245 8.18 -27.93 35.42
C ARG I 245 8.45 -29.42 35.38
N ASP I 246 9.62 -29.85 35.86
CA ASP I 246 10.11 -31.18 35.55
C ASP I 246 10.46 -32.02 36.78
N THR I 247 10.31 -31.48 37.98
CA THR I 247 10.61 -32.25 39.18
C THR I 247 9.36 -32.96 39.66
N SER I 278 9.86 -11.90 44.57
CA SER I 278 9.55 -13.18 43.96
C SER I 278 8.48 -12.98 42.91
N SER I 279 7.23 -13.12 43.34
CA SER I 279 6.07 -12.84 42.52
C SER I 279 5.91 -11.36 42.20
N TRP I 280 6.71 -10.52 42.82
CA TRP I 280 6.67 -9.08 42.62
C TRP I 280 7.60 -8.65 41.51
N GLN I 281 8.09 -9.58 40.72
CA GLN I 281 9.12 -9.33 39.72
C GLN I 281 8.61 -9.60 38.32
N ILE I 282 7.33 -9.28 38.11
CA ILE I 282 6.66 -9.65 36.89
C ILE I 282 6.48 -8.47 35.98
N TYR I 283 7.06 -7.33 36.29
CA TYR I 283 7.18 -6.24 35.34
C TYR I 283 8.57 -5.64 35.38
N SER I 284 9.54 -6.36 35.95
CA SER I 284 10.86 -5.81 36.14
C SER I 284 11.62 -5.78 34.83
N ASP I 285 12.52 -4.81 34.71
CA ASP I 285 13.50 -4.87 33.65
C ASP I 285 14.79 -5.49 34.12
N GLU I 286 14.76 -6.15 35.26
CA GLU I 286 15.97 -6.71 35.81
C GLU I 286 16.22 -8.08 35.21
N ASN I 287 17.48 -8.48 35.23
CA ASN I 287 17.79 -9.88 35.00
C ASN I 287 18.34 -10.49 36.27
N ASP I 288 18.63 -11.78 36.19
CA ASP I 288 19.60 -12.32 37.12
C ASP I 288 20.92 -11.59 36.88
N PRO I 289 21.49 -11.01 37.91
CA PRO I 289 22.78 -10.33 37.71
C PRO I 289 23.89 -11.29 37.40
N SER I 290 23.76 -12.53 37.84
CA SER I 290 24.77 -13.55 37.69
C SER I 290 24.55 -14.21 36.34
N ILE I 291 25.21 -13.69 35.31
CA ILE I 291 25.14 -14.25 33.97
C ILE I 291 26.56 -14.45 33.48
N SER I 292 26.98 -15.70 33.37
CA SER I 292 28.32 -15.98 32.87
C SER I 292 28.35 -15.76 31.37
N ASN I 293 29.56 -15.57 30.86
CA ASN I 293 29.75 -15.57 29.43
C ASN I 293 29.52 -16.96 28.86
N ASN I 294 29.83 -18.00 29.65
CA ASN I 294 29.57 -19.37 29.23
C ASN I 294 28.09 -19.63 29.10
N ILE I 295 27.27 -18.91 29.85
CA ILE I 295 25.88 -18.80 29.47
C ILE I 295 25.77 -18.07 28.14
N ARG I 296 26.32 -16.85 28.08
CA ARG I 296 26.06 -15.91 26.99
C ARG I 296 26.54 -16.44 25.66
N GLN I 297 27.73 -17.03 25.61
CA GLN I 297 28.21 -17.56 24.34
C GLN I 297 27.47 -18.82 23.95
N ALA I 298 26.97 -19.57 24.92
CA ALA I 298 26.15 -20.72 24.58
C ALA I 298 24.80 -20.30 24.02
N ILE I 299 24.39 -19.07 24.31
CA ILE I 299 23.15 -18.57 23.72
C ILE I 299 23.31 -18.45 22.22
N CYS I 300 24.46 -17.95 21.79
CA CYS I 300 24.63 -17.59 20.40
C CYS I 300 24.72 -18.82 19.54
N ARG I 301 25.24 -19.91 20.10
CA ARG I 301 25.33 -21.15 19.34
C ARG I 301 23.96 -21.73 19.07
N TYR I 302 23.07 -21.66 20.04
CA TYR I 302 21.70 -22.03 19.75
C TYR I 302 21.03 -20.98 18.89
N ALA I 303 21.56 -19.75 18.88
CA ALA I 303 20.89 -18.69 18.14
C ALA I 303 21.05 -18.87 16.64
N ASN I 304 22.27 -19.14 16.18
CA ASN I 304 22.50 -19.20 14.75
C ASN I 304 21.90 -20.44 14.13
N VAL I 305 21.84 -21.53 14.91
CA VAL I 305 21.38 -22.78 14.33
C VAL I 305 19.89 -22.72 14.07
N ILE I 306 19.19 -21.82 14.78
CA ILE I 306 17.84 -21.48 14.43
C ILE I 306 17.78 -20.95 13.01
N LYS I 307 18.61 -19.95 12.73
CA LYS I 307 18.62 -19.36 11.39
C LYS I 307 19.20 -20.29 10.38
N ALA I 308 20.02 -21.24 10.82
CA ALA I 308 20.49 -22.29 9.93
C ALA I 308 19.32 -23.11 9.42
N LEU I 309 18.46 -23.57 10.32
CA LEU I 309 17.30 -24.33 9.92
C LEU I 309 16.31 -23.46 9.17
N ALA I 310 16.25 -22.19 9.55
CA ALA I 310 15.39 -21.24 8.85
C ALA I 310 15.89 -20.97 7.45
N PHE I 311 17.21 -20.86 7.27
CA PHE I 311 17.73 -20.76 5.92
C PHE I 311 17.59 -22.08 5.18
N CYS I 312 17.65 -23.20 5.89
CA CYS I 312 17.54 -24.49 5.25
C CYS I 312 16.12 -25.01 5.15
N GLU I 313 15.14 -24.22 5.59
CA GLU I 313 13.71 -24.56 5.53
C GLU I 313 13.43 -25.87 6.25
N ILE I 314 13.66 -25.88 7.56
CA ILE I 314 13.59 -27.10 8.34
C ILE I 314 12.52 -26.95 9.40
N GLY I 315 11.63 -27.94 9.46
CA GLY I 315 10.71 -28.02 10.57
C GLY I 315 11.46 -28.21 11.87
N ILE I 316 11.11 -27.40 12.87
CA ILE I 316 11.86 -27.43 14.12
C ILE I 316 11.44 -28.63 14.95
N THR I 317 12.38 -29.52 15.20
CA THR I 317 12.23 -30.48 16.28
C THR I 317 13.17 -30.06 17.38
N GLN I 318 12.64 -30.11 18.59
CA GLN I 318 13.44 -29.93 19.80
C GLN I 318 14.69 -30.80 19.77
N GLN I 319 14.56 -32.04 19.31
CA GLN I 319 15.72 -32.91 19.21
C GLN I 319 16.63 -32.48 18.07
N ARG I 320 16.06 -31.97 16.99
CA ARG I 320 16.87 -31.52 15.86
C ARG I 320 17.77 -30.37 16.28
N ILE I 321 17.29 -29.54 17.19
CA ILE I 321 18.11 -28.48 17.75
C ILE I 321 19.26 -29.07 18.55
N VAL I 322 18.95 -30.07 19.36
CA VAL I 322 19.97 -30.82 20.07
C VAL I 322 20.89 -31.49 19.07
N SER I 323 20.31 -32.00 17.99
CA SER I 323 21.11 -32.56 16.91
C SER I 323 21.87 -31.45 16.18
N ALA I 324 21.27 -30.27 16.10
CA ALA I 324 22.00 -29.15 15.50
C ALA I 324 23.13 -28.71 16.41
N TYR I 325 22.92 -28.82 17.71
CA TYR I 325 23.91 -28.29 18.63
C TYR I 325 25.14 -29.17 18.68
N GLU I 326 24.94 -30.47 18.76
CA GLU I 326 26.07 -31.38 18.80
C GLU I 326 26.78 -31.46 17.46
N ALA I 327 26.06 -31.26 16.36
CA ALA I 327 26.74 -31.19 15.08
C ALA I 327 27.52 -29.89 14.95
N SER I 328 27.10 -28.85 15.67
CA SER I 328 27.84 -27.61 15.63
C SER I 328 29.12 -27.68 16.44
N MET I 329 29.33 -28.75 17.22
CA MET I 329 30.55 -28.91 18.00
C MET I 329 31.80 -29.15 17.18
N VAL I 330 31.68 -29.21 15.85
CA VAL I 330 32.86 -29.11 15.00
C VAL I 330 33.53 -27.77 15.20
N TYR I 331 32.74 -26.72 15.31
CA TYR I 331 33.27 -25.37 15.24
C TYR I 331 33.18 -24.72 16.60
N SER I 332 34.33 -24.39 17.17
CA SER I 332 34.37 -23.67 18.41
C SER I 332 34.34 -22.18 18.13
N ASN I 333 34.81 -21.79 16.95
CA ASN I 333 34.68 -20.40 16.54
C ASN I 333 33.22 -20.10 16.23
N VAL I 334 32.56 -19.48 17.21
CA VAL I 334 31.11 -19.32 17.17
C VAL I 334 30.73 -18.33 16.08
N GLY I 335 31.64 -17.43 15.73
CA GLY I 335 31.38 -16.50 14.66
C GLY I 335 31.33 -17.13 13.29
N GLU I 336 31.83 -18.35 13.18
CA GLU I 336 31.76 -19.08 11.93
C GLU I 336 30.42 -19.76 11.73
N LEU I 337 29.48 -19.54 12.64
CA LEU I 337 28.15 -20.11 12.52
C LEU I 337 27.23 -19.26 11.67
N ILE I 338 27.79 -18.41 10.82
CA ILE I 338 26.97 -17.54 10.00
C ILE I 338 27.08 -17.86 8.53
N GLU I 339 27.86 -18.88 8.18
CA GLU I 339 28.18 -19.10 6.78
C GLU I 339 27.06 -19.77 6.03
N LYS I 340 26.74 -19.20 4.86
CA LYS I 340 25.72 -19.70 3.95
C LYS I 340 25.93 -21.17 3.62
N ASN I 341 27.18 -21.58 3.46
CA ASN I 341 27.45 -22.95 3.13
C ASN I 341 27.40 -23.83 4.37
N VAL I 342 27.99 -23.35 5.45
CA VAL I 342 28.20 -24.21 6.61
C VAL I 342 26.89 -24.46 7.33
N MET I 343 26.03 -23.44 7.39
CA MET I 343 24.64 -23.62 7.83
C MET I 343 23.92 -24.60 6.93
N GLU I 344 24.16 -24.51 5.63
CA GLU I 344 23.58 -25.47 4.72
C GLU I 344 24.23 -26.83 4.90
N SER I 345 25.53 -26.85 5.24
CA SER I 345 26.22 -28.12 5.46
C SER I 345 25.65 -28.83 6.67
N ILE I 346 25.57 -28.11 7.79
CA ILE I 346 24.90 -28.63 8.98
C ILE I 346 23.44 -28.89 8.70
N GLY I 347 22.82 -28.05 7.85
CA GLY I 347 21.50 -28.37 7.35
C GLY I 347 21.47 -29.65 6.55
N SER I 348 22.52 -29.89 5.76
CA SER I 348 22.60 -31.15 5.03
C SER I 348 22.91 -32.30 5.96
N ASP I 349 23.56 -32.01 7.09
CA ASP I 349 23.92 -33.08 8.02
C ASP I 349 22.67 -33.70 8.64
N ILE I 350 21.75 -32.85 9.07
CA ILE I 350 20.62 -33.32 9.86
C ILE I 350 19.64 -34.07 8.98
N LEU I 351 19.49 -33.62 7.74
CA LEU I 351 18.60 -34.31 6.81
C LEU I 351 19.13 -35.68 6.46
N THR I 352 20.44 -35.80 6.34
CA THR I 352 21.03 -37.13 6.24
C THR I 352 20.87 -37.89 7.54
N ALA I 353 21.02 -37.19 8.67
CA ALA I 353 20.80 -37.82 9.96
C ALA I 353 19.33 -38.12 10.20
N GLU I 354 18.45 -37.46 9.44
CA GLU I 354 17.04 -37.79 9.48
C GLU I 354 16.77 -39.13 8.78
N LYS I 355 17.71 -39.59 7.97
CA LYS I 355 17.48 -40.83 7.25
C LYS I 355 18.05 -42.02 8.00
N MET I 356 18.16 -41.93 9.34
CA MET I 356 18.54 -43.11 10.12
C MET I 356 17.48 -43.46 11.16
N ARG I 357 17.12 -42.51 12.03
CA ARG I 357 16.38 -42.85 13.24
C ARG I 357 14.89 -42.99 12.99
N GLY I 358 14.21 -41.88 12.76
CA GLY I 358 12.79 -41.78 13.06
C GLY I 358 12.28 -40.36 13.12
N PRO J 17 31.19 26.40 48.54
CA PRO J 17 30.23 26.17 47.47
C PRO J 17 29.05 27.14 47.51
N GLU J 18 29.10 28.24 46.75
CA GLU J 18 28.01 29.20 46.82
C GLU J 18 27.28 29.36 45.50
N ILE J 19 28.00 29.79 44.46
CA ILE J 19 27.37 30.20 43.22
C ILE J 19 27.91 29.29 42.14
N ALA J 20 27.04 28.90 41.21
CA ALA J 20 27.36 27.77 40.35
C ALA J 20 27.06 28.05 38.89
N TYR J 21 28.00 27.68 38.04
CA TYR J 21 27.81 27.53 36.61
C TYR J 21 27.48 26.06 36.40
N PRO J 22 26.82 25.72 35.30
CA PRO J 22 26.56 24.31 35.01
C PRO J 22 27.87 23.59 34.69
N GLY J 23 28.19 22.59 35.48
CA GLY J 23 29.47 21.95 35.40
C GLY J 23 30.37 22.28 36.56
N LYS J 24 29.93 23.14 37.48
CA LYS J 24 30.74 23.41 38.66
C LYS J 24 30.77 22.20 39.57
N LEU J 25 31.93 21.57 39.67
CA LEU J 25 32.03 20.42 40.55
C LEU J 25 32.11 20.90 41.98
N ILE J 26 31.30 20.31 42.85
CA ILE J 26 30.99 20.88 44.16
C ILE J 26 31.57 20.06 45.28
N CYS J 27 31.11 18.83 45.44
CA CYS J 27 31.43 18.08 46.64
C CYS J 27 31.35 16.61 46.31
N PRO J 28 32.01 15.76 47.08
CA PRO J 28 31.84 14.33 46.92
C PRO J 28 30.51 13.84 47.46
N GLN J 29 30.34 12.53 47.39
CA GLN J 29 29.11 11.92 47.88
C GLN J 29 29.05 11.93 49.39
N TYR J 30 30.19 11.84 50.04
CA TYR J 30 30.24 11.69 51.48
C TYR J 30 31.21 12.69 52.08
N GLY J 31 30.92 13.11 53.30
CA GLY J 31 31.80 14.00 54.02
C GLY J 31 31.85 13.60 55.47
N THR J 32 32.75 14.25 56.21
CA THR J 32 32.97 13.86 57.59
C THR J 32 33.16 15.10 58.44
N GLU J 33 32.42 15.14 59.54
CA GLU J 33 32.75 16.00 60.65
C GLU J 33 33.12 15.13 61.84
N ASN J 34 33.71 15.76 62.83
CA ASN J 34 33.74 15.22 64.19
C ASN J 34 33.00 16.21 65.07
N LYS J 35 31.77 15.89 65.41
CA LYS J 35 31.05 16.67 66.40
C LYS J 35 31.26 15.99 67.72
N ASP J 36 32.21 16.51 68.51
CA ASP J 36 32.51 16.09 69.88
C ASP J 36 32.96 14.63 69.96
N GLY J 37 34.08 14.31 69.31
CA GLY J 37 34.73 13.04 69.54
C GLY J 37 34.09 11.82 68.92
N GLU J 38 32.81 11.87 68.59
CA GLU J 38 32.16 10.75 67.93
C GLU J 38 32.00 11.13 66.47
N ASP J 39 32.25 10.18 65.61
CA ASP J 39 32.46 10.45 64.20
C ASP J 39 31.11 10.48 63.49
N ILE J 40 30.88 11.52 62.71
CA ILE J 40 29.61 11.69 62.02
C ILE J 40 29.84 11.82 60.52
N ILE J 41 29.10 11.01 59.76
CA ILE J 41 29.28 10.87 58.32
C ILE J 41 28.23 11.72 57.61
N PHE J 42 28.64 12.41 56.54
CA PHE J 42 27.74 13.18 55.71
C PHE J 42 27.32 12.33 54.53
N ASN J 43 26.10 12.50 54.08
CA ASN J 43 25.61 11.85 52.87
C ASN J 43 25.06 12.93 51.95
N TYR J 44 25.86 13.34 50.98
CA TYR J 44 25.43 14.37 50.04
C TYR J 44 24.48 13.75 49.03
N VAL J 45 23.24 14.20 49.04
CA VAL J 45 22.16 13.55 48.31
C VAL J 45 21.83 14.40 47.08
N PRO J 46 21.88 13.83 45.87
CA PRO J 46 21.66 14.60 44.65
C PRO J 46 20.21 15.03 44.50
N GLY J 47 19.98 16.30 44.15
CA GLY J 47 18.65 16.77 43.91
C GLY J 47 18.51 17.35 42.52
N PRO J 48 17.56 18.26 42.35
CA PRO J 48 17.47 19.02 41.09
C PRO J 48 18.68 19.92 40.93
N GLY J 49 19.25 19.90 39.72
CA GLY J 49 20.47 20.62 39.44
C GLY J 49 21.72 19.80 39.65
N THR J 50 21.59 18.53 40.00
CA THR J 50 22.71 17.72 40.40
C THR J 50 22.86 16.56 39.45
N LYS J 51 24.02 15.91 39.54
CA LYS J 51 24.27 14.60 38.97
C LYS J 51 25.57 14.06 39.54
N LEU J 52 25.54 12.84 40.04
CA LEU J 52 26.79 12.19 40.41
C LEU J 52 27.55 11.81 39.16
N ILE J 53 28.80 12.26 39.06
CA ILE J 53 29.66 11.96 37.93
C ILE J 53 30.94 11.34 38.45
N GLN J 54 31.25 10.16 37.95
CA GLN J 54 32.49 9.48 38.29
C GLN J 54 33.63 10.22 37.62
N TYR J 55 34.77 10.29 38.28
CA TYR J 55 35.97 10.92 37.78
C TYR J 55 37.21 10.12 38.11
N GLU J 56 37.79 9.51 37.09
CA GLU J 56 39.13 8.97 37.24
C GLU J 56 40.10 10.10 37.03
N HIS J 57 41.02 10.23 37.98
CA HIS J 57 42.10 11.20 37.83
C HIS J 57 43.37 10.55 38.31
N ASN J 58 44.32 10.42 37.39
CA ASN J 58 45.62 9.76 37.57
C ASN J 58 45.47 8.34 38.08
N GLY J 59 44.38 7.66 37.74
CA GLY J 59 44.15 6.29 38.10
C GLY J 59 42.88 6.06 38.90
N ARG J 60 42.64 6.81 39.95
CA ARG J 60 41.55 6.48 40.87
C ARG J 60 40.27 7.21 40.52
N THR J 61 39.16 6.48 40.66
CA THR J 61 37.81 6.93 40.40
C THR J 61 37.35 7.91 41.46
N LEU J 62 36.35 8.73 41.11
CA LEU J 62 35.77 9.66 42.07
C LEU J 62 34.40 10.14 41.61
N GLU J 63 33.38 9.88 42.42
CA GLU J 63 32.03 10.40 42.19
C GLU J 63 31.92 11.78 42.82
N ALA J 64 31.19 12.67 42.18
CA ALA J 64 31.06 14.03 42.69
C ALA J 64 29.69 14.60 42.36
N ILE J 65 29.18 15.39 43.30
CA ILE J 65 27.98 16.16 43.05
C ILE J 65 28.30 17.31 42.12
N THR J 66 27.55 17.42 41.04
CA THR J 66 27.85 18.35 39.96
C THR J 66 26.75 19.38 39.83
N ALA J 67 27.14 20.65 39.83
CA ALA J 67 26.22 21.68 39.40
C ALA J 67 25.89 21.49 37.93
N THR J 68 24.61 21.36 37.64
CA THR J 68 24.19 21.24 36.27
C THR J 68 23.46 22.48 35.79
N LEU J 69 23.34 23.52 36.61
CA LEU J 69 22.53 24.69 36.29
C LEU J 69 23.17 25.98 36.72
N VAL J 70 22.33 27.01 36.74
CA VAL J 70 22.74 28.40 36.91
C VAL J 70 22.16 28.94 38.22
N GLY J 71 23.04 29.26 39.16
CA GLY J 71 22.58 29.93 40.36
C GLY J 71 23.28 29.41 41.59
N THR J 72 22.47 29.09 42.59
CA THR J 72 22.96 29.00 43.97
C THR J 72 22.94 27.57 44.51
N VAL J 73 23.92 27.29 45.36
CA VAL J 73 23.99 26.03 46.08
C VAL J 73 23.05 26.11 47.27
N ARG J 74 22.43 24.99 47.61
CA ARG J 74 21.63 24.91 48.83
C ARG J 74 21.58 23.47 49.33
N CYS J 75 22.11 23.27 50.53
CA CYS J 75 22.22 21.94 51.11
C CYS J 75 21.30 21.82 52.30
N GLU J 76 20.45 20.80 52.26
CA GLU J 76 19.39 20.68 53.26
C GLU J 76 19.25 19.22 53.68
N GLU J 77 18.39 19.00 54.66
CA GLU J 77 18.06 17.66 55.12
C GLU J 77 16.70 17.63 55.81
N GLU J 78 16.10 16.44 55.80
CA GLU J 78 14.87 16.13 56.50
C GLU J 78 14.73 14.62 56.54
N LYS J 79 14.46 14.08 57.73
CA LYS J 79 14.30 12.64 57.89
C LYS J 79 12.81 12.33 58.05
N LYS J 80 12.40 11.15 57.61
CA LYS J 80 11.00 10.79 57.57
C LYS J 80 10.60 10.07 58.84
N THR J 81 9.73 10.73 59.60
CA THR J 81 9.18 10.19 60.84
C THR J 81 7.66 10.30 60.78
N ASP J 82 6.97 9.16 60.79
CA ASP J 82 5.52 9.14 60.78
C ASP J 82 4.97 7.89 61.47
N THR J 111 26.14 6.73 63.25
CA THR J 111 25.98 8.18 63.20
C THR J 111 26.30 8.71 61.82
N VAL J 112 25.34 8.59 60.91
CA VAL J 112 25.46 9.12 59.56
C VAL J 112 24.42 10.22 59.39
N LYS J 113 24.64 11.13 58.44
CA LYS J 113 23.71 12.22 58.17
C LYS J 113 23.50 12.41 56.69
N ASN J 114 22.25 12.35 56.27
CA ASN J 114 21.89 12.61 54.88
C ASN J 114 21.82 14.10 54.68
N ILE J 115 22.35 14.59 53.57
CA ILE J 115 22.27 15.99 53.20
C ILE J 115 21.80 16.08 51.77
N LEU J 116 20.59 16.58 51.57
CA LEU J 116 20.08 16.84 50.24
C LEU J 116 20.82 18.03 49.67
N VAL J 117 21.38 17.86 48.47
CA VAL J 117 21.92 18.95 47.69
C VAL J 117 20.78 19.50 46.84
N SER J 118 20.64 20.81 46.80
CA SER J 118 19.60 21.44 46.01
C SER J 118 20.14 22.68 45.32
N VAL J 119 19.83 22.81 44.05
CA VAL J 119 20.43 23.83 43.19
C VAL J 119 19.30 24.70 42.64
N LEU J 120 19.51 25.99 42.62
CA LEU J 120 18.44 26.91 42.28
C LEU J 120 18.90 27.94 41.26
N PRO J 121 17.96 28.70 40.70
CA PRO J 121 18.29 30.02 40.17
C PRO J 121 18.43 31.04 41.29
N GLY J 122 18.98 32.21 40.98
CA GLY J 122 19.05 33.28 41.96
C GLY J 122 19.52 34.62 41.42
N THR J 123 19.16 35.72 42.09
CA THR J 123 19.60 37.06 41.67
C THR J 123 20.82 37.52 42.43
N ASN J 135 12.00 33.17 36.67
CA ASN J 135 11.42 33.38 35.35
C ASN J 135 11.34 32.09 34.58
N ASP J 136 11.38 30.95 35.26
CA ASP J 136 11.57 29.68 34.56
C ASP J 136 10.60 28.62 35.05
N PHE J 137 10.18 27.79 34.12
CA PHE J 137 9.05 26.88 34.23
C PHE J 137 9.42 25.49 33.82
N ALA J 138 10.48 25.35 33.03
CA ALA J 138 11.04 24.04 32.74
C ALA J 138 11.71 23.50 34.00
N ASN J 139 12.13 24.42 34.87
CA ASN J 139 12.35 24.10 36.26
C ASN J 139 11.13 23.45 36.90
N ASN J 140 9.94 23.94 36.58
CA ASN J 140 8.80 23.53 37.37
C ASN J 140 7.77 22.83 36.48
N LEU J 141 8.26 21.88 35.69
CA LEU J 141 7.38 21.03 34.90
C LEU J 141 6.43 20.25 35.82
N PRO J 142 5.18 20.06 35.42
CA PRO J 142 4.23 19.34 36.29
C PRO J 142 4.57 17.88 36.49
N LYS J 143 4.52 17.46 37.74
CA LYS J 143 4.75 16.10 38.19
C LYS J 143 3.39 15.55 38.65
N GLU J 144 3.37 14.34 39.18
CA GLU J 144 2.13 13.75 39.67
C GLU J 144 1.62 14.49 40.90
N GLY J 145 0.34 14.79 40.91
CA GLY J 145 -0.36 15.24 42.08
C GLY J 145 -0.41 16.73 42.26
N ASP J 146 0.05 17.49 41.29
CA ASP J 146 0.26 18.91 41.50
C ASP J 146 -1.03 19.68 41.30
N ILE J 147 -1.03 20.92 41.74
CA ILE J 147 -2.17 21.81 41.55
C ILE J 147 -1.84 22.78 40.43
N VAL J 148 -2.63 22.70 39.36
CA VAL J 148 -2.33 23.41 38.12
C VAL J 148 -3.55 24.23 37.69
N LEU J 149 -3.30 25.49 37.44
CA LEU J 149 -4.31 26.40 36.95
C LEU J 149 -4.36 26.28 35.44
N THR J 150 -5.55 26.05 34.90
CA THR J 150 -5.71 25.79 33.47
C THR J 150 -6.89 26.56 32.91
N ARG J 151 -6.91 26.68 31.59
CA ARG J 151 -8.00 27.30 30.86
C ARG J 151 -8.72 26.26 30.01
N VAL J 152 -10.05 26.30 30.05
CA VAL J 152 -10.87 25.29 29.39
C VAL J 152 -10.79 25.45 27.89
N THR J 153 -10.50 24.38 27.18
CA THR J 153 -10.44 24.48 25.74
C THR J 153 -11.70 23.95 25.06
N ARG J 154 -12.12 22.73 25.35
CA ARG J 154 -13.28 22.22 24.65
C ARG J 154 -14.02 21.22 25.52
N LEU J 155 -15.34 21.25 25.42
CA LEU J 155 -16.22 20.46 26.26
C LEU J 155 -16.79 19.30 25.48
N SER J 156 -16.46 18.09 25.90
CA SER J 156 -17.04 16.90 25.31
C SER J 156 -18.08 16.35 26.27
N LEU J 157 -18.96 15.52 25.71
CA LEU J 157 -19.84 14.74 26.57
C LEU J 157 -19.03 13.71 27.35
N GLN J 158 -17.97 13.22 26.73
CA GLN J 158 -17.05 12.31 27.38
C GLN J 158 -16.33 12.97 28.54
N ARG J 159 -15.89 14.21 28.34
CA ARG J 159 -14.70 14.66 29.04
C ARG J 159 -14.53 16.15 28.83
N ALA J 160 -13.51 16.69 29.45
CA ALA J 160 -13.17 18.10 29.33
C ALA J 160 -11.69 18.22 29.00
N ASN J 161 -11.36 19.20 28.17
CA ASN J 161 -9.99 19.40 27.71
C ASN J 161 -9.51 20.79 28.09
N VAL J 162 -8.34 20.87 28.72
CA VAL J 162 -7.76 22.13 29.11
C VAL J 162 -6.31 22.16 28.66
N GLU J 163 -5.68 23.33 28.80
CA GLU J 163 -4.26 23.46 28.57
C GLU J 163 -3.57 23.94 29.85
N ILE J 164 -2.38 23.42 30.08
CA ILE J 164 -1.63 23.74 31.28
C ILE J 164 -1.06 25.14 31.15
N LEU J 165 -1.24 25.95 32.19
CA LEU J 165 -0.74 27.31 32.20
C LEU J 165 0.15 27.65 33.37
N ALA J 166 -0.20 27.18 34.56
CA ALA J 166 0.48 27.69 35.74
C ALA J 166 0.49 26.61 36.81
N VAL J 167 1.66 26.43 37.39
CA VAL J 167 1.86 25.45 38.46
C VAL J 167 2.22 26.19 39.71
N GLU J 168 1.55 25.86 40.79
CA GLU J 168 1.83 26.45 42.08
C GLU J 168 3.03 25.75 42.70
N ASP J 169 3.16 25.86 44.02
CA ASP J 169 4.20 25.10 44.68
C ASP J 169 3.81 24.83 46.14
N LYS J 170 4.65 24.04 46.79
CA LYS J 170 4.46 23.64 48.19
C LYS J 170 4.81 24.79 49.13
N PRO J 171 4.56 24.65 50.45
CA PRO J 171 5.25 25.57 51.37
C PRO J 171 6.77 25.36 51.36
N ALA J 195 -0.04 32.28 46.96
CA ALA J 195 1.04 31.33 47.19
C ALA J 195 2.02 31.31 46.03
N THR J 196 3.12 30.58 46.23
CA THR J 196 4.21 30.49 45.27
C THR J 196 3.76 29.71 44.04
N PHE J 197 4.06 30.29 42.87
CA PHE J 197 3.54 29.80 41.61
C PHE J 197 4.69 29.54 40.65
N SER J 198 4.32 29.08 39.45
CA SER J 198 5.13 29.16 38.24
C SER J 198 4.17 29.09 37.07
N VAL J 199 3.90 30.24 36.46
CA VAL J 199 3.12 30.30 35.24
C VAL J 199 4.02 29.83 34.13
N SER J 200 3.44 29.23 33.11
CA SER J 200 4.24 28.92 31.94
C SER J 200 4.40 30.18 31.12
N GLN J 201 5.57 30.36 30.53
CA GLN J 201 5.80 31.54 29.73
C GLN J 201 5.52 31.30 28.25
N ALA J 202 4.67 30.34 27.93
CA ALA J 202 4.50 29.90 26.56
C ALA J 202 3.36 30.64 25.87
N SER J 203 3.34 30.52 24.54
CA SER J 203 2.30 31.14 23.73
C SER J 203 1.34 30.07 23.23
N SER J 204 0.14 30.08 23.77
CA SER J 204 -0.89 29.11 23.41
C SER J 204 -1.39 29.29 21.99
N ASP J 205 -1.20 30.47 21.40
CA ASP J 205 -1.67 30.73 20.06
C ASP J 205 -0.88 29.99 19.00
N LEU J 206 0.23 29.37 19.38
CA LEU J 206 0.89 28.41 18.54
C LEU J 206 0.32 27.02 18.74
N GLY J 207 -0.54 26.85 19.73
CA GLY J 207 -0.86 25.50 20.16
C GLY J 207 0.32 24.86 20.84
N GLU J 208 1.20 25.69 21.39
CA GLU J 208 2.46 25.25 21.94
C GLU J 208 2.32 24.45 23.20
N THR J 209 1.46 24.88 24.11
CA THR J 209 1.57 24.49 25.50
C THR J 209 1.10 23.07 25.70
N PHE J 210 1.38 22.55 26.87
CA PHE J 210 0.90 21.24 27.22
C PHE J 210 -0.58 21.34 27.54
N ARG J 211 -1.35 20.40 26.99
CA ARG J 211 -2.76 20.33 27.24
C ARG J 211 -3.06 19.07 28.03
N GLY J 212 -4.18 19.09 28.74
CA GLY J 212 -4.58 17.93 29.51
C GLY J 212 -6.06 17.68 29.32
N ILE J 213 -6.51 16.58 29.92
CA ILE J 213 -7.90 16.16 29.80
C ILE J 213 -8.46 15.87 31.19
N ILE J 214 -9.63 16.44 31.48
CA ILE J 214 -10.44 16.03 32.62
C ILE J 214 -11.55 15.15 32.05
N ARG J 215 -11.64 13.92 32.54
CA ARG J 215 -12.76 13.09 32.17
C ARG J 215 -13.94 13.41 33.07
N SER J 216 -15.15 13.25 32.51
CA SER J 216 -16.34 13.83 33.13
C SER J 216 -16.70 13.13 34.43
N GLN J 217 -16.43 11.85 34.56
CA GLN J 217 -16.67 11.18 35.82
C GLN J 217 -15.64 11.55 36.88
N ASP J 218 -14.56 12.21 36.48
CA ASP J 218 -13.50 12.61 37.40
C ASP J 218 -13.66 14.03 37.88
N VAL J 219 -14.80 14.65 37.59
CA VAL J 219 -15.06 16.02 38.02
C VAL J 219 -15.18 16.08 39.54
N ARG J 220 -16.00 15.21 40.10
CA ARG J 220 -16.12 15.07 41.53
C ARG J 220 -16.45 13.62 41.84
N SER J 221 -16.45 13.29 43.13
CA SER J 221 -16.78 11.93 43.52
C SER J 221 -18.22 11.83 44.00
N THR J 222 -18.76 12.90 44.57
CA THR J 222 -20.15 12.95 44.99
C THR J 222 -21.04 12.96 43.76
N ASP J 223 -21.91 11.94 43.65
CA ASP J 223 -22.76 11.70 42.47
C ASP J 223 -21.87 11.56 41.23
N ARG J 224 -20.97 10.59 41.30
CA ARG J 224 -20.00 10.43 40.23
C ARG J 224 -20.54 9.69 39.03
N ASP J 225 -21.78 9.23 39.07
CA ASP J 225 -22.29 8.48 37.94
C ASP J 225 -23.08 9.37 36.99
N ARG J 226 -24.22 9.86 37.44
CA ARG J 226 -25.09 10.68 36.62
C ARG J 226 -24.46 12.06 36.63
N VAL J 227 -23.54 12.27 35.69
CA VAL J 227 -22.71 13.45 35.65
C VAL J 227 -23.23 14.36 34.55
N LYS J 228 -23.48 15.61 34.88
CA LYS J 228 -23.91 16.58 33.88
C LYS J 228 -22.81 17.61 33.69
N VAL J 229 -22.14 17.53 32.54
CA VAL J 229 -20.83 18.15 32.40
C VAL J 229 -20.99 19.65 32.23
N ILE J 230 -22.03 20.07 31.51
CA ILE J 230 -22.29 21.47 31.21
C ILE J 230 -22.60 22.27 32.47
N GLU J 231 -23.03 21.59 33.51
CA GLU J 231 -23.43 22.24 34.74
C GLU J 231 -22.26 22.49 35.66
N CYS J 232 -21.04 22.37 35.16
CA CYS J 232 -19.87 22.71 35.96
C CYS J 232 -18.84 23.51 35.19
N PHE J 233 -18.87 23.44 33.86
CA PHE J 233 -17.82 24.04 33.06
C PHE J 233 -18.38 24.63 31.79
N LYS J 234 -17.65 25.61 31.27
CA LYS J 234 -17.85 26.26 29.99
C LYS J 234 -16.47 26.54 29.41
N PRO J 235 -16.35 26.85 28.11
CA PRO J 235 -15.02 27.06 27.54
C PRO J 235 -14.33 28.30 28.07
N GLY J 236 -13.02 28.20 28.21
CA GLY J 236 -12.19 29.33 28.51
C GLY J 236 -12.05 29.63 29.98
N ASP J 237 -12.45 28.73 30.86
CA ASP J 237 -12.60 29.10 32.26
C ASP J 237 -11.44 28.56 33.09
N ILE J 238 -11.32 29.06 34.30
CA ILE J 238 -10.12 28.83 35.08
C ILE J 238 -10.45 27.83 36.17
N VAL J 239 -9.64 26.79 36.27
CA VAL J 239 -9.89 25.71 37.20
C VAL J 239 -8.62 25.39 37.97
N ARG J 240 -8.75 25.42 39.29
CA ARG J 240 -7.78 24.81 40.18
C ARG J 240 -8.03 23.31 40.17
N ALA J 241 -7.16 22.57 39.50
CA ALA J 241 -7.34 21.14 39.29
C ALA J 241 -6.09 20.41 39.73
N GLN J 242 -6.25 19.15 40.09
CA GLN J 242 -5.12 18.38 40.53
C GLN J 242 -4.74 17.36 39.47
N VAL J 243 -3.44 17.21 39.26
CA VAL J 243 -2.89 16.18 38.39
C VAL J 243 -3.31 14.81 38.87
N LEU J 244 -3.88 14.01 37.97
CA LEU J 244 -3.92 12.61 38.30
C LEU J 244 -2.61 11.94 37.99
N SER J 245 -2.26 11.88 36.71
CA SER J 245 -1.02 11.24 36.31
C SER J 245 -0.62 11.75 34.96
N LEU J 246 0.35 11.06 34.38
CA LEU J 246 0.93 11.45 33.12
C LEU J 246 -0.01 11.17 31.97
N GLY J 247 -0.59 9.97 31.95
CA GLY J 247 -1.40 9.56 30.83
C GLY J 247 -0.51 9.24 29.65
N ASP J 248 -0.90 9.77 28.51
CA ASP J 248 -0.14 9.61 27.28
C ASP J 248 0.91 10.71 27.19
N GLY J 249 1.58 10.80 26.05
CA GLY J 249 2.35 11.98 25.76
C GLY J 249 1.51 13.13 25.26
N THR J 250 0.34 12.84 24.73
CA THR J 250 -0.45 13.88 24.10
C THR J 250 -1.12 14.78 25.14
N ASN J 251 -1.71 14.18 26.17
CA ASN J 251 -2.43 14.96 27.15
C ASN J 251 -2.21 14.44 28.56
N TYR J 252 -3.10 14.81 29.46
CA TYR J 252 -2.93 14.46 30.84
C TYR J 252 -4.18 13.84 31.43
N TYR J 253 -3.96 13.11 32.51
CA TYR J 253 -5.01 12.65 33.39
C TYR J 253 -5.07 13.62 34.57
N LEU J 254 -6.26 14.17 34.79
CA LEU J 254 -6.45 15.35 35.62
C LEU J 254 -7.74 15.21 36.41
N THR J 255 -7.81 15.82 37.58
CA THR J 255 -9.07 15.79 38.31
C THR J 255 -9.31 17.09 39.08
N THR J 256 -10.55 17.23 39.53
CA THR J 256 -11.02 18.33 40.36
C THR J 256 -11.80 17.81 41.55
N ALA J 257 -11.66 16.53 41.88
CA ALA J 257 -12.68 15.85 42.66
C ALA J 257 -12.59 16.16 44.15
N ARG J 258 -12.68 17.43 44.51
CA ARG J 258 -12.62 17.83 45.89
C ARG J 258 -13.56 19.00 46.09
N ASN J 259 -13.85 19.29 47.35
CA ASN J 259 -14.68 20.45 47.63
C ASN J 259 -13.85 21.72 47.66
N ASP J 260 -12.53 21.62 47.71
CA ASP J 260 -11.72 22.81 47.61
C ASP J 260 -11.27 23.12 46.18
N LEU J 261 -11.46 22.18 45.26
CA LEU J 261 -10.96 22.31 43.91
C LEU J 261 -12.05 22.77 42.97
N GLY J 262 -11.69 22.98 41.72
CA GLY J 262 -12.65 23.27 40.70
C GLY J 262 -12.47 24.65 40.14
N VAL J 263 -13.61 25.25 39.79
CA VAL J 263 -13.67 26.46 38.96
C VAL J 263 -13.11 27.64 39.75
N VAL J 264 -12.23 28.39 39.11
CA VAL J 264 -11.66 29.60 39.69
C VAL J 264 -12.38 30.85 39.21
N PHE J 265 -12.28 31.17 37.92
CA PHE J 265 -12.90 32.37 37.40
C PHE J 265 -13.24 32.27 35.92
N ALA J 266 -14.35 32.91 35.53
CA ALA J 266 -14.68 33.15 34.14
C ALA J 266 -15.51 34.41 34.01
N ARG J 267 -15.63 34.89 32.77
CA ARG J 267 -16.53 35.97 32.41
C ARG J 267 -17.86 35.38 32.00
N ALA J 268 -18.89 36.21 32.04
CA ALA J 268 -20.23 35.75 31.77
C ALA J 268 -20.43 35.46 30.29
N ALA J 269 -21.21 34.40 30.02
CA ALA J 269 -21.56 33.93 28.68
C ALA J 269 -20.33 33.68 27.83
N ASN J 270 -19.29 33.16 28.47
CA ASN J 270 -17.96 32.96 27.90
C ASN J 270 -17.40 34.24 27.29
N GLY J 271 -17.13 35.22 28.13
CA GLY J 271 -16.58 36.47 27.65
C GLY J 271 -17.61 37.44 27.14
N ALA J 272 -18.78 36.99 26.73
CA ALA J 272 -19.82 37.87 26.24
C ALA J 272 -20.44 38.73 27.34
N GLY J 273 -20.16 38.44 28.61
CA GLY J 273 -20.59 39.32 29.67
C GLY J 273 -19.53 39.54 30.73
N GLY J 274 -19.95 40.16 31.83
CA GLY J 274 -19.04 40.59 32.87
C GLY J 274 -18.49 39.47 33.72
N LEU J 275 -17.96 39.86 34.87
CA LEU J 275 -17.23 38.92 35.70
C LEU J 275 -18.18 38.21 36.66
N MET J 276 -17.88 36.96 36.97
CA MET J 276 -18.80 36.13 37.72
C MET J 276 -18.16 35.66 38.99
N TYR J 277 -18.95 35.63 40.06
CA TYR J 277 -18.45 35.23 41.36
C TYR J 277 -19.20 34.01 41.87
N ALA J 278 -18.43 33.10 42.46
CA ALA J 278 -18.92 31.85 43.04
C ALA J 278 -19.87 32.14 44.17
N THR J 279 -21.13 31.75 43.98
CA THR J 279 -22.17 32.03 44.97
C THR J 279 -21.97 31.20 46.21
N ASP J 280 -22.07 29.89 46.07
CA ASP J 280 -21.48 29.01 47.04
C ASP J 280 -20.13 28.54 46.56
N TRP J 281 -19.57 27.62 47.33
CA TRP J 281 -18.66 26.62 46.82
C TRP J 281 -19.26 25.81 45.68
N GLN J 282 -20.60 25.68 45.65
CA GLN J 282 -21.32 24.82 44.75
C GLN J 282 -22.02 25.61 43.64
N MET J 283 -22.11 26.94 43.73
CA MET J 283 -22.80 27.76 42.74
C MET J 283 -22.07 29.05 42.43
N MET J 284 -22.47 29.73 41.35
CA MET J 284 -21.84 30.96 40.87
C MET J 284 -22.85 31.93 40.28
N THR J 285 -22.76 33.21 40.66
CA THR J 285 -23.57 34.27 40.10
C THR J 285 -22.72 35.39 39.52
N SER J 286 -23.37 36.46 39.09
CA SER J 286 -22.72 37.67 38.63
C SER J 286 -23.39 38.89 39.24
N PRO J 287 -22.62 39.91 39.68
CA PRO J 287 -23.21 40.99 40.47
C PRO J 287 -24.15 41.89 39.71
N VAL J 288 -23.68 42.50 38.64
CA VAL J 288 -24.43 43.55 37.98
C VAL J 288 -25.61 42.97 37.22
N THR J 289 -25.43 41.76 36.72
CA THR J 289 -26.43 41.14 35.87
C THR J 289 -27.65 40.75 36.66
N GLY J 290 -27.46 40.04 37.76
CA GLY J 290 -28.52 39.25 38.33
C GLY J 290 -28.64 37.87 37.74
N ALA J 291 -27.60 37.36 37.09
CA ALA J 291 -27.64 36.05 36.48
C ALA J 291 -26.64 35.13 37.17
N THR J 292 -27.05 33.88 37.33
CA THR J 292 -26.23 32.86 37.95
C THR J 292 -25.96 31.75 36.95
N GLU J 293 -24.94 30.95 37.20
CA GLU J 293 -24.74 29.71 36.47
C GLU J 293 -24.20 28.63 37.39
N LYS J 294 -24.41 27.38 36.99
CA LYS J 294 -23.88 26.26 37.74
C LYS J 294 -22.45 25.98 37.33
N ARG J 295 -21.52 26.20 38.25
CA ARG J 295 -20.16 25.76 38.04
C ARG J 295 -19.68 25.05 39.29
N LYS J 296 -18.82 24.05 39.10
CA LYS J 296 -18.20 23.36 40.22
C LYS J 296 -17.07 24.23 40.78
N CYS J 297 -17.48 25.23 41.53
CA CYS J 297 -16.57 26.28 41.96
C CYS J 297 -15.63 25.76 43.05
N ALA J 298 -14.53 26.46 43.24
CA ALA J 298 -13.62 26.07 44.31
C ALA J 298 -14.09 26.64 45.63
N LYS J 299 -13.61 26.06 46.71
CA LYS J 299 -13.83 26.64 48.01
C LYS J 299 -12.99 27.90 48.11
N PRO J 300 -13.58 29.06 48.40
CA PRO J 300 -12.85 30.32 48.39
C PRO J 300 -12.21 30.64 49.73
N ARG K 11 26.88 -12.23 -26.39
CA ARG K 11 26.06 -13.41 -26.12
C ARG K 11 24.71 -13.28 -26.78
N ARG K 12 23.81 -14.19 -26.42
CA ARG K 12 22.50 -14.32 -27.06
C ARG K 12 21.68 -15.22 -26.16
N LYS K 13 20.36 -15.15 -26.25
CA LYS K 13 19.50 -16.11 -25.58
C LYS K 13 18.45 -16.66 -26.53
N ARG K 14 17.76 -17.68 -26.05
CA ARG K 14 16.86 -18.49 -26.85
C ARG K 14 15.44 -18.33 -26.33
N LEU K 15 14.48 -18.30 -27.23
CA LEU K 15 13.11 -18.44 -26.81
C LEU K 15 12.61 -19.85 -27.13
N ALA K 16 11.48 -20.20 -26.52
CA ALA K 16 10.95 -21.56 -26.62
C ALA K 16 10.43 -21.87 -28.01
N ASP K 17 10.21 -20.85 -28.83
CA ASP K 17 9.89 -21.05 -30.24
C ASP K 17 11.15 -21.29 -31.08
N GLY K 18 12.24 -21.73 -30.46
CA GLY K 18 13.52 -21.83 -31.12
C GLY K 18 14.11 -20.51 -31.52
N LEU K 19 13.67 -19.42 -30.90
CA LEU K 19 13.84 -18.10 -31.47
C LEU K 19 14.86 -17.33 -30.65
N SER K 20 15.72 -16.59 -31.33
CA SER K 20 16.90 -16.03 -30.69
C SER K 20 16.67 -14.58 -30.30
N VAL K 21 17.38 -14.17 -29.25
CA VAL K 21 17.29 -12.82 -28.75
C VAL K 21 18.67 -12.37 -28.27
N THR K 22 19.11 -11.22 -28.75
CA THR K 22 20.37 -10.66 -28.29
C THR K 22 20.31 -9.14 -28.31
N GLN K 23 21.38 -8.51 -27.84
CA GLN K 23 21.40 -7.07 -27.63
C GLN K 23 22.36 -6.43 -28.63
N LYS K 24 21.84 -5.54 -29.45
CA LYS K 24 22.68 -4.67 -30.27
C LYS K 24 22.65 -3.31 -29.59
N VAL K 25 23.81 -2.75 -29.33
CA VAL K 25 23.92 -1.58 -28.48
C VAL K 25 25.01 -0.69 -29.04
N PHE K 26 24.77 0.62 -29.04
CA PHE K 26 25.72 1.57 -29.57
C PHE K 26 25.62 2.87 -28.79
N VAL K 27 26.32 3.88 -29.27
CA VAL K 27 26.25 5.21 -28.69
C VAL K 27 25.82 6.19 -29.77
N ARG K 28 24.74 6.91 -29.50
CA ARG K 28 24.27 7.98 -30.38
C ARG K 28 25.25 9.12 -30.24
N SER K 29 25.86 9.50 -31.35
CA SER K 29 26.67 10.70 -31.40
C SER K 29 25.87 11.78 -32.11
N ARG K 30 24.97 12.44 -31.38
CA ARG K 30 24.22 13.56 -31.93
C ARG K 30 24.48 14.76 -31.05
N ASN K 31 24.70 15.91 -31.69
CA ASN K 31 25.11 17.16 -31.03
C ASN K 31 26.38 16.97 -30.21
N GLY K 32 27.26 16.09 -30.68
CA GLY K 32 28.47 15.79 -29.97
C GLY K 32 28.30 15.00 -28.69
N GLY K 33 27.09 14.63 -28.34
CA GLY K 33 26.84 13.92 -27.10
C GLY K 33 27.32 12.50 -27.20
N ALA K 34 27.45 11.87 -26.04
CA ALA K 34 27.79 10.46 -25.96
C ALA K 34 26.61 9.74 -25.34
N THR K 35 25.63 9.40 -26.15
CA THR K 35 24.37 8.87 -25.67
C THR K 35 24.29 7.39 -26.02
N LYS K 36 24.47 6.55 -25.01
CA LYS K 36 24.48 5.10 -25.20
C LYS K 36 23.08 4.63 -25.52
N ILE K 37 22.93 3.89 -26.62
CA ILE K 37 21.64 3.40 -27.06
C ILE K 37 21.71 1.87 -27.15
N VAL K 38 20.80 1.20 -26.47
CA VAL K 38 20.76 -0.25 -26.45
C VAL K 38 19.44 -0.69 -27.07
N ARG K 39 19.49 -1.73 -27.89
CA ARG K 39 18.29 -2.36 -28.38
C ARG K 39 18.42 -3.86 -28.24
N GLU K 40 17.29 -4.51 -28.04
CA GLU K 40 17.26 -5.94 -28.22
C GLU K 40 17.21 -6.23 -29.70
N HIS K 41 17.51 -7.46 -30.05
CA HIS K 41 17.42 -7.87 -31.44
C HIS K 41 16.88 -9.28 -31.54
N TYR K 42 16.05 -9.51 -32.55
CA TYR K 42 15.48 -10.82 -32.79
C TYR K 42 15.98 -11.38 -34.11
N LEU K 43 16.19 -12.68 -34.13
CA LEU K 43 16.32 -13.42 -35.37
C LEU K 43 15.05 -14.24 -35.51
N ARG K 44 14.68 -14.52 -36.74
CA ARG K 44 13.56 -15.41 -36.99
C ARG K 44 14.04 -16.59 -37.80
N SER K 45 13.22 -17.63 -37.87
CA SER K 45 13.58 -18.71 -38.76
C SER K 45 12.56 -18.91 -39.87
N ASP K 46 11.77 -17.89 -40.20
CA ASP K 46 10.79 -17.97 -41.28
C ASP K 46 11.15 -17.02 -42.41
N ILE K 47 12.43 -16.92 -42.71
CA ILE K 47 12.93 -15.88 -43.61
C ILE K 47 12.84 -16.42 -45.02
N PRO K 48 12.11 -15.75 -45.92
CA PRO K 48 11.88 -16.35 -47.24
C PRO K 48 13.02 -16.09 -48.20
N CYS K 49 13.30 -17.07 -49.05
CA CYS K 49 14.29 -16.85 -50.10
C CYS K 49 13.67 -16.24 -51.35
N LEU K 50 12.34 -16.22 -51.41
CA LEU K 50 11.59 -15.25 -52.21
C LEU K 50 11.68 -15.51 -53.71
N SER K 51 12.03 -16.72 -54.10
CA SER K 51 12.32 -17.00 -55.50
C SER K 51 11.28 -17.91 -56.11
N ARG K 52 11.35 -18.05 -57.44
CA ARG K 52 10.48 -18.99 -58.13
C ARG K 52 10.81 -20.43 -57.79
N SER K 53 12.06 -20.84 -57.97
CA SER K 53 12.38 -22.26 -58.09
C SER K 53 12.34 -22.99 -56.76
N CYS K 54 12.68 -22.31 -55.66
CA CYS K 54 12.69 -22.98 -54.37
C CYS K 54 11.27 -23.29 -53.90
N THR K 55 11.14 -24.44 -53.26
CA THR K 55 9.85 -24.99 -52.92
C THR K 55 9.62 -25.05 -51.42
N LYS K 56 10.54 -24.51 -50.63
CA LYS K 56 10.47 -24.64 -49.18
C LYS K 56 10.34 -23.31 -48.46
N CYS K 57 10.93 -22.26 -48.99
CA CYS K 57 10.58 -20.93 -48.53
C CYS K 57 9.14 -20.52 -48.88
N PRO K 58 8.52 -20.97 -49.97
CA PRO K 58 7.06 -20.84 -50.03
C PRO K 58 6.29 -21.74 -49.08
N GLN K 59 6.94 -22.63 -48.33
CA GLN K 59 6.21 -23.39 -47.33
C GLN K 59 6.05 -22.64 -46.04
N ILE K 60 6.84 -21.59 -45.82
CA ILE K 60 6.89 -20.93 -44.53
C ILE K 60 6.25 -19.56 -44.57
N VAL K 61 5.81 -19.11 -45.72
CA VAL K 61 5.29 -17.76 -45.89
C VAL K 61 3.91 -17.64 -45.26
N VAL K 62 3.74 -16.59 -44.48
CA VAL K 62 2.59 -16.39 -43.62
C VAL K 62 2.02 -15.01 -43.90
N PRO K 63 0.71 -14.78 -43.72
CA PRO K 63 0.13 -13.52 -44.17
C PRO K 63 0.47 -12.38 -43.24
N ASP K 64 0.34 -11.18 -43.77
CA ASP K 64 0.53 -9.97 -43.00
C ASP K 64 -0.73 -9.62 -42.24
N ALA K 65 -0.77 -8.39 -41.71
CA ALA K 65 -1.99 -7.92 -41.05
C ALA K 65 -3.08 -7.62 -42.05
N GLN K 66 -2.71 -7.43 -43.31
CA GLN K 66 -3.67 -7.30 -44.40
C GLN K 66 -3.91 -8.62 -45.09
N ASN K 67 -3.39 -9.69 -44.50
CA ASN K 67 -3.73 -11.07 -44.82
C ASN K 67 -3.33 -11.43 -46.26
N GLU K 68 -2.02 -11.35 -46.53
CA GLU K 68 -1.49 -11.55 -47.88
C GLU K 68 -0.20 -12.34 -47.80
N LEU K 69 -0.05 -13.31 -48.68
CA LEU K 69 1.24 -13.93 -48.84
C LEU K 69 1.91 -13.37 -50.09
N PRO K 70 3.11 -12.81 -49.97
CA PRO K 70 3.65 -12.01 -51.08
C PRO K 70 4.22 -12.85 -52.20
N LYS K 71 4.90 -12.18 -53.13
CA LYS K 71 5.12 -12.72 -54.46
C LYS K 71 6.59 -13.03 -54.71
N PHE K 72 6.86 -14.23 -55.20
CA PHE K 72 8.22 -14.74 -55.28
C PHE K 72 8.66 -14.70 -56.72
N ILE K 73 9.45 -13.69 -57.07
CA ILE K 73 9.44 -13.16 -58.42
C ILE K 73 10.73 -13.42 -59.18
N LEU K 74 11.84 -13.71 -58.50
CA LEU K 74 13.09 -13.97 -59.23
C LEU K 74 13.01 -15.29 -59.95
N SER K 75 13.13 -15.21 -61.27
CA SER K 75 12.86 -16.35 -62.13
C SER K 75 13.91 -17.42 -61.99
N ASP K 76 13.50 -18.64 -62.34
CA ASP K 76 14.39 -19.73 -62.69
C ASP K 76 15.36 -19.37 -63.80
N SER K 77 14.97 -18.44 -64.66
CA SER K 77 15.73 -18.10 -65.86
C SER K 77 16.28 -16.71 -65.66
N PRO K 78 17.53 -16.60 -65.28
CA PRO K 78 18.21 -15.31 -65.40
C PRO K 78 18.79 -15.20 -66.78
N LEU K 79 19.55 -14.15 -67.00
CA LEU K 79 20.59 -14.24 -68.00
C LEU K 79 21.56 -15.33 -67.58
N GLU K 80 21.64 -16.38 -68.37
CA GLU K 80 22.60 -17.43 -68.17
C GLU K 80 23.88 -17.03 -68.89
N LEU K 81 25.04 -17.32 -68.30
CA LEU K 81 26.29 -16.92 -68.89
C LEU K 81 27.21 -18.11 -69.11
N SER K 82 28.45 -17.79 -69.46
CA SER K 82 29.46 -18.82 -69.74
C SER K 82 29.83 -19.55 -68.47
N ALA K 83 29.72 -20.88 -68.51
CA ALA K 83 30.13 -21.75 -67.42
C ALA K 83 31.59 -21.49 -67.12
N PRO K 84 31.98 -21.37 -65.84
CA PRO K 84 31.26 -21.67 -64.61
C PRO K 84 30.34 -20.58 -64.05
N ILE K 85 29.73 -19.73 -64.86
CA ILE K 85 28.64 -18.92 -64.33
C ILE K 85 27.33 -19.69 -64.42
N GLY K 86 26.92 -20.01 -65.64
CA GLY K 86 25.62 -20.62 -65.83
C GLY K 86 24.53 -19.63 -65.45
N LYS K 87 23.45 -20.16 -64.90
CA LYS K 87 22.44 -19.32 -64.32
C LYS K 87 22.96 -18.72 -63.04
N HIS K 88 22.65 -17.44 -62.82
CA HIS K 88 23.22 -16.78 -61.67
C HIS K 88 22.29 -15.67 -61.22
N TYR K 89 22.35 -15.35 -59.94
CA TYR K 89 21.76 -14.14 -59.41
C TYR K 89 22.88 -13.21 -59.00
N VAL K 90 22.51 -11.97 -58.69
CA VAL K 90 23.49 -10.93 -58.41
C VAL K 90 23.21 -10.38 -57.02
N VAL K 91 24.25 -10.31 -56.21
CA VAL K 91 24.18 -9.67 -54.90
C VAL K 91 25.23 -8.56 -54.89
N LEU K 92 24.85 -7.40 -54.37
CA LEU K 92 25.60 -6.18 -54.63
C LEU K 92 26.40 -5.69 -53.45
N ASP K 93 27.28 -4.75 -53.74
CA ASP K 93 27.89 -3.85 -52.78
C ASP K 93 27.07 -2.57 -52.70
N THR K 94 27.12 -1.94 -51.53
CA THR K 94 26.64 -0.58 -51.44
C THR K 94 27.48 0.32 -52.33
N ASN K 95 28.79 0.05 -52.37
CA ASN K 95 29.72 0.92 -53.07
C ASN K 95 29.48 0.87 -54.56
N VAL K 96 29.23 -0.33 -55.10
CA VAL K 96 28.90 -0.43 -56.52
C VAL K 96 27.55 0.21 -56.78
N VAL K 97 26.67 0.25 -55.79
CA VAL K 97 25.47 1.04 -55.93
C VAL K 97 25.78 2.52 -55.79
N LEU K 98 26.57 2.86 -54.77
CA LEU K 98 27.02 4.23 -54.59
C LEU K 98 27.83 4.72 -55.77
N GLN K 99 28.57 3.83 -56.43
CA GLN K 99 29.22 4.27 -57.64
C GLN K 99 28.28 4.20 -58.85
N ALA K 100 27.46 3.16 -58.97
CA ALA K 100 26.73 2.95 -60.21
C ALA K 100 25.24 2.77 -60.01
N ILE K 101 24.62 3.74 -59.34
CA ILE K 101 23.18 3.68 -59.06
C ILE K 101 22.34 3.72 -60.35
N ASP K 102 22.85 4.32 -61.42
CA ASP K 102 22.05 4.45 -62.64
C ASP K 102 22.21 3.24 -63.54
N LEU K 103 23.34 2.54 -63.40
CA LEU K 103 23.56 1.26 -64.06
C LEU K 103 22.50 0.25 -63.70
N LEU K 104 22.08 0.28 -62.44
CA LEU K 104 20.96 -0.49 -61.94
C LEU K 104 19.67 -0.16 -62.68
N GLU K 105 19.49 1.09 -63.08
CA GLU K 105 18.28 1.51 -63.75
C GLU K 105 18.32 1.28 -65.26
N ASN K 106 19.31 0.57 -65.77
CA ASN K 106 19.28 0.15 -67.16
C ASN K 106 18.14 -0.82 -67.36
N PRO K 107 17.23 -0.56 -68.30
CA PRO K 107 16.25 -1.59 -68.67
C PRO K 107 16.86 -2.78 -69.35
N ASN K 108 18.06 -2.64 -69.89
CA ASN K 108 18.62 -3.69 -70.73
C ASN K 108 19.22 -4.82 -69.92
N CYS K 109 19.45 -4.62 -68.63
CA CYS K 109 20.24 -5.59 -67.90
C CYS K 109 19.94 -5.51 -66.41
N PHE K 110 20.53 -6.47 -65.68
CA PHE K 110 20.42 -6.64 -64.22
C PHE K 110 19.00 -6.83 -63.75
N PHE K 111 18.43 -8.00 -64.05
CA PHE K 111 17.01 -8.23 -63.83
C PHE K 111 16.68 -8.92 -62.51
N ASP K 112 17.67 -9.41 -61.78
CA ASP K 112 17.43 -10.31 -60.64
C ASP K 112 18.49 -10.07 -59.57
N VAL K 113 18.21 -9.16 -58.64
CA VAL K 113 19.18 -8.76 -57.62
C VAL K 113 18.53 -8.85 -56.26
N ILE K 114 19.19 -9.57 -55.35
CA ILE K 114 18.89 -9.54 -53.94
C ILE K 114 19.53 -8.29 -53.36
N VAL K 115 18.76 -7.52 -52.59
CA VAL K 115 19.33 -6.43 -51.81
C VAL K 115 19.57 -6.96 -50.39
N PRO K 116 20.80 -6.97 -49.92
CA PRO K 116 21.02 -7.26 -48.51
C PRO K 116 20.60 -6.09 -47.63
N GLN K 117 20.18 -6.44 -46.42
CA GLN K 117 19.64 -5.48 -45.48
C GLN K 117 20.68 -4.45 -45.06
N ILE K 118 21.92 -4.91 -44.84
CA ILE K 118 22.99 -3.99 -44.45
C ILE K 118 23.32 -3.05 -45.59
N VAL K 119 23.26 -3.56 -46.82
CA VAL K 119 23.47 -2.73 -47.98
C VAL K 119 22.37 -1.70 -48.08
N LEU K 120 21.15 -2.11 -47.74
CA LEU K 120 20.02 -1.21 -47.67
C LEU K 120 20.25 -0.12 -46.64
N ASP K 121 20.94 -0.46 -45.54
CA ASP K 121 21.05 0.49 -44.44
C ASP K 121 22.11 1.51 -44.71
N GLU K 122 23.21 1.10 -45.33
CA GLU K 122 24.29 2.02 -45.64
C GLU K 122 23.83 3.08 -46.63
N VAL K 123 22.94 2.70 -47.55
CA VAL K 123 22.31 3.67 -48.43
C VAL K 123 21.45 4.62 -47.63
N ARG K 124 20.64 4.07 -46.73
CA ARG K 124 19.84 4.89 -45.84
C ARG K 124 20.73 5.69 -44.90
N ASN K 125 21.89 5.13 -44.55
CA ASN K 125 22.90 5.94 -43.90
C ASN K 125 23.44 7.01 -44.84
N LYS K 126 23.69 6.67 -46.10
CA LYS K 126 24.37 7.63 -46.95
C LYS K 126 23.42 8.68 -47.51
N SER K 127 22.48 8.27 -48.35
CA SER K 127 21.71 9.27 -49.09
C SER K 127 20.24 8.93 -48.96
N TYR K 128 19.45 9.95 -48.67
CA TYR K 128 18.01 9.76 -48.57
C TYR K 128 17.31 9.60 -49.92
N PRO K 129 17.50 10.46 -50.95
CA PRO K 129 16.72 10.22 -52.17
C PRO K 129 17.29 9.12 -53.04
N VAL K 130 18.55 8.75 -52.84
CA VAL K 130 19.05 7.54 -53.48
C VAL K 130 18.38 6.33 -52.87
N TYR K 131 18.15 6.40 -51.56
CA TYR K 131 17.45 5.34 -50.85
C TYR K 131 16.02 5.23 -51.33
N THR K 132 15.45 6.33 -51.82
CA THR K 132 14.13 6.30 -52.42
C THR K 132 14.12 5.42 -53.66
N ARG K 133 15.18 5.50 -54.45
CA ARG K 133 15.22 4.83 -55.73
C ARG K 133 15.28 3.32 -55.56
N LEU K 134 16.04 2.83 -54.60
CA LEU K 134 16.02 1.40 -54.35
C LEU K 134 14.69 0.99 -53.75
N ARG K 135 14.14 1.85 -52.90
CA ARG K 135 12.77 1.63 -52.45
C ARG K 135 11.81 1.70 -53.62
N THR K 136 12.12 2.55 -54.60
CA THR K 136 11.28 2.61 -55.78
C THR K 136 11.41 1.34 -56.59
N LEU K 137 12.65 0.92 -56.87
CA LEU K 137 12.87 -0.16 -57.83
C LEU K 137 12.38 -1.51 -57.32
N CYS K 138 12.53 -1.76 -56.03
CA CYS K 138 12.20 -3.08 -55.49
C CYS K 138 10.71 -3.33 -55.55
N ARG K 139 9.90 -2.34 -55.16
CA ARG K 139 8.47 -2.52 -55.28
C ARG K 139 8.05 -2.44 -56.74
N ASP K 140 8.78 -1.68 -57.54
CA ASP K 140 8.37 -1.55 -58.94
C ASP K 140 9.15 -2.47 -59.82
N SER K 141 9.61 -3.56 -59.22
CA SER K 141 10.12 -4.68 -59.99
C SER K 141 8.98 -5.28 -60.81
N ASP K 142 9.31 -5.82 -61.98
CA ASP K 142 8.30 -6.31 -62.90
C ASP K 142 8.56 -7.74 -63.34
N ASP K 143 7.89 -8.15 -64.40
CA ASP K 143 8.19 -9.37 -65.12
C ASP K 143 9.63 -9.41 -65.63
N HIS K 144 10.13 -8.28 -66.13
CA HIS K 144 11.47 -8.21 -66.67
C HIS K 144 12.51 -8.26 -65.56
N LYS K 145 12.41 -7.30 -64.66
CA LYS K 145 13.45 -6.98 -63.70
C LYS K 145 12.87 -7.14 -62.31
N ARG K 146 13.61 -7.82 -61.44
CA ARG K 146 13.07 -8.27 -60.18
C ARG K 146 14.07 -7.93 -59.09
N PHE K 147 13.67 -7.08 -58.15
CA PHE K 147 14.49 -6.74 -57.00
C PHE K 147 13.81 -7.14 -55.71
N ILE K 148 14.52 -7.91 -54.88
CA ILE K 148 14.06 -8.21 -53.53
C ILE K 148 15.01 -7.59 -52.54
N VAL K 149 14.55 -7.52 -51.31
CA VAL K 149 15.35 -7.12 -50.18
C VAL K 149 15.35 -8.28 -49.21
N PHE K 150 16.49 -8.89 -49.00
CA PHE K 150 16.62 -9.98 -48.05
C PHE K 150 17.11 -9.40 -46.74
N HIS K 151 16.35 -9.60 -45.68
CA HIS K 151 16.67 -9.01 -44.39
C HIS K 151 17.61 -9.96 -43.68
N ASN K 152 18.88 -9.90 -44.10
CA ASN K 152 19.83 -10.95 -43.73
C ASN K 152 20.21 -10.88 -42.26
N GLU K 153 20.12 -9.71 -41.65
CA GLU K 153 20.44 -9.67 -40.24
C GLU K 153 19.20 -9.83 -39.41
N PHE K 154 18.05 -9.88 -40.06
CA PHE K 154 16.92 -10.53 -39.45
C PHE K 154 16.97 -12.03 -39.68
N SER K 155 17.71 -12.45 -40.69
CA SER K 155 17.88 -13.87 -40.95
C SER K 155 18.80 -14.49 -39.92
N GLU K 156 18.28 -15.52 -39.25
CA GLU K 156 19.05 -16.29 -38.30
C GLU K 156 20.25 -16.95 -38.94
N HIS K 157 20.06 -17.53 -40.12
CA HIS K 157 21.12 -18.34 -40.67
C HIS K 157 22.16 -17.51 -41.39
N THR K 158 21.96 -16.19 -41.48
CA THR K 158 23.00 -15.32 -42.03
C THR K 158 23.49 -14.27 -41.06
N PHE K 159 22.97 -14.25 -39.84
CA PHE K 159 23.36 -13.23 -38.88
C PHE K 159 24.77 -13.50 -38.36
N VAL K 160 25.55 -12.44 -38.17
CA VAL K 160 26.87 -12.57 -37.57
C VAL K 160 26.97 -11.58 -36.43
N GLU K 161 28.09 -11.61 -35.74
CA GLU K 161 28.31 -10.76 -34.59
C GLU K 161 29.54 -9.89 -34.82
N ARG K 162 29.80 -9.02 -33.87
CA ARG K 162 31.08 -8.33 -33.84
C ARG K 162 32.16 -9.25 -33.29
N LEU K 163 33.15 -9.53 -34.09
CA LEU K 163 34.26 -10.33 -33.65
C LEU K 163 35.15 -9.50 -32.72
N PRO K 164 35.99 -10.14 -31.92
CA PRO K 164 36.99 -9.38 -31.15
C PRO K 164 37.96 -8.66 -32.06
N ASN K 165 38.33 -7.44 -31.64
CA ASN K 165 39.31 -6.58 -32.31
C ASN K 165 38.90 -6.28 -33.75
N GLU K 166 37.75 -5.65 -33.88
CA GLU K 166 37.12 -5.55 -35.17
C GLU K 166 36.58 -4.14 -35.35
N THR K 167 36.61 -3.64 -36.57
CA THR K 167 35.82 -2.45 -36.86
C THR K 167 34.48 -2.86 -37.45
N ILE K 168 33.61 -1.87 -37.61
CA ILE K 168 32.28 -2.15 -38.13
C ILE K 168 32.35 -2.49 -39.62
N ASN K 169 33.42 -2.04 -40.29
CA ASN K 169 33.55 -2.30 -41.71
C ASN K 169 33.82 -3.78 -41.99
N ASP K 170 34.59 -4.43 -41.11
CA ASP K 170 34.95 -5.83 -41.30
C ASP K 170 33.74 -6.74 -41.28
N ARG K 171 32.88 -6.54 -40.29
CA ARG K 171 31.71 -7.40 -40.17
C ARG K 171 30.70 -7.08 -41.25
N ASN K 172 30.79 -5.88 -41.84
CA ASN K 172 29.95 -5.59 -43.00
C ASN K 172 30.31 -6.49 -44.16
N ASN K 173 31.59 -6.54 -44.52
CA ASN K 173 32.01 -7.34 -45.65
C ASN K 173 31.85 -8.82 -45.37
N ARG K 174 32.09 -9.21 -44.12
CA ARG K 174 31.98 -10.59 -43.72
C ARG K 174 30.54 -11.07 -43.75
N ALA K 175 29.60 -10.22 -43.33
CA ALA K 175 28.21 -10.63 -43.32
C ALA K 175 27.65 -10.70 -44.72
N ILE K 176 28.06 -9.78 -45.58
CA ILE K 176 27.69 -9.84 -46.98
C ILE K 176 28.24 -11.10 -47.60
N ARG K 177 29.50 -11.41 -47.29
CA ARG K 177 30.06 -12.71 -47.61
C ARG K 177 29.28 -13.84 -46.98
N LYS K 178 28.86 -13.68 -45.73
CA LYS K 178 27.99 -14.66 -45.09
C LYS K 178 26.63 -14.71 -45.77
N THR K 179 26.15 -13.56 -46.24
CA THR K 179 24.84 -13.50 -46.88
C THR K 179 24.85 -14.30 -48.17
N CYS K 180 25.92 -14.16 -48.95
CA CYS K 180 26.01 -14.90 -50.19
C CYS K 180 26.20 -16.37 -49.93
N GLN K 181 26.79 -16.69 -48.79
CA GLN K 181 27.14 -18.06 -48.47
C GLN K 181 25.91 -18.94 -48.31
N TRP K 182 24.85 -18.39 -47.73
CA TRP K 182 23.63 -19.16 -47.58
C TRP K 182 22.94 -19.34 -48.92
N TYR K 183 23.16 -18.40 -49.83
CA TYR K 183 22.34 -18.30 -51.03
C TYR K 183 22.52 -19.47 -51.95
N SER K 184 23.75 -19.68 -52.43
CA SER K 184 24.03 -20.77 -53.35
C SER K 184 23.77 -22.11 -52.70
N GLU K 185 23.97 -22.17 -51.39
CA GLU K 185 23.58 -23.35 -50.63
C GLU K 185 22.10 -23.66 -50.79
N HIS K 186 21.27 -22.63 -50.76
CA HIS K 186 19.86 -22.83 -51.01
C HIS K 186 19.59 -22.96 -52.50
N LEU K 187 20.57 -22.61 -53.34
CA LEU K 187 20.38 -22.54 -54.78
C LEU K 187 21.24 -23.54 -55.54
N LYS K 188 22.05 -24.31 -54.83
CA LYS K 188 22.50 -25.60 -55.33
C LYS K 188 21.43 -26.46 -56.00
N PRO K 189 20.20 -26.63 -55.45
CA PRO K 189 19.25 -27.54 -56.11
C PRO K 189 18.75 -27.10 -57.45
N TYR K 190 19.11 -25.91 -57.91
CA TYR K 190 18.58 -25.43 -59.16
C TYR K 190 19.67 -24.83 -60.02
N ASP K 191 20.91 -24.82 -59.51
CA ASP K 191 22.12 -24.44 -60.23
C ASP K 191 22.08 -22.99 -60.71
N ILE K 192 21.29 -22.16 -60.06
CA ILE K 192 21.30 -20.72 -60.28
C ILE K 192 22.29 -20.15 -59.29
N ASN K 193 23.32 -19.53 -59.80
CA ASN K 193 24.37 -19.13 -58.89
C ASN K 193 24.08 -17.77 -58.31
N VAL K 194 24.99 -17.28 -57.49
CA VAL K 194 24.87 -15.97 -56.88
C VAL K 194 26.19 -15.24 -57.05
N VAL K 195 26.12 -14.03 -57.58
CA VAL K 195 27.30 -13.30 -57.96
C VAL K 195 27.46 -12.11 -57.05
N LEU K 196 28.55 -12.07 -56.31
CA LEU K 196 28.81 -10.95 -55.41
C LEU K 196 29.67 -9.95 -56.16
N VAL K 197 29.17 -8.72 -56.24
CA VAL K 197 29.82 -7.65 -56.98
C VAL K 197 30.38 -6.67 -55.97
N THR K 198 31.63 -6.24 -56.16
CA THR K 198 32.27 -5.30 -55.26
C THR K 198 33.11 -4.33 -56.07
N ASN K 199 33.72 -3.37 -55.38
CA ASN K 199 34.78 -2.56 -55.97
C ASN K 199 36.03 -2.53 -55.11
N ASP K 200 35.99 -3.16 -53.93
CA ASP K 200 37.04 -2.98 -52.94
C ASP K 200 38.15 -4.00 -53.18
N ARG K 201 39.37 -3.49 -53.42
CA ARG K 201 40.51 -4.33 -53.75
C ARG K 201 40.96 -5.23 -52.60
N LEU K 202 40.80 -4.79 -51.36
CA LEU K 202 41.06 -5.68 -50.23
C LEU K 202 39.97 -6.72 -50.10
N ASN K 203 38.73 -6.34 -50.41
CA ASN K 203 37.68 -7.33 -50.55
C ASN K 203 37.86 -8.14 -51.82
N ARG K 204 38.64 -7.61 -52.77
CA ARG K 204 39.08 -8.44 -53.88
C ARG K 204 40.41 -9.09 -53.59
N GLU K 205 40.80 -9.16 -52.31
CA GLU K 205 42.03 -9.87 -51.97
C GLU K 205 41.75 -11.15 -51.19
N ALA K 206 40.78 -11.13 -50.26
CA ALA K 206 40.55 -12.27 -49.39
C ALA K 206 39.92 -13.45 -50.11
N ALA K 207 39.24 -13.22 -51.23
CA ALA K 207 38.66 -14.32 -51.99
C ALA K 207 39.59 -14.80 -53.09
N THR K 208 40.74 -14.14 -53.28
CA THR K 208 41.76 -14.66 -54.21
C THR K 208 42.27 -16.00 -53.74
N LYS K 209 42.47 -16.16 -52.44
CA LYS K 209 42.78 -17.47 -51.88
C LYS K 209 41.54 -18.34 -51.74
N GLU K 210 40.35 -17.77 -52.02
CA GLU K 210 39.03 -18.42 -51.82
C GLU K 210 38.88 -18.86 -50.38
N VAL K 211 38.77 -17.87 -49.48
CA VAL K 211 39.15 -18.02 -48.08
C VAL K 211 38.30 -19.07 -47.38
N GLU K 212 36.98 -18.92 -47.43
CA GLU K 212 36.13 -19.98 -46.92
C GLU K 212 35.16 -20.47 -47.99
N SER K 213 34.53 -19.54 -48.69
CA SER K 213 33.50 -19.92 -49.63
C SER K 213 34.05 -19.92 -51.05
N ASN K 214 33.75 -21.00 -51.76
CA ASN K 214 33.93 -21.07 -53.20
C ASN K 214 32.90 -20.16 -53.85
N ILE K 215 33.17 -18.87 -53.84
CA ILE K 215 32.14 -17.86 -53.94
C ILE K 215 32.43 -17.02 -55.18
N ILE K 216 31.40 -16.39 -55.73
CA ILE K 216 31.59 -15.60 -56.94
C ILE K 216 31.89 -14.16 -56.55
N THR K 217 33.17 -13.88 -56.35
CA THR K 217 33.66 -12.55 -56.05
C THR K 217 34.22 -11.95 -57.32
N LYS K 218 33.43 -11.13 -57.98
CA LYS K 218 33.89 -10.39 -59.13
C LYS K 218 33.71 -8.92 -58.84
N SER K 219 34.53 -8.08 -59.47
CA SER K 219 34.27 -6.66 -59.36
C SER K 219 33.16 -6.28 -60.32
N LEU K 220 32.96 -4.95 -60.44
CA LEU K 220 32.01 -4.45 -61.42
C LEU K 220 32.42 -4.82 -62.82
N VAL K 221 33.56 -4.31 -63.28
CA VAL K 221 34.06 -4.61 -64.61
C VAL K 221 34.32 -6.10 -64.76
N GLN K 222 34.81 -6.74 -63.70
CA GLN K 222 35.01 -8.18 -63.69
C GLN K 222 33.68 -8.91 -63.76
N TYR K 223 32.59 -8.27 -63.33
CA TYR K 223 31.30 -8.78 -63.74
C TYR K 223 30.91 -8.24 -65.11
N ILE K 224 31.20 -6.96 -65.39
CA ILE K 224 30.71 -6.34 -66.63
C ILE K 224 31.32 -7.02 -67.84
N GLU K 225 32.56 -7.46 -67.75
CA GLU K 225 33.23 -8.11 -68.87
C GLU K 225 32.67 -9.50 -69.20
N LEU K 226 31.58 -9.94 -68.59
CA LEU K 226 30.98 -11.22 -68.88
C LEU K 226 29.57 -11.10 -69.40
N LEU K 227 29.16 -9.95 -69.79
CA LEU K 227 27.82 -9.84 -70.35
C LEU K 227 27.84 -10.05 -71.86
N PRO K 228 26.72 -10.54 -72.43
CA PRO K 228 26.67 -10.69 -73.88
C PRO K 228 26.57 -9.36 -74.60
N ASN K 229 26.21 -8.30 -73.89
CA ASN K 229 25.89 -7.01 -74.46
C ASN K 229 26.58 -5.89 -73.71
N ALA K 230 27.81 -6.15 -73.27
CA ALA K 230 28.48 -5.29 -72.29
C ALA K 230 28.99 -4.00 -72.91
N ASP K 231 28.98 -3.92 -74.24
CA ASP K 231 29.50 -2.74 -74.92
C ASP K 231 28.60 -1.54 -74.71
N ASP K 232 27.30 -1.76 -74.65
CA ASP K 232 26.32 -0.70 -74.50
C ASP K 232 26.33 -0.11 -73.11
N ILE K 233 26.85 -0.85 -72.13
CA ILE K 233 26.67 -0.52 -70.73
C ILE K 233 27.96 -0.08 -70.06
N ARG K 234 29.10 -0.32 -70.69
CA ARG K 234 30.37 -0.02 -70.06
C ARG K 234 30.66 1.46 -70.03
N ASP K 235 29.95 2.27 -70.81
CA ASP K 235 30.04 3.70 -70.63
C ASP K 235 29.15 4.19 -69.49
N SER K 236 28.26 3.35 -68.99
CA SER K 236 27.58 3.65 -67.74
C SER K 236 28.36 3.18 -66.53
N ILE K 237 29.53 2.60 -66.73
CA ILE K 237 30.43 2.33 -65.61
C ILE K 237 30.98 3.67 -65.09
N PRO K 238 30.89 3.93 -63.80
CA PRO K 238 31.38 5.21 -63.28
C PRO K 238 32.90 5.27 -63.24
N GLN K 239 33.41 6.42 -62.83
CA GLN K 239 34.83 6.62 -62.76
C GLN K 239 35.15 7.65 -61.70
N THR K 251 49.27 14.43 -66.39
CA THR K 251 48.19 14.55 -65.41
C THR K 251 46.97 15.23 -66.01
N PHE K 252 46.22 15.88 -65.13
CA PHE K 252 45.19 16.85 -65.50
C PHE K 252 45.33 18.06 -64.59
N SER K 253 46.55 18.58 -64.47
CA SER K 253 46.85 19.47 -63.37
C SER K 253 47.63 20.69 -63.84
N ASP K 254 47.25 21.83 -63.27
CA ASP K 254 48.00 23.07 -63.33
C ASP K 254 48.37 23.59 -61.94
N PHE K 255 47.42 23.58 -61.00
CA PHE K 255 47.70 23.73 -59.59
C PHE K 255 46.92 22.66 -58.84
N THR K 256 46.91 22.77 -57.52
CA THR K 256 46.19 21.85 -56.66
C THR K 256 45.04 22.58 -55.98
N PHE K 257 43.85 22.01 -56.06
CA PHE K 257 42.72 22.58 -55.36
C PHE K 257 42.73 22.20 -53.88
N PRO K 258 42.20 23.04 -53.01
CA PRO K 258 42.16 22.70 -51.59
C PRO K 258 41.08 21.68 -51.28
N GLU K 259 40.90 21.41 -50.00
CA GLU K 259 39.90 20.42 -49.62
C GLU K 259 38.79 21.00 -48.75
N TYR K 260 37.90 20.11 -48.35
CA TYR K 260 36.74 20.48 -47.57
C TYR K 260 36.97 20.05 -46.14
N TYR K 261 36.43 20.84 -45.19
CA TYR K 261 36.77 20.63 -43.79
C TYR K 261 36.17 19.33 -43.26
N SER K 262 36.73 18.85 -42.15
CA SER K 262 36.29 17.58 -41.61
C SER K 262 34.96 17.74 -40.89
N THR K 263 34.46 16.60 -40.40
CA THR K 263 33.14 16.57 -39.78
C THR K 263 33.11 17.34 -38.48
N ALA K 264 34.07 17.06 -37.59
CA ALA K 264 34.13 17.73 -36.29
C ALA K 264 34.53 19.18 -36.44
N ARG K 265 35.11 19.52 -37.58
CA ARG K 265 35.52 20.90 -37.82
C ARG K 265 34.29 21.75 -38.16
N VAL K 266 33.40 21.23 -39.01
CA VAL K 266 32.25 22.04 -39.40
C VAL K 266 31.17 22.02 -38.33
N MET K 267 30.99 20.87 -37.65
CA MET K 267 30.07 20.83 -36.53
C MET K 267 30.64 21.65 -35.37
N GLY K 268 31.96 21.66 -35.23
CA GLY K 268 32.59 22.62 -34.34
C GLY K 268 32.50 24.04 -34.84
N GLY K 269 32.25 24.21 -36.14
CA GLY K 269 32.14 25.55 -36.69
C GLY K 269 30.74 26.13 -36.59
N LEU K 270 29.72 25.26 -36.60
CA LEU K 270 28.36 25.74 -36.72
C LEU K 270 27.88 26.47 -35.48
N LYS K 271 28.15 25.93 -34.30
CA LYS K 271 27.59 26.52 -33.09
C LYS K 271 28.23 27.85 -32.76
N ASN K 272 29.52 27.99 -33.01
CA ASN K 272 30.26 29.18 -32.60
C ASN K 272 29.94 30.41 -33.45
N GLY K 273 29.15 30.25 -34.51
CA GLY K 273 28.94 31.35 -35.43
C GLY K 273 30.06 31.52 -36.43
N VAL K 274 30.99 30.56 -36.47
CA VAL K 274 32.08 30.57 -37.42
C VAL K 274 31.58 30.33 -38.84
N LEU K 275 30.76 29.32 -39.02
CA LEU K 275 30.43 28.89 -40.36
C LEU K 275 28.99 29.22 -40.69
N TYR K 276 28.73 29.26 -41.98
CA TYR K 276 27.47 29.77 -42.53
C TYR K 276 27.09 28.88 -43.69
N GLN K 277 25.79 28.67 -43.89
CA GLN K 277 25.32 27.94 -45.05
C GLN K 277 24.12 28.63 -45.66
N GLY K 278 23.81 28.21 -46.88
CA GLY K 278 22.79 28.83 -47.68
C GLY K 278 22.88 28.27 -49.07
N ASN K 279 22.70 29.16 -50.04
CA ASN K 279 22.77 28.77 -51.44
C ASN K 279 23.65 29.75 -52.19
N ILE K 280 24.24 29.31 -53.28
CA ILE K 280 25.17 30.15 -54.03
C ILE K 280 24.69 30.25 -55.47
N GLN K 281 24.97 31.39 -56.10
CA GLN K 281 24.71 31.58 -57.51
C GLN K 281 26.00 31.96 -58.21
N ILE K 282 26.48 31.09 -59.09
CA ILE K 282 27.66 31.29 -59.88
C ILE K 282 27.21 31.89 -61.21
N SER K 283 27.82 33.00 -61.60
CA SER K 283 27.36 33.74 -62.76
C SER K 283 27.79 33.08 -64.06
N GLU K 284 26.95 33.27 -65.09
CA GLU K 284 27.32 32.86 -66.44
C GLU K 284 28.20 33.88 -67.13
N TYR K 285 27.86 35.17 -67.01
CA TYR K 285 28.71 36.23 -67.54
C TYR K 285 30.03 36.36 -66.79
N ASN K 286 30.12 35.80 -65.58
CA ASN K 286 31.40 35.66 -64.92
C ASN K 286 31.38 34.31 -64.23
N PHE K 287 31.96 33.31 -64.89
CA PHE K 287 32.02 31.94 -64.41
C PHE K 287 32.74 31.78 -63.09
N LEU K 288 33.56 32.73 -62.68
CA LEU K 288 34.45 32.51 -61.55
C LEU K 288 34.14 33.44 -60.38
N GLU K 289 32.87 33.74 -60.15
CA GLU K 289 32.47 34.70 -59.12
C GLU K 289 31.02 34.45 -58.75
N GLY K 290 30.73 34.40 -57.45
CA GLY K 290 29.38 34.18 -56.99
C GLY K 290 29.18 34.62 -55.55
N SER K 291 27.92 34.87 -55.21
CA SER K 291 27.55 35.35 -53.88
C SER K 291 26.50 34.44 -53.25
N VAL K 292 26.36 34.54 -51.93
CA VAL K 292 25.38 33.77 -51.18
C VAL K 292 24.47 34.73 -50.44
N SER K 293 23.32 34.23 -49.99
CA SER K 293 22.39 35.01 -49.18
C SER K 293 22.35 34.38 -47.78
N LEU K 294 23.02 34.99 -46.86
CA LEU K 294 23.14 34.34 -45.57
C LEU K 294 22.04 34.78 -44.62
N PRO K 295 21.68 33.96 -43.62
CA PRO K 295 20.66 34.41 -42.66
C PRO K 295 21.13 35.53 -41.75
N ARG K 296 22.40 35.54 -41.37
CA ARG K 296 22.89 36.62 -40.54
C ARG K 296 23.15 37.89 -41.34
N PHE K 297 23.22 37.80 -42.67
CA PHE K 297 23.76 38.88 -43.48
C PHE K 297 22.73 39.43 -44.44
N SER K 298 22.78 40.74 -44.62
CA SER K 298 21.87 41.41 -45.54
C SER K 298 22.31 41.20 -46.99
N LYS K 299 23.49 41.71 -47.34
CA LYS K 299 23.84 41.82 -48.74
C LYS K 299 24.35 40.51 -49.29
N PRO K 300 24.25 40.29 -50.60
CA PRO K 300 24.84 39.08 -51.19
C PRO K 300 26.35 39.08 -51.11
N VAL K 301 26.89 38.14 -50.35
CA VAL K 301 28.31 38.12 -50.02
C VAL K 301 29.07 37.34 -51.08
N LEU K 302 29.84 38.04 -51.90
CA LEU K 302 30.55 37.43 -53.03
C LEU K 302 31.66 36.49 -52.57
N ILE K 303 31.93 35.49 -53.41
CA ILE K 303 33.05 34.58 -53.24
C ILE K 303 33.86 34.66 -54.51
N VAL K 304 35.08 35.17 -54.41
CA VAL K 304 35.92 35.46 -55.56
C VAL K 304 37.09 34.50 -55.57
N GLY K 305 37.33 33.88 -56.71
CA GLY K 305 38.51 33.06 -56.91
C GLY K 305 38.17 31.62 -57.17
N GLN K 306 38.86 31.07 -58.16
CA GLN K 306 38.63 29.70 -58.60
C GLN K 306 38.95 28.69 -57.52
N LYS K 307 40.02 28.92 -56.75
CA LYS K 307 40.30 28.08 -55.60
C LYS K 307 39.28 28.29 -54.51
N ASN K 308 38.71 29.48 -54.44
CA ASN K 308 37.76 29.81 -53.40
C ASN K 308 36.38 29.25 -53.70
N LEU K 309 36.08 29.04 -54.98
CA LEU K 309 34.86 28.32 -55.31
C LEU K 309 35.02 26.84 -55.03
N ASN K 310 36.24 26.33 -55.18
CA ASN K 310 36.71 25.06 -54.62
C ASN K 310 35.89 23.87 -55.15
N ARG K 311 35.63 23.93 -56.45
CA ARG K 311 35.16 22.80 -57.24
C ARG K 311 33.76 22.35 -56.86
N ALA K 312 32.95 23.28 -56.37
CA ALA K 312 31.53 23.06 -56.21
C ALA K 312 30.80 23.65 -57.41
N PHE K 313 29.54 23.24 -57.60
CA PHE K 313 28.74 23.69 -58.73
C PHE K 313 27.68 24.69 -58.28
N ASN K 314 27.08 25.35 -59.27
CA ASN K 314 26.10 26.39 -59.00
C ASN K 314 24.80 25.77 -58.49
N GLY K 315 24.24 26.39 -57.45
CA GLY K 315 23.00 25.96 -56.86
C GLY K 315 23.14 25.04 -55.66
N ASP K 316 24.36 24.62 -55.34
CA ASP K 316 24.55 23.62 -54.30
C ASP K 316 24.44 24.26 -52.92
N GLN K 317 24.21 23.42 -51.91
CA GLN K 317 24.27 23.85 -50.51
C GLN K 317 25.71 23.69 -50.04
N VAL K 318 26.33 24.79 -49.64
CA VAL K 318 27.73 24.75 -49.24
C VAL K 318 27.85 25.35 -47.86
N ILE K 319 29.07 25.30 -47.32
CA ILE K 319 29.40 25.93 -46.06
C ILE K 319 30.59 26.86 -46.31
N VAL K 320 30.42 28.13 -45.93
CA VAL K 320 31.34 29.19 -46.30
C VAL K 320 32.05 29.73 -45.07
N GLU K 321 33.19 30.38 -45.30
CA GLU K 321 33.90 31.15 -44.31
C GLU K 321 34.19 32.52 -44.90
N LEU K 322 34.08 33.55 -44.07
CA LEU K 322 34.51 34.89 -44.45
C LEU K 322 36.01 34.92 -44.73
N LEU K 323 36.42 35.90 -45.51
CA LEU K 323 37.83 36.10 -45.75
C LEU K 323 38.32 37.32 -44.99
N PRO K 324 39.62 37.36 -44.68
CA PRO K 324 40.17 38.53 -44.00
C PRO K 324 40.10 39.79 -44.87
N GLN K 325 40.30 40.92 -44.21
CA GLN K 325 40.16 42.22 -44.84
C GLN K 325 41.24 42.46 -45.89
N SER K 326 42.35 41.72 -45.79
CA SER K 326 43.34 41.66 -46.85
C SER K 326 42.75 41.14 -48.15
N GLU K 327 41.73 40.30 -48.09
CA GLU K 327 41.08 39.83 -49.30
C GLU K 327 39.73 40.49 -49.52
N TRP K 328 39.35 41.45 -48.69
CA TRP K 328 38.11 42.18 -48.93
C TRP K 328 38.25 43.09 -50.15
N LYS K 329 37.11 43.49 -50.69
CA LYS K 329 37.08 44.07 -52.01
C LYS K 329 36.28 45.35 -52.03
N ALA K 330 36.81 46.36 -52.70
CA ALA K 330 36.18 47.68 -52.78
C ALA K 330 35.65 47.91 -54.19
N PRO K 331 34.34 47.93 -54.41
CA PRO K 331 33.75 48.36 -55.68
C PRO K 331 33.89 49.86 -55.90
N VAL K 366 45.07 34.41 -39.28
CA VAL K 366 44.99 34.06 -37.86
C VAL K 366 44.69 32.60 -37.71
N ILE K 367 44.72 32.13 -36.48
CA ILE K 367 44.42 30.74 -36.18
C ILE K 367 43.12 30.70 -35.41
N SER K 368 42.99 31.60 -34.43
CA SER K 368 41.85 31.58 -33.53
C SER K 368 40.59 32.03 -34.25
N ASP K 369 39.47 31.45 -33.82
CA ASP K 369 38.18 31.99 -34.24
C ASP K 369 37.79 33.15 -33.36
N LYS K 370 38.62 33.49 -32.37
CA LYS K 370 38.45 34.72 -31.62
C LYS K 370 38.65 35.93 -32.52
N GLN K 371 39.49 35.81 -33.54
CA GLN K 371 39.68 36.92 -34.47
C GLN K 371 38.54 37.03 -35.47
N ARG K 372 38.08 35.88 -35.98
CA ARG K 372 37.19 35.88 -37.13
C ARG K 372 35.81 36.41 -36.79
N ARG K 373 35.32 36.09 -35.60
CA ARG K 373 34.04 36.60 -35.13
C ARG K 373 34.05 38.10 -34.96
N LEU K 374 35.15 38.63 -34.44
CA LEU K 374 35.28 40.08 -34.34
C LEU K 374 35.48 40.68 -35.71
N LEU K 375 36.08 39.92 -36.63
CA LEU K 375 36.13 40.35 -38.01
C LEU K 375 34.78 40.17 -38.69
N ALA K 376 33.99 39.19 -38.24
CA ALA K 376 32.66 39.00 -38.79
C ALA K 376 31.74 40.14 -38.41
N LYS K 377 31.94 40.70 -37.22
CA LYS K 377 31.25 41.93 -36.87
C LYS K 377 31.69 43.07 -37.79
N ASP K 378 32.97 43.08 -38.17
CA ASP K 378 33.46 44.11 -39.08
C ASP K 378 32.92 43.92 -40.48
N ALA K 379 32.50 42.71 -40.81
CA ALA K 379 31.83 42.49 -42.09
C ALA K 379 30.52 43.25 -42.15
N MET K 380 29.73 43.19 -41.09
CA MET K 380 28.45 43.89 -41.07
C MET K 380 28.65 45.39 -41.05
N ILE K 381 29.77 45.85 -40.50
CA ILE K 381 30.15 47.23 -40.66
C ILE K 381 30.46 47.52 -42.13
N ALA K 382 31.24 46.64 -42.76
CA ALA K 382 31.56 46.79 -44.18
C ALA K 382 30.35 46.53 -45.06
N GLN K 383 29.40 45.74 -44.57
CA GLN K 383 28.11 45.63 -45.25
C GLN K 383 27.36 46.95 -45.20
N ARG K 384 27.49 47.70 -44.11
CA ARG K 384 26.89 49.02 -44.06
C ARG K 384 27.72 50.05 -44.80
N SER K 385 28.94 49.70 -45.18
CA SER K 385 29.75 50.61 -45.99
C SER K 385 29.26 50.67 -47.43
N LYS K 386 29.12 49.51 -48.08
CA LYS K 386 28.88 49.35 -49.52
C LYS K 386 29.93 50.03 -50.38
N LYS K 387 31.13 50.23 -49.81
CA LYS K 387 32.24 50.91 -50.48
C LYS K 387 33.42 49.97 -50.58
N ILE K 388 33.71 49.27 -49.50
CA ILE K 388 34.48 48.04 -49.52
C ILE K 388 33.63 46.98 -48.84
N GLN K 389 33.32 45.92 -49.57
CA GLN K 389 32.45 44.91 -49.03
C GLN K 389 33.21 43.60 -48.92
N PRO K 390 32.88 42.74 -47.95
CA PRO K 390 33.70 41.55 -47.70
C PRO K 390 33.58 40.52 -48.79
N THR K 391 34.56 39.63 -48.83
CA THR K 391 34.53 38.44 -49.66
C THR K 391 34.49 37.22 -48.75
N ALA K 392 34.01 36.11 -49.30
CA ALA K 392 33.98 34.84 -48.57
C ALA K 392 34.62 33.78 -49.45
N LYS K 393 34.82 32.60 -48.88
CA LYS K 393 35.15 31.43 -49.66
C LYS K 393 34.41 30.26 -49.04
N VAL K 394 34.23 29.20 -49.79
CA VAL K 394 33.60 28.02 -49.22
C VAL K 394 34.68 27.20 -48.52
N VAL K 395 34.28 26.52 -47.46
CA VAL K 395 35.16 25.60 -46.76
C VAL K 395 34.57 24.21 -46.67
N TYR K 396 33.29 24.06 -46.91
CA TYR K 396 32.67 22.75 -46.93
C TYR K 396 31.43 22.84 -47.80
N ILE K 397 30.93 21.69 -48.24
CA ILE K 397 29.75 21.64 -49.08
C ILE K 397 28.68 20.94 -48.26
N GLN K 398 27.63 21.68 -47.92
CA GLN K 398 26.51 21.12 -47.19
C GLN K 398 25.83 20.02 -47.98
N ARG K 399 25.62 20.26 -49.28
CA ARG K 399 24.98 19.26 -50.14
C ARG K 399 25.31 19.57 -51.59
N ARG K 400 25.58 18.53 -52.37
CA ARG K 400 25.59 18.68 -53.82
C ARG K 400 24.16 18.72 -54.32
N SER K 401 23.88 19.64 -55.25
CA SER K 401 22.63 19.57 -55.98
C SER K 401 22.78 18.84 -57.31
N TRP K 402 23.60 17.80 -57.32
CA TRP K 402 23.80 16.99 -58.52
C TRP K 402 22.54 16.19 -58.83
N ARG K 403 22.43 15.81 -60.10
CA ARG K 403 21.44 14.86 -60.57
C ARG K 403 21.97 14.28 -61.88
N GLN K 404 21.08 13.69 -62.66
CA GLN K 404 21.40 13.29 -64.02
C GLN K 404 21.45 14.54 -64.88
N TYR K 405 22.41 14.60 -65.79
CA TYR K 405 22.59 15.79 -66.60
C TYR K 405 22.76 15.45 -68.08
N VAL K 406 22.29 16.38 -68.92
CA VAL K 406 22.24 16.22 -70.36
C VAL K 406 23.02 17.35 -71.01
N GLY K 407 23.92 16.99 -71.92
CA GLY K 407 24.64 17.98 -72.68
C GLY K 407 25.05 17.44 -74.03
N GLN K 408 26.13 18.02 -74.54
CA GLN K 408 26.64 17.74 -75.88
C GLN K 408 28.16 17.73 -75.82
N LEU K 409 28.79 17.04 -76.76
CA LEU K 409 30.22 16.84 -76.66
C LEU K 409 31.00 17.86 -77.50
N ALA K 410 32.30 17.91 -77.29
CA ALA K 410 33.16 18.82 -78.02
C ALA K 410 33.77 18.11 -79.21
N PRO K 411 33.72 18.70 -80.41
CA PRO K 411 34.38 18.09 -81.57
C PRO K 411 35.89 18.10 -81.47
N SER K 412 36.46 18.96 -80.62
CA SER K 412 37.89 18.94 -80.38
C SER K 412 38.29 17.74 -79.54
N SER K 413 37.41 17.29 -78.66
CA SER K 413 37.71 16.27 -77.68
C SER K 413 37.74 14.88 -78.29
N VAL K 414 37.18 14.73 -79.48
CA VAL K 414 36.97 13.44 -80.13
C VAL K 414 37.97 13.31 -81.27
N ASP K 415 38.51 12.11 -81.46
CA ASP K 415 39.30 11.81 -82.64
C ASP K 415 38.43 11.09 -83.66
N PRO K 416 38.44 11.49 -84.93
CA PRO K 416 37.67 10.76 -85.94
C PRO K 416 38.23 9.37 -86.22
N GLN K 417 39.53 9.25 -86.41
CA GLN K 417 40.13 7.97 -86.77
C GLN K 417 40.10 6.97 -85.63
N SER K 418 40.04 7.42 -84.38
CA SER K 418 40.04 6.49 -83.26
C SER K 418 38.72 5.76 -83.17
N SER K 419 38.79 4.51 -82.72
CA SER K 419 37.62 3.74 -82.33
C SER K 419 37.61 3.38 -80.87
N SER K 420 38.68 3.70 -80.15
CA SER K 420 38.91 3.21 -78.81
C SER K 420 38.34 4.17 -77.77
N THR K 421 38.71 3.91 -76.52
CA THR K 421 38.31 4.77 -75.40
C THR K 421 39.08 6.08 -75.48
N GLN K 422 38.42 7.20 -75.18
CA GLN K 422 39.10 8.47 -75.12
C GLN K 422 38.38 9.45 -74.19
N ASN K 423 39.14 10.45 -73.75
CA ASN K 423 38.58 11.58 -73.03
C ASN K 423 37.73 12.42 -73.96
N VAL K 424 36.52 12.75 -73.53
CA VAL K 424 35.76 13.84 -74.11
C VAL K 424 35.22 14.71 -72.98
N PHE K 425 35.06 15.99 -73.28
CA PHE K 425 34.35 16.88 -72.41
C PHE K 425 32.94 17.08 -72.92
N VAL K 426 31.99 17.18 -72.00
CA VAL K 426 30.61 17.46 -72.36
C VAL K 426 30.33 18.95 -72.16
N ILE K 427 29.91 19.62 -73.23
CA ILE K 427 29.32 20.94 -73.12
C ILE K 427 27.92 20.71 -72.59
N LEU K 428 27.62 21.29 -71.45
CA LEU K 428 26.33 21.06 -70.82
C LEU K 428 25.28 21.98 -71.43
N MET K 429 24.01 21.65 -71.18
CA MET K 429 22.95 22.59 -71.49
C MET K 429 22.91 23.73 -70.47
N ASP K 430 23.38 23.48 -69.25
CA ASP K 430 23.51 24.53 -68.25
C ASP K 430 24.73 25.36 -68.62
N LYS K 431 24.50 26.65 -68.88
CA LYS K 431 25.59 27.55 -69.20
C LYS K 431 26.55 27.75 -68.02
N CYS K 432 26.05 27.69 -66.79
CA CYS K 432 26.87 28.00 -65.64
C CYS K 432 27.71 26.83 -65.17
N LEU K 433 27.51 25.64 -65.71
CA LEU K 433 28.26 24.56 -65.14
C LEU K 433 29.31 24.03 -66.12
N PRO K 434 30.52 23.74 -65.64
CA PRO K 434 31.63 23.44 -66.53
C PRO K 434 31.57 22.07 -67.17
N LYS K 435 32.55 21.82 -68.03
CA LYS K 435 32.66 20.60 -68.82
C LYS K 435 33.15 19.44 -67.96
N VAL K 436 32.84 18.23 -68.40
CA VAL K 436 33.19 17.03 -67.66
C VAL K 436 33.97 16.08 -68.56
N ARG K 437 35.20 15.80 -68.16
CA ARG K 437 36.04 14.79 -68.80
C ARG K 437 35.36 13.43 -68.76
N ILE K 438 35.15 12.85 -69.94
CA ILE K 438 34.46 11.57 -70.07
C ILE K 438 35.36 10.62 -70.85
N ARG K 439 35.88 9.61 -70.15
CA ARG K 439 36.73 8.59 -70.74
C ARG K 439 35.83 7.54 -71.38
N THR K 440 35.71 7.55 -72.71
CA THR K 440 34.70 6.72 -73.36
C THR K 440 35.13 6.25 -74.74
N ARG K 441 34.56 5.12 -75.15
CA ARG K 441 34.80 4.53 -76.46
C ARG K 441 34.01 5.15 -77.58
N ARG K 442 32.68 5.05 -77.52
CA ARG K 442 31.79 5.30 -78.65
C ARG K 442 31.52 6.77 -78.87
N ALA K 443 32.55 7.61 -78.86
CA ALA K 443 32.32 9.05 -78.97
C ALA K 443 32.02 9.46 -80.40
N ALA K 444 32.59 8.75 -81.38
CA ALA K 444 32.28 9.02 -82.77
C ALA K 444 30.82 8.76 -83.08
N GLU K 445 30.21 7.80 -82.37
CA GLU K 445 28.78 7.64 -82.42
C GLU K 445 28.04 8.84 -81.84
N LEU K 446 28.36 9.23 -80.61
CA LEU K 446 27.48 10.02 -79.79
C LEU K 446 27.71 11.52 -79.96
N LEU K 447 28.62 11.91 -80.85
CA LEU K 447 28.99 13.32 -80.98
C LEU K 447 27.85 14.13 -81.57
N ASP K 448 27.15 13.57 -82.54
CA ASP K 448 26.03 14.27 -83.15
C ASP K 448 24.75 13.73 -82.51
N LYS K 449 24.87 13.35 -81.25
CA LYS K 449 23.79 12.72 -80.51
C LYS K 449 23.69 13.36 -79.13
N ARG K 450 22.48 13.34 -78.57
CA ARG K 450 22.27 13.80 -77.21
C ARG K 450 22.59 12.68 -76.22
N ILE K 451 22.99 13.05 -75.00
CA ILE K 451 23.48 12.10 -74.02
C ILE K 451 22.95 12.44 -72.64
N VAL K 452 22.94 11.44 -71.78
CA VAL K 452 22.74 11.63 -70.36
C VAL K 452 24.03 11.22 -69.66
N ILE K 453 24.50 12.07 -68.75
CA ILE K 453 25.60 11.67 -67.89
C ILE K 453 25.11 11.63 -66.45
N SER K 454 26.03 11.27 -65.57
CA SER K 454 25.91 11.52 -64.16
C SER K 454 27.31 11.75 -63.61
N ILE K 455 27.43 12.72 -62.73
CA ILE K 455 28.72 13.09 -62.17
C ILE K 455 29.12 12.02 -61.18
N ASP K 456 30.36 11.53 -61.28
CA ASP K 456 30.80 10.48 -60.37
C ASP K 456 31.43 11.09 -59.12
N SER K 457 32.49 11.89 -59.29
CA SER K 457 33.24 12.37 -58.15
C SER K 457 34.04 13.60 -58.53
N TRP K 458 34.66 14.21 -57.52
CA TRP K 458 35.74 15.18 -57.70
C TRP K 458 36.91 14.79 -56.82
N PRO K 459 37.93 14.16 -57.38
CA PRO K 459 39.20 14.02 -56.65
C PRO K 459 39.99 15.33 -56.70
N THR K 460 41.20 15.29 -56.14
CA THR K 460 41.95 16.52 -55.92
C THR K 460 42.44 17.15 -57.20
N THR K 461 43.00 16.35 -58.11
CA THR K 461 43.79 16.88 -59.22
C THR K 461 42.90 17.47 -60.30
N HIS K 462 41.74 16.90 -60.52
CA HIS K 462 41.03 17.13 -61.76
C HIS K 462 40.30 18.46 -61.74
N LYS K 463 40.74 19.34 -62.65
CA LYS K 463 40.13 20.64 -62.87
C LYS K 463 38.69 20.52 -63.32
N TYR K 464 38.35 19.45 -64.00
CA TYR K 464 37.01 19.11 -64.41
C TYR K 464 36.69 17.69 -63.95
N PRO K 465 35.47 17.45 -63.48
CA PRO K 465 35.23 16.26 -62.65
C PRO K 465 35.18 14.97 -63.46
N LEU K 466 35.20 13.85 -62.74
CA LEU K 466 34.97 12.54 -63.32
C LEU K 466 33.49 12.23 -63.25
N GLY K 467 32.92 11.87 -64.39
CA GLY K 467 31.53 11.49 -64.44
C GLY K 467 31.37 10.37 -65.44
N HIS K 468 30.17 9.82 -65.57
CA HIS K 468 29.96 8.85 -66.63
C HIS K 468 28.63 9.10 -67.31
N PHE K 469 28.68 8.92 -68.63
CA PHE K 469 27.53 8.78 -69.50
C PHE K 469 26.53 7.79 -68.96
N VAL K 470 25.26 8.17 -68.99
CA VAL K 470 24.28 7.20 -68.52
C VAL K 470 23.38 6.76 -69.66
N ARG K 471 22.53 7.64 -70.18
CA ARG K 471 21.50 7.19 -71.10
C ARG K 471 21.73 7.73 -72.50
N ASP K 472 21.53 6.83 -73.44
CA ASP K 472 21.77 7.03 -74.86
C ASP K 472 20.47 7.60 -75.44
N LEU K 473 20.51 8.86 -75.87
CA LEU K 473 19.26 9.55 -76.13
C LEU K 473 18.84 9.53 -77.60
N GLY K 474 19.62 10.14 -78.49
CA GLY K 474 19.22 10.30 -79.87
C GLY K 474 19.89 11.50 -80.49
N THR K 475 19.52 11.74 -81.75
CA THR K 475 20.28 12.61 -82.64
C THR K 475 20.07 14.08 -82.29
N ILE K 476 21.15 14.87 -82.43
CA ILE K 476 21.09 16.30 -82.17
C ILE K 476 20.12 17.01 -83.11
N GLU K 477 19.25 17.83 -82.53
CA GLU K 477 18.12 18.54 -83.15
C GLU K 477 17.21 17.63 -83.94
N SER K 478 17.10 16.37 -83.54
CA SER K 478 15.95 15.57 -83.87
C SER K 478 14.83 15.98 -82.93
N ALA K 479 13.61 16.00 -83.46
CA ALA K 479 12.50 16.58 -82.71
C ALA K 479 12.11 15.74 -81.52
N GLN K 480 12.28 14.42 -81.62
CA GLN K 480 11.88 13.55 -80.53
C GLN K 480 12.86 13.65 -79.36
N ALA K 481 14.15 13.67 -79.66
CA ALA K 481 15.14 13.78 -78.60
C ALA K 481 15.10 15.16 -77.96
N GLU K 482 14.89 16.20 -78.77
CA GLU K 482 14.81 17.54 -78.22
C GLU K 482 13.50 17.76 -77.50
N THR K 483 12.51 16.93 -77.77
CA THR K 483 11.35 16.88 -76.91
C THR K 483 11.72 16.35 -75.53
N GLU K 484 12.58 15.34 -75.51
CA GLU K 484 12.83 14.57 -74.29
C GLU K 484 13.56 15.37 -73.23
N ALA K 485 14.72 15.93 -73.58
CA ALA K 485 15.52 16.64 -72.59
C ALA K 485 14.88 17.96 -72.22
N LEU K 486 13.98 18.46 -73.06
CA LEU K 486 13.18 19.62 -72.70
C LEU K 486 12.25 19.30 -71.55
N LEU K 487 11.89 18.04 -71.38
CA LEU K 487 11.09 17.66 -70.23
C LEU K 487 11.94 17.63 -68.96
N LEU K 488 12.95 16.77 -68.96
CA LEU K 488 13.67 16.46 -67.75
C LEU K 488 14.57 17.59 -67.26
N GLU K 489 15.17 18.35 -68.16
CA GLU K 489 15.96 19.49 -67.70
C GLU K 489 15.06 20.63 -67.28
N HIS K 490 13.79 20.58 -67.64
CA HIS K 490 12.79 21.42 -67.01
C HIS K 490 12.07 20.71 -65.88
N ASP K 491 12.53 19.51 -65.50
CA ASP K 491 11.93 18.67 -64.46
C ASP K 491 10.47 18.37 -64.78
N VAL K 492 10.27 17.60 -65.83
CA VAL K 492 8.94 17.14 -66.20
C VAL K 492 8.96 15.62 -66.19
N GLU K 493 8.07 15.03 -65.40
CA GLU K 493 7.92 13.58 -65.40
C GLU K 493 7.22 13.15 -66.68
N TYR K 494 7.71 12.05 -67.28
CA TYR K 494 7.25 11.57 -68.57
C TYR K 494 7.11 10.05 -68.64
N ARG K 495 7.70 9.31 -67.71
CA ARG K 495 7.77 7.86 -67.81
C ARG K 495 6.37 7.25 -67.62
N PRO K 496 6.08 6.11 -68.26
CA PRO K 496 4.73 5.56 -68.19
C PRO K 496 4.42 5.01 -66.81
N PHE K 497 3.15 4.77 -66.57
CA PHE K 497 2.70 4.38 -65.23
C PHE K 497 3.06 2.92 -64.97
N SER K 498 3.74 2.71 -63.84
CA SER K 498 4.42 1.44 -63.58
C SER K 498 3.43 0.37 -63.12
N LYS K 499 3.99 -0.77 -62.73
CA LYS K 499 3.18 -1.93 -62.40
C LYS K 499 2.45 -1.73 -61.07
N LYS K 500 3.09 -1.03 -60.14
CA LYS K 500 2.41 -0.73 -58.89
C LYS K 500 1.38 0.40 -59.04
N VAL K 501 1.45 1.14 -60.15
CA VAL K 501 0.45 2.18 -60.39
C VAL K 501 -0.86 1.56 -60.85
N LEU K 502 -0.77 0.62 -61.79
CA LEU K 502 -1.96 0.12 -62.47
C LEU K 502 -2.77 -0.81 -61.58
N GLU K 503 -2.23 -1.18 -60.42
CA GLU K 503 -2.96 -1.89 -59.38
C GLU K 503 -3.83 -0.96 -58.54
N CYS K 504 -3.93 0.32 -58.92
CA CYS K 504 -4.73 1.26 -58.16
C CYS K 504 -5.98 1.72 -58.92
N LEU K 505 -6.07 1.44 -60.21
CA LEU K 505 -7.24 1.87 -60.96
C LEU K 505 -8.45 1.00 -60.61
N PRO K 506 -9.67 1.55 -60.72
CA PRO K 506 -10.87 0.74 -60.51
C PRO K 506 -11.01 -0.35 -61.56
N ALA K 507 -11.69 -1.42 -61.16
CA ALA K 507 -11.39 -2.74 -61.71
C ALA K 507 -12.07 -3.02 -63.04
N GLU K 508 -12.98 -2.17 -63.52
CA GLU K 508 -13.71 -2.51 -64.74
C GLU K 508 -12.84 -2.33 -65.97
N GLY K 509 -12.36 -1.12 -66.21
CA GLY K 509 -11.81 -0.79 -67.50
C GLY K 509 -12.76 0.15 -68.20
N HIS K 510 -12.80 0.12 -69.54
CA HIS K 510 -13.72 1.02 -70.22
C HIS K 510 -15.13 0.45 -70.35
N ASP K 511 -15.50 -0.51 -69.52
CA ASP K 511 -16.83 -1.10 -69.50
C ASP K 511 -17.58 -0.84 -68.20
N TRP K 512 -17.30 0.28 -67.54
CA TRP K 512 -18.05 0.67 -66.35
C TRP K 512 -19.15 1.67 -66.68
N LYS K 513 -20.24 1.59 -65.92
CA LYS K 513 -21.19 2.68 -65.86
C LYS K 513 -21.59 2.86 -64.40
N ALA K 514 -22.02 4.05 -64.06
CA ALA K 514 -22.53 4.31 -62.72
C ALA K 514 -23.88 3.63 -62.53
N PRO K 515 -24.19 3.15 -61.32
CA PRO K 515 -25.46 2.42 -61.12
C PRO K 515 -26.67 3.34 -61.21
N THR K 516 -27.65 2.91 -61.99
CA THR K 516 -28.85 3.71 -62.20
C THR K 516 -29.72 3.73 -60.96
N LYS K 517 -29.87 2.58 -60.31
CA LYS K 517 -30.47 2.53 -58.99
C LYS K 517 -29.47 3.11 -58.00
N LEU K 518 -29.77 4.29 -57.46
CA LEU K 518 -28.93 4.93 -56.45
C LEU K 518 -29.20 4.38 -55.06
N ASP K 519 -30.04 3.38 -54.95
CA ASP K 519 -30.44 2.78 -53.68
C ASP K 519 -30.41 1.26 -53.77
N ASP K 520 -29.64 0.71 -54.70
CA ASP K 520 -29.48 -0.72 -54.83
C ASP K 520 -28.59 -1.24 -53.71
N PRO K 521 -28.95 -2.35 -53.04
CA PRO K 521 -28.21 -2.79 -51.84
C PRO K 521 -26.77 -3.16 -52.09
N GLU K 522 -26.48 -3.77 -53.24
CA GLU K 522 -25.09 -4.02 -53.60
C GLU K 522 -24.38 -2.72 -53.96
N ALA K 523 -25.10 -1.79 -54.60
CA ALA K 523 -24.54 -0.46 -54.82
C ALA K 523 -24.45 0.30 -53.50
N VAL K 524 -25.38 0.05 -52.58
CA VAL K 524 -25.20 0.50 -51.21
C VAL K 524 -24.04 -0.26 -50.56
N SER K 525 -23.89 -1.54 -50.89
CA SER K 525 -22.68 -2.24 -50.44
C SER K 525 -21.45 -1.74 -51.21
N LYS K 526 -21.65 -1.24 -52.43
CA LYS K 526 -20.52 -0.65 -53.14
C LYS K 526 -20.20 0.75 -52.59
N ASP K 527 -21.22 1.53 -52.26
CA ASP K 527 -21.04 2.88 -51.73
C ASP K 527 -21.88 3.02 -50.48
N PRO K 528 -21.27 2.99 -49.29
CA PRO K 528 -22.02 3.32 -48.08
C PRO K 528 -22.36 4.78 -47.98
N LEU K 529 -21.52 5.66 -48.51
CA LEU K 529 -21.75 7.10 -48.52
C LEU K 529 -22.62 7.54 -49.68
N LEU K 530 -23.34 6.61 -50.31
CA LEU K 530 -24.20 6.92 -51.44
C LEU K 530 -25.44 7.71 -51.01
N THR K 531 -25.66 7.79 -49.69
CA THR K 531 -26.68 8.63 -49.07
C THR K 531 -26.63 10.07 -49.54
N LYS K 532 -25.45 10.62 -49.73
CA LYS K 532 -25.35 12.01 -50.15
C LYS K 532 -25.20 12.16 -51.65
N ARG K 533 -24.93 11.06 -52.37
CA ARG K 533 -24.90 11.09 -53.83
C ARG K 533 -26.30 11.30 -54.37
N LYS K 534 -26.54 12.46 -54.98
CA LYS K 534 -27.79 12.69 -55.65
C LYS K 534 -27.68 12.31 -57.13
N ASP K 535 -28.82 12.29 -57.81
CA ASP K 535 -28.87 11.91 -59.22
C ASP K 535 -29.17 13.15 -60.03
N LEU K 536 -28.15 13.64 -60.73
CA LEU K 536 -28.32 14.79 -61.60
C LEU K 536 -28.01 14.43 -63.05
N ARG K 537 -28.26 13.16 -63.41
CA ARG K 537 -28.26 12.73 -64.80
C ARG K 537 -29.38 13.36 -65.60
N ASP K 538 -30.41 13.83 -64.93
CA ASP K 538 -31.51 14.53 -65.57
C ASP K 538 -31.20 16.00 -65.83
N LYS K 539 -29.92 16.35 -66.03
CA LYS K 539 -29.51 17.69 -66.44
C LYS K 539 -29.04 17.71 -67.89
N LEU K 540 -29.02 18.92 -68.45
CA LEU K 540 -28.62 19.15 -69.84
C LEU K 540 -27.25 19.82 -69.81
N ILE K 541 -26.23 19.06 -70.11
CA ILE K 541 -24.86 19.47 -69.89
C ILE K 541 -24.12 19.59 -71.21
N CYS K 542 -23.37 20.67 -71.40
CA CYS K 542 -22.46 20.82 -72.54
C CYS K 542 -21.25 21.65 -72.12
N SER K 543 -20.08 21.29 -72.64
CA SER K 543 -18.82 21.86 -72.20
C SER K 543 -18.04 22.42 -73.38
N ILE K 544 -17.59 23.66 -73.25
CA ILE K 544 -16.67 24.27 -74.20
C ILE K 544 -15.31 23.65 -73.90
N ASP K 545 -14.79 22.90 -74.85
CA ASP K 545 -13.52 22.22 -74.69
C ASP K 545 -12.69 22.54 -75.91
N PRO K 546 -11.40 22.22 -75.90
CA PRO K 546 -10.64 22.31 -77.15
C PRO K 546 -11.00 21.17 -78.09
N PRO K 547 -10.62 21.28 -79.38
CA PRO K 547 -10.63 20.10 -80.24
C PRO K 547 -9.61 19.08 -79.78
N GLY K 548 -8.39 19.55 -79.50
CA GLY K 548 -7.29 18.68 -79.09
C GLY K 548 -7.30 18.33 -77.62
N CYS K 549 -8.46 17.93 -77.12
CA CYS K 549 -8.68 17.71 -75.70
C CYS K 549 -9.61 16.52 -75.50
N VAL K 550 -9.12 15.50 -74.81
CA VAL K 550 -9.97 14.47 -74.24
C VAL K 550 -9.91 14.49 -72.71
N ASP K 551 -9.06 15.33 -72.13
CA ASP K 551 -9.04 15.55 -70.68
C ASP K 551 -9.97 16.72 -70.35
N ILE K 552 -11.27 16.41 -70.22
CA ILE K 552 -12.31 17.41 -69.97
C ILE K 552 -12.50 17.57 -68.47
N ASN K 553 -12.51 18.83 -68.00
CA ASN K 553 -12.68 19.15 -66.58
C ASN K 553 -14.05 19.72 -66.24
N ASP K 554 -14.73 20.32 -67.21
CA ASP K 554 -15.91 21.11 -66.96
C ASP K 554 -17.18 20.39 -67.37
N ALA K 555 -18.28 20.74 -66.69
CA ALA K 555 -19.60 20.22 -66.98
C ALA K 555 -20.63 21.14 -66.36
N LEU K 556 -21.42 21.82 -67.18
CA LEU K 556 -22.27 22.91 -66.73
C LEU K 556 -23.68 22.77 -67.30
N HIS K 557 -24.67 23.18 -66.50
CA HIS K 557 -25.96 23.50 -67.06
C HIS K 557 -26.32 24.90 -66.58
N ALA K 558 -27.38 25.45 -67.19
CA ALA K 558 -28.01 26.65 -66.64
C ALA K 558 -29.49 26.59 -66.92
N LYS K 559 -30.29 26.46 -65.86
CA LYS K 559 -31.74 26.54 -65.96
C LYS K 559 -32.18 27.91 -65.49
N LYS K 560 -33.46 28.19 -65.63
CA LYS K 560 -34.02 29.46 -65.19
C LYS K 560 -35.17 29.19 -64.23
N LEU K 561 -34.98 29.59 -62.98
CA LEU K 561 -36.01 29.41 -61.98
C LEU K 561 -37.14 30.42 -62.18
N PRO K 562 -38.39 30.00 -62.00
CA PRO K 562 -39.51 30.91 -62.26
C PRO K 562 -39.73 31.96 -61.18
N ASN K 563 -38.89 32.02 -60.14
CA ASN K 563 -38.92 33.09 -59.17
C ASN K 563 -38.48 34.42 -59.76
N GLY K 564 -37.74 34.39 -60.86
CA GLY K 564 -37.14 35.55 -61.46
C GLY K 564 -35.67 35.40 -61.79
N ASN K 565 -35.08 34.22 -61.55
CA ASN K 565 -33.65 34.08 -61.65
C ASN K 565 -33.27 32.83 -62.45
N TRP K 566 -31.97 32.68 -62.70
CA TRP K 566 -31.46 31.50 -63.37
C TRP K 566 -31.09 30.43 -62.33
N GLU K 567 -30.79 29.23 -62.81
CA GLU K 567 -30.39 28.11 -61.95
C GLU K 567 -29.06 27.56 -62.47
N VAL K 568 -27.99 27.77 -61.72
CA VAL K 568 -26.65 27.46 -62.16
C VAL K 568 -26.19 26.19 -61.49
N GLY K 569 -25.75 25.22 -62.28
CA GLY K 569 -25.11 24.04 -61.73
C GLY K 569 -23.88 23.62 -62.52
N VAL K 570 -22.75 23.57 -61.84
CA VAL K 570 -21.47 23.24 -62.46
C VAL K 570 -20.97 21.97 -61.78
N HIS K 571 -20.35 21.08 -62.56
CA HIS K 571 -20.03 19.74 -62.08
C HIS K 571 -18.57 19.43 -62.38
N ILE K 572 -17.81 19.12 -61.33
CA ILE K 572 -16.39 18.82 -61.46
C ILE K 572 -16.16 17.39 -60.99
N ALA K 573 -15.30 16.67 -61.71
CA ALA K 573 -15.21 15.22 -61.67
C ALA K 573 -14.80 14.66 -60.31
N ASP K 574 -15.64 13.77 -59.79
CA ASP K 574 -15.39 13.07 -58.54
C ASP K 574 -14.40 11.93 -58.78
N VAL K 575 -13.13 12.31 -58.84
CA VAL K 575 -12.10 11.29 -58.80
C VAL K 575 -11.83 10.94 -57.36
N THR K 576 -12.27 11.81 -56.44
CA THR K 576 -11.98 11.73 -55.01
C THR K 576 -12.57 10.47 -54.40
N HIS K 577 -13.62 9.92 -55.03
CA HIS K 577 -14.14 8.61 -54.67
C HIS K 577 -13.15 7.49 -54.95
N PHE K 578 -12.05 7.77 -55.66
CA PHE K 578 -11.15 6.72 -56.10
C PHE K 578 -9.71 6.98 -55.73
N VAL K 579 -9.27 8.22 -55.74
CA VAL K 579 -7.95 8.55 -55.24
C VAL K 579 -8.06 8.76 -53.73
N LYS K 580 -7.31 7.96 -52.99
CA LYS K 580 -7.39 7.99 -51.55
C LYS K 580 -6.01 8.22 -50.96
N PRO K 581 -5.92 8.87 -49.81
CA PRO K 581 -4.64 8.91 -49.09
C PRO K 581 -4.30 7.52 -48.59
N GLY K 582 -3.19 6.99 -49.11
CA GLY K 582 -2.84 5.60 -48.98
C GLY K 582 -2.78 4.89 -50.31
N THR K 583 -3.30 5.51 -51.36
CA THR K 583 -3.13 5.00 -52.71
C THR K 583 -1.92 5.65 -53.37
N ALA K 584 -1.04 4.79 -53.90
CA ALA K 584 0.21 5.26 -54.49
C ALA K 584 -0.03 5.99 -55.80
N LEU K 585 -1.20 5.78 -56.41
CA LEU K 585 -1.57 6.57 -57.57
C LEU K 585 -1.79 8.03 -57.18
N ASP K 586 -2.35 8.26 -55.99
CA ASP K 586 -2.50 9.63 -55.52
C ASP K 586 -1.15 10.22 -55.16
N ALA K 587 -0.21 9.38 -54.74
CA ALA K 587 1.16 9.85 -54.51
C ALA K 587 1.83 10.26 -55.80
N GLU K 588 1.48 9.59 -56.91
CA GLU K 588 1.97 10.03 -58.21
C GLU K 588 1.27 11.31 -58.65
N GLY K 589 0.05 11.55 -58.14
CA GLY K 589 -0.54 12.86 -58.29
C GLY K 589 0.26 13.93 -57.58
N ALA K 590 0.88 13.56 -56.46
CA ALA K 590 1.83 14.46 -55.83
C ALA K 590 3.16 14.44 -56.57
N ALA K 591 3.59 13.26 -57.02
CA ALA K 591 4.94 13.13 -57.58
C ALA K 591 5.04 13.82 -58.94
N ARG K 592 4.13 13.48 -59.86
CA ARG K 592 4.10 14.21 -61.12
C ARG K 592 3.65 15.64 -60.92
N GLY K 593 2.78 15.87 -59.94
CA GLY K 593 2.34 17.21 -59.63
C GLY K 593 1.21 17.70 -60.51
N THR K 594 1.38 17.57 -61.82
CA THR K 594 0.41 18.11 -62.75
C THR K 594 0.49 17.34 -64.06
N SER K 595 -0.26 17.83 -65.04
CA SER K 595 -0.12 17.38 -66.41
C SER K 595 0.43 18.52 -67.26
N VAL K 596 1.22 18.18 -68.25
CA VAL K 596 1.85 19.20 -69.09
C VAL K 596 1.22 19.17 -70.46
N TYR K 597 1.38 20.27 -71.19
CA TYR K 597 0.60 20.57 -72.38
C TYR K 597 1.52 21.16 -73.43
N LEU K 598 1.78 20.41 -74.49
CA LEU K 598 2.72 20.81 -75.52
C LEU K 598 2.03 20.72 -76.87
N VAL K 599 2.65 21.34 -77.86
CA VAL K 599 2.15 21.24 -79.22
C VAL K 599 2.32 19.82 -79.73
N ASP K 600 3.45 19.20 -79.39
CA ASP K 600 3.65 17.79 -79.68
C ASP K 600 2.65 16.96 -78.90
N LYS K 601 2.78 16.92 -77.58
CA LYS K 601 2.07 15.93 -76.82
C LYS K 601 1.49 16.55 -75.55
N ARG K 602 1.06 15.69 -74.64
CA ARG K 602 0.47 16.12 -73.39
C ARG K 602 0.71 15.01 -72.38
N ILE K 603 1.79 15.11 -71.61
CA ILE K 603 2.09 14.09 -70.62
C ILE K 603 1.23 14.38 -69.41
N ASP K 604 0.63 13.33 -68.84
CA ASP K 604 -0.45 13.53 -67.90
C ASP K 604 -0.20 12.85 -66.56
N MET K 605 -0.78 13.45 -65.53
CA MET K 605 -0.52 13.05 -64.15
C MET K 605 -1.18 11.73 -63.79
N LEU K 606 -2.36 11.49 -64.34
CA LEU K 606 -3.19 10.33 -64.08
C LEU K 606 -3.05 9.32 -65.19
N PRO K 607 -3.39 8.05 -64.94
CA PRO K 607 -3.44 7.07 -66.04
C PRO K 607 -4.50 7.41 -67.08
N MET K 608 -4.32 6.83 -68.26
CA MET K 608 -4.99 7.33 -69.47
C MET K 608 -6.45 6.90 -69.51
N LEU K 609 -6.74 5.67 -69.08
CA LEU K 609 -8.12 5.21 -68.95
C LEU K 609 -8.90 6.05 -67.95
N LEU K 610 -8.26 6.44 -66.86
CA LEU K 610 -8.92 7.07 -65.72
C LEU K 610 -9.39 8.48 -66.01
N GLY K 611 -8.45 9.38 -66.29
CA GLY K 611 -8.80 10.78 -66.39
C GLY K 611 -9.53 11.11 -67.66
N THR K 612 -9.20 10.42 -68.75
CA THR K 612 -9.74 10.79 -70.03
C THR K 612 -11.07 10.15 -70.32
N ASP K 613 -11.42 9.07 -69.62
CA ASP K 613 -12.71 8.44 -69.88
C ASP K 613 -13.63 8.40 -68.66
N LEU K 614 -13.19 7.71 -67.61
CA LEU K 614 -14.13 7.29 -66.57
C LEU K 614 -14.31 8.36 -65.52
N CYS K 615 -13.54 9.44 -65.63
CA CYS K 615 -13.80 10.60 -64.80
C CYS K 615 -14.14 11.79 -65.66
N SER K 616 -13.78 11.73 -66.94
CA SER K 616 -14.03 12.83 -67.84
C SER K 616 -15.53 12.99 -68.08
N LEU K 617 -15.98 14.24 -68.11
CA LEU K 617 -17.40 14.58 -68.18
C LEU K 617 -17.84 14.67 -69.64
N LYS K 618 -17.67 13.54 -70.32
CA LYS K 618 -17.99 13.39 -71.73
C LYS K 618 -19.49 13.11 -71.89
N PRO K 619 -20.06 13.27 -73.08
CA PRO K 619 -21.52 13.17 -73.23
C PRO K 619 -22.08 11.76 -73.00
N TYR K 620 -23.19 11.74 -72.27
CA TYR K 620 -24.08 10.60 -72.03
C TYR K 620 -23.40 9.40 -71.38
N VAL K 621 -22.22 9.58 -70.79
CA VAL K 621 -21.54 8.49 -70.09
C VAL K 621 -21.67 8.73 -68.60
N ASP K 622 -21.97 7.65 -67.87
CA ASP K 622 -22.33 7.75 -66.47
C ASP K 622 -21.08 7.98 -65.63
N ARG K 623 -20.97 9.17 -65.06
CA ARG K 623 -19.72 9.64 -64.47
C ARG K 623 -19.99 10.28 -63.11
N PHE K 624 -19.03 10.14 -62.20
CA PHE K 624 -19.15 10.80 -60.91
C PHE K 624 -18.51 12.18 -60.92
N ALA K 625 -19.30 13.16 -60.52
CA ALA K 625 -18.80 14.52 -60.38
C ALA K 625 -19.17 15.04 -59.01
N PHE K 626 -18.76 16.27 -58.73
CA PHE K 626 -19.20 17.00 -57.54
C PHE K 626 -20.02 18.16 -58.06
N SER K 627 -21.19 18.39 -57.48
CA SER K 627 -22.13 19.35 -58.03
C SER K 627 -22.37 20.51 -57.08
N VAL K 628 -22.27 21.72 -57.61
CA VAL K 628 -22.47 22.94 -56.86
C VAL K 628 -23.56 23.73 -57.58
N ILE K 629 -24.59 24.12 -56.84
CA ILE K 629 -25.79 24.70 -57.42
C ILE K 629 -25.90 26.16 -56.99
N TRP K 630 -25.82 27.07 -57.95
CA TRP K 630 -26.00 28.50 -57.72
C TRP K 630 -27.32 29.01 -58.28
N GLU K 631 -27.79 30.09 -57.66
CA GLU K 631 -28.82 30.96 -58.21
C GLU K 631 -28.33 32.38 -58.01
N LEU K 632 -28.53 33.24 -59.01
CA LEU K 632 -28.22 34.66 -58.90
C LEU K 632 -29.16 35.46 -59.78
N ASP K 633 -29.29 36.76 -59.46
CA ASP K 633 -30.26 37.60 -60.16
C ASP K 633 -29.68 38.05 -61.50
N ASP K 634 -30.35 38.99 -62.14
CA ASP K 634 -29.80 39.58 -63.35
C ASP K 634 -28.67 40.55 -63.03
N SER K 635 -28.50 40.91 -61.76
CA SER K 635 -27.43 41.79 -61.30
C SER K 635 -26.22 41.03 -60.80
N ALA K 636 -26.13 39.72 -61.08
CA ALA K 636 -25.04 38.84 -60.67
C ALA K 636 -24.85 38.83 -59.15
N ASN K 637 -25.95 38.80 -58.40
CA ASN K 637 -25.89 38.72 -56.95
C ASN K 637 -26.37 37.35 -56.52
N ILE K 638 -25.46 36.56 -55.93
CA ILE K 638 -25.70 35.13 -55.69
C ILE K 638 -26.75 34.96 -54.59
N VAL K 639 -27.76 34.16 -54.89
CA VAL K 639 -28.80 33.85 -53.91
C VAL K 639 -28.32 32.83 -52.91
N ASN K 640 -27.88 31.67 -53.40
CA ASN K 640 -27.58 30.53 -52.56
C ASN K 640 -26.66 29.59 -53.30
N VAL K 641 -25.98 28.75 -52.54
CA VAL K 641 -24.96 27.86 -53.08
C VAL K 641 -25.04 26.55 -52.32
N ASN K 642 -24.87 25.44 -53.04
CA ASN K 642 -25.30 24.12 -52.57
C ASN K 642 -24.27 23.07 -52.95
N PHE K 643 -23.47 22.65 -51.98
CA PHE K 643 -22.27 21.87 -52.22
C PHE K 643 -22.54 20.38 -52.00
N MET K 644 -22.40 19.57 -53.06
CA MET K 644 -22.76 18.15 -52.97
C MET K 644 -22.16 17.32 -54.09
N LYS K 645 -22.25 15.99 -53.97
CA LYS K 645 -21.84 15.08 -55.03
C LYS K 645 -23.04 14.72 -55.90
N SER K 646 -22.77 14.28 -57.13
CA SER K 646 -23.83 13.78 -58.00
C SER K 646 -23.25 12.87 -59.05
N VAL K 647 -24.15 12.26 -59.81
CA VAL K 647 -23.85 11.59 -61.07
C VAL K 647 -24.72 12.25 -62.12
N ILE K 648 -24.13 12.59 -63.27
CA ILE K 648 -24.74 13.47 -64.25
C ILE K 648 -24.71 12.79 -65.62
N ARG K 649 -25.38 13.42 -66.60
CA ARG K 649 -25.46 12.90 -67.98
C ARG K 649 -25.48 14.07 -68.95
N SER K 650 -24.62 14.03 -69.96
CA SER K 650 -24.31 15.23 -70.73
C SER K 650 -24.80 15.11 -72.17
N ARG K 651 -24.62 16.21 -72.93
CA ARG K 651 -25.15 16.26 -74.29
C ARG K 651 -24.04 16.23 -75.34
N GLU K 652 -23.07 17.15 -75.26
CA GLU K 652 -21.89 17.17 -76.14
C GLU K 652 -20.82 18.11 -75.61
N ALA K 653 -19.56 17.69 -75.73
CA ALA K 653 -18.38 18.52 -75.45
C ALA K 653 -17.98 19.26 -76.72
N PHE K 654 -17.96 20.59 -76.65
CA PHE K 654 -17.74 21.42 -77.83
C PHE K 654 -16.26 21.64 -78.10
N SER K 655 -15.99 22.11 -79.32
CA SER K 655 -14.72 22.75 -79.64
C SER K 655 -14.72 24.18 -79.13
N TYR K 656 -13.53 24.81 -79.24
CA TYR K 656 -13.45 26.25 -79.07
C TYR K 656 -14.40 26.95 -80.04
N GLU K 657 -14.48 26.45 -81.27
CA GLU K 657 -15.28 27.08 -82.31
C GLU K 657 -16.72 26.57 -82.33
N GLN K 658 -16.91 25.27 -82.06
CA GLN K 658 -18.25 24.65 -82.06
C GLN K 658 -19.16 25.30 -81.03
N ALA K 659 -18.59 25.73 -79.91
CA ALA K 659 -19.37 26.47 -78.92
C ALA K 659 -19.74 27.85 -79.45
N GLN K 660 -18.83 28.51 -80.16
CA GLN K 660 -19.16 29.78 -80.78
C GLN K 660 -20.07 29.57 -81.97
N LEU K 661 -20.09 28.34 -82.51
CA LEU K 661 -21.14 27.93 -83.44
C LEU K 661 -22.47 27.67 -82.72
N ARG K 662 -22.53 27.87 -81.41
CA ARG K 662 -23.82 27.81 -80.73
C ARG K 662 -24.13 29.09 -79.95
N ILE K 663 -23.13 29.91 -79.66
CA ILE K 663 -23.41 31.11 -78.86
C ILE K 663 -24.07 32.19 -79.71
N ASP K 664 -23.36 32.75 -80.69
CA ASP K 664 -23.86 33.92 -81.39
C ASP K 664 -24.57 33.56 -82.69
N ASP K 665 -24.95 32.29 -82.84
CA ASP K 665 -25.58 31.86 -84.08
C ASP K 665 -27.04 32.31 -84.19
N LYS K 666 -27.76 32.35 -83.06
CA LYS K 666 -29.19 32.65 -82.96
C LYS K 666 -30.06 31.72 -83.82
N THR K 667 -29.64 30.47 -84.01
CA THR K 667 -30.44 29.45 -84.66
C THR K 667 -30.58 28.19 -83.79
N GLN K 668 -29.46 27.69 -83.27
CA GLN K 668 -29.48 26.61 -82.28
C GLN K 668 -30.02 27.23 -81.00
N ASN K 669 -31.35 27.23 -80.86
CA ASN K 669 -32.05 28.02 -79.85
C ASN K 669 -32.86 27.14 -78.90
N ASP K 670 -32.34 25.96 -78.56
CA ASP K 670 -32.94 25.19 -77.49
C ASP K 670 -32.54 25.77 -76.13
N GLU K 671 -33.07 25.16 -75.06
CA GLU K 671 -32.92 25.77 -73.76
C GLU K 671 -31.56 25.48 -73.14
N LEU K 672 -30.83 24.49 -73.67
CA LEU K 672 -29.42 24.34 -73.35
C LEU K 672 -28.64 25.58 -73.78
N THR K 673 -28.93 26.08 -74.97
CA THR K 673 -28.27 27.29 -75.44
C THR K 673 -28.87 28.52 -74.76
N MET K 674 -30.15 28.44 -74.37
CA MET K 674 -30.69 29.52 -73.55
C MET K 674 -30.11 29.50 -72.15
N GLY K 675 -29.57 28.36 -71.73
CA GLY K 675 -28.68 28.33 -70.60
C GLY K 675 -27.33 28.94 -70.90
N MET K 676 -26.84 28.78 -72.13
CA MET K 676 -25.56 29.37 -72.50
C MET K 676 -25.64 30.88 -72.57
N ARG K 677 -26.74 31.41 -73.11
CA ARG K 677 -26.87 32.85 -73.33
C ARG K 677 -27.25 33.57 -72.03
N ALA K 678 -27.57 32.82 -70.99
CA ALA K 678 -27.55 33.35 -69.65
C ALA K 678 -26.16 33.79 -69.24
N LEU K 679 -25.16 32.98 -69.60
CA LEU K 679 -23.88 33.00 -68.91
C LEU K 679 -23.05 34.21 -69.29
N LEU K 680 -22.80 34.37 -70.59
CA LEU K 680 -21.92 35.42 -71.05
C LEU K 680 -22.59 36.78 -70.91
N LYS K 681 -23.93 36.77 -70.80
CA LYS K 681 -24.69 37.96 -70.44
C LYS K 681 -24.27 38.51 -69.09
N LEU K 682 -24.03 37.62 -68.13
CA LEU K 682 -23.70 38.09 -66.79
C LEU K 682 -22.25 37.83 -66.45
N SER K 683 -21.53 37.11 -67.33
CA SER K 683 -20.08 37.01 -67.23
C SER K 683 -19.42 38.37 -67.40
N VAL K 684 -20.07 39.28 -68.13
CA VAL K 684 -19.56 40.64 -68.30
C VAL K 684 -19.60 41.40 -66.99
N LYS K 685 -20.69 41.25 -66.22
CA LYS K 685 -20.72 41.82 -64.88
C LYS K 685 -19.68 41.18 -63.99
N LEU K 686 -19.46 39.88 -64.16
CA LEU K 686 -18.32 39.24 -63.51
C LEU K 686 -17.02 39.75 -64.09
N LYS K 687 -16.99 40.07 -65.38
CA LYS K 687 -15.79 40.69 -65.95
C LYS K 687 -15.66 42.13 -65.47
N GLN K 688 -16.78 42.85 -65.36
CA GLN K 688 -16.74 44.23 -64.90
C GLN K 688 -16.31 44.32 -63.44
N LYS K 689 -17.05 43.64 -62.56
CA LYS K 689 -16.89 43.88 -61.13
C LYS K 689 -15.63 43.22 -60.59
N ARG K 690 -15.04 42.29 -61.33
CA ARG K 690 -13.73 41.79 -60.94
C ARG K 690 -12.68 42.84 -61.24
N LEU K 691 -12.79 43.47 -62.41
CA LEU K 691 -11.81 44.46 -62.84
C LEU K 691 -12.07 45.80 -62.19
N GLU K 692 -13.32 46.06 -61.81
CA GLU K 692 -13.62 47.24 -61.00
C GLU K 692 -13.17 47.06 -59.56
N ALA K 693 -13.00 45.82 -59.10
CA ALA K 693 -12.50 45.60 -57.75
C ALA K 693 -11.03 45.91 -57.63
N GLY K 694 -10.32 46.07 -58.75
CA GLY K 694 -8.93 46.48 -58.72
C GLY K 694 -8.02 45.59 -59.52
N ALA K 695 -8.58 44.84 -60.46
CA ALA K 695 -7.80 43.84 -61.17
C ALA K 695 -7.20 44.37 -62.46
N LEU K 696 -6.34 43.55 -63.06
CA LEU K 696 -5.74 43.80 -64.36
C LEU K 696 -6.33 42.83 -65.38
N ASN K 697 -6.20 43.18 -66.65
CA ASN K 697 -6.46 42.24 -67.74
C ASN K 697 -5.38 42.43 -68.79
N LEU K 698 -4.39 41.54 -68.75
CA LEU K 698 -3.30 41.53 -69.72
C LEU K 698 -3.73 40.82 -70.99
N ALA K 699 -2.90 40.97 -72.01
CA ALA K 699 -3.08 40.24 -73.25
C ALA K 699 -1.69 39.85 -73.73
N SER K 700 -1.43 38.55 -73.69
CA SER K 700 -0.19 38.01 -74.20
C SER K 700 -0.50 36.76 -75.00
N PRO K 701 -0.70 36.88 -76.31
CA PRO K 701 -0.86 35.68 -77.14
C PRO K 701 0.46 34.94 -77.24
N GLU K 702 0.71 34.09 -76.24
CA GLU K 702 1.79 33.13 -76.35
C GLU K 702 1.49 32.22 -77.53
N VAL K 703 2.21 32.48 -78.63
CA VAL K 703 1.78 32.02 -79.95
C VAL K 703 1.91 30.51 -80.05
N LYS K 704 0.96 29.90 -80.77
CA LYS K 704 0.89 28.45 -80.93
C LYS K 704 1.45 28.08 -82.30
N VAL K 705 2.50 27.24 -82.29
CA VAL K 705 3.15 26.84 -83.53
C VAL K 705 2.23 25.86 -84.27
N HIS K 706 1.53 26.37 -85.28
CA HIS K 706 0.75 25.51 -86.16
C HIS K 706 1.72 24.77 -87.07
N MET K 707 2.17 23.61 -86.59
CA MET K 707 2.98 22.72 -87.39
C MET K 707 2.17 22.26 -88.60
N ASP K 708 2.78 22.33 -89.79
CA ASP K 708 2.09 21.95 -91.02
C ASP K 708 1.75 20.46 -91.02
N SER K 709 0.48 20.13 -91.27
CA SER K 709 -0.06 18.79 -91.08
C SER K 709 0.38 17.79 -92.14
N GLU K 710 1.15 18.21 -93.14
CA GLU K 710 1.71 17.30 -94.14
C GLU K 710 3.21 17.11 -94.01
N THR K 711 3.87 17.82 -93.09
CA THR K 711 5.33 17.81 -92.99
C THR K 711 5.78 17.30 -91.63
N SER K 712 7.09 17.37 -91.36
CA SER K 712 7.63 16.87 -90.10
C SER K 712 8.04 18.00 -89.16
N ASP K 713 9.00 18.83 -89.58
CA ASP K 713 9.48 19.91 -88.72
C ASP K 713 8.67 21.18 -88.99
N PRO K 714 8.42 21.99 -87.96
CA PRO K 714 7.59 23.18 -88.14
C PRO K 714 8.34 24.32 -88.83
N ASN K 715 7.61 25.04 -89.68
CA ASN K 715 8.12 26.20 -90.41
C ASN K 715 7.06 27.29 -90.53
N GLU K 716 5.88 27.04 -89.95
CA GLU K 716 4.78 28.01 -89.88
C GLU K 716 4.69 28.60 -88.49
N VAL K 717 4.45 29.91 -88.40
CA VAL K 717 4.17 30.58 -87.14
C VAL K 717 2.75 31.11 -87.16
N GLU K 718 1.90 30.57 -86.28
CA GLU K 718 0.53 31.03 -86.07
C GLU K 718 0.37 31.52 -84.64
N ILE K 719 -0.82 32.02 -84.32
CA ILE K 719 -1.09 32.67 -83.04
C ILE K 719 -2.28 31.98 -82.37
N LYS K 720 -2.40 32.16 -81.05
CA LYS K 720 -3.61 31.76 -80.32
C LYS K 720 -4.67 32.84 -80.40
N LYS K 721 -5.90 32.43 -80.71
CA LYS K 721 -7.01 33.36 -80.84
C LYS K 721 -8.00 33.13 -79.69
N LEU K 722 -8.26 34.17 -78.91
CA LEU K 722 -9.16 34.08 -77.77
C LEU K 722 -10.49 34.72 -78.12
N LEU K 723 -11.49 33.89 -78.41
CA LEU K 723 -12.81 34.35 -78.84
C LEU K 723 -13.74 34.52 -77.64
N ALA K 724 -15.04 34.63 -77.94
CA ALA K 724 -16.02 34.96 -76.90
C ALA K 724 -16.30 33.80 -75.95
N THR K 725 -16.02 32.55 -76.35
CA THR K 725 -16.31 31.41 -75.48
C THR K 725 -15.44 31.39 -74.24
N ASN K 726 -14.25 31.99 -74.30
CA ASN K 726 -13.30 31.92 -73.20
C ASN K 726 -13.77 32.71 -71.98
N SER K 727 -14.37 33.88 -72.20
CA SER K 727 -14.84 34.67 -71.07
C SER K 727 -16.19 34.20 -70.56
N LEU K 728 -16.84 33.31 -71.30
CA LEU K 728 -18.06 32.68 -70.79
C LEU K 728 -17.73 31.77 -69.62
N VAL K 729 -16.83 30.82 -69.82
CA VAL K 729 -16.58 29.79 -68.82
C VAL K 729 -15.79 30.35 -67.64
N GLU K 730 -14.77 31.17 -67.93
CA GLU K 730 -13.71 31.48 -66.96
C GLU K 730 -14.23 32.26 -65.76
N GLU K 731 -15.23 33.12 -65.99
CA GLU K 731 -15.70 34.00 -64.93
C GLU K 731 -16.48 33.22 -63.87
N PHE K 732 -16.97 32.03 -64.23
CA PHE K 732 -17.62 31.18 -63.25
C PHE K 732 -16.65 30.19 -62.66
N MET K 733 -15.50 29.99 -63.29
CA MET K 733 -14.51 29.08 -62.73
C MET K 733 -13.74 29.76 -61.60
N LEU K 734 -13.35 31.02 -61.80
CA LEU K 734 -12.78 31.79 -60.72
C LEU K 734 -13.81 32.08 -59.64
N LEU K 735 -15.09 32.14 -60.04
CA LEU K 735 -16.18 32.17 -59.07
C LEU K 735 -16.18 30.92 -58.21
N ALA K 736 -15.87 29.77 -58.81
CA ALA K 736 -15.74 28.55 -58.05
C ALA K 736 -14.43 28.54 -57.26
N ASN K 737 -13.48 29.39 -57.67
CA ASN K 737 -12.23 29.49 -56.95
C ASN K 737 -12.36 30.40 -55.72
N ILE K 738 -13.52 31.03 -55.55
CA ILE K 738 -13.66 32.00 -54.47
C ILE K 738 -14.88 31.69 -53.62
N SER K 739 -16.04 31.46 -54.25
CA SER K 739 -17.26 31.23 -53.49
C SER K 739 -17.21 29.92 -52.72
N VAL K 740 -16.65 28.90 -53.35
CA VAL K 740 -16.40 27.65 -52.64
C VAL K 740 -15.27 27.84 -51.65
N ALA K 741 -14.31 28.69 -52.00
CA ALA K 741 -13.24 29.02 -51.07
C ALA K 741 -13.77 29.83 -49.89
N ARG K 742 -14.76 30.69 -50.13
CA ARG K 742 -15.39 31.41 -49.03
C ARG K 742 -16.26 30.49 -48.19
N LYS K 743 -16.56 29.31 -48.72
CA LYS K 743 -17.18 28.28 -47.90
C LYS K 743 -16.14 27.54 -47.08
N ILE K 744 -15.01 27.16 -47.68
CA ILE K 744 -14.11 26.28 -46.97
C ILE K 744 -13.21 27.04 -46.02
N TYR K 745 -13.00 28.33 -46.26
CA TYR K 745 -12.39 29.15 -45.23
C TYR K 745 -13.28 29.23 -44.02
N ASP K 746 -14.59 29.31 -44.24
CA ASP K 746 -15.55 29.20 -43.15
C ASP K 746 -15.58 27.77 -42.59
N ALA K 747 -15.18 26.78 -43.39
CA ALA K 747 -15.06 25.43 -42.85
C ALA K 747 -13.71 25.21 -42.19
N PHE K 748 -12.64 25.41 -42.92
CA PHE K 748 -11.29 25.20 -42.40
C PHE K 748 -10.51 26.49 -42.59
N PRO K 749 -10.34 27.27 -41.52
CA PRO K 749 -9.60 28.52 -41.64
C PRO K 749 -8.09 28.34 -41.69
N GLN K 750 -7.56 27.20 -41.26
CA GLN K 750 -6.12 27.05 -41.04
C GLN K 750 -5.42 26.08 -41.98
N THR K 751 -6.14 25.28 -42.74
CA THR K 751 -5.48 24.27 -43.56
C THR K 751 -5.91 24.36 -45.01
N ALA K 752 -6.77 25.32 -45.33
CA ALA K 752 -7.40 25.36 -46.64
C ALA K 752 -6.40 25.80 -47.69
N MET K 753 -6.42 25.15 -48.83
CA MET K 753 -5.52 25.50 -49.92
C MET K 753 -6.00 26.79 -50.58
N LEU K 754 -5.11 27.76 -50.67
CA LEU K 754 -5.41 29.03 -51.29
C LEU K 754 -4.24 29.47 -52.14
N ARG K 755 -4.40 30.58 -52.84
CA ARG K 755 -3.35 31.11 -53.69
C ARG K 755 -3.35 32.63 -53.59
N ARG K 756 -2.20 33.22 -53.31
CA ARG K 756 -2.09 34.65 -53.05
C ARG K 756 -1.21 35.33 -54.09
N HIS K 757 -1.57 36.58 -54.41
CA HIS K 757 -0.88 37.38 -55.41
C HIS K 757 -0.61 38.76 -54.83
N ALA K 758 0.61 39.24 -54.99
CA ALA K 758 1.03 40.49 -54.39
C ALA K 758 1.12 41.62 -55.41
N ALA K 759 1.48 42.81 -54.93
CA ALA K 759 1.63 43.98 -55.78
C ALA K 759 3.03 44.05 -56.38
N PRO K 760 3.16 44.09 -57.70
CA PRO K 760 4.39 44.60 -58.30
C PRO K 760 4.49 46.09 -58.07
N PRO K 761 5.46 46.54 -57.30
CA PRO K 761 5.48 47.94 -56.90
C PRO K 761 6.00 48.82 -58.03
N SER K 762 6.17 50.10 -57.68
CA SER K 762 6.72 51.08 -58.60
C SER K 762 8.13 50.71 -59.07
N THR K 763 8.89 50.03 -58.20
CA THR K 763 10.23 49.59 -58.54
C THR K 763 10.23 48.63 -59.72
N ASN K 764 9.17 47.86 -59.89
CA ASN K 764 9.05 47.04 -61.08
C ASN K 764 8.46 47.82 -62.24
N PHE K 765 8.13 49.09 -62.05
CA PHE K 765 7.40 49.85 -63.05
C PHE K 765 8.03 51.19 -63.40
N GLU K 766 8.88 51.73 -62.52
CA GLU K 766 9.56 52.99 -62.81
C GLU K 766 10.55 52.87 -63.96
N ILE K 767 11.19 51.71 -64.12
CA ILE K 767 12.17 51.57 -65.19
C ILE K 767 11.45 51.47 -66.53
N LEU K 768 10.19 51.04 -66.52
CA LEU K 768 9.37 51.27 -67.69
C LEU K 768 8.95 52.72 -67.78
N ASN K 769 8.65 53.35 -66.63
CA ASN K 769 8.17 54.73 -66.61
C ASN K 769 9.20 55.70 -67.15
N GLU K 770 10.50 55.43 -66.98
CA GLU K 770 11.53 56.25 -67.62
C GLU K 770 11.46 56.10 -69.13
N MET K 771 11.29 54.86 -69.62
CA MET K 771 10.98 54.67 -71.02
C MET K 771 9.61 55.22 -71.36
N LEU K 772 8.69 55.25 -70.38
CA LEU K 772 7.39 55.84 -70.65
C LEU K 772 7.44 57.35 -70.60
N ASN K 773 8.41 57.94 -69.89
CA ASN K 773 8.39 59.40 -69.77
C ASN K 773 9.38 60.08 -70.71
N THR K 774 10.65 59.69 -70.67
CA THR K 774 11.69 60.34 -71.48
C THR K 774 11.43 60.12 -72.96
N ARG K 775 10.93 58.94 -73.31
CA ARG K 775 10.58 58.66 -74.69
C ARG K 775 9.10 58.84 -74.97
N LYS K 776 8.23 58.23 -74.18
CA LYS K 776 6.82 58.15 -74.56
C LYS K 776 5.93 59.19 -73.87
N ASN K 777 6.48 59.93 -72.91
CA ASN K 777 5.81 61.03 -72.18
C ASN K 777 4.55 60.53 -71.48
N MET K 778 4.65 59.35 -70.88
CA MET K 778 3.55 58.74 -70.14
C MET K 778 4.12 58.08 -68.90
N SER K 779 3.26 57.38 -68.17
CA SER K 779 3.64 56.63 -66.98
C SER K 779 2.51 55.67 -66.59
N ILE K 780 2.61 55.14 -65.38
CA ILE K 780 1.61 54.26 -64.78
C ILE K 780 1.13 54.94 -63.50
N SER K 781 0.02 54.47 -62.93
CA SER K 781 -0.53 55.10 -61.72
C SER K 781 0.13 54.56 -60.45
N LEU K 782 0.06 53.24 -60.24
CA LEU K 782 0.57 52.50 -59.07
C LEU K 782 -0.09 52.87 -57.74
N GLU K 783 -1.20 53.61 -57.77
CA GLU K 783 -1.94 53.84 -56.53
C GLU K 783 -2.81 52.64 -56.19
N SER K 784 -3.78 52.35 -57.05
CA SER K 784 -4.53 51.11 -56.97
C SER K 784 -4.38 50.41 -58.31
N SER K 785 -4.51 49.09 -58.29
CA SER K 785 -4.36 48.34 -59.53
C SER K 785 -5.64 48.33 -60.34
N LYS K 786 -6.65 49.09 -59.90
CA LYS K 786 -7.61 49.59 -60.86
C LYS K 786 -7.09 50.84 -61.54
N ALA K 787 -6.55 51.79 -60.74
CA ALA K 787 -6.02 53.02 -61.30
C ALA K 787 -4.77 52.76 -62.12
N LEU K 788 -3.97 51.78 -61.70
CA LEU K 788 -2.87 51.29 -62.53
C LEU K 788 -3.40 50.70 -63.83
N ALA K 789 -4.47 49.90 -63.74
CA ALA K 789 -5.07 49.31 -64.94
C ALA K 789 -5.85 50.35 -65.74
N ASP K 790 -6.07 51.51 -65.16
CA ASP K 790 -6.67 52.60 -65.93
C ASP K 790 -5.63 53.62 -66.36
N SER K 791 -4.46 53.61 -65.71
CA SER K 791 -3.32 54.33 -66.29
C SER K 791 -2.60 53.46 -67.31
N LEU K 792 -2.88 52.16 -67.32
CA LEU K 792 -2.36 51.30 -68.38
C LEU K 792 -3.29 51.31 -69.59
N ASP K 793 -4.56 51.63 -69.37
CA ASP K 793 -5.50 51.71 -70.48
C ASP K 793 -5.27 52.98 -71.30
N ARG K 794 -4.64 54.00 -70.70
CA ARG K 794 -4.37 55.24 -71.41
C ARG K 794 -3.01 55.25 -72.09
N CYS K 795 -2.15 54.26 -71.83
CA CYS K 795 -0.84 54.19 -72.47
C CYS K 795 -0.97 53.37 -73.75
N VAL K 796 -1.73 53.92 -74.69
CA VAL K 796 -1.90 53.34 -76.02
C VAL K 796 -1.63 54.45 -77.03
N ASP K 797 -0.91 54.13 -78.07
CA ASP K 797 -0.64 55.15 -79.07
C ASP K 797 -1.63 54.96 -80.21
N PRO K 798 -2.13 56.02 -80.87
CA PRO K 798 -3.16 55.79 -81.90
C PRO K 798 -2.65 55.14 -83.16
N GLU K 799 -1.44 55.50 -83.63
CA GLU K 799 -0.89 54.92 -84.84
C GLU K 799 -0.50 53.46 -84.68
N ASP K 800 -0.38 52.99 -83.46
CA ASP K 800 -0.13 51.58 -83.17
C ASP K 800 -1.10 51.16 -82.08
N PRO K 801 -2.28 50.65 -82.45
CA PRO K 801 -3.22 50.16 -81.41
C PRO K 801 -2.70 48.96 -80.64
N TYR K 802 -1.72 48.24 -81.18
CA TYR K 802 -1.03 47.18 -80.48
C TYR K 802 -0.15 47.69 -79.33
N PHE K 803 0.12 49.01 -79.27
CA PHE K 803 0.94 49.55 -78.19
C PHE K 803 0.19 49.51 -76.86
N ASN K 804 -1.14 49.40 -76.91
CA ASN K 804 -1.87 48.81 -75.80
C ASN K 804 -1.26 47.48 -75.39
N THR K 805 -1.32 46.51 -76.30
CA THR K 805 -0.98 45.14 -75.98
C THR K 805 0.52 44.98 -75.77
N LEU K 806 1.30 45.87 -76.40
CA LEU K 806 2.75 45.79 -76.35
C LEU K 806 3.27 45.99 -74.93
N VAL K 807 2.59 46.82 -74.15
CA VAL K 807 2.98 46.98 -72.76
C VAL K 807 2.52 45.79 -71.93
N ARG K 808 1.41 45.18 -72.33
CA ARG K 808 0.82 44.09 -71.55
C ARG K 808 1.74 42.87 -71.52
N ILE K 809 2.28 42.53 -72.69
CA ILE K 809 3.23 41.43 -72.76
C ILE K 809 4.56 41.80 -72.09
N MET K 810 4.83 43.08 -71.93
CA MET K 810 6.11 43.54 -71.43
C MET K 810 6.12 43.75 -69.93
N SER K 811 5.02 44.26 -69.35
CA SER K 811 4.88 44.35 -67.91
C SER K 811 4.66 43.00 -67.26
N THR K 812 4.40 41.97 -68.07
CA THR K 812 4.29 40.59 -67.63
C THR K 812 5.53 40.13 -66.86
N ARG K 813 6.72 40.57 -67.28
CA ARG K 813 7.98 40.04 -66.77
C ARG K 813 8.25 40.44 -65.33
N CYS K 814 7.53 41.41 -64.80
CA CYS K 814 7.76 41.91 -63.45
C CYS K 814 6.51 41.80 -62.58
N MET K 815 5.56 40.97 -62.99
CA MET K 815 4.38 40.71 -62.18
C MET K 815 4.73 39.73 -61.07
N MET K 816 4.05 39.87 -59.94
CA MET K 816 4.36 39.05 -58.77
C MET K 816 3.93 37.61 -58.99
N ALA K 817 4.81 36.68 -58.63
CA ALA K 817 4.53 35.27 -58.80
C ALA K 817 3.52 34.78 -57.79
N ALA K 818 2.29 34.56 -58.24
CA ALA K 818 1.27 34.02 -57.36
C ALA K 818 1.55 32.55 -57.12
N GLN K 819 1.18 32.06 -55.93
CA GLN K 819 1.59 30.74 -55.51
C GLN K 819 0.56 30.13 -54.58
N TYR K 820 0.43 28.82 -54.66
CA TYR K 820 -0.48 28.13 -53.78
C TYR K 820 0.07 28.08 -52.37
N PHE K 821 -0.84 28.06 -51.40
CA PHE K 821 -0.44 28.05 -50.01
C PHE K 821 -1.62 27.57 -49.18
N TYR K 822 -1.33 27.19 -47.95
CA TYR K 822 -2.33 26.89 -46.95
C TYR K 822 -2.56 28.15 -46.13
N SER K 823 -3.85 28.47 -45.92
CA SER K 823 -4.26 29.70 -45.26
C SER K 823 -3.73 29.86 -43.85
N GLY K 824 -3.31 28.78 -43.20
CA GLY K 824 -2.66 28.88 -41.91
C GLY K 824 -1.25 29.44 -41.93
N ALA K 825 -0.68 29.64 -43.12
CA ALA K 825 0.62 30.27 -43.21
C ALA K 825 0.58 31.74 -42.86
N TYR K 826 -0.45 32.47 -43.29
CA TYR K 826 -0.49 33.91 -43.10
C TYR K 826 -1.90 34.39 -42.85
N SER K 827 -2.09 35.70 -42.81
CA SER K 827 -3.35 36.28 -42.39
C SER K 827 -4.21 36.68 -43.58
N TYR K 828 -5.29 37.39 -43.28
CA TYR K 828 -6.40 37.50 -44.23
C TYR K 828 -6.18 38.46 -45.40
N PRO K 829 -5.59 39.66 -45.25
CA PRO K 829 -5.22 40.42 -46.45
C PRO K 829 -3.98 39.88 -47.14
N ASP K 830 -3.31 38.91 -46.54
CA ASP K 830 -2.28 38.15 -47.21
C ASP K 830 -2.85 36.96 -47.95
N PHE K 831 -4.16 36.79 -47.93
CA PHE K 831 -4.81 35.85 -48.83
C PHE K 831 -5.15 36.51 -50.15
N ARG K 832 -4.74 37.76 -50.33
CA ARG K 832 -5.10 38.60 -51.47
C ARG K 832 -4.61 38.05 -52.81
N HIS K 833 -5.46 38.17 -53.84
CA HIS K 833 -4.98 38.06 -55.21
C HIS K 833 -5.02 39.46 -55.83
N TYR K 834 -3.83 40.06 -55.95
CA TYR K 834 -3.71 41.46 -56.35
C TYR K 834 -4.09 41.66 -57.80
N GLY K 835 -3.61 40.79 -58.68
CA GLY K 835 -3.90 40.89 -60.10
C GLY K 835 -5.34 40.59 -60.43
N LEU K 836 -6.04 39.88 -59.55
CA LEU K 836 -7.44 39.57 -59.73
C LEU K 836 -8.29 40.09 -58.59
N ALA K 837 -7.77 41.01 -57.78
CA ALA K 837 -8.57 41.96 -56.99
C ALA K 837 -9.47 41.28 -55.95
N VAL K 838 -9.12 40.07 -55.56
CA VAL K 838 -9.93 39.33 -54.61
C VAL K 838 -9.09 39.00 -53.40
N ASP K 839 -9.69 39.18 -52.23
CA ASP K 839 -8.99 38.93 -50.99
C ASP K 839 -8.86 37.45 -50.71
N ILE K 840 -9.55 36.61 -51.47
CA ILE K 840 -9.57 35.17 -51.23
C ILE K 840 -9.53 34.48 -52.59
N TYR K 841 -8.67 33.46 -52.69
CA TYR K 841 -8.33 32.93 -53.99
C TYR K 841 -7.69 31.56 -53.85
N THR K 842 -8.31 30.58 -54.48
CA THR K 842 -7.69 29.27 -54.65
C THR K 842 -7.83 28.93 -56.13
N HIS K 843 -7.54 27.68 -56.49
CA HIS K 843 -7.89 27.11 -57.78
C HIS K 843 -8.76 25.88 -57.57
N PHE K 844 -9.75 25.68 -58.43
CA PHE K 844 -10.69 24.57 -58.23
C PHE K 844 -11.03 23.74 -59.46
N THR K 845 -10.99 24.32 -60.65
CA THR K 845 -11.85 23.82 -61.72
C THR K 845 -11.17 22.92 -62.73
N SER K 846 -9.94 22.48 -62.47
CA SER K 846 -9.23 21.58 -63.38
C SER K 846 -8.46 20.56 -62.56
N PRO K 847 -9.10 19.43 -62.25
CA PRO K 847 -8.42 18.39 -61.45
C PRO K 847 -7.19 17.80 -62.08
N ILE K 848 -7.17 17.62 -63.40
CA ILE K 848 -6.14 16.80 -64.03
C ILE K 848 -4.81 17.53 -64.08
N ARG K 849 -4.83 18.79 -64.51
CA ARG K 849 -3.61 19.57 -64.52
C ARG K 849 -3.37 20.29 -63.22
N ARG K 850 -4.31 20.25 -62.30
CA ARG K 850 -4.05 20.84 -61.00
C ARG K 850 -4.47 19.86 -59.93
N TYR K 851 -3.49 19.14 -59.39
CA TYR K 851 -3.66 18.35 -58.17
C TYR K 851 -4.02 19.21 -56.98
N CYS K 852 -3.65 20.51 -57.03
CA CYS K 852 -4.11 21.51 -56.09
C CYS K 852 -5.63 21.53 -55.95
N ASP K 853 -6.34 21.42 -57.06
CA ASP K 853 -7.79 21.46 -56.99
C ASP K 853 -8.36 20.20 -56.37
N VAL K 854 -7.68 19.07 -56.60
CA VAL K 854 -8.18 17.78 -56.16
C VAL K 854 -8.16 17.71 -54.63
N VAL K 855 -7.12 18.29 -54.04
CA VAL K 855 -7.03 18.37 -52.59
C VAL K 855 -8.15 19.24 -52.04
N ALA K 856 -8.51 20.27 -52.79
CA ALA K 856 -9.57 21.18 -52.35
C ALA K 856 -10.93 20.50 -52.39
N HIS K 857 -11.08 19.44 -53.19
CA HIS K 857 -12.25 18.60 -53.06
C HIS K 857 -12.25 17.88 -51.71
N ARG K 858 -11.08 17.41 -51.28
CA ARG K 858 -11.01 16.59 -50.08
C ARG K 858 -11.32 17.39 -48.82
N GLN K 859 -10.82 18.62 -48.74
CA GLN K 859 -11.18 19.41 -47.57
C GLN K 859 -12.57 20.00 -47.73
N LEU K 860 -13.13 19.98 -48.94
CA LEU K 860 -14.55 20.26 -49.08
C LEU K 860 -15.40 19.06 -48.70
N ALA K 861 -14.81 17.86 -48.78
CA ALA K 861 -15.59 16.64 -48.55
C ALA K 861 -16.04 16.55 -47.09
N GLY K 862 -15.29 17.15 -46.18
CA GLY K 862 -15.78 17.32 -44.82
C GLY K 862 -16.66 18.54 -44.65
N ALA K 863 -16.55 19.52 -45.55
CA ALA K 863 -17.33 20.74 -45.40
C ALA K 863 -18.78 20.51 -45.74
N ILE K 864 -19.06 19.49 -46.55
CA ILE K 864 -20.44 19.08 -46.75
C ILE K 864 -20.80 17.92 -45.86
N GLY K 865 -19.82 17.36 -45.14
CA GLY K 865 -20.08 16.26 -44.25
C GLY K 865 -20.05 14.90 -44.90
N TYR K 866 -19.52 14.79 -46.12
CA TYR K 866 -19.52 13.53 -46.83
C TYR K 866 -18.60 12.52 -46.18
N GLU K 867 -17.57 12.99 -45.52
CA GLU K 867 -16.43 12.14 -45.26
C GLU K 867 -15.57 12.80 -44.20
N PRO K 868 -14.93 12.03 -43.32
CA PRO K 868 -13.91 12.63 -42.47
C PRO K 868 -12.71 13.07 -43.30
N LEU K 869 -12.07 14.13 -42.85
CA LEU K 869 -10.92 14.66 -43.55
C LEU K 869 -9.71 13.78 -43.27
N SER K 870 -8.80 13.68 -44.24
CA SER K 870 -7.58 12.94 -43.99
C SER K 870 -6.58 13.80 -43.20
N LEU K 871 -5.73 13.12 -42.44
CA LEU K 871 -4.88 13.79 -41.47
C LEU K 871 -3.81 14.65 -42.13
N THR K 872 -3.22 14.16 -43.22
CA THR K 872 -2.15 14.89 -43.88
C THR K 872 -2.64 16.15 -44.54
N HIS K 873 -3.95 16.24 -44.77
CA HIS K 873 -4.62 17.45 -45.17
C HIS K 873 -4.92 18.36 -43.99
N ARG K 874 -4.28 18.13 -42.84
CA ARG K 874 -4.43 18.98 -41.67
C ARG K 874 -3.10 19.35 -41.03
N ASP K 875 -1.99 18.76 -41.49
CA ASP K 875 -0.68 19.04 -40.90
C ASP K 875 0.00 20.10 -41.73
N LYS K 876 0.15 21.29 -41.14
CA LYS K 876 0.79 22.42 -41.80
C LYS K 876 2.26 22.14 -42.10
N ASN K 877 2.88 21.22 -41.35
CA ASN K 877 4.17 20.67 -41.72
C ASN K 877 4.10 19.98 -43.08
N LYS K 878 3.11 19.11 -43.27
CA LYS K 878 3.00 18.45 -44.56
C LYS K 878 2.49 19.39 -45.62
N MET K 879 1.76 20.43 -45.22
CA MET K 879 1.19 21.36 -46.18
C MET K 879 2.27 22.22 -46.83
N ASP K 880 3.22 22.74 -46.06
CA ASP K 880 4.26 23.60 -46.61
C ASP K 880 5.16 22.83 -47.55
N MET K 881 5.37 21.54 -47.27
CA MET K 881 6.07 20.67 -48.20
C MET K 881 5.30 20.55 -49.51
N ILE K 882 3.97 20.58 -49.43
CA ILE K 882 3.15 20.48 -50.63
C ILE K 882 3.18 21.79 -51.40
N CYS K 883 2.88 22.91 -50.72
CA CYS K 883 2.46 24.13 -51.41
C CYS K 883 3.61 24.75 -52.19
N ARG K 884 4.83 24.64 -51.67
CA ARG K 884 6.01 25.00 -52.46
C ARG K 884 6.14 24.11 -53.68
N ASN K 885 5.98 22.80 -53.48
CA ASN K 885 6.33 21.83 -54.50
C ASN K 885 5.33 21.86 -55.64
N ILE K 886 4.05 22.01 -55.32
CA ILE K 886 3.04 22.04 -56.36
C ILE K 886 3.11 23.33 -57.16
N ASN K 887 3.62 24.40 -56.56
CA ASN K 887 3.98 25.58 -57.33
C ASN K 887 5.20 25.29 -58.18
N ARG K 888 6.13 24.51 -57.62
CA ARG K 888 7.36 24.22 -58.33
C ARG K 888 7.11 23.30 -59.51
N LYS K 889 6.12 22.42 -59.40
CA LYS K 889 5.67 21.69 -60.58
C LYS K 889 5.02 22.63 -61.58
N HIS K 890 4.23 23.59 -61.11
CA HIS K 890 3.66 24.56 -62.03
C HIS K 890 4.72 25.49 -62.57
N ARG K 891 5.76 25.75 -61.78
CA ARG K 891 6.95 26.38 -62.32
C ARG K 891 7.61 25.50 -63.37
N ASN K 892 7.64 24.20 -63.11
CA ASN K 892 8.23 23.29 -64.08
C ASN K 892 7.32 23.03 -65.27
N ALA K 893 6.13 23.65 -65.30
CA ALA K 893 5.23 23.46 -66.44
C ALA K 893 5.49 24.48 -67.53
N GLN K 894 5.35 25.77 -67.22
CA GLN K 894 5.28 26.77 -68.29
C GLN K 894 6.67 27.16 -68.75
N PHE K 895 7.71 26.84 -67.97
CA PHE K 895 9.07 26.85 -68.49
C PHE K 895 9.24 25.88 -69.64
N ALA K 896 8.49 24.78 -69.63
CA ALA K 896 8.45 23.92 -70.81
C ALA K 896 7.34 24.35 -71.75
N GLY K 897 6.30 25.00 -71.24
CA GLY K 897 5.18 25.39 -72.09
C GLY K 897 5.59 26.48 -73.07
N ARG K 898 6.40 27.41 -72.61
CA ARG K 898 7.07 28.32 -73.53
C ARG K 898 8.09 27.57 -74.38
N ALA K 899 8.77 26.60 -73.79
CA ALA K 899 9.78 25.85 -74.53
C ALA K 899 9.14 24.90 -75.53
N SER K 900 7.86 24.56 -75.33
CA SER K 900 7.09 23.87 -76.37
C SER K 900 7.06 24.69 -77.62
N ILE K 901 6.95 26.00 -77.48
CA ILE K 901 6.92 26.86 -78.64
C ILE K 901 8.34 27.04 -79.17
N GLU K 902 9.33 26.92 -78.27
CA GLU K 902 10.72 27.26 -78.60
C GLU K 902 11.28 26.42 -79.73
N TYR K 903 11.39 25.11 -79.52
CA TYR K 903 11.94 24.23 -80.55
C TYR K 903 11.01 24.17 -81.75
N TYR K 904 9.73 24.40 -81.50
CA TYR K 904 8.79 24.46 -82.61
C TYR K 904 8.84 25.80 -83.31
N VAL K 905 9.36 26.83 -82.65
CA VAL K 905 9.84 27.97 -83.41
C VAL K 905 11.27 27.71 -83.89
N GLY K 906 12.05 26.98 -83.09
CA GLY K 906 13.45 26.70 -83.41
C GLY K 906 13.67 25.88 -84.67
N GLN K 907 12.61 25.26 -85.18
CA GLN K 907 12.69 24.68 -86.52
C GLN K 907 12.19 25.63 -87.59
N VAL K 908 11.38 26.63 -87.23
CA VAL K 908 10.78 27.53 -88.23
C VAL K 908 11.86 28.35 -88.93
N MET K 909 12.60 29.14 -88.17
CA MET K 909 13.61 30.01 -88.73
C MET K 909 14.91 29.29 -89.04
N ARG K 910 14.87 27.95 -89.07
CA ARG K 910 16.04 27.18 -89.46
C ARG K 910 16.39 27.44 -90.91
N ASN K 911 15.40 27.38 -91.81
CA ASN K 911 15.66 27.70 -93.21
C ASN K 911 14.53 28.49 -93.86
N ASN K 912 13.78 29.27 -93.10
CA ASN K 912 12.77 30.13 -93.68
C ASN K 912 12.90 31.54 -93.13
N GLU K 913 13.76 32.30 -93.77
CA GLU K 913 14.08 33.66 -93.35
C GLU K 913 13.11 34.59 -94.04
N SER K 914 13.03 35.81 -93.54
CA SER K 914 12.13 36.82 -94.06
C SER K 914 12.57 38.18 -93.54
N THR K 915 12.21 39.22 -94.29
CA THR K 915 12.38 40.59 -93.81
C THR K 915 11.04 41.07 -93.28
N GLU K 916 10.99 41.39 -92.00
CA GLU K 916 9.75 41.74 -91.34
C GLU K 916 9.95 42.87 -90.36
N THR K 917 8.93 43.03 -89.52
CA THR K 917 8.92 44.00 -88.44
C THR K 917 9.33 43.34 -87.13
N GLY K 918 10.41 43.84 -86.54
CA GLY K 918 10.81 43.43 -85.22
C GLY K 918 10.86 44.64 -84.31
N TYR K 919 10.52 44.43 -83.05
CA TYR K 919 10.41 45.55 -82.14
C TYR K 919 11.54 45.58 -81.14
N VAL K 920 12.16 46.74 -81.04
CA VAL K 920 13.24 46.95 -80.10
C VAL K 920 12.64 47.07 -78.71
N ILE K 921 13.01 46.15 -77.84
CA ILE K 921 12.52 46.15 -76.48
C ILE K 921 13.57 46.63 -75.50
N LYS K 922 14.83 46.66 -75.90
CA LYS K 922 15.91 47.15 -75.08
C LYS K 922 16.87 47.87 -76.02
N VAL K 923 17.23 49.10 -75.66
CA VAL K 923 18.34 49.78 -76.29
C VAL K 923 19.46 49.81 -75.25
N PHE K 924 20.58 49.17 -75.58
CA PHE K 924 21.73 49.09 -74.71
C PHE K 924 22.94 49.63 -75.45
N ASN K 925 24.07 49.67 -74.75
CA ASN K 925 25.32 50.06 -75.40
C ASN K 925 25.94 48.93 -76.21
N ASN K 926 25.76 47.69 -75.80
CA ASN K 926 26.26 46.54 -76.55
C ASN K 926 25.48 46.33 -77.85
N GLY K 927 24.32 46.92 -77.96
CA GLY K 927 23.44 46.69 -79.08
C GLY K 927 22.01 46.79 -78.60
N ILE K 928 21.08 46.40 -79.46
CA ILE K 928 19.68 46.44 -79.12
C ILE K 928 19.09 45.05 -79.30
N VAL K 929 18.09 44.76 -78.49
CA VAL K 929 17.38 43.51 -78.57
C VAL K 929 16.11 43.74 -79.36
N VAL K 930 15.98 43.05 -80.49
CA VAL K 930 14.82 43.16 -81.33
C VAL K 930 13.92 41.96 -81.08
N LEU K 931 12.63 42.16 -81.31
CA LEU K 931 11.61 41.18 -81.00
C LEU K 931 10.52 41.22 -82.06
N VAL K 932 10.29 40.10 -82.71
CA VAL K 932 9.25 40.05 -83.75
C VAL K 932 7.92 39.77 -83.07
N PRO K 933 6.96 40.70 -83.15
CA PRO K 933 5.64 40.43 -82.55
C PRO K 933 4.87 39.33 -83.26
N LYS K 934 5.20 39.06 -84.52
CA LYS K 934 4.60 37.90 -85.19
C LYS K 934 5.20 36.61 -84.68
N PHE K 935 6.41 36.68 -84.14
CA PHE K 935 7.14 35.48 -83.73
C PHE K 935 7.34 35.38 -82.23
N GLY K 936 7.59 36.48 -81.54
CA GLY K 936 7.78 36.45 -80.10
C GLY K 936 9.09 35.87 -79.64
N VAL K 937 10.14 35.96 -80.46
CA VAL K 937 11.46 35.48 -80.09
C VAL K 937 12.43 36.64 -80.21
N GLU K 938 13.28 36.82 -79.20
CA GLU K 938 14.14 37.99 -79.08
C GLU K 938 15.48 37.75 -79.75
N GLY K 939 16.20 38.83 -80.00
CA GLY K 939 17.58 38.73 -80.43
C GLY K 939 18.30 40.05 -80.26
N LEU K 940 19.44 39.99 -79.58
CA LEU K 940 20.34 41.13 -79.47
C LEU K 940 21.08 41.28 -80.80
N ILE K 941 20.76 42.33 -81.54
CA ILE K 941 21.60 42.73 -82.66
C ILE K 941 22.66 43.61 -82.02
N ARG K 942 23.77 42.96 -81.67
CA ARG K 942 24.91 43.59 -81.05
C ARG K 942 25.45 44.72 -81.93
N LEU K 943 26.03 45.73 -81.29
CA LEU K 943 26.26 47.06 -81.87
C LEU K 943 27.02 47.03 -83.19
N ASP K 944 28.03 46.18 -83.28
CA ASP K 944 28.84 46.13 -84.50
C ASP K 944 28.07 45.49 -85.64
N ASN K 945 27.31 44.44 -85.34
CA ASN K 945 26.36 43.92 -86.30
C ASN K 945 25.03 44.66 -86.25
N LEU K 946 24.90 45.61 -85.34
CA LEU K 946 23.82 46.57 -85.49
C LEU K 946 24.25 47.74 -86.37
N THR K 947 25.50 48.16 -86.27
CA THR K 947 25.92 49.36 -86.97
C THR K 947 27.43 49.31 -87.20
N GLU K 948 27.84 49.85 -88.34
CA GLU K 948 29.26 50.09 -88.58
C GLU K 948 29.66 51.40 -87.95
N ASP K 949 30.98 51.59 -87.80
CA ASP K 949 31.64 52.67 -87.09
C ASP K 949 31.07 52.82 -85.67
N PRO K 950 31.38 51.89 -84.76
CA PRO K 950 30.82 51.97 -83.40
C PRO K 950 31.39 53.11 -82.57
N ASN K 951 32.53 53.67 -82.96
CA ASN K 951 33.00 54.89 -82.33
C ASN K 951 32.10 56.08 -82.64
N SER K 952 31.43 56.08 -83.79
CA SER K 952 30.41 57.07 -84.07
C SER K 952 29.07 56.70 -83.47
N ALA K 953 28.88 55.43 -83.13
CA ALA K 953 27.72 55.01 -82.40
C ALA K 953 27.77 55.58 -80.99
N ALA K 954 26.68 56.19 -80.58
CA ALA K 954 26.57 56.81 -79.26
C ALA K 954 25.35 56.28 -78.56
N PHE K 955 25.57 55.59 -77.44
CA PHE K 955 24.48 55.10 -76.62
C PHE K 955 24.18 56.09 -75.51
N ASP K 956 22.91 56.46 -75.40
CA ASP K 956 22.45 57.38 -74.36
C ASP K 956 21.72 56.53 -73.33
N GLU K 957 21.85 56.90 -72.06
CA GLU K 957 21.16 56.15 -71.03
C GLU K 957 19.82 56.77 -70.67
N VAL K 958 19.70 58.11 -70.73
CA VAL K 958 18.47 58.76 -70.29
C VAL K 958 17.39 58.65 -71.36
N GLU K 959 17.69 59.07 -72.58
CA GLU K 959 16.80 58.84 -73.71
C GLU K 959 16.71 57.38 -74.13
N TYR K 960 17.65 56.55 -73.67
CA TYR K 960 17.83 55.15 -74.10
C TYR K 960 17.90 55.04 -75.62
N LYS K 961 18.81 55.78 -76.21
CA LYS K 961 19.02 55.76 -77.65
C LYS K 961 20.44 55.32 -77.94
N LEU K 962 20.59 54.48 -78.96
CA LEU K 962 21.89 54.10 -79.48
C LEU K 962 22.00 54.73 -80.87
N THR K 963 22.32 56.01 -80.93
CA THR K 963 22.32 56.70 -82.21
C THR K 963 23.65 56.48 -82.93
N PHE K 964 23.58 56.26 -84.25
CA PHE K 964 24.73 55.74 -84.98
C PHE K 964 24.52 55.94 -86.48
N VAL K 965 25.55 55.55 -87.22
CA VAL K 965 25.46 55.37 -88.67
C VAL K 965 25.49 53.86 -88.93
N PRO K 966 24.73 53.33 -89.89
CA PRO K 966 24.50 51.89 -89.94
C PRO K 966 25.68 51.10 -90.48
N THR K 967 25.45 49.78 -90.62
CA THR K 967 26.37 48.92 -91.34
C THR K 967 26.16 49.03 -92.84
N ASN K 968 24.91 48.86 -93.28
CA ASN K 968 24.55 48.88 -94.69
C ASN K 968 24.35 50.30 -95.22
N SER K 969 24.47 51.31 -94.36
CA SER K 969 24.28 52.69 -94.78
C SER K 969 25.08 53.59 -93.87
N ASP K 970 24.84 54.90 -94.00
CA ASP K 970 25.63 55.89 -93.28
C ASP K 970 24.81 57.07 -92.78
N LYS K 971 23.48 57.02 -92.87
CA LYS K 971 22.63 58.10 -92.42
C LYS K 971 22.56 58.07 -90.90
N PRO K 972 22.57 59.23 -90.22
CA PRO K 972 22.60 59.21 -88.75
C PRO K 972 21.32 58.66 -88.15
N ARG K 973 21.41 57.40 -87.73
CA ARG K 973 20.24 56.64 -87.33
C ARG K 973 20.06 56.75 -85.82
N ASP K 974 18.99 57.43 -85.42
CA ASP K 974 18.67 57.64 -84.02
C ASP K 974 17.84 56.46 -83.54
N VAL K 975 18.51 55.43 -83.06
CA VAL K 975 17.86 54.17 -82.70
C VAL K 975 17.18 54.39 -81.36
N TYR K 976 15.91 54.75 -81.41
CA TYR K 976 15.07 54.87 -80.22
C TYR K 976 14.40 53.54 -79.91
N VAL K 977 13.37 53.59 -79.08
CA VAL K 977 12.66 52.39 -78.67
C VAL K 977 11.25 52.42 -79.23
N PHE K 978 10.71 51.24 -79.49
CA PHE K 978 9.30 50.94 -79.78
C PHE K 978 8.82 51.56 -81.08
N ASP K 979 9.74 51.93 -81.97
CA ASP K 979 9.40 52.30 -83.34
C ASP K 979 9.36 51.05 -84.19
N LYS K 980 9.28 51.23 -85.51
CA LYS K 980 9.17 50.09 -86.42
C LYS K 980 10.39 50.04 -87.32
N VAL K 981 10.94 48.84 -87.54
CA VAL K 981 12.13 48.66 -88.36
C VAL K 981 11.86 47.60 -89.41
N GLU K 982 12.80 47.50 -90.34
CA GLU K 982 12.98 46.29 -91.15
C GLU K 982 14.06 45.44 -90.50
N VAL K 983 13.86 44.13 -90.48
CA VAL K 983 14.81 43.23 -89.84
C VAL K 983 14.79 41.90 -90.59
N GLN K 984 15.98 41.33 -90.82
CA GLN K 984 16.08 39.99 -91.38
C GLN K 984 16.03 38.97 -90.25
N VAL K 985 15.14 38.01 -90.36
CA VAL K 985 15.11 36.92 -89.39
C VAL K 985 15.97 35.79 -89.93
N ARG K 986 16.36 34.90 -89.03
CA ARG K 986 17.08 33.66 -89.31
C ARG K 986 17.19 32.92 -88.00
N SER K 987 17.75 31.72 -88.05
CA SER K 987 18.24 31.04 -86.87
C SER K 987 19.41 30.16 -87.21
N VAL K 988 20.42 30.20 -86.35
CA VAL K 988 21.51 29.24 -86.36
C VAL K 988 21.74 28.84 -84.91
N MET K 989 21.86 27.53 -84.67
CA MET K 989 22.10 27.05 -83.33
C MET K 989 23.53 27.41 -82.96
N ASP K 990 23.70 27.99 -81.78
CA ASP K 990 25.01 28.35 -81.33
C ASP K 990 25.80 27.09 -80.99
N PRO K 991 26.96 26.87 -81.61
CA PRO K 991 27.67 25.59 -81.43
C PRO K 991 28.40 25.46 -80.10
N ILE K 992 28.41 26.50 -79.27
CA ILE K 992 29.02 26.44 -77.96
C ILE K 992 27.98 26.27 -76.85
N THR K 993 26.69 26.44 -77.18
CA THR K 993 25.63 26.27 -76.21
C THR K 993 24.58 25.25 -76.61
N SER K 994 24.47 24.95 -77.91
CA SER K 994 23.42 24.09 -78.49
C SER K 994 22.01 24.59 -78.18
N LYS K 995 21.83 25.90 -78.18
CA LYS K 995 20.51 26.51 -78.17
C LYS K 995 20.27 27.10 -79.55
N ARG K 996 19.12 26.79 -80.14
CA ARG K 996 18.83 27.29 -81.48
C ARG K 996 18.52 28.77 -81.40
N LYS K 997 19.56 29.59 -81.47
CA LYS K 997 19.41 31.02 -81.31
C LYS K 997 18.71 31.62 -82.52
N ALA K 998 17.90 32.62 -82.25
CA ALA K 998 17.21 33.35 -83.32
C ALA K 998 18.23 34.32 -83.88
N GLU K 999 18.78 33.96 -85.03
CA GLU K 999 19.71 34.86 -85.71
C GLU K 999 18.92 36.04 -86.26
N LEU K 1000 18.97 37.15 -85.56
CA LEU K 1000 18.19 38.32 -85.93
C LEU K 1000 19.13 39.44 -86.32
N LEU K 1001 18.88 40.04 -87.48
CA LEU K 1001 19.82 40.98 -88.11
C LEU K 1001 19.01 42.10 -88.74
N LEU K 1002 19.35 43.34 -88.39
CA LEU K 1002 18.57 44.51 -88.80
C LEU K 1002 18.68 44.74 -90.31
N LYS K 1003 17.73 45.50 -90.84
CA LYS K 1003 17.71 45.78 -92.27
C LYS K 1003 16.94 47.05 -92.57
N ASN L 5 11.62 -56.87 3.23
CA ASN L 5 10.95 -57.75 2.28
C ASN L 5 10.11 -58.80 3.01
N PRO L 6 8.84 -58.92 2.60
CA PRO L 6 7.93 -59.85 3.32
C PRO L 6 8.28 -61.32 3.15
N ASP L 7 8.47 -61.76 1.91
CA ASP L 7 8.48 -63.19 1.61
C ASP L 7 9.77 -63.84 2.10
N VAL L 8 10.80 -63.04 2.30
CA VAL L 8 12.06 -63.55 2.83
C VAL L 8 11.97 -63.71 4.34
N LEU L 9 11.75 -62.61 5.04
CA LEU L 9 12.00 -62.57 6.47
C LEU L 9 10.87 -63.27 7.23
N LEU L 10 9.66 -63.25 6.65
CA LEU L 10 8.58 -64.00 7.28
C LEU L 10 8.73 -65.49 7.07
N SER L 11 9.31 -65.89 5.94
CA SER L 11 9.69 -67.29 5.77
C SER L 11 10.69 -67.69 6.82
N ARG L 12 11.58 -66.77 7.20
CA ARG L 12 12.43 -67.00 8.34
C ARG L 12 11.66 -66.91 9.66
N VAL L 13 10.58 -66.12 9.70
CA VAL L 13 9.74 -66.12 10.89
C VAL L 13 9.02 -67.45 11.02
N ILE L 14 8.39 -67.90 9.92
CA ILE L 14 7.76 -69.21 9.83
C ILE L 14 8.72 -70.31 10.25
N ASN L 15 9.97 -70.20 9.80
CA ASN L 15 11.05 -71.08 10.23
C ASN L 15 11.20 -71.12 11.75
N VAL L 16 11.06 -69.96 12.38
CA VAL L 16 11.23 -69.92 13.83
C VAL L 16 9.90 -70.13 14.52
N VAL L 17 8.79 -69.84 13.81
CA VAL L 17 7.45 -70.17 14.29
C VAL L 17 7.31 -71.67 14.53
N ARG L 18 7.70 -72.47 13.55
CA ARG L 18 7.71 -73.92 13.70
C ARG L 18 8.70 -74.33 14.77
N ALA L 19 9.84 -73.63 14.84
CA ALA L 19 10.80 -73.91 15.89
C ALA L 19 10.25 -73.50 17.24
N ALA L 20 9.50 -72.40 17.28
CA ALA L 20 8.78 -72.05 18.49
C ALA L 20 7.70 -73.08 18.80
N SER L 21 7.09 -73.62 17.74
CA SER L 21 6.17 -74.74 17.92
C SER L 21 6.93 -76.00 18.31
N SER L 22 8.22 -76.06 18.00
CA SER L 22 9.00 -77.24 18.34
C SER L 22 9.51 -77.19 19.77
N LEU L 23 9.27 -76.08 20.47
CA LEU L 23 9.99 -75.85 21.72
C LEU L 23 9.38 -76.63 22.88
N ALA L 24 8.15 -76.29 23.28
CA ALA L 24 7.59 -76.90 24.48
C ALA L 24 6.76 -78.13 24.12
N SER L 25 7.02 -78.69 22.94
CA SER L 25 6.38 -79.93 22.55
C SER L 25 6.86 -81.09 23.40
N GLN L 26 8.17 -81.18 23.63
CA GLN L 26 8.68 -82.19 24.56
C GLN L 26 8.29 -81.84 25.99
N ASP L 27 8.39 -82.83 26.87
CA ASP L 27 8.31 -82.62 28.30
C ASP L 27 9.57 -81.88 28.75
N VAL L 28 9.38 -80.69 29.30
CA VAL L 28 10.49 -79.79 29.60
C VAL L 28 10.80 -79.75 31.08
N ASP L 29 9.89 -80.22 31.93
CA ASP L 29 10.05 -80.07 33.36
C ASP L 29 11.01 -81.11 33.92
N PHE L 30 11.22 -82.19 33.19
CA PHE L 30 11.98 -83.34 33.67
C PHE L 30 13.47 -83.02 33.86
N TYR L 31 14.04 -82.25 32.94
CA TYR L 31 15.42 -81.85 33.14
C TYR L 31 15.52 -80.58 33.96
N LYS L 32 14.42 -79.83 34.07
CA LYS L 32 14.34 -78.80 35.10
C LYS L 32 14.41 -79.42 36.47
N ASN L 33 13.85 -80.62 36.62
CA ASN L 33 14.13 -81.44 37.79
C ASN L 33 15.60 -81.86 37.82
N LEU L 34 16.12 -82.34 36.69
CA LEU L 34 17.43 -82.99 36.73
C LEU L 34 18.56 -81.99 36.89
N ASP L 35 18.31 -80.71 36.60
CA ASP L 35 19.20 -79.63 36.99
C ASP L 35 18.45 -78.32 36.93
N ARG L 36 18.90 -77.33 37.70
CA ARG L 36 18.49 -75.96 37.44
C ARG L 36 19.09 -75.46 36.13
N GLY L 37 20.26 -75.99 35.76
CA GLY L 37 21.00 -75.46 34.63
C GLY L 37 20.37 -75.77 33.28
N PHE L 38 19.57 -76.84 33.22
CA PHE L 38 18.69 -77.00 32.07
C PHE L 38 17.70 -75.87 32.01
N SER L 39 16.92 -75.70 33.08
CA SER L 39 15.97 -74.61 33.27
C SER L 39 16.64 -73.25 33.13
N LYS L 40 17.86 -73.12 33.66
CA LYS L 40 18.57 -71.84 33.57
C LYS L 40 19.03 -71.57 32.14
N ASP L 41 19.43 -72.62 31.42
CA ASP L 41 19.65 -72.46 29.99
C ASP L 41 18.35 -72.15 29.28
N LEU L 42 17.26 -72.82 29.69
CA LEU L 42 15.95 -72.47 29.17
C LEU L 42 15.54 -71.08 29.60
N LYS L 43 15.96 -70.67 30.79
CA LYS L 43 15.83 -69.27 31.19
C LYS L 43 16.70 -68.39 30.32
N SER L 44 17.92 -68.85 30.02
CA SER L 44 18.84 -68.05 29.22
C SER L 44 18.40 -67.98 27.77
N LYS L 45 17.79 -69.05 27.27
CA LYS L 45 17.23 -68.99 25.93
C LYS L 45 15.99 -68.12 25.92
N ALA L 46 15.32 -68.02 27.07
CA ALA L 46 14.24 -67.05 27.23
C ALA L 46 14.79 -65.63 27.39
N ASP L 47 16.06 -65.52 27.77
CA ASP L 47 16.63 -64.19 27.86
C ASP L 47 16.88 -63.61 26.48
N LYS L 48 17.12 -64.49 25.49
CA LYS L 48 16.98 -64.08 24.09
C LYS L 48 15.59 -63.54 23.84
N LEU L 49 14.58 -64.28 24.30
CA LEU L 49 13.21 -63.87 24.12
C LEU L 49 12.90 -62.64 24.94
N ALA L 50 13.56 -62.51 26.10
CA ALA L 50 13.48 -61.28 26.87
C ALA L 50 14.15 -60.13 26.13
N ASP L 51 15.04 -60.44 25.19
CA ASP L 51 15.61 -59.40 24.35
C ASP L 51 14.87 -59.29 23.02
N MET L 52 14.52 -60.42 22.40
CA MET L 52 14.03 -60.38 21.03
C MET L 52 12.59 -59.86 20.97
N ALA L 53 11.80 -60.12 22.00
CA ALA L 53 10.50 -59.46 22.08
C ALA L 53 10.66 -57.98 22.41
N ASN L 54 11.76 -57.64 23.10
CA ASN L 54 11.98 -56.27 23.53
C ASN L 54 12.38 -55.38 22.35
N GLU L 55 12.76 -56.01 21.23
CA GLU L 55 13.14 -55.28 20.03
C GLU L 55 11.98 -54.46 19.50
N ILE L 56 10.76 -54.95 19.69
CA ILE L 56 9.60 -54.25 19.16
C ILE L 56 8.92 -53.46 20.26
N ILE L 57 9.16 -53.84 21.51
CA ILE L 57 9.03 -52.91 22.61
C ILE L 57 9.89 -51.68 22.35
N LEU L 58 11.11 -51.93 21.86
CA LEU L 58 11.98 -50.84 21.45
C LEU L 58 11.43 -50.10 20.23
N SER L 59 10.71 -50.80 19.35
CA SER L 59 10.07 -50.14 18.22
C SER L 59 9.02 -49.16 18.72
N ILE L 60 8.28 -49.55 19.75
CA ILE L 60 7.38 -48.60 20.41
C ILE L 60 8.17 -47.56 21.17
N ASP L 61 9.13 -47.98 21.98
CA ASP L 61 9.83 -47.06 22.85
C ASP L 61 10.82 -46.22 22.07
N TRP L 78 1.89 -58.13 29.86
CA TRP L 78 0.68 -58.57 29.20
C TRP L 78 -0.34 -57.47 29.08
N ASN L 79 -0.55 -56.82 30.20
CA ASN L 79 -1.51 -55.72 30.24
C ASN L 79 -0.92 -54.52 29.54
N ASN L 80 0.41 -54.41 29.59
CA ASN L 80 1.16 -53.62 28.62
C ASN L 80 0.85 -54.07 27.20
N PHE L 81 0.89 -55.39 27.00
CA PHE L 81 0.74 -55.94 25.66
C PHE L 81 -0.67 -55.75 25.14
N GLY L 82 -1.67 -55.82 26.04
CA GLY L 82 -3.04 -55.63 25.61
C GLY L 82 -3.31 -54.23 25.12
N ASN L 83 -2.49 -53.27 25.54
CA ASN L 83 -2.66 -51.89 25.13
C ASN L 83 -2.31 -51.69 23.66
N ILE L 84 -1.08 -52.05 23.28
CA ILE L 84 -0.51 -51.48 22.08
C ILE L 84 -1.05 -52.19 20.84
N MET L 85 -1.53 -53.42 21.02
CA MET L 85 -2.09 -54.16 19.89
C MET L 85 -3.32 -53.47 19.35
N ASP L 86 -4.07 -52.81 20.23
CA ASP L 86 -5.06 -51.85 19.77
C ASP L 86 -4.40 -50.79 18.94
N ASN L 87 -3.34 -50.18 19.47
CA ASN L 87 -2.75 -49.03 18.83
C ASN L 87 -1.95 -49.44 17.62
N LEU L 88 -1.57 -50.71 17.55
CA LEU L 88 -1.13 -51.24 16.27
C LEU L 88 -2.28 -51.31 15.30
N LEU L 89 -3.36 -51.99 15.71
CA LEU L 89 -4.52 -52.15 14.85
C LEU L 89 -5.34 -50.88 14.71
N GLU L 90 -5.07 -49.88 15.55
CA GLU L 90 -5.53 -48.53 15.31
C GLU L 90 -5.14 -48.05 13.94
N MET L 91 -3.87 -48.27 13.60
CA MET L 91 -3.33 -47.66 12.41
C MET L 91 -3.62 -48.49 11.19
N SER L 92 -4.01 -49.74 11.41
CA SER L 92 -4.48 -50.57 10.31
C SER L 92 -5.77 -50.06 9.74
N ASP L 93 -6.65 -49.57 10.61
CA ASP L 93 -8.02 -49.31 10.20
C ASP L 93 -8.13 -48.04 9.38
N HIS L 94 -7.33 -47.03 9.73
CA HIS L 94 -7.45 -45.74 9.06
C HIS L 94 -6.85 -45.79 7.66
N SER L 95 -6.12 -46.87 7.37
CA SER L 95 -5.73 -47.15 6.00
C SER L 95 -6.94 -47.38 5.12
N LEU L 96 -7.70 -48.44 5.41
CA LEU L 96 -8.72 -48.93 4.48
C LEU L 96 -9.84 -47.92 4.29
N ASP L 97 -10.13 -47.16 5.34
CA ASP L 97 -11.15 -46.12 5.23
C ASP L 97 -10.66 -45.00 4.33
N LYS L 98 -9.38 -44.66 4.44
CA LYS L 98 -8.76 -43.80 3.47
C LYS L 98 -8.69 -44.49 2.12
N LEU L 99 -8.39 -45.79 2.12
CA LEU L 99 -8.41 -46.56 0.88
C LEU L 99 -9.82 -46.63 0.31
N ASN L 100 -10.84 -46.61 1.17
CA ASN L 100 -12.21 -46.50 0.69
C ASN L 100 -12.42 -45.21 -0.08
N CYS L 101 -11.94 -44.10 0.48
CA CYS L 101 -12.07 -42.83 -0.21
C CYS L 101 -11.05 -42.73 -1.34
N ALA L 102 -9.96 -43.50 -1.27
CA ALA L 102 -8.99 -43.49 -2.35
C ALA L 102 -9.47 -44.31 -3.53
N ILE L 103 -10.39 -45.26 -3.30
CA ILE L 103 -10.75 -46.20 -4.36
C ILE L 103 -12.22 -46.13 -4.70
N ASN L 104 -13.11 -46.20 -3.71
CA ASN L 104 -14.53 -46.28 -4.02
C ASN L 104 -15.05 -44.96 -4.55
N SER L 105 -14.51 -43.86 -4.04
CA SER L 105 -14.76 -42.56 -4.66
C SER L 105 -14.08 -42.44 -6.00
N LYS L 106 -12.96 -43.15 -6.19
CA LYS L 106 -12.30 -43.21 -7.48
C LYS L 106 -13.02 -44.18 -8.41
N PHE L 148 33.79 -45.32 13.70
CA PHE L 148 34.70 -45.70 12.64
C PHE L 148 36.03 -46.20 13.20
N ILE L 149 36.37 -47.45 12.89
CA ILE L 149 37.67 -48.01 13.21
C ILE L 149 38.67 -47.39 12.23
N PRO L 150 39.86 -46.99 12.69
CA PRO L 150 40.88 -46.48 11.76
C PRO L 150 41.34 -47.58 10.81
N LEU L 151 41.43 -47.25 9.52
CA LEU L 151 41.61 -48.27 8.50
C LEU L 151 42.92 -48.18 7.73
N LEU L 152 43.74 -47.15 7.94
CA LEU L 152 45.07 -47.09 7.35
C LEU L 152 46.08 -47.24 8.46
N LYS L 153 46.72 -48.41 8.53
CA LYS L 153 47.69 -48.72 9.57
C LYS L 153 49.07 -48.16 9.27
N GLU L 154 49.32 -47.75 8.03
CA GLU L 154 50.60 -47.18 7.66
C GLU L 154 50.66 -45.77 8.21
N LYS L 155 51.74 -45.45 8.93
CA LYS L 155 52.03 -44.09 9.38
C LYS L 155 53.41 -43.64 8.91
N PRO L 156 53.58 -43.37 7.61
CA PRO L 156 54.92 -43.05 7.11
C PRO L 156 55.18 -41.56 7.07
N ASN L 157 56.47 -41.23 7.18
CA ASN L 157 56.99 -39.86 7.30
C ASN L 157 56.30 -39.10 8.43
N ALA L 158 55.94 -39.82 9.48
CA ALA L 158 55.07 -39.28 10.50
C ALA L 158 55.89 -38.82 11.69
N LEU L 159 55.30 -37.95 12.50
CA LEU L 159 55.92 -37.57 13.75
C LEU L 159 55.53 -38.49 14.90
N LYS L 160 54.49 -39.30 14.74
CA LYS L 160 54.07 -40.26 15.76
C LYS L 160 53.74 -41.60 15.13
N PRO L 161 53.87 -42.70 15.87
CA PRO L 161 53.35 -43.98 15.35
C PRO L 161 51.84 -44.00 15.29
N LEU L 162 51.27 -45.04 14.67
CA LEU L 162 49.82 -45.11 14.53
C LEU L 162 49.14 -45.59 15.81
N SER L 163 49.88 -46.17 16.75
CA SER L 163 49.31 -46.87 17.90
C SER L 163 48.62 -45.95 18.90
N GLU L 164 49.38 -45.07 19.55
CA GLU L 164 48.80 -44.12 20.49
C GLU L 164 48.01 -43.04 19.77
N SER L 165 48.28 -42.84 18.49
CA SER L 165 47.44 -41.99 17.66
C SER L 165 46.07 -42.63 17.44
N LEU L 166 46.01 -43.96 17.49
CA LEU L 166 44.74 -44.68 17.55
C LEU L 166 44.39 -45.01 19.01
N ARG L 167 43.95 -43.98 19.72
CA ARG L 167 43.55 -44.08 21.11
C ARG L 167 42.19 -43.42 21.29
N LEU L 168 41.88 -43.01 22.51
CA LEU L 168 40.73 -42.17 22.77
C LEU L 168 41.16 -40.93 23.57
N VAL L 169 40.67 -39.77 23.16
CA VAL L 169 40.78 -38.57 23.99
C VAL L 169 39.69 -38.62 25.06
N ASP L 170 39.81 -37.76 26.07
CA ASP L 170 38.86 -37.76 27.17
C ASP L 170 37.52 -37.19 26.71
N ASP L 171 36.46 -37.61 27.40
CA ASP L 171 35.09 -37.17 27.10
C ASP L 171 34.77 -35.96 27.97
N ASP L 172 34.92 -34.77 27.41
CA ASP L 172 34.80 -33.51 28.12
C ASP L 172 33.54 -32.77 27.67
N GLU L 173 33.48 -31.48 28.04
CA GLU L 173 32.25 -30.69 27.91
C GLU L 173 31.86 -30.43 26.46
N ASN L 174 32.76 -30.64 25.51
CA ASN L 174 32.43 -30.37 24.12
C ASN L 174 32.33 -31.64 23.30
N ASN L 175 32.83 -32.77 23.81
CA ASN L 175 32.97 -33.96 22.99
C ASN L 175 32.62 -35.19 23.81
N PRO L 176 31.81 -36.09 23.26
CA PRO L 176 31.70 -37.45 23.82
C PRO L 176 32.83 -38.36 23.36
N SER L 177 32.72 -39.65 23.66
CA SER L 177 33.76 -40.62 23.33
C SER L 177 33.88 -40.83 21.81
N HIS L 178 35.11 -40.70 21.30
CA HIS L 178 35.41 -40.83 19.88
C HIS L 178 36.89 -41.12 19.60
N TYR L 179 37.23 -41.36 18.33
CA TYR L 179 38.58 -41.81 17.98
C TYR L 179 39.30 -40.77 17.13
N PRO L 180 40.53 -40.39 17.49
CA PRO L 180 41.32 -39.48 16.64
C PRO L 180 42.11 -40.19 15.54
N HIS L 181 42.99 -39.43 14.90
CA HIS L 181 43.62 -39.79 13.62
C HIS L 181 45.00 -40.41 13.78
N PRO L 182 45.49 -41.19 12.80
CA PRO L 182 46.87 -41.71 12.87
C PRO L 182 47.98 -40.67 12.64
N TYR L 183 47.92 -39.89 11.57
CA TYR L 183 49.05 -39.03 11.18
C TYR L 183 48.87 -37.60 11.65
N GLU L 184 48.29 -37.39 12.84
CA GLU L 184 47.97 -36.05 13.29
C GLU L 184 49.22 -35.30 13.73
N TYR L 185 50.19 -36.00 14.33
CA TYR L 185 51.37 -35.34 14.85
C TYR L 185 52.31 -34.92 13.72
N GLU L 186 52.25 -35.63 12.59
CA GLU L 186 52.98 -35.18 11.41
C GLU L 186 52.37 -33.88 10.87
N ILE L 187 51.08 -33.69 11.11
CA ILE L 187 50.42 -32.44 10.70
C ILE L 187 50.47 -31.41 11.81
N ASP L 188 51.06 -31.74 12.96
CA ASP L 188 50.97 -30.86 14.13
C ASP L 188 51.88 -29.63 14.01
N HIS L 189 53.18 -29.81 13.83
CA HIS L 189 54.10 -28.67 13.81
C HIS L 189 55.22 -28.84 12.78
N GLN L 190 54.97 -29.58 11.70
CA GLN L 190 56.03 -29.94 10.77
C GLN L 190 56.54 -28.74 9.99
N GLU L 191 57.85 -28.53 10.05
CA GLU L 191 58.48 -27.53 9.20
C GLU L 191 58.38 -27.96 7.75
N TYR L 192 57.79 -27.09 6.93
CA TYR L 192 57.37 -27.48 5.59
C TYR L 192 58.56 -27.57 4.63
N SER L 193 58.25 -27.89 3.39
CA SER L 193 59.27 -27.99 2.36
C SER L 193 59.78 -26.61 2.00
N PRO L 194 61.10 -26.36 2.09
CA PRO L 194 61.65 -25.07 1.65
C PRO L 194 61.56 -24.82 0.15
N GLU L 195 61.73 -25.84 -0.69
CA GLU L 195 61.64 -25.68 -2.14
C GLU L 195 60.21 -25.53 -2.63
N ILE L 196 59.24 -26.03 -1.85
CA ILE L 196 57.85 -25.67 -2.11
C ILE L 196 57.53 -24.35 -1.44
N LEU L 197 58.27 -23.97 -0.40
CA LEU L 197 58.21 -22.61 0.13
C LEU L 197 58.95 -21.61 -0.73
N GLN L 198 59.74 -22.08 -1.70
CA GLN L 198 60.42 -21.23 -2.66
C GLN L 198 59.66 -21.26 -3.98
N ILE L 199 59.23 -20.08 -4.41
CA ILE L 199 58.42 -19.96 -5.62
C ILE L 199 59.31 -20.14 -6.84
N ARG L 200 58.69 -20.49 -7.96
CA ARG L 200 59.39 -20.60 -9.23
C ARG L 200 58.56 -19.87 -10.28
N GLU L 201 59.02 -19.94 -11.53
CA GLU L 201 58.23 -19.41 -12.63
C GLU L 201 57.07 -20.36 -12.95
N GLU L 202 56.18 -19.93 -13.84
CA GLU L 202 55.03 -20.76 -14.20
C GLU L 202 55.47 -21.94 -15.05
N ILE L 203 55.44 -23.13 -14.45
CA ILE L 203 55.76 -24.37 -15.15
C ILE L 203 54.44 -25.08 -15.44
N PRO L 204 53.95 -25.07 -16.67
CA PRO L 204 52.70 -25.78 -16.98
C PRO L 204 52.93 -27.28 -17.05
N SER L 205 51.84 -28.00 -17.25
CA SER L 205 51.91 -29.45 -17.40
C SER L 205 52.43 -29.83 -18.79
N LYS L 206 52.55 -31.14 -19.02
CA LYS L 206 53.13 -31.64 -20.26
C LYS L 206 52.16 -31.48 -21.43
N SER L 207 52.59 -31.94 -22.61
CA SER L 207 51.79 -31.79 -23.82
C SER L 207 50.60 -32.74 -23.79
N TRP L 208 49.46 -32.27 -24.31
CA TRP L 208 48.18 -32.95 -24.10
C TRP L 208 48.09 -34.26 -24.88
N ASP L 209 48.70 -34.33 -26.05
CA ASP L 209 48.76 -35.57 -26.79
C ASP L 209 49.97 -36.42 -26.40
N ASP L 210 50.89 -35.88 -25.61
CA ASP L 210 52.05 -36.63 -25.16
C ASP L 210 51.75 -37.58 -24.02
N SER L 211 50.52 -37.59 -23.51
CA SER L 211 50.18 -38.46 -22.39
C SER L 211 48.71 -38.83 -22.44
N VAL L 212 48.45 -40.10 -22.10
CA VAL L 212 47.12 -40.60 -21.78
C VAL L 212 47.20 -41.09 -20.33
N PRO L 213 46.12 -41.06 -19.56
CA PRO L 213 46.22 -41.51 -18.16
C PRO L 213 46.40 -43.01 -18.06
N ILE L 214 47.63 -43.42 -17.76
CA ILE L 214 47.99 -44.81 -17.61
C ILE L 214 47.47 -45.29 -16.26
N TRP L 215 46.32 -45.96 -16.29
CA TRP L 215 45.63 -46.34 -15.06
C TRP L 215 46.31 -47.52 -14.38
N VAL L 216 46.12 -47.63 -13.07
CA VAL L 216 46.64 -48.74 -12.28
C VAL L 216 45.56 -49.83 -12.28
N ASP L 217 45.82 -50.92 -12.99
CA ASP L 217 44.79 -51.95 -13.14
C ASP L 217 44.80 -52.99 -12.03
N THR L 218 45.88 -53.10 -11.27
CA THR L 218 45.99 -54.00 -10.13
C THR L 218 46.93 -53.39 -9.10
N SER L 219 47.41 -54.24 -8.18
CA SER L 219 48.37 -53.77 -7.18
C SER L 219 49.75 -53.51 -7.79
N THR L 220 49.97 -53.97 -9.02
CA THR L 220 51.25 -53.76 -9.69
C THR L 220 51.45 -52.29 -10.04
N GLU L 221 50.57 -51.73 -10.88
CA GLU L 221 50.74 -50.35 -11.31
C GLU L 221 50.30 -49.38 -10.23
N LEU L 222 49.57 -49.88 -9.23
CA LEU L 222 49.37 -49.09 -8.01
C LEU L 222 50.66 -48.94 -7.24
N GLU L 223 51.54 -49.95 -7.32
CA GLU L 223 52.86 -49.83 -6.72
C GLU L 223 53.82 -49.07 -7.61
N SER L 224 53.45 -48.88 -8.88
CA SER L 224 54.30 -48.11 -9.79
C SER L 224 54.26 -46.63 -9.45
N MET L 225 53.13 -46.17 -8.90
CA MET L 225 53.01 -44.77 -8.52
C MET L 225 53.75 -44.46 -7.23
N LEU L 226 53.65 -45.37 -6.24
CA LEU L 226 54.24 -45.10 -4.93
C LEU L 226 55.77 -45.17 -4.98
N GLU L 227 56.31 -45.86 -6.00
CA GLU L 227 57.74 -45.76 -6.26
C GLU L 227 58.08 -44.48 -7.01
N ASP L 228 57.17 -43.99 -7.84
CA ASP L 228 57.43 -42.77 -8.61
C ASP L 228 57.11 -41.53 -7.81
N LEU L 229 56.05 -41.57 -6.99
CA LEU L 229 55.71 -40.40 -6.19
C LEU L 229 56.60 -40.23 -4.97
N LYS L 230 57.32 -41.27 -4.56
CA LYS L 230 58.20 -41.15 -3.40
C LYS L 230 59.50 -40.43 -3.72
N ASN L 231 59.68 -39.97 -4.95
CA ASN L 231 60.86 -39.23 -5.36
C ASN L 231 60.57 -37.76 -5.66
N THR L 232 59.33 -37.40 -5.94
CA THR L 232 59.03 -36.02 -6.28
C THR L 232 58.59 -35.23 -5.05
N LYS L 233 59.10 -34.00 -4.96
CA LYS L 233 58.72 -33.06 -3.91
C LYS L 233 57.48 -32.26 -4.28
N GLU L 234 56.73 -32.69 -5.28
CA GLU L 234 55.49 -32.04 -5.68
C GLU L 234 54.64 -33.06 -6.41
N ILE L 235 53.32 -32.93 -6.25
CA ILE L 235 52.39 -33.89 -6.81
C ILE L 235 51.05 -33.21 -7.03
N ALA L 236 50.41 -33.53 -8.15
CA ALA L 236 49.04 -33.13 -8.43
C ALA L 236 48.10 -34.27 -8.05
N VAL L 237 46.92 -33.92 -7.54
CA VAL L 237 45.98 -34.91 -7.03
C VAL L 237 44.56 -34.55 -7.46
N ASP L 238 43.73 -35.57 -7.66
CA ASP L 238 42.31 -35.41 -7.94
C ASP L 238 41.59 -36.70 -7.61
N LEU L 239 40.27 -36.62 -7.48
CA LEU L 239 39.44 -37.77 -7.15
C LEU L 239 38.03 -37.59 -7.73
N GLU L 240 37.33 -38.72 -7.86
CA GLU L 240 35.92 -38.72 -8.22
C GLU L 240 35.19 -39.72 -7.35
N HIS L 241 33.94 -39.40 -7.00
CA HIS L 241 33.19 -40.21 -6.05
C HIS L 241 31.72 -40.26 -6.44
N HIS L 242 31.11 -41.43 -6.23
CA HIS L 242 29.69 -41.63 -6.43
C HIS L 242 29.04 -41.92 -5.09
N ASP L 243 28.13 -41.04 -4.66
CA ASP L 243 27.45 -41.20 -3.38
C ASP L 243 26.16 -41.98 -3.52
N TYR L 244 26.08 -42.91 -4.48
CA TYR L 244 24.82 -43.58 -4.76
C TYR L 244 24.81 -45.03 -4.29
N ARG L 245 25.73 -45.86 -4.79
CA ARG L 245 25.62 -47.30 -4.63
C ARG L 245 26.38 -47.83 -3.42
N SER L 246 26.47 -47.03 -2.35
CA SER L 246 27.17 -47.42 -1.14
C SER L 246 26.70 -46.56 0.02
N TYR L 247 26.73 -47.14 1.22
CA TYR L 247 26.45 -46.37 2.43
C TYR L 247 27.75 -45.84 3.03
N TYR L 248 28.75 -46.73 3.17
CA TYR L 248 30.07 -46.29 3.61
C TYR L 248 30.77 -45.44 2.55
N GLY L 249 30.37 -45.57 1.29
CA GLY L 249 30.89 -44.73 0.23
C GLY L 249 31.98 -45.36 -0.60
N ILE L 250 31.87 -45.26 -1.92
CA ILE L 250 32.88 -45.76 -2.84
C ILE L 250 33.38 -44.62 -3.71
N VAL L 251 34.64 -44.26 -3.53
CA VAL L 251 35.27 -43.20 -4.32
C VAL L 251 35.43 -43.72 -5.75
N CYS L 252 34.65 -43.17 -6.66
CA CYS L 252 34.53 -43.68 -8.03
C CYS L 252 35.82 -43.59 -8.82
N LEU L 253 36.63 -42.56 -8.59
CA LEU L 253 37.91 -42.46 -9.29
C LEU L 253 38.88 -41.59 -8.49
N MET L 254 40.14 -41.61 -8.91
CA MET L 254 41.17 -40.77 -8.33
C MET L 254 42.23 -40.51 -9.39
N GLN L 255 42.76 -39.29 -9.40
CA GLN L 255 43.85 -38.92 -10.30
C GLN L 255 45.01 -38.37 -9.48
N ILE L 256 46.18 -38.99 -9.63
CA ILE L 256 47.41 -38.56 -8.95
C ILE L 256 48.49 -38.35 -10.00
N SER L 257 49.08 -37.16 -10.01
CA SER L 257 49.97 -36.77 -11.09
C SER L 257 51.26 -36.17 -10.56
N THR L 258 52.36 -36.50 -11.22
CA THR L 258 53.63 -35.82 -11.04
C THR L 258 53.73 -34.66 -12.04
N ARG L 259 54.94 -34.15 -12.24
CA ARG L 259 55.14 -33.01 -13.13
C ARG L 259 54.97 -33.39 -14.60
N GLU L 260 54.94 -34.68 -14.91
CA GLU L 260 54.75 -35.15 -16.28
C GLU L 260 53.65 -36.19 -16.43
N ARG L 261 53.53 -37.12 -15.50
CA ARG L 261 52.68 -38.29 -15.70
C ARG L 261 51.54 -38.30 -14.70
N ASP L 262 50.34 -38.58 -15.22
CA ASP L 262 49.10 -38.58 -14.44
C ASP L 262 48.53 -39.98 -14.42
N TYR L 263 47.88 -40.33 -13.31
CA TYR L 263 47.37 -41.68 -13.10
C TYR L 263 45.86 -41.66 -12.99
N LEU L 264 45.25 -42.85 -13.10
CA LEU L 264 43.83 -43.07 -12.85
C LEU L 264 43.71 -44.28 -11.93
N VAL L 265 43.38 -44.04 -10.67
CA VAL L 265 43.45 -45.06 -9.62
C VAL L 265 42.16 -45.86 -9.63
N ASP L 266 42.28 -47.18 -9.81
CA ASP L 266 41.14 -48.10 -9.78
C ASP L 266 40.91 -48.55 -8.35
N THR L 267 39.91 -47.96 -7.68
CA THR L 267 39.68 -48.11 -6.25
C THR L 267 38.44 -48.93 -5.89
N LEU L 268 38.13 -50.00 -6.62
CA LEU L 268 37.03 -50.87 -6.20
C LEU L 268 37.50 -51.82 -5.10
N LYS L 269 38.43 -52.72 -5.43
CA LYS L 269 39.04 -53.54 -4.39
C LYS L 269 40.18 -52.80 -3.71
N LEU L 270 40.77 -51.83 -4.39
CA LEU L 270 41.86 -51.03 -3.85
C LEU L 270 41.37 -49.85 -3.04
N ARG L 271 40.06 -49.79 -2.79
CA ARG L 271 39.56 -48.90 -1.75
C ARG L 271 40.11 -49.31 -0.40
N GLU L 272 40.12 -50.61 -0.14
CA GLU L 272 40.78 -51.14 1.04
C GLU L 272 42.29 -51.19 0.89
N ASN L 273 42.81 -51.05 -0.35
CA ASN L 273 44.25 -51.02 -0.60
C ASN L 273 44.76 -49.66 -1.01
N LEU L 274 44.05 -48.58 -0.68
CA LEU L 274 44.60 -47.25 -0.88
C LEU L 274 45.44 -46.78 0.32
N HIS L 275 45.88 -47.70 1.17
CA HIS L 275 46.69 -47.33 2.33
C HIS L 275 48.16 -47.16 1.99
N ILE L 276 48.59 -47.56 0.79
CA ILE L 276 49.99 -47.44 0.42
C ILE L 276 50.30 -46.11 -0.24
N LEU L 277 49.28 -45.37 -0.71
CA LEU L 277 49.48 -44.09 -1.37
C LEU L 277 49.99 -43.01 -0.44
N ASN L 278 49.79 -43.18 0.87
CA ASN L 278 50.27 -42.19 1.84
C ASN L 278 51.77 -42.31 2.09
N GLU L 279 52.45 -43.28 1.46
CA GLU L 279 53.89 -43.41 1.61
C GLU L 279 54.63 -42.25 0.96
N VAL L 280 53.99 -41.59 0.00
CA VAL L 280 54.49 -40.33 -0.51
C VAL L 280 53.57 -39.17 -0.16
N PHE L 281 52.32 -39.46 0.21
CA PHE L 281 51.32 -38.42 0.36
C PHE L 281 51.28 -37.83 1.77
N THR L 282 51.84 -38.52 2.76
CA THR L 282 51.97 -37.99 4.11
C THR L 282 53.34 -37.38 4.36
N ASN L 283 54.00 -36.83 3.32
CA ASN L 283 55.36 -36.33 3.37
C ASN L 283 55.41 -34.79 3.40
N PRO L 284 56.27 -34.19 4.24
CA PRO L 284 56.33 -32.73 4.30
C PRO L 284 57.03 -32.10 3.11
N SER L 285 57.86 -32.85 2.39
CA SER L 285 58.59 -32.32 1.26
C SER L 285 57.75 -32.25 -0.01
N ILE L 286 56.62 -32.95 -0.05
CA ILE L 286 55.82 -33.09 -1.26
C ILE L 286 54.42 -32.56 -0.97
N VAL L 287 54.09 -31.42 -1.55
CA VAL L 287 52.71 -30.94 -1.51
C VAL L 287 51.88 -31.75 -2.49
N LYS L 288 50.63 -32.02 -2.13
CA LYS L 288 49.70 -32.74 -2.99
C LYS L 288 48.68 -31.75 -3.54
N VAL L 289 48.82 -31.39 -4.81
CA VAL L 289 48.05 -30.31 -5.44
C VAL L 289 46.69 -30.86 -5.86
N PHE L 290 45.63 -30.41 -5.18
CA PHE L 290 44.27 -30.76 -5.53
C PHE L 290 43.38 -29.55 -5.30
N HIS L 291 42.23 -29.55 -5.96
CA HIS L 291 41.27 -28.46 -5.87
C HIS L 291 40.13 -28.88 -4.95
N GLY L 292 40.16 -28.41 -3.71
CA GLY L 292 39.19 -28.88 -2.74
C GLY L 292 39.44 -30.31 -2.34
N ALA L 293 40.49 -30.56 -1.56
CA ALA L 293 40.96 -31.91 -1.29
C ALA L 293 40.33 -32.52 -0.06
N PHE L 294 39.07 -32.20 0.24
CA PHE L 294 38.40 -32.81 1.38
C PHE L 294 37.85 -34.19 1.02
N MET L 295 36.92 -34.27 0.06
CA MET L 295 36.30 -35.54 -0.29
C MET L 295 37.25 -36.41 -1.10
N ASN L 296 38.31 -35.81 -1.66
CA ASN L 296 39.42 -36.60 -2.18
C ASN L 296 40.19 -37.28 -1.05
N ILE L 297 40.08 -36.75 0.17
CA ILE L 297 40.72 -37.37 1.33
C ILE L 297 39.69 -38.07 2.21
N ILE L 298 38.51 -37.47 2.38
CA ILE L 298 37.57 -37.94 3.41
C ILE L 298 36.88 -39.22 2.96
N TRP L 299 36.61 -39.34 1.66
CA TRP L 299 36.10 -40.61 1.15
C TRP L 299 37.19 -41.68 1.17
N LEU L 300 38.45 -41.25 1.07
CA LEU L 300 39.57 -42.15 1.36
C LEU L 300 39.81 -42.26 2.86
N GLN L 301 39.09 -41.46 3.65
CA GLN L 301 39.15 -41.59 5.11
C GLN L 301 37.90 -42.27 5.66
N ARG L 302 36.79 -42.23 4.89
CA ARG L 302 35.57 -42.90 5.33
C ARG L 302 35.72 -44.41 5.28
N ASP L 303 36.30 -44.92 4.20
CA ASP L 303 36.51 -46.35 4.04
C ASP L 303 37.93 -46.80 4.38
N LEU L 304 38.93 -45.96 4.11
CA LEU L 304 40.32 -46.39 4.20
C LEU L 304 41.15 -45.68 5.26
N GLY L 305 40.65 -44.60 5.86
CA GLY L 305 41.33 -43.97 6.99
C GLY L 305 42.69 -43.36 6.69
N LEU L 306 42.91 -42.94 5.43
CA LEU L 306 44.23 -42.71 4.87
C LEU L 306 44.96 -41.56 5.54
N TYR L 307 46.29 -41.69 5.63
CA TYR L 307 47.14 -40.71 6.27
C TYR L 307 47.24 -39.49 5.37
N VAL L 308 46.79 -38.36 5.91
CA VAL L 308 46.72 -37.11 5.17
C VAL L 308 47.60 -36.10 5.87
N VAL L 309 48.72 -35.73 5.24
CA VAL L 309 49.61 -34.70 5.73
C VAL L 309 50.27 -34.01 4.54
N GLY L 310 49.95 -32.73 4.34
CA GLY L 310 50.69 -31.95 3.37
C GLY L 310 50.16 -31.94 1.94
N LEU L 311 48.87 -31.69 1.78
CA LEU L 311 48.29 -31.48 0.46
C LEU L 311 48.20 -29.99 0.15
N PHE L 312 48.26 -29.64 -1.12
CA PHE L 312 48.21 -28.25 -1.57
C PHE L 312 46.83 -27.97 -2.14
N ASP L 313 46.08 -27.09 -1.49
CA ASP L 313 44.72 -26.76 -1.90
C ASP L 313 44.79 -25.82 -3.10
N THR L 314 43.90 -26.05 -4.07
CA THR L 314 43.84 -25.19 -5.25
C THR L 314 42.49 -24.46 -5.39
N TYR L 315 41.44 -24.94 -4.73
CA TYR L 315 40.12 -24.34 -4.93
C TYR L 315 39.97 -23.04 -4.14
N HIS L 316 39.96 -23.13 -2.80
CA HIS L 316 39.72 -21.95 -1.98
C HIS L 316 40.96 -21.07 -1.88
N ALA L 317 42.13 -21.62 -2.19
CA ALA L 317 43.35 -20.82 -2.21
C ALA L 317 43.37 -19.89 -3.42
N SER L 318 42.63 -20.24 -4.47
CA SER L 318 42.50 -19.37 -5.62
C SER L 318 41.69 -18.12 -5.28
N LYS L 319 40.76 -18.24 -4.33
CA LYS L 319 39.89 -17.13 -4.00
C LYS L 319 40.63 -16.05 -3.20
N ALA L 320 41.59 -16.48 -2.37
CA ALA L 320 42.23 -15.54 -1.46
C ALA L 320 43.18 -14.60 -2.19
N ILE L 321 44.00 -15.13 -3.09
CA ILE L 321 44.85 -14.28 -3.92
C ILE L 321 44.00 -13.57 -4.97
N GLY L 322 42.89 -14.17 -5.37
CA GLY L 322 42.02 -13.52 -6.33
C GLY L 322 41.99 -14.15 -7.70
N LEU L 323 42.06 -15.48 -7.78
CA LEU L 323 41.54 -16.15 -8.96
C LEU L 323 40.06 -16.45 -8.70
N PRO L 324 39.17 -15.86 -9.50
CA PRO L 324 37.78 -15.70 -9.03
C PRO L 324 36.93 -16.96 -9.09
N ARG L 325 37.06 -17.78 -10.14
CA ARG L 325 36.18 -18.92 -10.35
C ARG L 325 36.91 -20.17 -9.89
N HIS L 326 36.44 -20.74 -8.78
CA HIS L 326 37.16 -21.83 -8.14
C HIS L 326 36.94 -23.15 -8.87
N SER L 327 35.98 -23.19 -9.79
CA SER L 327 35.60 -24.42 -10.48
C SER L 327 36.73 -24.93 -11.37
N LEU L 328 36.70 -26.23 -11.68
CA LEU L 328 37.70 -26.80 -12.58
C LEU L 328 37.39 -26.47 -14.03
N ALA L 329 36.21 -25.89 -14.30
CA ALA L 329 35.88 -25.42 -15.64
C ALA L 329 36.65 -24.15 -16.00
N TYR L 330 37.12 -23.41 -15.00
CA TYR L 330 37.88 -22.20 -15.23
C TYR L 330 39.39 -22.46 -15.28
N LEU L 331 39.89 -23.31 -14.37
CA LEU L 331 41.32 -23.58 -14.31
C LEU L 331 41.77 -24.42 -15.51
N LEU L 332 40.86 -25.21 -16.07
CA LEU L 332 41.17 -25.88 -17.34
C LEU L 332 41.04 -24.92 -18.50
N GLU L 333 40.31 -23.82 -18.30
CA GLU L 333 40.19 -22.81 -19.36
C GLU L 333 41.30 -21.78 -19.27
N ASN L 334 41.63 -21.31 -18.07
CA ASN L 334 42.59 -20.23 -17.90
C ASN L 334 44.03 -20.69 -17.79
N PHE L 335 44.27 -21.90 -17.28
CA PHE L 335 45.63 -22.34 -17.00
C PHE L 335 46.01 -23.65 -17.67
N ALA L 336 45.05 -24.39 -18.25
CA ALA L 336 45.34 -25.67 -18.87
C ALA L 336 44.85 -25.80 -20.30
N ASN L 337 44.09 -24.80 -20.80
CA ASN L 337 43.59 -24.73 -22.18
C ASN L 337 42.74 -25.94 -22.55
N PHE L 338 41.71 -26.20 -21.75
CA PHE L 338 40.89 -27.39 -21.91
C PHE L 338 39.42 -27.04 -21.77
N LYS L 339 38.56 -28.04 -21.99
CA LYS L 339 37.12 -27.93 -21.80
C LYS L 339 36.68 -28.88 -20.69
N THR L 340 35.64 -28.50 -19.97
CA THR L 340 35.16 -29.31 -18.86
C THR L 340 34.03 -30.24 -19.29
N SER L 341 33.80 -31.27 -18.47
CA SER L 341 32.69 -32.20 -18.65
C SER L 341 31.84 -32.16 -17.39
N LYS L 342 30.64 -31.57 -17.49
CA LYS L 342 29.83 -31.31 -16.31
C LYS L 342 28.75 -32.37 -16.09
N LYS L 343 28.11 -32.84 -17.17
CA LYS L 343 27.11 -33.89 -17.02
C LYS L 343 27.77 -35.25 -16.81
N TYR L 344 29.02 -35.40 -17.24
CA TYR L 344 29.72 -36.67 -17.04
C TYR L 344 30.24 -36.79 -15.61
N GLN L 345 30.51 -35.66 -14.96
CA GLN L 345 30.98 -35.70 -13.58
C GLN L 345 29.85 -36.08 -12.63
N LEU L 346 28.60 -35.79 -13.02
CA LEU L 346 27.47 -36.32 -12.28
C LEU L 346 27.37 -37.84 -12.46
N ALA L 347 27.71 -38.32 -13.64
CA ALA L 347 27.80 -39.75 -13.87
C ALA L 347 28.99 -40.33 -13.11
N ASP L 348 28.88 -41.62 -12.77
CA ASP L 348 29.82 -42.24 -11.86
C ASP L 348 30.97 -42.92 -12.60
N TRP L 349 31.96 -43.37 -11.84
CA TRP L 349 33.01 -44.25 -12.34
C TRP L 349 33.09 -45.57 -11.58
N ARG L 350 31.95 -46.22 -11.32
CA ARG L 350 31.95 -47.44 -10.50
C ARG L 350 32.51 -48.63 -11.26
N ILE L 351 32.19 -48.76 -12.55
CA ILE L 351 32.72 -49.86 -13.35
C ILE L 351 34.03 -49.44 -14.00
N ARG L 352 34.77 -50.42 -14.50
CA ARG L 352 36.02 -50.18 -15.21
C ARG L 352 36.05 -51.09 -16.43
N PRO L 353 36.72 -50.65 -17.52
CA PRO L 353 37.46 -49.42 -17.81
C PRO L 353 36.58 -48.20 -18.06
N LEU L 354 37.18 -47.01 -17.97
CA LEU L 354 36.42 -45.77 -18.07
C LEU L 354 36.46 -45.23 -19.50
N SER L 355 35.68 -44.16 -19.73
CA SER L 355 35.63 -43.55 -21.05
C SER L 355 36.82 -42.62 -21.26
N LYS L 356 37.35 -42.63 -22.48
CA LYS L 356 38.61 -41.94 -22.73
C LYS L 356 38.52 -40.41 -22.79
N PRO L 357 37.48 -39.77 -23.35
CA PRO L 357 37.36 -38.33 -23.11
C PRO L 357 36.96 -38.00 -21.68
N MET L 358 36.23 -38.91 -21.02
CA MET L 358 35.93 -38.72 -19.61
C MET L 358 37.18 -38.88 -18.75
N THR L 359 38.14 -39.67 -19.22
CA THR L 359 39.45 -39.73 -18.59
C THR L 359 40.38 -38.66 -19.15
N ALA L 360 39.94 -37.95 -20.20
CA ALA L 360 40.69 -36.81 -20.68
C ALA L 360 40.19 -35.52 -20.04
N TYR L 361 38.97 -35.53 -19.50
CA TYR L 361 38.38 -34.31 -18.95
C TYR L 361 38.80 -34.06 -17.51
N ALA L 362 38.68 -35.07 -16.66
CA ALA L 362 39.08 -34.91 -15.26
C ALA L 362 40.59 -34.86 -15.12
N ARG L 363 41.31 -35.46 -16.07
CA ARG L 363 42.77 -35.33 -16.08
C ARG L 363 43.19 -33.97 -16.59
N ALA L 364 42.41 -33.39 -17.50
CA ALA L 364 42.55 -31.98 -17.78
C ALA L 364 42.15 -31.16 -16.56
N ASP L 365 41.16 -31.65 -15.81
CA ASP L 365 40.86 -31.02 -14.52
C ASP L 365 41.94 -31.31 -13.50
N THR L 366 42.67 -32.42 -13.66
CA THR L 366 43.87 -32.62 -12.85
C THR L 366 45.01 -31.73 -13.35
N HIS L 367 45.07 -31.51 -14.66
CA HIS L 367 46.02 -30.54 -15.19
C HIS L 367 45.55 -29.12 -14.91
N PHE L 368 44.25 -28.94 -14.61
CA PHE L 368 43.73 -27.63 -14.27
C PHE L 368 44.20 -27.18 -12.90
N LEU L 369 43.91 -28.00 -11.87
CA LEU L 369 44.22 -27.62 -10.51
C LEU L 369 45.72 -27.61 -10.26
N LEU L 370 46.47 -28.43 -11.02
CA LEU L 370 47.93 -28.37 -10.94
C LEU L 370 48.47 -27.09 -11.56
N ASN L 371 47.84 -26.63 -12.65
CA ASN L 371 48.18 -25.33 -13.20
C ASN L 371 47.38 -24.22 -12.52
N ILE L 372 46.41 -24.60 -11.68
CA ILE L 372 45.91 -23.67 -10.67
C ILE L 372 46.73 -23.80 -9.39
N TYR L 373 47.71 -24.72 -9.38
CA TYR L 373 48.71 -24.75 -8.31
C TYR L 373 50.11 -24.45 -8.84
N ASP L 374 50.24 -24.27 -10.16
CA ASP L 374 51.54 -23.90 -10.71
C ASP L 374 51.94 -22.47 -10.36
N GLN L 375 51.16 -21.49 -10.82
CA GLN L 375 51.44 -20.10 -10.49
C GLN L 375 50.96 -19.75 -9.09
N LEU L 376 50.09 -20.59 -8.51
CA LEU L 376 49.74 -20.41 -7.10
C LEU L 376 50.91 -20.81 -6.21
N ARG L 377 51.79 -21.70 -6.69
CA ARG L 377 53.04 -21.94 -6.00
C ARG L 377 54.04 -20.81 -6.28
N ASN L 378 53.76 -20.00 -7.29
CA ASN L 378 54.56 -18.82 -7.58
C ASN L 378 54.08 -17.59 -6.84
N LYS L 379 52.81 -17.23 -7.00
CA LYS L 379 52.36 -15.89 -6.64
C LYS L 379 51.95 -15.81 -5.17
N LEU L 380 52.03 -16.91 -4.43
CA LEU L 380 51.57 -16.92 -3.05
C LEU L 380 52.49 -16.10 -2.15
N ILE L 381 53.79 -16.05 -2.47
CA ILE L 381 54.74 -15.38 -1.60
C ILE L 381 54.66 -13.86 -1.74
N GLU L 382 54.00 -13.39 -2.81
CA GLU L 382 54.04 -11.96 -3.11
C GLU L 382 53.04 -11.17 -2.28
N SER L 383 51.78 -11.60 -2.24
CA SER L 383 50.69 -10.76 -1.73
C SER L 383 50.36 -10.99 -0.25
N ASN L 384 51.27 -11.67 0.49
CA ASN L 384 51.19 -11.82 1.96
C ASN L 384 49.92 -12.55 2.40
N LYS L 385 49.59 -13.64 1.72
CA LYS L 385 48.51 -14.52 2.12
C LYS L 385 48.89 -15.99 2.06
N LEU L 386 50.20 -16.30 1.98
CA LEU L 386 50.61 -17.69 1.86
C LEU L 386 50.67 -18.38 3.21
N ALA L 387 50.81 -17.61 4.29
CA ALA L 387 50.89 -18.21 5.62
C ALA L 387 49.55 -18.77 6.06
N GLY L 388 48.45 -18.20 5.56
CA GLY L 388 47.15 -18.77 5.82
C GLY L 388 46.85 -19.98 4.95
N VAL L 389 47.60 -20.12 3.84
CA VAL L 389 47.36 -21.22 2.91
C VAL L 389 47.88 -22.54 3.48
N LEU L 390 48.92 -22.48 4.32
CA LEU L 390 49.45 -23.70 4.92
C LEU L 390 48.61 -24.14 6.12
N TYR L 391 48.06 -23.18 6.87
CA TYR L 391 47.23 -23.51 8.02
C TYR L 391 45.85 -24.02 7.59
N GLU L 392 45.34 -23.48 6.47
CA GLU L 392 44.11 -24.01 5.90
C GLU L 392 44.33 -25.41 5.35
N SER L 393 45.50 -25.65 4.75
CA SER L 393 45.88 -27.00 4.39
C SER L 393 46.09 -27.85 5.64
N ARG L 394 46.56 -27.22 6.72
CA ARG L 394 46.68 -27.94 7.98
C ARG L 394 45.31 -28.21 8.59
N ASN L 395 44.32 -27.35 8.34
CA ASN L 395 43.01 -27.57 8.93
C ASN L 395 42.24 -28.67 8.21
N VAL L 396 42.62 -28.98 6.96
CA VAL L 396 41.88 -29.97 6.18
C VAL L 396 42.40 -31.38 6.45
N ALA L 397 43.71 -31.51 6.64
CA ALA L 397 44.29 -32.84 6.77
C ALA L 397 44.31 -33.31 8.22
N LYS L 398 43.94 -32.45 9.17
CA LYS L 398 44.08 -32.81 10.57
C LYS L 398 42.80 -33.41 11.16
N ARG L 399 41.72 -32.64 11.20
CA ARG L 399 40.55 -33.04 11.99
C ARG L 399 39.64 -33.97 11.20
N ARG L 400 39.09 -34.97 11.90
CA ARG L 400 38.22 -35.96 11.27
C ARG L 400 37.20 -36.55 12.24
N SER L 538 34.93 3.41 56.57
CA SER L 538 35.52 4.06 57.73
C SER L 538 35.74 5.54 57.46
N VAL L 539 36.06 6.25 58.55
CA VAL L 539 36.32 7.70 58.45
C VAL L 539 37.47 8.06 57.53
N PRO L 540 38.66 7.40 57.57
CA PRO L 540 39.71 7.84 56.64
C PRO L 540 39.41 7.54 55.18
N GLN L 541 38.53 6.59 54.92
CA GLN L 541 38.09 6.31 53.54
C GLN L 541 37.38 7.51 52.94
N ILE L 542 36.40 8.04 53.65
CA ILE L 542 35.75 9.28 53.22
C ILE L 542 36.74 10.42 53.25
N ARG L 543 37.64 10.41 54.23
CA ARG L 543 38.69 11.42 54.28
C ARG L 543 39.65 11.28 53.12
N ASP L 544 39.93 10.04 52.70
CA ASP L 544 40.70 9.83 51.47
C ASP L 544 40.00 10.41 50.26
N VAL L 545 38.68 10.26 50.20
CA VAL L 545 37.91 10.95 49.18
C VAL L 545 38.02 12.45 49.37
N MET L 546 37.88 12.90 50.61
CA MET L 546 38.03 14.31 50.91
C MET L 546 39.47 14.76 50.71
N GLU L 547 40.42 13.84 50.84
CA GLU L 547 41.78 14.11 50.41
C GLU L 547 41.82 14.26 48.91
N ARG L 548 41.28 13.27 48.19
CA ARG L 548 41.44 13.27 46.75
C ARG L 548 40.54 14.27 46.07
N PHE L 549 39.51 14.76 46.77
CA PHE L 549 38.68 15.80 46.17
C PHE L 549 39.44 17.12 46.13
N SER L 550 40.50 17.24 46.92
CA SER L 550 41.26 18.47 46.95
C SER L 550 41.98 18.70 45.63
N VAL L 551 42.81 17.75 45.22
CA VAL L 551 43.84 18.02 44.21
C VAL L 551 43.21 18.12 42.83
N LEU L 552 42.27 17.22 42.52
CA LEU L 552 41.61 17.28 41.22
C LEU L 552 40.78 18.56 41.08
N CYS L 553 40.09 18.96 42.14
CA CYS L 553 39.43 20.26 42.12
C CYS L 553 40.45 21.38 42.07
N ASN L 554 41.61 21.17 42.68
CA ASN L 554 42.70 22.11 42.51
C ASN L 554 43.29 22.02 41.12
N SER L 555 43.18 20.86 40.48
CA SER L 555 43.79 20.71 39.17
C SER L 555 42.98 21.44 38.11
N ASN L 556 41.69 21.61 38.35
CA ASN L 556 40.86 22.34 37.40
C ASN L 556 41.14 23.82 37.45
N ILE L 557 41.37 24.35 38.64
CA ILE L 557 41.45 25.79 38.82
C ILE L 557 42.82 26.31 38.43
N THR L 566 37.70 40.12 28.95
CA THR L 566 37.01 41.38 28.73
C THR L 566 36.40 41.42 27.33
N ASN L 567 35.23 42.05 27.22
CA ASN L 567 34.38 41.95 26.05
C ASN L 567 34.30 43.29 25.33
N SER L 568 34.42 43.23 24.02
CA SER L 568 34.21 44.36 23.14
C SER L 568 33.30 43.92 21.99
N SER L 569 32.20 44.64 21.83
CA SER L 569 31.21 44.29 20.82
C SER L 569 31.58 44.97 19.52
N ILE L 570 32.24 44.23 18.63
CA ILE L 570 32.81 44.84 17.44
C ILE L 570 31.71 45.16 16.43
N LEU L 571 30.89 44.19 16.11
CA LEU L 571 30.09 44.31 14.91
C LEU L 571 28.66 44.70 15.22
N LEU L 572 27.96 43.90 16.02
CA LEU L 572 26.54 44.07 16.18
C LEU L 572 26.12 44.22 17.63
N GLY L 573 26.92 43.66 18.55
CA GLY L 573 26.53 43.60 19.95
C GLY L 573 26.43 44.93 20.65
N LYS L 574 26.79 46.03 19.99
CA LYS L 574 26.51 47.33 20.56
C LYS L 574 25.12 47.83 20.18
N ILE L 575 24.27 46.96 19.65
CA ILE L 575 22.89 47.37 19.51
C ILE L 575 21.94 46.24 19.93
N LEU L 576 22.42 45.01 20.03
CA LEU L 576 21.46 43.93 20.28
C LEU L 576 21.04 43.81 21.74
N PRO L 577 21.95 43.68 22.77
CA PRO L 577 21.50 43.83 24.15
C PRO L 577 21.52 45.29 24.58
N ARG L 578 21.06 46.17 23.70
CA ARG L 578 20.74 47.52 24.07
C ARG L 578 19.51 47.48 24.96
N GLU L 579 19.62 48.11 26.12
CA GLU L 579 18.45 48.26 26.96
C GLU L 579 17.45 49.16 26.24
N GLU L 580 16.19 48.77 26.30
CA GLU L 580 15.16 49.52 25.62
C GLU L 580 14.87 50.78 26.40
N HIS L 581 14.35 51.78 25.72
CA HIS L 581 13.95 52.99 26.38
C HIS L 581 12.59 53.37 25.85
N ASP L 582 11.93 54.26 26.55
CA ASP L 582 10.70 54.84 26.06
C ASP L 582 10.85 56.35 26.08
N ILE L 583 10.16 57.02 25.17
CA ILE L 583 10.24 58.46 25.12
C ILE L 583 8.85 59.05 25.19
N ALA L 584 8.80 60.37 25.24
CA ALA L 584 7.55 61.09 25.34
C ALA L 584 7.71 62.42 24.62
N TYR L 585 6.60 63.08 24.36
CA TYR L 585 6.62 64.41 23.81
C TYR L 585 5.75 65.30 24.68
N SER L 586 6.20 66.52 24.89
CA SER L 586 5.37 67.45 25.63
C SER L 586 4.48 68.17 24.62
N LYS L 587 3.77 69.21 25.07
CA LYS L 587 2.85 69.91 24.18
C LYS L 587 3.59 70.62 23.06
N ASP L 588 4.87 70.90 23.26
CA ASP L 588 5.75 71.25 22.17
C ASP L 588 5.89 70.13 21.17
N GLY L 589 5.88 68.89 21.64
CA GLY L 589 6.33 67.79 20.82
C GLY L 589 7.81 67.60 20.81
N LEU L 590 8.47 67.78 21.92
CA LEU L 590 9.91 67.58 21.90
C LEU L 590 10.25 66.35 22.71
N PRO L 591 11.28 65.60 22.34
CA PRO L 591 11.43 64.23 22.86
C PRO L 591 11.80 64.23 24.33
N ASN L 592 11.06 63.43 25.09
CA ASN L 592 11.21 63.39 26.53
C ASN L 592 11.48 61.94 26.92
N LYS L 593 12.72 61.64 27.26
CA LYS L 593 13.08 60.26 27.59
C LYS L 593 12.53 59.89 28.96
N VAL L 594 12.03 58.65 29.07
CA VAL L 594 11.39 58.20 30.29
C VAL L 594 12.41 57.94 31.38
N LYS L 595 12.16 58.51 32.55
CA LYS L 595 12.90 58.15 33.74
C LYS L 595 12.68 56.70 34.11
N THR L 596 13.78 55.99 34.30
CA THR L 596 13.72 54.57 34.60
C THR L 596 13.15 54.33 36.00
N GLU L 597 13.32 55.31 36.89
CA GLU L 597 12.99 55.10 38.28
C GLU L 597 11.49 55.21 38.50
N ASP L 598 10.80 55.93 37.61
CA ASP L 598 9.38 56.18 37.78
C ASP L 598 8.56 54.90 37.65
N ILE L 599 8.86 54.11 36.63
CA ILE L 599 8.01 52.99 36.28
C ILE L 599 8.13 51.86 37.30
N ARG L 600 9.27 51.80 37.98
CA ARG L 600 9.41 50.85 39.07
C ARG L 600 8.48 51.22 40.21
N ILE L 601 8.41 52.52 40.51
CA ILE L 601 7.49 53.02 41.53
C ILE L 601 6.06 52.89 41.04
N ARG L 602 5.86 53.06 39.73
CA ARG L 602 4.57 52.75 39.13
C ARG L 602 4.21 51.30 39.36
N ALA L 603 5.18 50.40 39.15
CA ALA L 603 4.93 48.99 39.33
C ALA L 603 4.65 48.67 40.79
N GLN L 604 5.35 49.36 41.69
CA GLN L 604 5.09 49.16 43.11
C GLN L 604 3.80 49.86 43.51
N ASN L 605 3.41 50.88 42.77
CA ASN L 605 2.06 51.37 42.94
C ASN L 605 1.08 50.36 42.36
N PHE L 606 1.46 49.73 41.26
CA PHE L 606 0.55 48.80 40.59
C PHE L 606 0.39 47.53 41.40
N LYS L 607 1.46 47.05 42.02
CA LYS L 607 1.34 45.89 42.89
C LYS L 607 0.55 46.21 44.14
N SER L 608 0.64 47.46 44.60
CA SER L 608 0.05 47.82 45.88
C SER L 608 -1.46 47.83 45.84
N ALA L 609 -2.03 48.67 44.96
CA ALA L 609 -3.48 48.85 44.93
C ALA L 609 -4.18 47.61 44.37
N LEU L 610 -3.41 46.72 43.73
CA LEU L 610 -3.99 45.49 43.23
C LEU L 610 -4.36 44.55 44.37
N ALA L 611 -3.35 44.05 45.08
CA ALA L 611 -3.54 42.88 45.93
C ALA L 611 -4.27 43.26 47.21
N ASN L 612 -4.28 44.54 47.50
CA ASN L 612 -4.85 44.99 48.76
C ASN L 612 -6.31 45.38 48.58
N LEU L 613 -6.62 46.06 47.48
CA LEU L 613 -7.98 46.50 47.28
C LEU L 613 -8.84 45.41 46.65
N GLU L 614 -8.25 44.27 46.32
CA GLU L 614 -9.03 43.21 45.71
C GLU L 614 -9.35 42.09 46.69
N ASP L 615 -9.39 42.41 47.99
CA ASP L 615 -9.58 41.37 48.99
C ASP L 615 -11.05 41.06 49.21
N ILE L 616 -11.83 42.04 49.65
CA ILE L 616 -13.25 41.85 49.92
C ILE L 616 -14.04 42.78 49.01
N ILE L 617 -15.04 42.23 48.32
CA ILE L 617 -15.91 43.06 47.50
C ILE L 617 -17.33 43.03 48.06
N PHE L 618 -17.69 44.11 48.76
CA PHE L 618 -19.00 44.26 49.38
C PHE L 618 -19.98 44.76 48.35
N GLU L 619 -20.96 43.93 48.00
CA GLU L 619 -21.85 44.19 46.89
C GLU L 619 -23.24 43.68 47.21
N ILE L 620 -24.22 44.14 46.44
CA ILE L 620 -25.60 43.71 46.59
C ILE L 620 -25.75 42.22 46.28
N GLU M 5 20.08 -85.30 27.77
CA GLU M 5 20.03 -86.23 26.64
C GLU M 5 18.88 -85.91 25.71
N LYS M 6 17.64 -85.99 26.20
CA LYS M 6 16.48 -85.80 25.34
C LYS M 6 16.29 -84.33 24.98
N ILE M 7 16.53 -83.44 25.93
CA ILE M 7 16.42 -82.01 25.67
C ILE M 7 17.59 -81.52 24.84
N LYS M 8 18.71 -82.24 24.91
CA LYS M 8 19.97 -81.78 24.32
C LYS M 8 19.96 -81.45 22.83
N PRO M 9 19.21 -82.14 21.95
CA PRO M 9 19.13 -81.62 20.58
C PRO M 9 18.22 -80.40 20.42
N TYR M 10 17.00 -80.43 20.94
CA TYR M 10 15.97 -79.47 20.54
C TYR M 10 16.27 -78.07 21.05
N VAL M 11 16.83 -77.98 22.24
CA VAL M 11 17.05 -76.68 22.87
C VAL M 11 18.15 -75.93 22.15
N ARG M 12 19.20 -76.64 21.76
CA ARG M 12 20.23 -75.99 20.95
C ARG M 12 19.73 -75.74 19.53
N SER M 13 18.80 -76.57 19.05
CA SER M 13 18.27 -76.40 17.70
C SER M 13 17.40 -75.17 17.60
N PHE M 14 16.46 -75.03 18.53
CA PHE M 14 15.56 -73.89 18.53
C PHE M 14 16.30 -72.59 18.81
N SER M 15 17.27 -72.61 19.72
CA SER M 15 18.06 -71.42 20.00
C SER M 15 18.82 -70.96 18.77
N LYS M 16 19.27 -71.93 17.96
CA LYS M 16 19.90 -71.60 16.69
C LYS M 16 18.92 -70.93 15.74
N ALA M 17 17.64 -71.29 15.83
CA ALA M 17 16.64 -70.59 15.03
C ALA M 17 16.40 -69.18 15.56
N LEU M 18 16.42 -69.02 16.88
CA LEU M 18 16.50 -67.69 17.45
C LEU M 18 17.74 -66.99 16.96
N ASP M 19 18.88 -67.70 16.98
CA ASP M 19 20.13 -67.19 16.43
C ASP M 19 20.02 -66.95 14.93
N GLU M 20 19.20 -67.75 14.24
CA GLU M 20 18.95 -67.48 12.83
C GLU M 20 18.13 -66.21 12.66
N LEU M 21 17.08 -66.06 13.45
CA LEU M 21 16.19 -64.94 13.19
C LEU M 21 16.68 -63.68 13.87
N LYS M 22 17.59 -63.79 14.84
CA LYS M 22 18.06 -62.65 15.61
C LYS M 22 18.69 -61.53 14.77
N PRO M 23 19.47 -61.78 13.70
CA PRO M 23 19.84 -60.64 12.84
C PRO M 23 18.68 -60.12 12.01
N GLU M 24 17.70 -60.97 11.70
CA GLU M 24 16.59 -60.54 10.88
C GLU M 24 15.72 -59.55 11.62
N ILE M 25 15.66 -59.68 12.93
CA ILE M 25 14.92 -58.75 13.76
C ILE M 25 15.54 -57.38 13.70
N GLU M 26 16.87 -57.32 13.79
CA GLU M 26 17.55 -56.05 13.91
C GLU M 26 17.50 -55.30 12.60
N LYS M 27 17.48 -56.03 11.49
CA LYS M 27 17.25 -55.40 10.21
C LYS M 27 15.79 -55.03 10.04
N LEU M 28 14.90 -55.69 10.78
CA LEU M 28 13.50 -55.32 10.69
C LEU M 28 13.21 -54.06 11.48
N THR M 29 13.75 -53.96 12.68
CA THR M 29 13.66 -52.73 13.45
C THR M 29 14.88 -51.85 13.28
N SER M 30 15.48 -51.80 12.09
CA SER M 30 16.56 -50.85 11.84
C SER M 30 16.05 -49.42 11.91
N LYS M 31 14.99 -49.11 11.16
CA LYS M 31 14.38 -47.78 11.19
C LYS M 31 13.00 -47.88 11.82
N SER M 32 12.55 -46.76 12.39
CA SER M 32 11.45 -46.82 13.34
C SER M 32 10.11 -47.04 12.65
N LEU M 33 9.10 -47.33 13.46
CA LEU M 33 7.74 -47.49 12.98
C LEU M 33 7.22 -46.20 12.35
N ASP M 34 7.68 -45.05 12.84
CA ASP M 34 7.40 -43.83 12.10
C ASP M 34 8.26 -43.77 10.85
N GLU M 35 9.56 -44.00 10.99
CA GLU M 35 10.53 -43.79 9.91
C GLU M 35 10.25 -44.69 8.73
N GLN M 36 10.02 -45.97 8.99
CA GLN M 36 9.83 -46.92 7.91
C GLN M 36 8.48 -46.70 7.23
N LEU M 37 7.57 -45.98 7.89
CA LEU M 37 6.38 -45.50 7.20
C LEU M 37 6.61 -44.13 6.59
N LEU M 38 7.26 -43.21 7.32
CA LEU M 38 7.34 -41.84 6.86
C LEU M 38 8.30 -41.70 5.70
N LEU M 39 9.16 -42.69 5.49
CA LEU M 39 9.94 -42.71 4.27
C LEU M 39 9.11 -43.15 3.07
N LEU M 40 7.93 -43.72 3.33
CA LEU M 40 7.11 -44.29 2.27
C LEU M 40 5.90 -43.41 2.00
N SER M 41 5.41 -43.43 0.76
CA SER M 41 4.36 -42.51 0.35
C SER M 41 3.05 -43.24 0.07
N ASP M 42 3.12 -44.35 -0.67
CA ASP M 42 1.93 -45.13 -0.98
C ASP M 42 1.39 -45.77 0.30
N GLU M 43 0.10 -45.59 0.53
CA GLU M 43 -0.54 -46.20 1.69
C GLU M 43 -0.59 -47.71 1.53
N ARG M 44 -0.67 -48.19 0.29
CA ARG M 44 -0.49 -49.61 0.02
C ARG M 44 0.91 -50.05 0.43
N ALA M 45 1.91 -49.21 0.16
CA ALA M 45 3.24 -49.50 0.66
C ALA M 45 3.32 -49.31 2.17
N LYS M 46 2.42 -48.50 2.72
CA LYS M 46 2.36 -48.37 4.18
C LYS M 46 1.66 -49.56 4.81
N LEU M 47 0.88 -50.29 4.01
CA LEU M 47 -0.16 -51.16 4.53
C LEU M 47 0.41 -52.35 5.30
N GLU M 48 1.11 -53.25 4.60
CA GLU M 48 1.47 -54.53 5.19
C GLU M 48 2.59 -54.38 6.22
N LEU M 49 3.33 -53.28 6.12
CA LEU M 49 4.34 -52.92 7.12
C LEU M 49 3.74 -52.85 8.51
N ILE M 50 2.54 -52.28 8.61
CA ILE M 50 1.79 -52.30 9.86
C ILE M 50 1.47 -53.73 10.26
N ASN M 51 1.02 -54.51 9.28
CA ASN M 51 0.59 -55.88 9.55
C ASN M 51 1.79 -56.74 9.92
N ARG M 52 2.85 -56.66 9.12
CA ARG M 52 3.95 -57.61 9.23
C ARG M 52 4.69 -57.41 10.54
N TYR M 53 4.75 -56.15 11.00
CA TYR M 53 5.30 -55.88 12.32
C TYR M 53 4.46 -56.53 13.38
N ALA M 54 3.14 -56.47 13.23
CA ALA M 54 2.27 -57.14 14.18
C ALA M 54 2.29 -58.64 13.94
N TYR M 55 2.50 -59.04 12.69
CA TYR M 55 2.39 -60.44 12.29
C TYR M 55 3.46 -61.27 12.98
N VAL M 56 4.66 -60.73 13.10
CA VAL M 56 5.72 -61.44 13.79
C VAL M 56 5.46 -61.40 15.29
N LEU M 57 5.16 -60.20 15.81
CA LEU M 57 4.96 -59.96 17.22
C LEU M 57 3.89 -60.87 17.81
N SER M 58 2.83 -61.10 17.03
CA SER M 58 1.79 -62.05 17.38
C SER M 58 2.38 -63.42 17.62
N SER M 59 3.19 -63.89 16.69
CA SER M 59 3.87 -65.15 16.87
C SER M 59 4.90 -65.06 17.99
N LEU M 60 5.55 -63.90 18.11
CA LEU M 60 6.55 -63.72 19.15
C LEU M 60 5.94 -63.84 20.52
N MET M 61 4.83 -63.16 20.74
CA MET M 61 4.19 -63.22 22.03
C MET M 61 3.51 -64.57 22.23
N PHE M 62 3.19 -65.26 21.14
CA PHE M 62 2.71 -66.62 21.29
C PHE M 62 3.87 -67.55 21.60
N ALA M 63 5.08 -67.15 21.22
CA ALA M 63 6.24 -68.01 21.43
C ALA M 63 6.73 -67.91 22.87
N ASN M 64 6.92 -66.68 23.35
CA ASN M 64 7.49 -66.50 24.67
C ASN M 64 6.51 -66.91 25.76
N MET M 65 5.22 -66.90 25.44
CA MET M 65 4.22 -67.27 26.43
C MET M 65 4.27 -68.76 26.72
N LYS M 66 4.74 -69.53 25.73
CA LYS M 66 5.00 -70.95 25.93
C LYS M 66 6.12 -71.18 26.92
N VAL M 67 7.03 -70.22 27.05
CA VAL M 67 8.23 -70.47 27.84
C VAL M 67 7.92 -70.36 29.33
N LEU M 68 6.95 -69.52 29.67
CA LEU M 68 6.35 -69.60 31.00
C LEU M 68 5.61 -70.91 31.18
N GLY M 69 5.12 -71.50 30.09
CA GLY M 69 4.36 -72.72 30.20
C GLY M 69 2.98 -72.51 30.77
N VAL M 70 2.40 -71.33 30.57
CA VAL M 70 1.07 -71.06 31.09
C VAL M 70 0.05 -71.79 30.24
N LYS M 71 -0.91 -72.45 30.92
CA LYS M 71 -1.86 -73.33 30.25
C LYS M 71 -2.79 -72.56 29.33
N ASP M 72 -3.03 -71.29 29.62
CA ASP M 72 -3.80 -70.42 28.75
C ASP M 72 -2.90 -69.92 27.63
N MET M 73 -3.45 -69.89 26.42
CA MET M 73 -2.89 -69.19 25.27
C MET M 73 -3.98 -68.46 24.49
N SER M 74 -5.21 -68.46 25.01
CA SER M 74 -6.31 -67.81 24.32
C SER M 74 -6.19 -66.30 24.12
N PRO M 75 -5.81 -65.45 25.11
CA PRO M 75 -5.96 -64.01 24.87
C PRO M 75 -4.86 -63.43 23.99
N ILE M 76 -3.97 -64.27 23.50
CA ILE M 76 -3.20 -63.93 22.31
C ILE M 76 -3.76 -64.66 21.09
N LEU M 77 -4.28 -65.88 21.29
CA LEU M 77 -5.00 -66.57 20.23
C LEU M 77 -6.25 -65.79 19.81
N GLY M 78 -6.89 -65.12 20.77
CA GLY M 78 -8.00 -64.24 20.44
C GLY M 78 -7.56 -63.05 19.62
N GLU M 79 -6.29 -62.68 19.73
CA GLU M 79 -5.78 -61.62 18.89
C GLU M 79 -5.37 -62.14 17.52
N LEU M 80 -5.27 -63.46 17.37
CA LEU M 80 -4.62 -64.01 16.19
C LEU M 80 -5.51 -63.89 14.97
N LYS M 81 -6.76 -64.32 15.07
CA LYS M 81 -7.66 -64.26 13.91
C LYS M 81 -8.05 -62.82 13.61
N ARG M 82 -7.87 -61.93 14.58
CA ARG M 82 -8.01 -60.51 14.31
C ARG M 82 -7.05 -60.07 13.23
N VAL M 83 -5.76 -60.30 13.45
CA VAL M 83 -4.72 -59.87 12.53
C VAL M 83 -4.88 -60.54 11.19
N LYS M 84 -5.37 -61.77 11.20
CA LYS M 84 -5.76 -62.42 9.96
C LYS M 84 -6.87 -61.67 9.26
N SER M 85 -7.89 -61.28 10.02
CA SER M 85 -9.09 -60.64 9.45
C SER M 85 -8.73 -59.34 8.75
N TYR M 86 -7.80 -58.59 9.31
CA TYR M 86 -7.40 -57.37 8.61
C TYR M 86 -6.51 -57.68 7.43
N MET M 87 -5.66 -58.71 7.55
CA MET M 87 -4.95 -59.22 6.39
C MET M 87 -5.89 -59.86 5.39
N ASP M 88 -7.04 -60.32 5.84
CA ASP M 88 -8.02 -60.89 4.92
C ASP M 88 -8.64 -59.82 4.04
N LYS M 89 -8.77 -58.60 4.57
CA LYS M 89 -9.64 -57.62 3.91
C LYS M 89 -8.97 -56.99 2.70
N ALA M 90 -7.82 -56.34 2.90
CA ALA M 90 -7.24 -55.48 1.88
C ALA M 90 -6.69 -56.29 0.71
N LYS M 91 -6.35 -57.55 0.96
CA LYS M 91 -6.04 -58.45 -0.14
C LYS M 91 -7.22 -58.62 -1.07
N GLN M 92 -8.42 -58.77 -0.50
CA GLN M 92 -9.63 -58.87 -1.30
C GLN M 92 -9.98 -57.53 -1.91
N TYR M 93 -9.69 -56.45 -1.19
CA TYR M 93 -9.68 -55.14 -1.80
C TYR M 93 -8.70 -55.05 -2.96
N ASP M 94 -7.46 -55.50 -2.74
CA ASP M 94 -6.46 -55.41 -3.80
C ASP M 94 -6.73 -56.41 -4.91
N ASN M 95 -7.56 -57.42 -4.65
CA ASN M 95 -8.10 -58.21 -5.74
C ASN M 95 -9.00 -57.38 -6.63
N ARG M 96 -9.75 -56.45 -6.05
CA ARG M 96 -10.73 -55.73 -6.84
C ARG M 96 -10.06 -54.65 -7.66
N ILE M 97 -8.88 -54.21 -7.23
CA ILE M 97 -8.11 -53.23 -7.98
C ILE M 97 -7.63 -53.83 -9.28
N THR M 98 -7.35 -55.14 -9.25
CA THR M 98 -7.00 -55.85 -10.47
C THR M 98 -8.12 -55.78 -11.48
N LYS M 99 -9.33 -56.18 -11.07
CA LYS M 99 -10.49 -56.18 -11.96
C LYS M 99 -10.82 -54.77 -12.44
N SER M 100 -10.44 -53.76 -11.67
CA SER M 100 -10.49 -52.39 -12.18
C SER M 100 -9.53 -52.20 -13.35
N ASN M 101 -8.33 -52.77 -13.26
CA ASN M 101 -7.35 -52.54 -14.30
C ASN M 101 -7.36 -53.66 -15.33
N GLU M 102 -7.72 -54.88 -14.90
CA GLU M 102 -7.74 -56.05 -15.79
C GLU M 102 -8.71 -55.88 -16.95
N LYS M 103 -9.85 -55.27 -16.68
CA LYS M 103 -10.89 -55.21 -17.69
C LYS M 103 -10.86 -53.87 -18.43
N SER M 104 -10.33 -52.83 -17.77
CA SER M 104 -10.24 -51.52 -18.41
C SER M 104 -9.25 -51.52 -19.56
N GLN M 105 -8.21 -52.35 -19.47
CA GLN M 105 -7.27 -52.49 -20.58
C GLN M 105 -7.88 -53.31 -21.71
N ALA M 106 -8.87 -54.16 -21.41
CA ALA M 106 -9.59 -54.84 -22.47
C ALA M 106 -10.58 -53.87 -23.13
N GLU M 107 -11.07 -52.89 -22.38
CA GLU M 107 -11.85 -51.81 -22.95
C GLU M 107 -11.00 -50.97 -23.90
N GLN M 108 -9.72 -50.81 -23.56
CA GLN M 108 -8.76 -50.10 -24.40
C GLN M 108 -8.56 -50.83 -25.73
N GLU M 109 -8.40 -52.15 -25.67
CA GLU M 109 -8.07 -52.91 -26.87
C GLU M 109 -9.31 -53.12 -27.73
N LYS M 110 -10.49 -53.15 -27.11
CA LYS M 110 -11.72 -53.45 -27.84
C LYS M 110 -12.14 -52.29 -28.74
N ALA M 111 -12.15 -51.07 -28.19
CA ALA M 111 -12.70 -49.93 -28.93
C ALA M 111 -11.78 -49.51 -30.06
N LYS M 112 -10.48 -49.81 -29.95
CA LYS M 112 -9.57 -49.58 -31.06
C LYS M 112 -9.86 -50.56 -32.19
N ASN M 113 -10.34 -51.74 -31.86
CA ASN M 113 -10.64 -52.74 -32.89
C ASN M 113 -11.97 -52.45 -33.55
N ILE M 114 -12.81 -51.64 -32.90
CA ILE M 114 -14.12 -51.29 -33.46
C ILE M 114 -13.95 -50.40 -34.69
N ILE M 115 -13.09 -49.39 -34.60
CA ILE M 115 -12.74 -48.59 -35.77
C ILE M 115 -11.96 -49.46 -36.76
N SER M 116 -11.20 -50.42 -36.25
CA SER M 116 -10.57 -51.40 -37.12
C SER M 116 -11.61 -52.31 -37.76
N ASN M 117 -12.71 -52.55 -37.08
CA ASN M 117 -13.82 -53.24 -37.71
C ASN M 117 -14.68 -52.26 -38.50
N THR N 4 -2.62 -73.59 2.00
CA THR N 4 -1.46 -73.24 2.81
C THR N 4 -1.54 -71.80 3.22
N ASP N 5 -2.63 -71.44 3.89
CA ASP N 5 -2.79 -70.09 4.40
C ASP N 5 -1.86 -69.92 5.59
N LEU N 6 -1.39 -68.71 5.81
CA LEU N 6 -0.17 -68.54 6.58
C LEU N 6 -0.45 -68.47 8.07
N PHE N 7 -1.67 -68.78 8.49
CA PHE N 7 -1.99 -68.93 9.91
C PHE N 7 -2.17 -70.38 10.30
N ASP N 8 -1.97 -71.32 9.38
CA ASP N 8 -2.22 -72.73 9.68
C ASP N 8 -1.06 -73.32 10.46
N VAL N 9 0.09 -72.65 10.47
CA VAL N 9 1.22 -73.09 11.25
C VAL N 9 0.95 -72.89 12.74
N PHE N 10 0.01 -72.00 13.09
CA PHE N 10 -0.50 -71.94 14.45
C PHE N 10 -1.31 -73.16 14.81
N GLU N 11 -1.78 -73.91 13.82
CA GLU N 11 -2.83 -74.88 14.05
C GLU N 11 -2.30 -76.31 14.13
N GLU N 12 -1.12 -76.58 13.57
CA GLU N 12 -0.67 -77.96 13.52
C GLU N 12 -0.19 -78.39 14.90
N THR N 13 -0.38 -79.68 15.18
CA THR N 13 0.27 -80.24 16.34
C THR N 13 1.73 -80.49 16.01
N PRO N 14 2.64 -80.21 16.95
CA PRO N 14 4.07 -80.32 16.66
C PRO N 14 4.52 -81.76 16.56
N VAL N 15 5.83 -81.94 16.35
CA VAL N 15 6.44 -83.26 16.39
C VAL N 15 6.79 -83.58 17.84
N GLU N 16 6.00 -84.46 18.46
CA GLU N 16 6.08 -84.66 19.89
C GLU N 16 6.59 -86.07 20.22
N LEU N 17 7.53 -86.14 21.17
CA LEU N 17 8.16 -87.41 21.55
C LEU N 17 7.29 -88.24 22.50
N MET N 80 -5.79 -33.90 57.09
CA MET N 80 -5.60 -34.64 58.33
C MET N 80 -6.63 -34.20 59.38
N LEU N 81 -6.62 -34.88 60.52
CA LEU N 81 -7.68 -34.77 61.51
C LEU N 81 -7.23 -33.94 62.70
N ALA N 82 -7.82 -32.76 62.85
CA ALA N 82 -7.64 -31.97 64.08
C ALA N 82 -8.85 -31.07 64.27
N ASP N 83 -8.90 -30.46 65.46
CA ASP N 83 -9.98 -29.59 65.94
C ASP N 83 -11.32 -30.32 65.85
N SER N 84 -11.26 -31.60 66.16
CA SER N 84 -12.38 -32.49 65.95
C SER N 84 -13.26 -32.47 67.20
N PHE N 85 -14.37 -31.74 67.13
CA PHE N 85 -15.22 -31.73 68.29
C PHE N 85 -16.66 -31.62 67.86
N GLU N 86 -17.50 -32.31 68.61
CA GLU N 86 -18.94 -32.13 68.56
C GLU N 86 -19.37 -31.34 69.78
N GLN N 87 -20.26 -30.40 69.57
CA GLN N 87 -20.74 -29.52 70.62
C GLN N 87 -22.24 -29.73 70.69
N GLU N 88 -22.83 -29.39 71.83
CA GLU N 88 -24.25 -29.63 72.02
C GLU N 88 -25.00 -28.31 72.13
N ALA N 89 -26.14 -28.24 71.45
CA ALA N 89 -27.01 -27.08 71.58
C ALA N 89 -28.44 -27.56 71.79
N SER N 90 -29.11 -26.91 72.74
CA SER N 90 -30.43 -27.34 73.16
C SER N 90 -31.26 -26.14 73.56
N ARG N 91 -32.50 -26.09 73.07
CA ARG N 91 -33.41 -25.01 73.41
C ARG N 91 -34.77 -25.60 73.72
N GLU N 92 -35.68 -24.72 74.10
CA GLU N 92 -37.06 -25.08 74.40
C GLU N 92 -37.98 -24.59 73.30
N VAL N 93 -39.07 -25.31 73.08
CA VAL N 93 -40.03 -25.04 72.01
C VAL N 93 -41.42 -24.96 72.63
N ASP N 94 -42.20 -23.99 72.14
CA ASP N 94 -43.61 -23.84 72.52
C ASP N 94 -44.38 -25.13 72.25
N ALA N 95 -45.31 -25.44 73.14
CA ALA N 95 -46.04 -26.70 73.07
C ALA N 95 -47.01 -26.72 71.90
N SER N 96 -47.32 -27.93 71.44
CA SER N 96 -48.31 -28.17 70.41
C SER N 96 -48.73 -29.63 70.45
N LYS N 97 -50.02 -29.86 70.29
CA LYS N 97 -50.55 -31.21 70.20
C LYS N 97 -50.69 -31.70 68.78
N GLY N 98 -50.75 -30.79 67.81
CA GLY N 98 -51.01 -31.20 66.44
C GLY N 98 -52.45 -31.68 66.32
N LEU N 99 -52.66 -32.72 65.53
CA LEU N 99 -54.00 -33.30 65.41
C LEU N 99 -54.21 -34.53 66.27
N THR N 100 -53.16 -35.10 66.83
CA THR N 100 -53.35 -35.93 68.01
C THR N 100 -53.77 -35.02 69.15
N ASN N 101 -54.71 -35.47 69.95
CA ASN N 101 -55.24 -34.63 71.02
C ASN N 101 -54.36 -34.58 72.24
N SER N 102 -53.52 -35.58 72.45
CA SER N 102 -52.46 -35.49 73.43
C SER N 102 -51.34 -34.61 72.87
N GLU N 103 -50.51 -34.12 73.78
CA GLU N 103 -49.30 -33.41 73.37
C GLU N 103 -48.36 -34.32 72.61
N THR N 104 -47.49 -33.70 71.82
CA THR N 104 -46.58 -34.49 71.02
C THR N 104 -45.41 -34.99 71.85
N LEU N 105 -45.00 -34.25 72.87
CA LEU N 105 -43.88 -34.64 73.71
C LEU N 105 -44.16 -34.35 75.19
N GLN N 106 -43.21 -34.73 76.04
CA GLN N 106 -43.30 -34.41 77.45
C GLN N 106 -43.10 -32.92 77.67
N VAL N 107 -43.97 -32.31 78.47
CA VAL N 107 -43.99 -30.86 78.61
C VAL N 107 -42.99 -30.47 79.70
N GLU N 108 -42.46 -29.26 79.62
CA GLU N 108 -41.63 -28.73 80.68
C GLU N 108 -42.50 -27.86 81.59
N GLN N 109 -41.84 -27.24 82.57
CA GLN N 109 -42.58 -26.49 83.58
C GLN N 109 -43.03 -25.13 83.06
N ASP N 110 -42.40 -24.66 81.99
CA ASP N 110 -42.85 -23.40 81.40
C ASP N 110 -43.98 -23.60 80.40
N GLY N 111 -44.40 -24.83 80.15
CA GLY N 111 -45.20 -25.12 78.99
C GLY N 111 -44.38 -25.24 77.73
N LYS N 112 -43.07 -25.14 77.84
CA LYS N 112 -42.15 -25.30 76.75
C LYS N 112 -41.86 -26.77 76.56
N VAL N 113 -41.18 -27.08 75.46
CA VAL N 113 -40.68 -28.42 75.20
C VAL N 113 -39.23 -28.28 74.75
N ARG N 114 -38.33 -28.89 75.48
CA ARG N 114 -36.91 -28.82 75.17
C ARG N 114 -36.58 -29.74 74.01
N LEU N 115 -35.83 -29.23 73.05
CA LEU N 115 -35.14 -30.08 72.09
C LEU N 115 -33.65 -29.88 72.25
N SER N 116 -32.88 -30.71 71.54
CA SER N 116 -31.42 -30.61 71.52
C SER N 116 -30.91 -31.09 70.17
N HIS N 117 -29.70 -30.65 69.82
CA HIS N 117 -29.11 -31.00 68.53
C HIS N 117 -27.61 -30.78 68.60
N GLN N 118 -26.95 -31.16 67.52
CA GLN N 118 -25.52 -31.41 67.52
C GLN N 118 -24.77 -30.34 66.75
N VAL N 119 -23.56 -30.02 67.19
CA VAL N 119 -22.68 -29.10 66.49
C VAL N 119 -21.33 -29.78 66.39
N ARG N 120 -21.09 -30.48 65.31
CA ARG N 120 -19.78 -31.05 65.05
C ARG N 120 -18.91 -30.04 64.34
N HIS N 121 -17.63 -30.07 64.67
CA HIS N 121 -16.62 -29.35 63.92
C HIS N 121 -15.35 -30.17 63.81
N GLN N 122 -14.74 -30.10 62.63
CA GLN N 122 -13.41 -30.62 62.39
C GLN N 122 -12.86 -29.85 61.19
N VAL N 123 -11.56 -29.99 60.95
CA VAL N 123 -10.89 -29.33 59.83
C VAL N 123 -9.91 -30.31 59.19
N ALA N 124 -9.85 -30.29 57.87
CA ALA N 124 -8.89 -31.07 57.12
C ALA N 124 -7.58 -30.29 57.03
N LEU N 125 -6.46 -31.01 57.13
CA LEU N 125 -5.17 -30.38 57.31
C LEU N 125 -4.21 -30.70 56.18
N PRO N 126 -3.51 -29.71 55.66
CA PRO N 126 -2.33 -29.99 54.88
C PRO N 126 -1.21 -30.43 55.80
N PRO N 127 -0.18 -31.10 55.27
CA PRO N 127 0.98 -31.43 56.10
C PRO N 127 1.72 -30.16 56.52
N ASN N 128 2.23 -30.19 57.75
CA ASN N 128 3.11 -29.20 58.37
C ASN N 128 2.48 -27.83 58.53
N TYR N 129 1.16 -27.73 58.41
CA TYR N 129 0.53 -26.42 58.37
C TYR N 129 0.45 -25.83 59.77
N ASP N 130 0.62 -24.52 59.85
CA ASP N 130 0.60 -23.81 61.12
C ASP N 130 -0.84 -23.63 61.54
N TYR N 131 -1.26 -24.34 62.58
CA TYR N 131 -2.64 -24.29 63.02
C TYR N 131 -2.80 -23.67 64.39
N THR N 132 -3.84 -22.85 64.52
CA THR N 132 -4.38 -22.29 65.73
C THR N 132 -5.89 -22.54 65.74
N PRO N 133 -6.47 -22.91 66.88
CA PRO N 133 -7.89 -23.32 66.87
C PRO N 133 -8.87 -22.22 66.53
N ILE N 134 -9.81 -22.56 65.66
CA ILE N 134 -10.81 -21.63 65.19
C ILE N 134 -11.85 -21.37 66.29
N ALA N 135 -11.94 -22.27 67.27
CA ALA N 135 -12.80 -22.00 68.42
C ALA N 135 -12.25 -20.87 69.26
N GLU N 136 -10.97 -20.58 69.12
CA GLU N 136 -10.35 -19.47 69.80
C GLU N 136 -10.42 -18.18 69.00
N HIS N 137 -10.84 -18.25 67.75
CA HIS N 137 -10.71 -17.12 66.84
C HIS N 137 -11.67 -16.00 67.21
N LYS N 138 -11.17 -15.01 67.93
CA LYS N 138 -11.94 -13.83 68.28
C LYS N 138 -12.08 -12.99 67.04
N ARG N 139 -13.28 -12.95 66.50
CA ARG N 139 -13.56 -12.16 65.33
C ARG N 139 -13.53 -10.69 65.71
N VAL N 140 -12.64 -9.93 65.08
CA VAL N 140 -12.41 -8.55 65.50
C VAL N 140 -13.57 -7.67 65.09
N ASN N 141 -14.30 -8.04 64.04
CA ASN N 141 -15.31 -7.18 63.46
C ASN N 141 -16.37 -8.05 62.80
N GLU N 142 -17.63 -7.68 62.97
CA GLU N 142 -18.69 -8.24 62.17
C GLU N 142 -18.62 -7.60 60.80
N ALA N 143 -18.03 -8.30 59.85
CA ALA N 143 -17.99 -7.77 58.49
C ALA N 143 -19.38 -7.70 57.88
N ARG N 144 -20.28 -8.55 58.32
CA ARG N 144 -21.68 -8.16 58.27
C ARG N 144 -22.24 -8.37 59.66
N THR N 145 -22.89 -7.34 60.18
CA THR N 145 -23.58 -7.46 61.46
C THR N 145 -24.95 -8.05 61.22
N TYR N 146 -25.56 -8.56 62.28
CA TYR N 146 -26.81 -9.26 62.14
C TYR N 146 -27.71 -8.97 63.33
N PRO N 147 -29.02 -8.89 63.10
CA PRO N 147 -29.90 -8.29 64.11
C PRO N 147 -30.11 -9.13 65.33
N PHE N 148 -30.19 -10.43 65.16
CA PHE N 148 -30.58 -11.35 66.21
C PHE N 148 -29.38 -12.16 66.67
N THR N 149 -29.66 -13.15 67.51
CA THR N 149 -28.63 -14.03 68.03
C THR N 149 -28.32 -15.11 67.02
N LEU N 150 -27.08 -15.13 66.55
CA LEU N 150 -26.69 -16.15 65.59
C LEU N 150 -26.42 -17.47 66.31
N ASP N 151 -26.30 -18.53 65.53
CA ASP N 151 -26.18 -19.82 66.15
C ASP N 151 -24.71 -20.16 66.38
N PRO N 152 -24.41 -21.02 67.37
CA PRO N 152 -23.02 -21.45 67.61
C PRO N 152 -22.27 -22.05 66.44
N PHE N 153 -22.89 -22.87 65.59
CA PHE N 153 -22.13 -23.33 64.43
C PHE N 153 -21.98 -22.22 63.42
N GLN N 154 -22.98 -21.35 63.32
CA GLN N 154 -22.87 -20.18 62.48
C GLN N 154 -21.80 -19.25 63.01
N ASP N 155 -21.76 -19.11 64.33
CA ASP N 155 -20.61 -18.50 64.99
C ASP N 155 -19.33 -19.23 64.62
N THR N 156 -19.38 -20.56 64.60
CA THR N 156 -18.21 -21.33 64.23
C THR N 156 -17.93 -21.17 62.74
N ALA N 157 -18.98 -20.90 61.95
CA ALA N 157 -18.82 -20.80 60.52
C ALA N 157 -18.07 -19.55 60.12
N ILE N 158 -18.51 -18.42 60.63
CA ILE N 158 -18.06 -17.13 60.12
C ILE N 158 -16.61 -16.86 60.51
N SER N 159 -16.15 -17.48 61.60
CA SER N 159 -14.75 -17.41 61.97
C SER N 159 -13.85 -18.06 60.94
N CYS N 160 -14.32 -19.13 60.31
CA CYS N 160 -13.52 -19.78 59.28
C CYS N 160 -13.41 -18.88 58.07
N ILE N 161 -14.48 -18.15 57.75
CA ILE N 161 -14.40 -17.14 56.72
C ILE N 161 -13.49 -16.02 57.17
N ASP N 162 -13.66 -15.58 58.40
CA ASP N 162 -12.91 -14.45 58.90
C ASP N 162 -11.43 -14.77 59.05
N ARG N 163 -11.10 -15.97 59.51
CA ARG N 163 -9.71 -16.31 59.60
C ARG N 163 -9.14 -16.65 58.23
N GLY N 164 -9.99 -16.97 57.27
CA GLY N 164 -9.54 -17.05 55.90
C GLY N 164 -9.18 -18.43 55.43
N GLU N 165 -9.96 -19.43 55.79
CA GLU N 165 -9.79 -20.77 55.26
C GLU N 165 -11.15 -21.25 54.77
N SER N 166 -11.14 -22.13 53.77
CA SER N 166 -12.39 -22.63 53.23
C SER N 166 -13.02 -23.62 54.20
N VAL N 167 -14.30 -23.90 53.97
CA VAL N 167 -15.10 -24.68 54.91
C VAL N 167 -16.32 -25.23 54.20
N LEU N 168 -16.60 -26.51 54.42
CA LEU N 168 -17.90 -27.10 54.19
C LEU N 168 -18.70 -27.00 55.46
N VAL N 169 -19.92 -26.50 55.36
CA VAL N 169 -20.93 -26.76 56.36
C VAL N 169 -22.05 -27.47 55.64
N SER N 170 -22.57 -28.53 56.23
CA SER N 170 -23.64 -29.28 55.59
C SER N 170 -24.80 -29.41 56.57
N ALA N 171 -25.88 -28.70 56.27
CA ALA N 171 -27.03 -28.69 57.15
C ALA N 171 -28.27 -28.85 56.30
N HIS N 172 -29.42 -28.62 56.92
CA HIS N 172 -30.64 -28.58 56.14
C HIS N 172 -30.90 -27.15 55.70
N THR N 173 -31.77 -27.00 54.71
CA THR N 173 -31.96 -25.69 54.08
C THR N 173 -32.63 -24.71 55.02
N SER N 174 -33.46 -25.20 55.93
CA SER N 174 -34.14 -24.31 56.86
C SER N 174 -33.25 -23.87 58.01
N ALA N 175 -32.06 -24.44 58.13
CA ALA N 175 -31.23 -24.19 59.30
C ALA N 175 -30.65 -22.79 59.30
N GLY N 176 -30.26 -22.29 58.13
CA GLY N 176 -29.65 -20.98 58.08
C GLY N 176 -28.27 -20.99 57.48
N LYS N 177 -28.02 -21.95 56.58
CA LYS N 177 -26.80 -21.95 55.78
C LYS N 177 -26.72 -20.71 54.91
N THR N 178 -27.87 -20.17 54.52
CA THR N 178 -28.01 -18.86 53.90
C THR N 178 -27.20 -17.79 54.60
N VAL N 179 -27.27 -17.77 55.93
CA VAL N 179 -26.73 -16.66 56.71
C VAL N 179 -25.22 -16.63 56.60
N VAL N 180 -24.60 -17.79 56.50
CA VAL N 180 -23.16 -17.87 56.38
C VAL N 180 -22.72 -17.32 55.03
N ALA N 181 -23.55 -17.56 54.01
CA ALA N 181 -23.26 -17.01 52.69
C ALA N 181 -23.39 -15.50 52.66
N GLU N 182 -24.27 -14.97 53.51
CA GLU N 182 -24.49 -13.53 53.58
C GLU N 182 -23.24 -12.82 54.05
N TYR N 183 -22.48 -13.47 54.93
CA TYR N 183 -21.35 -12.85 55.57
C TYR N 183 -20.20 -12.61 54.61
N ALA N 184 -19.84 -13.62 53.82
CA ALA N 184 -18.59 -13.57 53.08
C ALA N 184 -18.66 -12.59 51.92
N ILE N 185 -19.87 -12.18 51.55
CA ILE N 185 -20.07 -11.18 50.51
C ILE N 185 -19.37 -9.89 50.89
N ALA N 186 -19.66 -9.38 52.08
CA ALA N 186 -19.13 -8.09 52.49
C ALA N 186 -17.63 -8.20 52.75
N GLN N 187 -17.18 -9.33 53.28
CA GLN N 187 -15.74 -9.48 53.51
C GLN N 187 -15.02 -9.57 52.19
N SER N 188 -15.69 -10.08 51.17
CA SER N 188 -15.19 -9.89 49.82
C SER N 188 -15.35 -8.45 49.38
N LEU N 189 -16.50 -7.84 49.69
CA LEU N 189 -16.77 -6.49 49.19
C LEU N 189 -15.94 -5.44 49.89
N LYS N 190 -15.72 -5.59 51.20
CA LYS N 190 -14.90 -4.62 51.89
C LYS N 190 -13.45 -4.76 51.52
N ASN N 191 -13.07 -5.91 50.98
CA ASN N 191 -11.76 -6.04 50.40
C ASN N 191 -11.81 -5.92 48.89
N LYS N 192 -12.93 -5.43 48.36
CA LYS N 192 -13.14 -5.10 46.94
C LYS N 192 -13.01 -6.32 46.04
N GLN N 193 -13.16 -7.49 46.60
CA GLN N 193 -12.96 -8.74 45.91
C GLN N 193 -14.25 -9.13 45.20
N ARG N 194 -14.13 -10.02 44.25
CA ARG N 194 -15.33 -10.54 43.62
C ARG N 194 -15.64 -11.90 44.22
N VAL N 195 -16.89 -12.31 44.09
CA VAL N 195 -17.36 -13.50 44.78
C VAL N 195 -18.41 -14.19 43.93
N ILE N 196 -18.34 -15.51 43.91
CA ILE N 196 -19.22 -16.34 43.10
C ILE N 196 -20.22 -17.01 44.01
N TYR N 197 -21.49 -16.85 43.68
CA TYR N 197 -22.55 -17.56 44.36
C TYR N 197 -23.13 -18.52 43.34
N THR N 198 -23.23 -19.78 43.72
CA THR N 198 -23.58 -20.81 42.75
C THR N 198 -24.98 -21.31 42.97
N SER N 199 -25.51 -21.96 41.94
CA SER N 199 -26.83 -22.57 41.97
C SER N 199 -26.95 -23.53 40.81
N PRO N 200 -27.74 -24.59 40.96
CA PRO N 200 -28.06 -25.44 39.81
C PRO N 200 -29.26 -24.95 39.03
N ILE N 201 -30.10 -24.11 39.61
CA ILE N 201 -31.33 -23.71 38.98
C ILE N 201 -31.35 -22.21 38.80
N LYS N 202 -31.83 -21.77 37.64
CA LYS N 202 -32.14 -20.35 37.42
C LYS N 202 -33.03 -19.81 38.52
N ALA N 203 -34.08 -20.55 38.86
CA ALA N 203 -35.06 -20.07 39.82
C ALA N 203 -34.51 -20.15 41.23
N LEU N 204 -33.50 -20.98 41.46
CA LEU N 204 -32.76 -20.86 42.70
C LEU N 204 -32.06 -19.52 42.76
N SER N 205 -31.45 -19.11 41.66
CA SER N 205 -30.79 -17.82 41.62
C SER N 205 -31.80 -16.70 41.68
N ASN N 206 -32.91 -16.85 40.95
CA ASN N 206 -33.97 -15.85 40.91
C ASN N 206 -34.53 -15.57 42.30
N GLN N 207 -34.59 -16.61 43.13
CA GLN N 207 -34.78 -16.39 44.55
C GLN N 207 -33.63 -15.57 45.11
N LYS N 208 -32.40 -16.03 44.93
CA LYS N 208 -31.31 -15.43 45.66
C LYS N 208 -30.90 -14.09 45.07
N TYR N 209 -31.16 -13.89 43.78
CA TYR N 209 -30.74 -12.65 43.15
C TYR N 209 -31.52 -11.47 43.70
N ARG N 210 -32.84 -11.48 43.50
CA ARG N 210 -33.71 -10.39 43.92
C ARG N 210 -33.65 -10.19 45.43
N GLU N 211 -33.37 -11.26 46.15
CA GLU N 211 -33.07 -11.17 47.57
C GLU N 211 -31.80 -10.38 47.83
N LEU N 212 -30.71 -10.77 47.18
CA LEU N 212 -29.46 -10.03 47.37
C LEU N 212 -29.50 -8.70 46.67
N LEU N 213 -30.24 -8.63 45.56
CA LEU N 213 -30.45 -7.36 44.89
C LEU N 213 -31.17 -6.39 45.81
N ALA N 214 -32.13 -6.89 46.57
CA ALA N 214 -32.69 -6.07 47.63
C ALA N 214 -31.67 -5.86 48.73
N GLU N 215 -30.79 -6.82 48.94
CA GLU N 215 -29.91 -6.69 50.08
C GLU N 215 -28.74 -5.77 49.81
N PHE N 216 -27.91 -6.09 48.86
CA PHE N 216 -26.76 -5.23 48.66
C PHE N 216 -26.82 -4.49 47.35
N GLY N 217 -27.68 -4.91 46.44
CA GLY N 217 -27.77 -4.21 45.17
C GLY N 217 -26.69 -4.50 44.16
N ASP N 218 -25.45 -4.14 44.48
CA ASP N 218 -24.35 -4.23 43.52
C ASP N 218 -23.93 -5.69 43.33
N VAL N 219 -24.82 -6.44 42.68
CA VAL N 219 -24.65 -7.87 42.46
C VAL N 219 -24.89 -8.16 40.99
N GLY N 220 -23.94 -8.81 40.35
CA GLY N 220 -24.10 -9.26 38.99
C GLY N 220 -24.83 -10.59 39.00
N LEU N 221 -25.74 -10.72 38.04
CA LEU N 221 -26.38 -12.00 37.79
C LEU N 221 -25.90 -12.50 36.45
N MET N 222 -25.56 -13.78 36.37
CA MET N 222 -25.20 -14.42 35.12
C MET N 222 -26.06 -15.65 34.93
N THR N 223 -26.80 -15.68 33.84
CA THR N 223 -27.67 -16.79 33.53
C THR N 223 -27.62 -16.99 32.02
N GLY N 224 -27.91 -18.22 31.60
CA GLY N 224 -28.17 -18.45 30.19
C GLY N 224 -29.37 -17.67 29.70
N ASP N 225 -30.34 -17.44 30.59
CA ASP N 225 -31.43 -16.55 30.19
C ASP N 225 -30.98 -15.10 30.22
N ILE N 226 -30.60 -14.58 31.40
CA ILE N 226 -30.39 -13.14 31.57
C ILE N 226 -29.14 -12.87 32.40
N THR N 227 -28.24 -12.08 31.83
CA THR N 227 -27.16 -11.47 32.59
C THR N 227 -27.66 -10.10 33.04
N ILE N 228 -27.31 -9.70 34.26
CA ILE N 228 -27.48 -8.32 34.69
C ILE N 228 -26.18 -7.85 35.30
N ASN N 229 -25.72 -6.66 34.87
CA ASN N 229 -24.67 -5.86 35.48
C ASN N 229 -23.36 -6.64 35.51
N PRO N 230 -22.70 -6.77 34.36
CA PRO N 230 -21.60 -7.74 34.25
C PRO N 230 -20.39 -7.39 35.09
N ASP N 231 -20.13 -6.12 35.34
CA ASP N 231 -18.96 -5.72 36.09
C ASP N 231 -19.29 -5.32 37.51
N ALA N 232 -20.35 -5.89 38.08
CA ALA N 232 -20.64 -5.65 39.48
C ALA N 232 -19.63 -6.37 40.36
N GLY N 233 -19.65 -6.03 41.65
CA GLY N 233 -18.68 -6.63 42.56
C GLY N 233 -19.04 -8.06 42.94
N CYS N 234 -20.33 -8.32 43.12
CA CYS N 234 -20.80 -9.62 43.56
C CYS N 234 -21.44 -10.34 42.37
N LEU N 235 -21.22 -11.65 42.29
CA LEU N 235 -21.63 -12.41 41.11
C LEU N 235 -22.44 -13.63 41.54
N VAL N 236 -23.60 -13.81 40.90
CA VAL N 236 -24.43 -15.00 41.11
C VAL N 236 -24.63 -15.67 39.77
N MET N 237 -24.32 -16.95 39.70
CA MET N 237 -24.27 -17.62 38.42
C MET N 237 -24.41 -19.11 38.62
N THR N 238 -24.79 -19.79 37.56
CA THR N 238 -24.97 -21.22 37.67
C THR N 238 -23.65 -21.92 37.42
N THR N 239 -23.67 -23.23 37.63
CA THR N 239 -22.45 -24.01 37.79
C THR N 239 -21.64 -24.07 36.51
N GLU N 240 -22.30 -24.26 35.37
CA GLU N 240 -21.57 -24.53 34.13
C GLU N 240 -20.90 -23.27 33.60
N ILE N 241 -21.45 -22.11 33.97
CA ILE N 241 -20.92 -20.85 33.46
C ILE N 241 -19.54 -20.63 34.02
N LEU N 242 -19.33 -21.00 35.27
CA LEU N 242 -18.00 -21.01 35.86
C LEU N 242 -17.09 -21.92 35.09
N ARG N 243 -17.53 -23.17 34.88
CA ARG N 243 -16.82 -24.14 34.05
C ARG N 243 -16.54 -23.59 32.67
N SER N 244 -17.53 -22.94 32.06
CA SER N 244 -17.32 -22.34 30.75
C SER N 244 -16.32 -21.21 30.82
N MET N 245 -16.38 -20.42 31.88
CA MET N 245 -15.44 -19.32 32.00
C MET N 245 -14.23 -19.74 32.81
N LEU N 246 -14.13 -21.03 33.11
CA LEU N 246 -12.83 -21.57 33.50
C LEU N 246 -12.11 -22.18 32.33
N TYR N 247 -12.82 -22.63 31.31
CA TYR N 247 -12.10 -23.13 30.15
C TYR N 247 -11.45 -22.02 29.37
N ARG N 248 -12.19 -20.98 29.04
CA ARG N 248 -11.58 -19.96 28.24
C ARG N 248 -10.98 -18.86 29.07
N GLY N 249 -10.91 -19.03 30.39
CA GLY N 249 -10.18 -18.14 31.25
C GLY N 249 -10.73 -16.73 31.32
N SER N 250 -11.87 -16.55 31.96
CA SER N 250 -12.36 -15.21 32.13
C SER N 250 -11.48 -14.48 33.13
N GLU N 251 -11.18 -13.25 32.80
CA GLU N 251 -10.40 -12.44 33.72
C GLU N 251 -11.26 -11.90 34.83
N VAL N 252 -12.57 -12.05 34.63
CA VAL N 252 -13.57 -11.99 35.69
C VAL N 252 -13.12 -12.78 36.91
N MET N 253 -12.56 -13.96 36.68
CA MET N 253 -12.01 -14.77 37.76
C MET N 253 -10.88 -14.09 38.50
N ARG N 254 -10.17 -13.16 37.87
CA ARG N 254 -8.92 -12.71 38.47
C ARG N 254 -9.11 -11.75 39.65
N GLU N 255 -10.32 -11.34 39.97
CA GLU N 255 -10.53 -10.62 41.22
C GLU N 255 -11.43 -11.38 42.18
N VAL N 256 -11.47 -12.70 42.07
CA VAL N 256 -12.34 -13.52 42.89
C VAL N 256 -11.50 -14.31 43.88
N ALA N 257 -11.79 -14.16 45.17
CA ALA N 257 -11.11 -14.94 46.18
C ALA N 257 -12.06 -15.82 46.98
N TRP N 258 -13.36 -15.59 46.86
CA TRP N 258 -14.34 -16.36 47.61
C TRP N 258 -15.37 -16.92 46.66
N VAL N 259 -15.71 -18.19 46.87
CA VAL N 259 -16.71 -18.86 46.06
C VAL N 259 -17.72 -19.46 47.01
N ILE N 260 -19.01 -19.22 46.75
CA ILE N 260 -20.06 -19.82 47.55
C ILE N 260 -20.67 -20.97 46.76
N PHE N 261 -20.27 -22.19 47.08
CA PHE N 261 -20.87 -23.36 46.49
C PHE N 261 -22.07 -23.80 47.32
N ASP N 262 -23.23 -23.62 46.76
CA ASP N 262 -24.44 -24.17 47.33
C ASP N 262 -24.79 -25.44 46.56
N GLU N 263 -25.58 -26.32 47.18
CA GLU N 263 -26.09 -27.54 46.55
C GLU N 263 -24.97 -28.45 46.10
N VAL N 264 -24.01 -28.66 47.01
CA VAL N 264 -22.78 -29.35 46.68
C VAL N 264 -23.04 -30.82 46.38
N HIS N 265 -24.06 -31.40 47.00
CA HIS N 265 -24.34 -32.83 46.85
C HIS N 265 -24.83 -33.22 45.47
N TYR N 266 -24.98 -32.30 44.54
CA TYR N 266 -25.31 -32.75 43.22
C TYR N 266 -24.12 -33.30 42.47
N MET N 267 -22.99 -33.48 43.12
CA MET N 267 -21.90 -34.24 42.51
C MET N 267 -22.27 -35.70 42.34
N ARG N 268 -23.21 -36.23 43.12
CA ARG N 268 -23.68 -37.58 42.89
C ARG N 268 -24.79 -37.65 41.86
N ASP N 269 -25.11 -36.56 41.18
CA ASP N 269 -26.00 -36.65 40.03
C ASP N 269 -25.34 -37.50 38.96
N LYS N 270 -25.99 -38.60 38.62
CA LYS N 270 -25.50 -39.45 37.54
C LYS N 270 -25.69 -38.77 36.19
N GLU N 271 -26.49 -37.70 36.14
CA GLU N 271 -26.67 -36.91 34.92
C GLU N 271 -25.63 -35.81 34.80
N ARG N 272 -25.58 -34.91 35.77
CA ARG N 272 -24.84 -33.68 35.59
C ARG N 272 -23.73 -33.49 36.61
N GLY N 273 -23.52 -34.44 37.51
CA GLY N 273 -22.63 -34.20 38.64
C GLY N 273 -21.17 -34.10 38.25
N VAL N 274 -20.87 -34.51 37.03
CA VAL N 274 -19.57 -34.29 36.42
C VAL N 274 -19.18 -32.81 36.45
N VAL N 275 -20.14 -31.91 36.30
CA VAL N 275 -19.80 -30.50 36.14
C VAL N 275 -19.31 -29.92 37.45
N TRP N 276 -20.02 -30.21 38.54
CA TRP N 276 -19.62 -29.70 39.85
C TRP N 276 -18.26 -30.23 40.24
N GLU N 277 -17.97 -31.50 39.94
CA GLU N 277 -16.71 -32.08 40.35
C GLU N 277 -15.55 -31.46 39.59
N GLU N 278 -15.67 -31.40 38.26
CA GLU N 278 -14.55 -30.97 37.43
C GLU N 278 -14.24 -29.51 37.63
N THR N 279 -15.27 -28.71 37.82
CA THR N 279 -15.09 -27.27 37.91
C THR N 279 -14.32 -26.90 39.17
N ILE N 280 -14.50 -27.70 40.22
CA ILE N 280 -13.74 -27.48 41.43
C ILE N 280 -12.30 -27.92 41.24
N ILE N 281 -12.08 -28.95 40.42
CA ILE N 281 -10.72 -29.36 40.10
C ILE N 281 -10.03 -28.28 39.29
N LEU N 282 -10.79 -27.56 38.49
CA LEU N 282 -10.23 -26.47 37.71
C LEU N 282 -10.11 -25.17 38.47
N LEU N 283 -9.97 -25.21 39.79
CA LEU N 283 -9.82 -23.96 40.51
C LEU N 283 -8.36 -23.65 40.77
N PRO N 284 -7.99 -22.38 40.72
CA PRO N 284 -6.68 -21.98 41.22
C PRO N 284 -6.65 -22.09 42.73
N ASP N 285 -5.49 -22.49 43.25
CA ASP N 285 -5.47 -22.88 44.64
C ASP N 285 -5.41 -21.71 45.60
N LYS N 286 -5.32 -20.49 45.10
CA LYS N 286 -5.29 -19.36 46.01
C LYS N 286 -6.66 -19.11 46.64
N VAL N 287 -7.70 -19.50 45.95
CA VAL N 287 -9.05 -19.01 46.22
C VAL N 287 -9.62 -19.67 47.46
N ARG N 288 -10.39 -18.92 48.24
CA ARG N 288 -11.15 -19.49 49.33
C ARG N 288 -12.53 -19.89 48.83
N TYR N 289 -13.13 -20.84 49.54
CA TYR N 289 -14.36 -21.46 49.06
C TYR N 289 -15.35 -21.62 50.20
N VAL N 290 -16.63 -21.70 49.83
CA VAL N 290 -17.71 -22.00 50.74
C VAL N 290 -18.38 -23.24 50.16
N PHE N 291 -18.90 -24.12 51.01
CA PHE N 291 -19.62 -25.29 50.54
C PHE N 291 -20.86 -25.51 51.39
N LEU N 292 -22.02 -25.50 50.75
CA LEU N 292 -23.29 -25.70 51.42
C LEU N 292 -24.07 -26.78 50.73
N SER N 293 -24.51 -27.76 51.49
CA SER N 293 -25.38 -28.79 50.95
C SER N 293 -26.15 -29.47 52.05
N ALA N 294 -26.98 -30.43 51.65
CA ALA N 294 -27.75 -31.22 52.58
C ALA N 294 -26.84 -32.11 53.41
N THR N 295 -27.35 -32.56 54.55
CA THR N 295 -26.54 -33.34 55.47
C THR N 295 -26.22 -34.68 54.87
N ILE N 296 -24.93 -35.00 54.78
CA ILE N 296 -24.51 -36.33 54.37
C ILE N 296 -23.75 -36.88 55.56
N PRO N 297 -23.64 -38.20 55.72
CA PRO N 297 -22.86 -38.72 56.83
C PRO N 297 -21.39 -38.66 56.55
N ASN N 298 -21.02 -38.56 55.29
CA ASN N 298 -19.68 -38.81 54.83
C ASN N 298 -19.09 -37.51 54.34
N ALA N 299 -19.34 -36.46 55.11
CA ALA N 299 -18.91 -35.12 54.76
C ALA N 299 -17.40 -34.97 54.75
N MET N 300 -16.73 -35.68 55.63
CA MET N 300 -15.30 -35.42 55.84
C MET N 300 -14.49 -35.89 54.65
N GLU N 301 -14.99 -36.94 53.98
CA GLU N 301 -14.39 -37.47 52.76
C GLU N 301 -14.21 -36.40 51.70
N PHE N 302 -15.21 -35.52 51.60
CA PHE N 302 -15.11 -34.39 50.70
C PHE N 302 -13.99 -33.46 51.10
N ALA N 303 -13.94 -33.09 52.38
CA ALA N 303 -12.85 -32.26 52.87
C ALA N 303 -11.53 -32.97 52.76
N GLU N 304 -11.53 -34.27 53.03
CA GLU N 304 -10.33 -35.07 52.88
C GLU N 304 -9.89 -35.14 51.42
N TRP N 305 -10.83 -35.03 50.50
CA TRP N 305 -10.48 -34.98 49.09
C TRP N 305 -9.96 -33.60 48.71
N ILE N 306 -10.62 -32.54 49.20
CA ILE N 306 -10.33 -31.21 48.69
C ILE N 306 -8.99 -30.71 49.20
N CYS N 307 -8.70 -31.01 50.46
CA CYS N 307 -7.60 -30.37 51.17
C CYS N 307 -6.25 -30.72 50.57
N LYS N 308 -6.15 -31.90 49.96
CA LYS N 308 -4.96 -32.16 49.18
C LYS N 308 -4.97 -31.39 47.89
N ILE N 309 -6.02 -31.58 47.10
CA ILE N 309 -5.99 -31.23 45.68
C ILE N 309 -6.03 -29.74 45.42
N HIS N 310 -6.22 -28.91 46.43
CA HIS N 310 -5.99 -27.49 46.29
C HIS N 310 -5.15 -26.95 47.43
N SER N 311 -4.73 -27.83 48.34
CA SER N 311 -3.55 -27.64 49.18
C SER N 311 -3.70 -26.45 50.12
N GLN N 312 -4.79 -26.48 50.87
CA GLN N 312 -5.06 -25.47 51.87
C GLN N 312 -6.02 -26.14 52.85
N PRO N 313 -6.11 -25.67 54.10
CA PRO N 313 -7.03 -26.31 55.05
C PRO N 313 -8.48 -26.12 54.66
N CYS N 314 -9.33 -27.03 55.14
CA CYS N 314 -10.77 -26.88 54.98
C CYS N 314 -11.47 -27.40 56.22
N HIS N 315 -12.30 -26.56 56.82
CA HIS N 315 -13.06 -26.95 58.00
C HIS N 315 -14.32 -27.70 57.60
N ILE N 316 -14.86 -28.46 58.55
CA ILE N 316 -16.20 -28.99 58.39
C ILE N 316 -17.04 -28.54 59.58
N VAL N 317 -18.33 -28.38 59.35
CA VAL N 317 -19.31 -28.21 60.40
C VAL N 317 -20.50 -29.07 60.03
N TYR N 318 -20.81 -30.05 60.88
CA TYR N 318 -22.04 -30.79 60.75
C TYR N 318 -23.03 -30.31 61.79
N THR N 319 -24.31 -30.27 61.39
CA THR N 319 -25.37 -30.30 62.38
C THR N 319 -26.50 -31.14 61.84
N ASN N 320 -27.37 -31.56 62.75
CA ASN N 320 -28.62 -32.20 62.42
C ASN N 320 -29.82 -31.39 62.85
N PHE N 321 -29.65 -30.08 62.98
CA PHE N 321 -30.59 -29.21 63.69
C PHE N 321 -31.96 -29.18 63.04
N ARG N 322 -32.99 -29.04 63.86
CA ARG N 322 -34.35 -28.91 63.38
C ARG N 322 -34.89 -27.52 63.69
N PRO N 323 -35.05 -26.68 62.68
CA PRO N 323 -35.64 -25.35 62.88
C PRO N 323 -37.05 -25.31 63.43
N THR N 324 -38.02 -25.83 62.68
CA THR N 324 -39.38 -25.90 63.16
C THR N 324 -39.76 -27.36 63.28
N PRO N 325 -40.48 -27.74 64.32
CA PRO N 325 -40.42 -29.14 64.76
C PRO N 325 -41.44 -30.02 64.06
N LEU N 326 -40.98 -31.20 63.65
CA LEU N 326 -41.69 -32.05 62.70
C LEU N 326 -42.48 -33.14 63.40
N GLN N 327 -43.61 -33.51 62.81
CA GLN N 327 -44.56 -34.45 63.39
C GLN N 327 -45.10 -35.37 62.31
N HIS N 328 -44.68 -36.62 62.33
CA HIS N 328 -44.90 -37.58 61.26
C HIS N 328 -46.19 -38.35 61.51
N TYR N 329 -47.06 -38.39 60.52
CA TYR N 329 -48.35 -39.03 60.71
C TYR N 329 -48.63 -40.04 59.62
N LEU N 330 -49.42 -41.05 59.98
CA LEU N 330 -49.79 -42.12 59.08
C LEU N 330 -51.28 -42.15 58.86
N PHE N 331 -51.67 -42.00 57.61
CA PHE N 331 -53.05 -42.17 57.17
C PHE N 331 -53.08 -43.40 56.30
N PRO N 332 -53.64 -44.51 56.76
CA PRO N 332 -54.02 -45.56 55.84
C PRO N 332 -55.11 -45.04 54.92
N ALA N 333 -54.89 -45.18 53.62
CA ALA N 333 -55.92 -44.85 52.65
C ALA N 333 -57.15 -45.71 52.90
N HIS N 334 -58.26 -45.04 53.19
CA HIS N 334 -59.55 -45.53 53.67
C HIS N 334 -59.49 -46.12 55.08
N GLY N 335 -58.32 -46.15 55.72
CA GLY N 335 -58.21 -46.41 57.13
C GLY N 335 -58.35 -45.09 57.88
N ASP N 336 -58.65 -45.22 59.18
CA ASP N 336 -59.06 -44.05 59.93
C ASP N 336 -58.12 -43.72 61.07
N GLY N 337 -57.08 -44.49 61.27
CA GLY N 337 -56.08 -44.15 62.25
C GLY N 337 -55.19 -43.01 61.77
N ILE N 338 -54.90 -42.10 62.69
CA ILE N 338 -54.04 -40.97 62.38
C ILE N 338 -52.99 -40.86 63.48
N TYR N 339 -51.79 -41.29 63.18
CA TYR N 339 -50.86 -41.74 64.20
C TYR N 339 -49.53 -41.01 64.09
N LEU N 340 -49.25 -40.20 65.10
CA LEU N 340 -47.90 -39.72 65.31
C LEU N 340 -47.04 -40.93 65.62
N VAL N 341 -46.23 -41.32 64.66
CA VAL N 341 -45.31 -42.42 64.87
C VAL N 341 -43.88 -41.94 65.02
N VAL N 342 -43.57 -40.73 64.59
CA VAL N 342 -42.28 -40.13 64.86
C VAL N 342 -42.53 -38.75 65.44
N ASP N 343 -42.11 -38.56 66.68
CA ASP N 343 -42.29 -37.31 67.39
C ASP N 343 -41.33 -36.24 66.87
N GLU N 344 -41.32 -35.09 67.55
CA GLU N 344 -40.28 -34.13 67.30
C GLU N 344 -38.95 -34.57 67.87
N LYS N 345 -38.97 -35.39 68.92
CA LYS N 345 -37.77 -36.02 69.42
C LYS N 345 -37.40 -37.28 68.67
N SER N 346 -37.99 -37.49 67.49
CA SER N 346 -37.47 -38.35 66.45
C SER N 346 -37.43 -39.80 66.89
N THR N 347 -38.47 -40.24 67.57
CA THR N 347 -38.51 -41.57 68.12
C THR N 347 -39.53 -42.39 67.36
N PHE N 348 -39.13 -43.57 66.93
CA PHE N 348 -40.08 -44.47 66.29
C PHE N 348 -41.06 -44.98 67.32
N ARG N 349 -42.32 -44.59 67.15
CA ARG N 349 -43.39 -45.23 67.91
C ARG N 349 -43.67 -46.55 67.23
N GLU N 350 -43.34 -47.63 67.92
CA GLU N 350 -43.72 -48.95 67.46
C GLU N 350 -45.23 -49.08 67.47
N GLU N 351 -45.84 -48.71 68.58
CA GLU N 351 -47.23 -49.09 68.84
C GLU N 351 -48.20 -48.34 67.96
N ASN N 352 -47.99 -47.03 67.78
CA ASN N 352 -48.80 -46.23 66.85
C ASN N 352 -48.67 -46.77 65.44
N PHE N 353 -47.44 -47.09 65.03
CA PHE N 353 -47.20 -47.81 63.79
C PHE N 353 -47.93 -49.14 63.78
N GLN N 354 -47.92 -49.84 64.89
CA GLN N 354 -48.60 -51.11 64.94
C GLN N 354 -50.09 -50.92 65.13
N LYS N 355 -50.48 -49.79 65.71
CA LYS N 355 -51.86 -49.32 65.54
C LYS N 355 -52.11 -48.92 64.09
N ALA N 356 -51.12 -48.33 63.43
CA ALA N 356 -51.28 -48.06 62.01
C ALA N 356 -51.25 -49.37 61.22
N MET N 357 -50.50 -50.35 61.70
CA MET N 357 -50.68 -51.70 61.18
C MET N 357 -52.06 -52.23 61.50
N ALA N 358 -52.60 -51.88 62.67
CA ALA N 358 -53.96 -52.28 62.98
C ALA N 358 -54.97 -51.52 62.14
N SER N 359 -54.75 -50.23 61.90
CA SER N 359 -55.74 -49.39 61.24
C SER N 359 -55.74 -49.53 59.72
N ILE N 360 -54.86 -50.35 59.16
CA ILE N 360 -54.98 -50.70 57.75
C ILE N 360 -55.98 -51.83 57.62
N SER N 361 -57.11 -51.54 56.98
CA SER N 361 -58.22 -52.47 56.87
C SER N 361 -58.03 -53.46 55.72
N GLY N 392 -59.46 -38.27 46.55
CA GLY N 392 -60.47 -39.19 47.03
C GLY N 392 -60.55 -39.20 48.53
N ASP N 393 -59.58 -39.90 49.14
CA ASP N 393 -59.54 -39.97 50.59
C ASP N 393 -59.11 -38.64 51.17
N ILE N 394 -58.39 -37.88 50.35
CA ILE N 394 -57.84 -36.58 50.68
C ILE N 394 -58.93 -35.60 51.05
N TYR N 395 -60.12 -35.78 50.48
CA TYR N 395 -61.15 -34.76 50.60
C TYR N 395 -61.69 -34.71 52.02
N LYS N 396 -61.67 -35.85 52.71
CA LYS N 396 -61.89 -35.84 54.14
C LYS N 396 -60.78 -35.09 54.85
N ILE N 397 -59.55 -35.35 54.41
CA ILE N 397 -58.37 -34.97 55.18
C ILE N 397 -58.20 -33.47 55.17
N VAL N 398 -58.50 -32.85 54.04
CA VAL N 398 -58.12 -31.47 53.81
C VAL N 398 -59.01 -30.52 54.58
N LYS N 399 -60.32 -30.72 54.50
CA LYS N 399 -61.24 -29.88 55.25
C LYS N 399 -61.06 -30.07 56.75
N MET N 400 -60.68 -31.28 57.16
CA MET N 400 -60.20 -31.51 58.52
C MET N 400 -58.94 -30.72 58.80
N ILE N 401 -57.98 -30.77 57.90
CA ILE N 401 -56.80 -29.93 58.00
C ILE N 401 -57.19 -28.46 57.91
N TRP N 402 -58.18 -28.16 57.06
CA TRP N 402 -58.73 -26.81 57.06
C TRP N 402 -59.48 -26.54 58.35
N LYS N 403 -60.12 -27.55 58.94
CA LYS N 403 -60.61 -27.36 60.29
C LYS N 403 -59.44 -27.25 61.27
N LYS N 404 -58.37 -27.99 61.01
CA LYS N 404 -57.16 -27.85 61.80
C LYS N 404 -56.40 -26.56 61.52
N LYS N 405 -56.74 -25.88 60.41
CA LYS N 405 -56.09 -24.63 59.96
C LYS N 405 -54.61 -24.83 59.72
N TYR N 406 -54.27 -25.92 59.04
CA TYR N 406 -52.87 -26.21 58.81
C TYR N 406 -52.43 -25.79 57.41
N ASN N 407 -53.09 -24.80 56.86
CA ASN N 407 -52.69 -24.10 55.65
C ASN N 407 -51.37 -23.38 55.81
N PRO N 408 -50.48 -23.47 54.82
CA PRO N 408 -50.61 -24.14 53.53
C PRO N 408 -50.38 -25.64 53.60
N VAL N 409 -50.77 -26.32 52.53
CA VAL N 409 -50.67 -27.77 52.46
C VAL N 409 -50.26 -28.17 51.06
N ILE N 410 -49.28 -29.07 50.99
CA ILE N 410 -48.68 -29.45 49.72
C ILE N 410 -48.89 -30.93 49.48
N VAL N 411 -49.42 -31.24 48.30
CA VAL N 411 -49.72 -32.59 47.85
C VAL N 411 -48.54 -33.07 47.04
N PHE N 412 -48.09 -34.29 47.28
CA PHE N 412 -47.03 -34.85 46.45
C PHE N 412 -47.43 -36.13 45.75
N SER N 413 -47.46 -36.07 44.42
CA SER N 413 -47.58 -37.24 43.57
C SER N 413 -46.19 -37.75 43.24
N PHE N 414 -46.16 -38.84 42.49
CA PHE N 414 -44.96 -39.28 41.81
C PHE N 414 -45.06 -39.12 40.29
N SER N 415 -46.06 -38.38 39.80
CA SER N 415 -46.21 -38.12 38.38
C SER N 415 -47.10 -36.89 38.19
N LYS N 416 -46.89 -36.19 37.07
CA LYS N 416 -47.53 -34.89 36.87
C LYS N 416 -49.02 -35.03 36.66
N ARG N 417 -49.43 -36.06 35.91
CA ARG N 417 -50.83 -36.18 35.52
C ARG N 417 -51.70 -36.54 36.72
N ASP N 418 -51.11 -37.20 37.71
CA ASP N 418 -51.85 -37.60 38.91
C ASP N 418 -52.36 -36.40 39.68
N CYS N 419 -51.57 -35.31 39.70
CA CYS N 419 -51.99 -34.10 40.40
C CYS N 419 -53.23 -33.49 39.76
N GLU N 420 -53.31 -33.50 38.44
CA GLU N 420 -54.43 -32.90 37.71
C GLU N 420 -55.71 -33.66 38.00
N GLU N 421 -55.58 -34.97 38.17
CA GLU N 421 -56.66 -35.81 38.67
C GLU N 421 -56.99 -35.43 40.10
N LEU N 422 -55.96 -35.37 40.93
CA LEU N 422 -56.12 -35.00 42.32
C LEU N 422 -56.55 -33.55 42.46
N ALA N 423 -56.29 -32.73 41.45
CA ALA N 423 -56.90 -31.42 41.39
C ALA N 423 -58.41 -31.53 41.26
N LEU N 424 -58.87 -32.44 40.42
CA LEU N 424 -60.31 -32.55 40.20
C LEU N 424 -61.00 -33.26 41.34
N LYS N 425 -60.28 -34.11 42.07
CA LYS N 425 -60.87 -34.84 43.19
C LYS N 425 -61.13 -33.96 44.40
N MET N 426 -60.73 -32.70 44.37
CA MET N 426 -60.81 -31.84 45.52
C MET N 426 -61.56 -30.55 45.30
N SER N 427 -61.94 -30.25 44.06
CA SER N 427 -62.20 -28.87 43.67
C SER N 427 -63.61 -28.35 43.94
N LYS N 428 -64.35 -28.98 44.86
CA LYS N 428 -65.67 -28.44 45.22
C LYS N 428 -65.54 -27.36 46.30
N LEU N 429 -64.35 -27.20 46.84
CA LEU N 429 -64.10 -26.25 47.90
C LEU N 429 -63.74 -24.87 47.32
N ASP N 430 -63.40 -23.94 48.21
CA ASP N 430 -62.85 -22.64 47.86
C ASP N 430 -62.16 -22.05 49.08
N PHE N 431 -61.00 -21.41 48.89
CA PHE N 431 -60.27 -20.86 50.04
C PHE N 431 -59.64 -19.50 49.79
N ASN N 432 -60.33 -18.60 49.10
CA ASN N 432 -60.00 -17.18 49.09
C ASN N 432 -61.27 -16.35 49.16
N SER N 433 -61.20 -15.21 49.84
CA SER N 433 -62.29 -14.27 49.80
C SER N 433 -62.35 -13.64 48.43
N ASP N 434 -63.52 -13.09 48.09
CA ASP N 434 -63.63 -12.43 46.80
C ASP N 434 -62.88 -11.11 46.78
N ASP N 435 -62.64 -10.52 47.95
CA ASP N 435 -61.60 -9.51 48.05
C ASP N 435 -60.25 -10.08 47.63
N GLU N 436 -59.87 -11.22 48.22
CA GLU N 436 -58.65 -11.88 47.81
C GLU N 436 -58.73 -12.40 46.39
N LYS N 437 -59.92 -12.84 45.96
CA LYS N 437 -60.03 -13.31 44.59
C LYS N 437 -59.98 -12.16 43.61
N GLU N 438 -60.46 -10.99 44.00
CA GLU N 438 -60.13 -9.79 43.24
C GLU N 438 -58.63 -9.52 43.33
N ALA N 439 -58.06 -9.70 44.52
CA ALA N 439 -56.63 -9.53 44.69
C ALA N 439 -55.86 -10.63 43.99
N LEU N 440 -56.49 -11.80 43.83
CA LEU N 440 -55.95 -12.81 42.94
C LEU N 440 -55.96 -12.31 41.52
N THR N 441 -57.16 -11.99 41.03
CA THR N 441 -57.38 -11.88 39.59
C THR N 441 -56.71 -10.67 39.00
N LYS N 442 -56.81 -9.53 39.69
CA LYS N 442 -56.21 -8.29 39.23
C LYS N 442 -54.71 -8.42 39.05
N ILE N 443 -54.04 -8.98 40.05
CA ILE N 443 -52.61 -9.19 39.96
C ILE N 443 -52.30 -10.26 38.94
N PHE N 444 -53.21 -11.23 38.82
CA PHE N 444 -53.04 -12.30 37.84
C PHE N 444 -53.01 -11.76 36.43
N ASN N 445 -53.82 -10.74 36.15
CA ASN N 445 -53.86 -10.24 34.80
C ASN N 445 -52.59 -9.47 34.48
N ASN N 446 -51.96 -8.91 35.50
CA ASN N 446 -50.66 -8.31 35.33
C ASN N 446 -49.61 -9.35 34.98
N ALA N 447 -49.81 -10.59 35.43
CA ALA N 447 -48.97 -11.65 34.92
C ALA N 447 -49.28 -11.92 33.46
N ILE N 448 -50.54 -11.77 33.07
CA ILE N 448 -50.88 -12.02 31.68
C ILE N 448 -50.68 -10.76 30.87
N ALA N 449 -50.42 -9.65 31.56
CA ALA N 449 -50.13 -8.40 30.87
C ALA N 449 -48.82 -8.44 30.08
N LEU N 450 -47.85 -9.24 30.50
CA LEU N 450 -46.60 -9.31 29.78
C LEU N 450 -46.63 -10.31 28.62
N LEU N 451 -47.81 -10.71 28.17
CA LEU N 451 -47.94 -11.52 26.99
C LEU N 451 -48.69 -10.75 25.91
N PRO N 452 -48.60 -11.21 24.66
CA PRO N 452 -49.47 -10.65 23.62
C PRO N 452 -50.93 -11.00 23.88
N GLU N 453 -51.81 -10.16 23.31
CA GLU N 453 -53.24 -10.35 23.53
C GLU N 453 -53.75 -11.59 22.82
N THR N 454 -53.13 -11.93 21.69
CA THR N 454 -53.31 -13.24 21.10
C THR N 454 -52.86 -14.33 22.06
N ASP N 455 -51.79 -14.10 22.79
CA ASP N 455 -51.34 -15.06 23.78
C ASP N 455 -52.12 -14.96 25.08
N ARG N 456 -52.92 -13.91 25.26
CA ARG N 456 -53.69 -13.80 26.50
C ARG N 456 -54.89 -14.73 26.53
N GLU N 457 -55.11 -15.56 25.52
CA GLU N 457 -56.24 -16.48 25.52
C GLU N 457 -55.83 -17.92 25.35
N LEU N 458 -54.65 -18.30 25.79
CA LEU N 458 -54.15 -19.63 25.48
C LEU N 458 -54.83 -20.67 26.36
N PRO N 459 -55.11 -21.86 25.83
CA PRO N 459 -56.18 -22.70 26.40
C PRO N 459 -55.89 -23.26 27.77
N GLN N 460 -54.69 -23.78 27.98
CA GLN N 460 -54.36 -24.45 29.24
C GLN N 460 -54.47 -23.51 30.42
N ILE N 461 -54.20 -22.24 30.21
CA ILE N 461 -54.25 -21.28 31.30
C ILE N 461 -55.70 -20.88 31.56
N LYS N 462 -56.55 -20.96 30.54
CA LYS N 462 -57.98 -20.76 30.76
C LYS N 462 -58.52 -21.81 31.71
N HIS N 463 -58.13 -23.06 31.51
CA HIS N 463 -58.60 -24.17 32.30
C HIS N 463 -58.16 -24.10 33.74
N ILE N 464 -56.88 -23.81 33.99
CA ILE N 464 -56.35 -23.95 35.33
C ILE N 464 -56.76 -22.80 36.24
N LEU N 465 -57.06 -21.63 35.67
CA LEU N 465 -57.31 -20.43 36.44
C LEU N 465 -58.47 -20.51 37.45
N PRO N 466 -59.62 -21.17 37.18
CA PRO N 466 -60.60 -21.31 38.27
C PRO N 466 -60.13 -22.19 39.42
N LEU N 467 -59.34 -23.22 39.15
CA LEU N 467 -58.66 -23.93 40.22
C LEU N 467 -57.72 -22.98 40.94
N LEU N 468 -57.01 -22.16 40.16
CA LEU N 468 -56.18 -21.12 40.74
C LEU N 468 -57.03 -20.07 41.42
N ARG N 469 -58.27 -19.85 40.94
CA ARG N 469 -59.17 -18.98 41.68
C ARG N 469 -59.60 -19.62 42.99
N ARG N 470 -59.61 -20.94 43.05
CA ARG N 470 -60.18 -21.58 44.22
C ARG N 470 -59.20 -21.73 45.37
N GLY N 471 -58.14 -20.93 45.42
CA GLY N 471 -57.16 -21.09 46.48
C GLY N 471 -56.34 -22.33 46.30
N ILE N 472 -56.23 -22.84 45.08
CA ILE N 472 -55.65 -24.15 44.81
C ILE N 472 -54.57 -23.98 43.75
N GLY N 473 -53.41 -24.58 43.98
CA GLY N 473 -52.33 -24.56 43.02
C GLY N 473 -51.75 -25.94 42.73
N ILE N 474 -51.12 -26.07 41.57
CA ILE N 474 -50.48 -27.30 41.13
C ILE N 474 -49.04 -26.97 40.79
N HIS N 475 -48.12 -27.88 41.12
CA HIS N 475 -46.71 -27.67 40.78
C HIS N 475 -46.21 -28.85 39.97
N HIS N 476 -45.67 -28.56 38.79
CA HIS N 476 -44.91 -29.49 37.99
C HIS N 476 -44.27 -28.68 36.87
N SER N 477 -43.39 -29.33 36.12
CA SER N 477 -42.63 -28.62 35.10
C SER N 477 -43.46 -28.24 33.91
N GLY N 478 -44.43 -29.08 33.53
CA GLY N 478 -45.10 -29.00 32.26
C GLY N 478 -45.85 -27.72 31.99
N LEU N 479 -46.08 -26.91 33.01
CA LEU N 479 -46.67 -25.60 32.81
C LEU N 479 -45.71 -24.67 32.08
N LEU N 480 -46.19 -23.48 31.82
CA LEU N 480 -45.32 -22.47 31.26
C LEU N 480 -44.46 -21.89 32.38
N PRO N 481 -43.28 -21.37 32.07
CA PRO N 481 -42.45 -20.77 33.13
C PRO N 481 -43.12 -19.57 33.77
N ILE N 482 -43.83 -18.79 32.95
CA ILE N 482 -44.64 -17.71 33.48
C ILE N 482 -45.73 -18.25 34.39
N LEU N 483 -46.25 -19.44 34.09
CA LEU N 483 -47.17 -20.06 35.03
C LEU N 483 -46.42 -20.53 36.26
N LYS N 484 -45.20 -21.05 36.07
CA LYS N 484 -44.45 -21.61 37.18
C LYS N 484 -44.09 -20.56 38.21
N GLU N 485 -43.89 -19.33 37.75
CA GLU N 485 -43.52 -18.32 38.72
C GLU N 485 -44.71 -17.73 39.45
N VAL N 486 -45.86 -17.57 38.77
CA VAL N 486 -46.97 -16.83 39.40
C VAL N 486 -47.58 -17.63 40.53
N ILE N 487 -47.59 -18.95 40.42
CA ILE N 487 -48.17 -19.84 41.41
C ILE N 487 -47.43 -19.72 42.72
N GLU N 488 -46.10 -19.84 42.63
CA GLU N 488 -45.24 -19.90 43.78
C GLU N 488 -45.27 -18.59 44.55
N ILE N 489 -45.38 -17.48 43.82
CA ILE N 489 -45.68 -16.19 44.41
C ILE N 489 -46.94 -16.27 45.24
N LEU N 490 -48.03 -16.70 44.62
CA LEU N 490 -49.30 -16.77 45.30
C LEU N 490 -49.29 -17.87 46.34
N PHE N 491 -48.44 -18.87 46.13
CA PHE N 491 -48.14 -19.77 47.22
C PHE N 491 -47.39 -19.04 48.31
N GLN N 492 -46.35 -18.30 47.95
CA GLN N 492 -45.59 -17.55 48.95
C GLN N 492 -46.44 -16.44 49.53
N GLU N 493 -47.43 -15.98 48.79
CA GLU N 493 -48.35 -15.08 49.44
C GLU N 493 -49.65 -15.76 49.81
N GLY N 494 -49.64 -17.09 49.85
CA GLY N 494 -50.62 -17.83 50.63
C GLY N 494 -52.03 -17.82 50.11
N PHE N 495 -52.28 -17.19 48.96
CA PHE N 495 -53.57 -17.28 48.30
C PHE N 495 -53.94 -18.71 47.96
N LEU N 496 -52.95 -19.53 47.66
CA LEU N 496 -53.17 -20.88 47.23
C LEU N 496 -52.76 -21.80 48.35
N LYS N 497 -53.73 -22.20 49.17
CA LYS N 497 -53.49 -23.05 50.32
C LYS N 497 -53.00 -24.43 49.94
N VAL N 498 -53.31 -24.84 48.72
CA VAL N 498 -53.09 -26.19 48.25
C VAL N 498 -51.99 -26.13 47.22
N LEU N 499 -51.07 -27.08 47.28
CA LEU N 499 -50.13 -27.26 46.18
C LEU N 499 -50.07 -28.72 45.79
N PHE N 500 -50.30 -29.00 44.51
CA PHE N 500 -50.17 -30.34 43.95
C PHE N 500 -48.80 -30.44 43.29
N ALA N 501 -47.84 -31.06 43.98
CA ALA N 501 -46.43 -30.83 43.65
C ALA N 501 -45.67 -32.10 43.34
N THR N 502 -44.57 -31.92 42.62
CA THR N 502 -43.52 -32.90 42.37
C THR N 502 -42.16 -32.40 42.83
N GLU N 503 -41.12 -33.10 42.38
CA GLU N 503 -39.79 -33.02 42.97
C GLU N 503 -39.05 -31.71 42.69
N THR N 504 -39.51 -30.86 41.78
CA THR N 504 -38.84 -29.56 41.66
C THR N 504 -39.08 -28.71 42.89
N PHE N 505 -40.32 -28.67 43.36
CA PHE N 505 -40.66 -27.84 44.49
C PHE N 505 -40.09 -28.41 45.79
N SER N 506 -39.78 -29.70 45.79
CA SER N 506 -38.95 -30.26 46.84
C SER N 506 -37.60 -29.58 46.87
N ILE N 507 -37.01 -29.34 45.70
CA ILE N 507 -35.75 -28.62 45.65
C ILE N 507 -36.01 -27.12 45.63
N GLY N 508 -37.11 -26.71 45.01
CA GLY N 508 -37.50 -25.31 44.97
C GLY N 508 -37.80 -24.76 46.35
N LEU N 509 -36.85 -24.02 46.88
CA LEU N 509 -36.97 -23.52 48.24
C LEU N 509 -37.48 -22.09 48.23
N ASN N 510 -37.34 -21.43 49.39
CA ASN N 510 -37.78 -20.06 49.64
C ASN N 510 -39.28 -19.91 49.40
N MET N 511 -40.02 -20.98 49.64
CA MET N 511 -41.45 -21.03 49.43
C MET N 511 -41.97 -22.03 50.43
N PRO N 512 -42.10 -21.63 51.69
CA PRO N 512 -42.21 -22.60 52.77
C PRO N 512 -43.62 -23.14 52.89
N ALA N 513 -43.73 -24.24 53.61
CA ALA N 513 -45.02 -24.87 53.81
C ALA N 513 -45.35 -24.98 55.28
N LYS N 514 -46.55 -25.49 55.53
CA LYS N 514 -46.93 -25.90 56.87
C LYS N 514 -47.26 -27.39 56.91
N THR N 515 -47.74 -27.91 55.79
CA THR N 515 -48.27 -29.27 55.75
C THR N 515 -47.85 -29.95 54.46
N VAL N 516 -47.31 -31.16 54.59
CA VAL N 516 -46.77 -31.90 53.46
C VAL N 516 -47.50 -33.23 53.36
N VAL N 517 -48.00 -33.55 52.18
CA VAL N 517 -48.80 -34.75 51.97
C VAL N 517 -48.03 -35.70 51.07
N PHE N 518 -47.89 -36.93 51.52
CA PHE N 518 -47.25 -37.98 50.75
C PHE N 518 -48.32 -38.91 50.21
N THR N 519 -48.72 -38.68 48.97
CA THR N 519 -49.78 -39.47 48.38
C THR N 519 -49.30 -40.81 47.86
N SER N 520 -48.21 -40.81 47.12
CA SER N 520 -47.58 -42.06 46.75
C SER N 520 -46.38 -42.24 47.65
N VAL N 521 -46.42 -43.30 48.44
CA VAL N 521 -45.26 -43.70 49.21
C VAL N 521 -44.08 -44.01 48.31
N ARG N 522 -44.21 -44.99 47.43
CA ARG N 522 -43.15 -45.33 46.53
C ARG N 522 -43.08 -44.31 45.41
N LYS N 523 -42.03 -44.44 44.60
CA LYS N 523 -41.74 -43.50 43.55
C LYS N 523 -40.79 -44.17 42.56
N TRP N 524 -40.95 -43.84 41.28
CA TRP N 524 -40.16 -44.45 40.21
C TRP N 524 -38.79 -43.79 40.19
N ASP N 525 -37.72 -44.59 40.16
CA ASP N 525 -36.37 -44.08 40.19
C ASP N 525 -35.61 -44.26 38.88
N GLY N 526 -36.30 -44.27 37.74
CA GLY N 526 -35.73 -44.62 36.47
C GLY N 526 -35.75 -46.11 36.19
N GLN N 527 -35.76 -46.92 37.22
CA GLN N 527 -35.75 -48.37 37.10
C GLN N 527 -36.88 -49.04 37.84
N GLN N 528 -37.37 -48.44 38.93
CA GLN N 528 -38.32 -49.11 39.80
C GLN N 528 -39.15 -48.09 40.56
N PHE N 529 -40.45 -48.35 40.60
CA PHE N 529 -41.39 -47.68 41.52
C PHE N 529 -41.06 -48.17 42.91
N ARG N 530 -40.05 -47.57 43.52
CA ARG N 530 -39.43 -48.12 44.70
C ARG N 530 -39.85 -47.34 45.93
N TRP N 531 -39.92 -48.08 47.03
CA TRP N 531 -39.80 -47.49 48.36
C TRP N 531 -38.67 -46.47 48.40
N VAL N 532 -39.06 -45.21 48.60
CA VAL N 532 -38.16 -44.08 48.60
C VAL N 532 -37.12 -44.19 49.72
N SER N 533 -35.86 -43.97 49.38
CA SER N 533 -34.81 -44.10 50.38
C SER N 533 -34.81 -42.90 51.32
N GLY N 534 -33.89 -42.93 52.29
CA GLY N 534 -33.91 -42.07 53.45
C GLY N 534 -33.75 -40.60 53.18
N GLY N 535 -32.55 -40.18 52.76
CA GLY N 535 -32.25 -38.77 52.60
C GLY N 535 -33.02 -38.12 51.47
N GLU N 536 -33.51 -38.94 50.54
CA GLU N 536 -34.60 -38.52 49.67
C GLU N 536 -35.75 -37.95 50.47
N TYR N 537 -36.34 -38.78 51.32
CA TYR N 537 -37.43 -38.36 52.19
C TYR N 537 -36.99 -37.27 53.16
N ILE N 538 -35.71 -37.25 53.54
CA ILE N 538 -35.26 -36.22 54.46
C ILE N 538 -35.20 -34.88 53.74
N GLN N 539 -34.62 -34.87 52.54
CA GLN N 539 -34.82 -33.75 51.64
C GLN N 539 -36.28 -33.51 51.36
N MET N 540 -37.04 -34.57 51.17
CA MET N 540 -38.47 -34.39 51.00
C MET N 540 -39.19 -34.18 52.32
N SER N 541 -38.48 -33.95 53.40
CA SER N 541 -39.18 -33.64 54.62
C SER N 541 -39.38 -32.14 54.83
N GLY N 542 -38.29 -31.39 54.99
CA GLY N 542 -38.31 -30.23 55.88
C GLY N 542 -39.08 -29.03 55.39
N ARG N 543 -39.76 -29.15 54.26
CA ARG N 543 -40.32 -28.01 53.54
C ARG N 543 -41.50 -27.40 54.27
N ALA N 544 -42.06 -28.10 55.25
CA ALA N 544 -43.13 -27.56 56.07
C ALA N 544 -42.54 -26.85 57.27
N GLY N 545 -43.20 -25.79 57.71
CA GLY N 545 -42.88 -25.14 58.96
C GLY N 545 -42.09 -23.87 58.80
N ARG N 546 -42.81 -22.75 58.79
CA ARG N 546 -42.22 -21.42 58.72
C ARG N 546 -41.54 -21.09 60.04
N ARG N 547 -40.39 -20.40 59.93
CA ARG N 547 -39.46 -20.29 61.04
C ARG N 547 -40.04 -19.45 62.16
N GLY N 548 -40.34 -18.19 61.87
CA GLY N 548 -40.92 -17.34 62.88
C GLY N 548 -42.42 -17.49 63.01
N LEU N 549 -43.03 -18.26 62.12
CA LEU N 549 -44.49 -18.23 62.11
C LEU N 549 -45.11 -19.55 62.50
N ASP N 550 -44.78 -20.64 61.82
CA ASP N 550 -45.42 -21.92 62.09
C ASP N 550 -44.94 -22.47 63.41
N ASP N 551 -45.88 -23.01 64.17
CA ASP N 551 -45.56 -23.60 65.45
C ASP N 551 -44.71 -24.85 65.27
N ARG N 552 -45.11 -25.70 64.33
CA ARG N 552 -44.50 -27.01 64.14
C ARG N 552 -44.24 -27.29 62.67
N GLY N 553 -44.00 -28.57 62.39
CA GLY N 553 -44.03 -29.09 61.04
C GLY N 553 -44.97 -30.26 60.96
N ILE N 554 -45.87 -30.26 59.98
CA ILE N 554 -46.92 -31.27 59.87
C ILE N 554 -46.57 -32.24 58.76
N VAL N 555 -46.31 -33.48 59.14
CA VAL N 555 -45.89 -34.50 58.19
C VAL N 555 -46.94 -35.58 58.15
N ILE N 556 -47.60 -35.72 57.01
CA ILE N 556 -48.69 -36.66 56.83
C ILE N 556 -48.43 -37.47 55.58
N MET N 557 -48.41 -38.78 55.74
CA MET N 557 -48.12 -39.71 54.66
C MET N 557 -49.27 -40.69 54.50
N MET N 558 -49.88 -40.70 53.31
CA MET N 558 -50.87 -41.71 53.00
C MET N 558 -50.20 -42.98 52.51
N ILE N 559 -50.54 -44.10 53.13
CA ILE N 559 -49.93 -45.38 52.82
C ILE N 559 -51.01 -46.31 52.30
N ASP N 560 -50.62 -47.30 51.50
CA ASP N 560 -51.56 -48.32 51.05
C ASP N 560 -50.91 -49.71 51.08
N GLU N 561 -50.06 -49.93 52.09
CA GLU N 561 -49.56 -51.26 52.35
C GLU N 561 -49.11 -51.33 53.80
N LYS N 562 -49.32 -52.48 54.42
CA LYS N 562 -48.77 -52.72 55.74
C LYS N 562 -47.26 -52.92 55.57
N MET N 563 -46.51 -51.83 55.61
CA MET N 563 -45.09 -51.87 55.30
C MET N 563 -44.32 -52.61 56.39
N GLU N 564 -43.20 -53.20 55.98
CA GLU N 564 -42.25 -53.77 56.92
C GLU N 564 -41.76 -52.68 57.87
N PRO N 565 -41.54 -53.03 59.15
CA PRO N 565 -41.28 -51.97 60.16
C PRO N 565 -40.00 -51.19 59.94
N GLN N 566 -38.92 -51.84 59.50
CA GLN N 566 -37.67 -51.12 59.33
C GLN N 566 -37.68 -50.28 58.07
N VAL N 567 -38.63 -50.54 57.16
CA VAL N 567 -38.66 -49.79 55.92
C VAL N 567 -39.27 -48.42 56.15
N ALA N 568 -40.39 -48.39 56.86
CA ALA N 568 -40.96 -47.12 57.30
C ALA N 568 -40.00 -46.38 58.21
N LYS N 569 -39.24 -47.12 59.02
CA LYS N 569 -38.05 -46.54 59.64
C LYS N 569 -37.11 -46.02 58.57
N GLY N 570 -36.63 -46.92 57.71
CA GLY N 570 -35.63 -46.59 56.70
C GLY N 570 -36.09 -45.56 55.70
N MET N 571 -37.40 -45.40 55.57
CA MET N 571 -37.97 -44.21 54.93
C MET N 571 -38.04 -43.03 55.86
N VAL N 572 -38.76 -43.13 56.98
CA VAL N 572 -39.07 -41.95 57.76
C VAL N 572 -38.07 -41.66 58.86
N LYS N 573 -37.73 -42.64 59.68
CA LYS N 573 -36.64 -42.48 60.65
C LYS N 573 -35.33 -42.64 59.88
N GLY N 574 -35.04 -41.69 58.99
CA GLY N 574 -34.30 -41.97 57.79
C GLY N 574 -32.81 -41.86 57.97
N GLN N 575 -32.09 -42.07 56.88
CA GLN N 575 -30.65 -41.93 56.85
C GLN N 575 -30.23 -40.89 55.85
N ALA N 576 -29.21 -40.12 56.21
CA ALA N 576 -28.60 -39.21 55.26
C ALA N 576 -27.85 -40.01 54.21
N ASP N 577 -28.15 -39.73 52.95
CA ASP N 577 -27.72 -40.63 51.90
C ASP N 577 -26.30 -40.32 51.46
N ARG N 578 -25.59 -41.35 51.01
CA ARG N 578 -24.17 -41.20 50.75
C ARG N 578 -23.91 -40.45 49.47
N LEU N 579 -22.90 -39.60 49.54
CA LEU N 579 -22.52 -38.72 48.46
C LEU N 579 -21.20 -39.22 47.89
N ASP N 580 -21.27 -39.75 46.68
CA ASP N 580 -20.09 -40.26 45.98
C ASP N 580 -20.07 -39.75 44.55
N SER N 581 -18.88 -39.68 43.96
CA SER N 581 -18.72 -39.12 42.64
C SER N 581 -19.37 -39.98 41.57
N ALA N 582 -20.20 -39.35 40.75
CA ALA N 582 -20.69 -39.95 39.53
C ALA N 582 -19.89 -39.44 38.35
N PHE N 583 -18.58 -39.57 38.39
CA PHE N 583 -17.78 -39.06 37.30
C PHE N 583 -17.81 -40.00 36.11
N HIS N 584 -18.00 -39.42 34.94
CA HIS N 584 -17.91 -40.16 33.69
C HIS N 584 -17.14 -39.27 32.72
N LEU N 585 -17.20 -39.60 31.44
CA LEU N 585 -16.49 -38.83 30.43
C LEU N 585 -17.45 -38.18 29.43
N GLY N 586 -16.96 -37.13 28.79
CA GLY N 586 -17.70 -36.49 27.72
C GLY N 586 -16.75 -35.77 26.78
N TYR N 587 -17.10 -35.77 25.51
CA TYR N 587 -16.10 -35.50 24.48
C TYR N 587 -15.79 -34.03 24.35
N ASN N 588 -16.73 -33.16 24.73
CA ASN N 588 -16.42 -31.74 24.64
C ASN N 588 -15.42 -31.34 25.70
N MET N 589 -15.49 -31.98 26.86
CA MET N 589 -14.41 -31.91 27.83
C MET N 589 -13.11 -32.41 27.23
N ILE N 590 -13.21 -33.50 26.48
CA ILE N 590 -12.04 -34.12 25.87
C ILE N 590 -11.46 -33.19 24.81
N LEU N 591 -12.31 -32.38 24.18
CA LEU N 591 -11.82 -31.38 23.24
C LEU N 591 -10.94 -30.36 23.93
N ASN N 592 -11.51 -29.61 24.86
CA ASN N 592 -10.94 -28.33 25.20
C ASN N 592 -9.71 -28.47 26.06
N LEU N 593 -9.55 -29.63 26.70
CA LEU N 593 -8.32 -29.88 27.43
C LEU N 593 -7.16 -30.16 26.50
N MET N 594 -7.45 -30.61 25.28
CA MET N 594 -6.42 -30.56 24.25
C MET N 594 -6.31 -29.15 23.69
N ARG N 595 -7.41 -28.43 23.63
CA ARG N 595 -7.39 -27.11 23.03
C ARG N 595 -6.69 -26.12 23.94
N VAL N 596 -7.06 -26.10 25.22
CA VAL N 596 -6.23 -25.36 26.16
C VAL N 596 -4.97 -26.17 26.40
N GLU N 597 -3.82 -25.49 26.36
CA GLU N 597 -2.57 -26.22 26.34
C GLU N 597 -2.16 -26.70 27.73
N GLY N 598 -2.34 -25.85 28.74
CA GLY N 598 -1.57 -25.90 29.98
C GLY N 598 -1.75 -27.16 30.82
N ILE N 599 -2.87 -27.85 30.70
CA ILE N 599 -3.14 -29.04 31.50
C ILE N 599 -3.56 -30.16 30.58
N SER N 600 -3.96 -31.27 31.16
CA SER N 600 -4.26 -32.45 30.38
C SER N 600 -5.56 -33.09 30.84
N PRO N 601 -6.20 -33.91 30.01
CA PRO N 601 -7.33 -34.69 30.53
C PRO N 601 -6.91 -35.73 31.55
N GLU N 602 -5.70 -36.26 31.43
CA GLU N 602 -5.17 -37.19 32.41
C GLU N 602 -5.08 -36.54 33.77
N PHE N 603 -4.64 -35.28 33.79
CA PHE N 603 -4.54 -34.49 35.01
C PHE N 603 -5.86 -34.37 35.73
N MET N 604 -6.94 -34.33 34.96
CA MET N 604 -8.28 -34.31 35.55
C MET N 604 -8.54 -35.57 36.33
N LEU N 605 -8.00 -36.68 35.85
CA LEU N 605 -8.31 -37.98 36.44
C LEU N 605 -7.45 -38.23 37.65
N GLU N 606 -6.35 -37.51 37.74
CA GLU N 606 -5.46 -37.64 38.88
C GLU N 606 -6.08 -37.03 40.10
N HIS N 607 -7.05 -36.15 39.91
CA HIS N 607 -7.66 -35.45 41.02
C HIS N 607 -9.16 -35.57 40.98
N SER N 608 -9.64 -36.60 40.29
CA SER N 608 -11.06 -36.86 40.25
C SER N 608 -11.47 -37.68 41.46
N PHE N 609 -12.56 -37.27 42.12
CA PHE N 609 -13.01 -37.96 43.33
C PHE N 609 -13.51 -39.37 43.04
N PHE N 610 -13.78 -39.74 41.79
CA PHE N 610 -14.32 -41.05 41.44
C PHE N 610 -13.38 -42.16 41.87
N GLN N 611 -12.07 -41.90 41.79
CA GLN N 611 -11.12 -42.73 42.53
C GLN N 611 -10.75 -42.01 43.82
N PHE N 612 -11.60 -42.26 44.79
CA PHE N 612 -11.25 -42.01 46.17
C PHE N 612 -11.59 -43.28 46.93
N GLN N 613 -12.46 -44.07 46.31
CA GLN N 613 -12.56 -45.50 46.56
C GLN N 613 -11.20 -46.15 46.52
N ASN N 614 -10.45 -45.89 45.44
CA ASN N 614 -9.13 -46.48 45.28
C ASN N 614 -8.11 -45.77 46.17
N VAL N 615 -8.52 -44.69 46.83
CA VAL N 615 -7.60 -43.99 47.72
C VAL N 615 -7.59 -44.61 49.11
N ILE N 616 -8.77 -44.79 49.72
CA ILE N 616 -8.86 -44.78 51.17
C ILE N 616 -8.32 -46.04 51.85
N SER N 617 -8.79 -47.21 51.47
CA SER N 617 -8.47 -48.41 52.23
C SER N 617 -7.06 -48.92 51.99
N VAL N 618 -6.35 -48.37 51.02
CA VAL N 618 -5.05 -48.90 50.63
C VAL N 618 -3.95 -48.66 51.66
N PRO N 619 -3.83 -47.46 52.29
CA PRO N 619 -2.77 -47.33 53.33
C PRO N 619 -2.96 -48.23 54.52
N VAL N 620 -4.21 -48.61 54.81
CA VAL N 620 -4.45 -49.68 55.76
C VAL N 620 -3.82 -50.96 55.26
N MET N 621 -3.98 -51.25 53.97
CA MET N 621 -3.39 -52.46 53.44
C MET N 621 -1.90 -52.29 53.26
N GLU N 622 -1.45 -51.04 53.05
CA GLU N 622 -0.02 -50.76 53.14
C GLU N 622 0.49 -51.01 54.54
N LYS N 623 -0.27 -50.59 55.54
CA LYS N 623 0.07 -50.86 56.92
C LYS N 623 0.11 -52.37 57.17
N LYS N 624 -0.87 -53.08 56.63
CA LYS N 624 -0.82 -54.54 56.62
C LYS N 624 0.37 -55.04 55.82
N LEU N 625 0.70 -54.36 54.72
CA LEU N 625 1.91 -54.74 54.00
C LEU N 625 3.16 -54.37 54.79
N ALA N 626 3.13 -53.23 55.46
CA ALA N 626 4.25 -52.86 56.33
C ALA N 626 4.36 -53.82 57.51
N GLU N 627 3.24 -54.42 57.89
CA GLU N 627 3.29 -55.56 58.79
C GLU N 627 3.85 -56.78 58.08
N LEU N 628 3.31 -57.09 56.90
CA LEU N 628 3.68 -58.34 56.26
C LEU N 628 5.10 -58.31 55.74
N LYS N 629 5.61 -57.13 55.40
CA LYS N 629 7.01 -57.04 55.01
C LYS N 629 7.94 -57.23 56.19
N LYS N 630 7.41 -57.16 57.42
CA LYS N 630 8.23 -57.39 58.60
C LYS N 630 8.21 -58.85 59.02
N ASP N 631 7.01 -59.46 59.06
CA ASP N 631 6.85 -60.81 59.56
C ASP N 631 7.55 -61.82 58.67
N PHE N 632 7.49 -61.58 57.38
CA PHE N 632 8.33 -62.22 56.36
C PHE N 632 9.79 -62.21 56.72
N ASP N 633 10.31 -61.09 57.19
CA ASP N 633 11.74 -60.99 57.45
C ASP N 633 12.20 -61.80 58.63
N GLY N 634 11.27 -62.25 59.48
CA GLY N 634 11.65 -63.12 60.56
C GLY N 634 12.05 -64.52 60.12
N ILE N 635 11.19 -65.18 59.36
CA ILE N 635 11.49 -66.55 58.95
C ILE N 635 12.35 -66.55 57.70
N GLU N 636 12.62 -65.37 57.12
CA GLU N 636 13.20 -65.15 55.78
C GLU N 636 14.47 -65.93 55.48
N VAL N 637 15.36 -66.06 56.45
CA VAL N 637 16.57 -66.84 56.29
C VAL N 637 16.49 -68.05 57.20
N GLU N 638 16.52 -69.23 56.60
CA GLU N 638 16.65 -70.46 57.37
C GLU N 638 18.13 -70.81 57.51
N ASP N 639 18.40 -72.01 58.02
CA ASP N 639 19.78 -72.40 58.29
C ASP N 639 20.50 -72.80 57.00
N GLU N 640 19.75 -73.21 55.99
CA GLU N 640 20.33 -73.83 54.81
C GLU N 640 19.65 -73.25 53.58
N GLU N 641 20.38 -73.12 52.48
CA GLU N 641 19.73 -72.77 51.24
C GLU N 641 19.06 -73.99 50.61
N ASN N 642 19.65 -75.17 50.77
CA ASN N 642 19.22 -76.40 50.11
C ASN N 642 17.79 -76.78 50.45
N VAL N 643 17.25 -76.33 51.58
CA VAL N 643 15.85 -76.59 51.89
C VAL N 643 14.93 -75.88 50.91
N LYS N 644 15.33 -74.71 50.40
CA LYS N 644 14.64 -74.14 49.25
C LYS N 644 14.76 -75.06 48.06
N GLU N 645 15.98 -75.54 47.81
CA GLU N 645 16.19 -76.49 46.73
C GLU N 645 15.51 -77.82 47.02
N TYR N 646 15.42 -78.19 48.30
CA TYR N 646 14.59 -79.33 48.68
C TYR N 646 13.13 -79.04 48.42
N HIS N 647 12.68 -77.84 48.76
CA HIS N 647 11.33 -77.48 48.37
C HIS N 647 11.20 -77.41 46.87
N GLU N 648 12.26 -76.96 46.19
CA GLU N 648 12.29 -77.03 44.74
C GLU N 648 12.31 -78.47 44.27
N ILE N 649 12.97 -79.35 45.04
CA ILE N 649 12.74 -80.78 44.83
C ILE N 649 11.31 -81.14 45.20
N GLU N 650 10.82 -80.62 46.34
CA GLU N 650 9.46 -80.95 46.75
C GLU N 650 8.42 -80.35 45.80
N GLN N 651 8.72 -79.19 45.20
CA GLN N 651 7.88 -78.67 44.12
C GLN N 651 7.88 -79.63 42.95
N ALA N 652 9.03 -80.24 42.66
CA ALA N 652 9.05 -81.26 41.62
C ALA N 652 8.41 -82.55 42.11
N ILE N 653 8.44 -82.79 43.43
CA ILE N 653 7.81 -83.97 43.99
C ILE N 653 6.29 -83.88 43.87
N LYS N 654 5.75 -82.74 44.30
CA LYS N 654 4.31 -82.61 44.50
C LYS N 654 3.56 -82.65 43.18
N GLY N 655 4.16 -82.13 42.11
CA GLY N 655 3.50 -82.12 40.82
C GLY N 655 3.57 -83.47 40.13
N TYR N 656 4.65 -84.22 40.36
CA TYR N 656 4.80 -85.46 39.62
C TYR N 656 3.90 -86.54 40.16
N ARG N 657 3.58 -86.50 41.47
CA ARG N 657 2.50 -87.34 41.95
C ARG N 657 1.15 -86.88 41.43
N GLU N 658 1.02 -85.57 41.18
CA GLU N 658 -0.27 -85.01 40.81
C GLU N 658 -0.70 -85.48 39.43
N ASP N 659 0.24 -85.51 38.48
CA ASP N 659 -0.13 -85.82 37.10
C ASP N 659 -0.42 -87.29 36.92
N VAL N 660 0.14 -88.14 37.78
CA VAL N 660 0.03 -89.58 37.61
C VAL N 660 -1.32 -90.08 38.10
N ARG N 661 -1.85 -89.48 39.16
CA ARG N 661 -3.10 -89.96 39.75
C ARG N 661 -4.28 -89.71 38.82
N GLN N 662 -4.20 -88.65 38.00
CA GLN N 662 -5.21 -88.47 36.96
C GLN N 662 -5.02 -89.44 35.81
N VAL N 663 -3.85 -90.05 35.70
CA VAL N 663 -3.64 -91.13 34.75
C VAL N 663 -3.88 -92.47 35.45
N VAL N 664 -3.64 -92.53 36.76
CA VAL N 664 -4.09 -93.64 37.59
C VAL N 664 -5.62 -93.73 37.55
N THR N 665 -6.30 -92.61 37.77
CA THR N 665 -7.74 -92.54 37.51
C THR N 665 -7.97 -92.40 36.02
N HIS N 666 -7.85 -93.50 35.29
CA HIS N 666 -8.01 -93.50 33.85
C HIS N 666 -9.45 -93.87 33.53
N PRO N 667 -10.09 -93.16 32.60
CA PRO N 667 -11.52 -93.37 32.37
C PRO N 667 -11.85 -94.67 31.67
N ALA N 668 -11.07 -95.06 30.66
CA ALA N 668 -11.26 -96.36 30.01
C ALA N 668 -10.30 -97.37 30.63
N ASN N 669 -10.24 -97.33 31.96
CA ASN N 669 -9.52 -98.26 32.81
C ASN N 669 -10.11 -98.10 34.19
N ALA N 670 -9.45 -98.75 35.15
CA ALA N 670 -10.07 -99.18 36.40
C ALA N 670 -11.40 -99.85 36.08
N LEU N 671 -11.32 -100.79 35.14
CA LEU N 671 -12.47 -101.46 34.56
C LEU N 671 -12.09 -102.90 34.29
N SER N 672 -13.07 -103.81 34.35
CA SER N 672 -12.91 -105.27 34.34
C SER N 672 -11.99 -105.72 35.47
N PHE N 673 -11.99 -104.95 36.57
CA PHE N 673 -11.31 -105.29 37.81
C PHE N 673 -12.12 -104.84 39.01
N LEU N 674 -13.33 -104.34 38.78
CA LEU N 674 -14.13 -103.74 39.83
C LEU N 674 -15.06 -104.75 40.48
N GLN N 675 -14.56 -105.91 40.75
CA GLN N 675 -15.48 -106.94 41.18
C GLN N 675 -15.61 -106.93 42.70
N PRO N 676 -16.74 -107.38 43.24
CA PRO N 676 -16.96 -107.26 44.69
C PRO N 676 -16.00 -108.09 45.53
N GLY N 677 -15.37 -107.43 46.49
CA GLY N 677 -14.35 -108.02 47.33
C GLY N 677 -12.95 -107.60 46.97
N ARG N 678 -12.74 -107.12 45.74
CA ARG N 678 -11.46 -106.56 45.33
C ARG N 678 -11.11 -105.39 46.22
N LEU N 679 -10.01 -105.53 46.94
CA LEU N 679 -9.68 -104.57 47.98
C LEU N 679 -9.07 -103.32 47.35
N VAL N 680 -9.71 -102.18 47.56
CA VAL N 680 -9.45 -100.95 46.81
C VAL N 680 -9.18 -99.80 47.77
N GLU N 681 -8.34 -98.87 47.35
CA GLU N 681 -8.03 -97.68 48.14
C GLU N 681 -8.96 -96.56 47.70
N ILE N 682 -9.55 -95.88 48.68
CA ILE N 682 -10.64 -94.95 48.42
C ILE N 682 -10.21 -93.54 48.77
N SER N 683 -10.13 -92.68 47.76
CA SER N 683 -9.85 -91.26 48.02
C SER N 683 -10.65 -90.47 46.98
N VAL N 684 -11.81 -89.97 47.40
CA VAL N 684 -12.72 -89.32 46.48
C VAL N 684 -12.15 -87.99 45.99
N ASN N 685 -11.99 -87.90 44.66
CA ASN N 685 -11.68 -86.68 43.91
C ASN N 685 -10.38 -86.00 44.34
N GLY N 686 -9.53 -86.66 45.13
CA GLY N 686 -8.40 -85.98 45.74
C GLY N 686 -8.75 -85.04 46.88
N LYS N 687 -9.92 -85.19 47.51
CA LYS N 687 -10.31 -84.29 48.59
C LYS N 687 -10.53 -84.98 49.93
N ASP N 688 -10.95 -86.25 49.95
CA ASP N 688 -11.32 -86.95 51.18
C ASP N 688 -10.90 -88.43 51.08
N ASN N 689 -9.72 -88.72 51.61
CA ASN N 689 -9.12 -90.05 51.50
C ASN N 689 -9.74 -90.95 52.55
N TYR N 690 -10.21 -92.12 52.12
CA TYR N 690 -11.02 -92.99 52.94
C TYR N 690 -10.34 -94.32 53.24
N GLY N 691 -9.03 -94.38 53.19
CA GLY N 691 -8.32 -95.61 53.52
C GLY N 691 -8.46 -96.66 52.42
N TRP N 692 -8.53 -97.92 52.85
CA TRP N 692 -8.68 -99.04 51.94
C TRP N 692 -10.00 -99.76 52.21
N GLY N 693 -10.77 -100.00 51.15
CA GLY N 693 -12.06 -100.66 51.26
C GLY N 693 -12.22 -101.83 50.30
N ALA N 694 -13.43 -102.37 50.30
CA ALA N 694 -13.79 -103.51 49.46
C ALA N 694 -14.97 -103.13 48.59
N VAL N 695 -14.92 -103.53 47.32
CA VAL N 695 -15.94 -103.16 46.35
C VAL N 695 -17.26 -103.80 46.73
N VAL N 696 -18.32 -103.00 46.78
CA VAL N 696 -19.65 -103.55 46.90
C VAL N 696 -20.05 -104.07 45.54
N ASP N 697 -19.93 -103.22 44.53
CA ASP N 697 -20.26 -103.52 43.15
C ASP N 697 -19.70 -102.41 42.27
N PHE N 698 -20.01 -102.52 40.98
CA PHE N 698 -19.77 -101.45 40.03
C PHE N 698 -21.04 -101.29 39.20
N ALA N 699 -21.31 -100.04 38.81
CA ALA N 699 -22.52 -99.75 38.05
C ALA N 699 -22.29 -98.46 37.29
N LYS N 700 -23.28 -98.10 36.47
CA LYS N 700 -23.25 -96.82 35.77
C LYS N 700 -24.48 -95.98 36.11
N ARG N 701 -24.24 -94.69 36.35
CA ARG N 701 -25.31 -93.75 36.64
C ARG N 701 -26.04 -93.42 35.35
N ILE N 702 -27.35 -93.68 35.35
CA ILE N 702 -28.20 -93.39 34.20
C ILE N 702 -28.95 -92.10 34.50
N ASN N 703 -28.85 -91.13 33.60
CA ASN N 703 -29.52 -89.85 33.75
C ASN N 703 -30.79 -89.88 32.91
N LYS N 704 -31.93 -90.13 33.56
CA LYS N 704 -33.21 -90.17 32.86
C LYS N 704 -33.89 -88.81 32.85
N ARG N 705 -33.65 -87.98 33.87
CA ARG N 705 -34.32 -86.70 33.96
C ARG N 705 -33.73 -85.67 33.00
N ASN N 706 -32.44 -85.79 32.68
CA ASN N 706 -31.77 -84.87 31.76
C ASN N 706 -31.01 -85.70 30.73
N PRO N 707 -31.53 -85.84 29.50
CA PRO N 707 -30.89 -86.72 28.51
C PRO N 707 -29.56 -86.21 27.98
N SER N 708 -29.44 -84.90 27.83
CA SER N 708 -28.28 -84.30 27.17
C SER N 708 -27.15 -83.90 28.13
N ALA N 709 -27.18 -84.17 29.44
CA ALA N 709 -26.12 -83.71 30.32
C ALA N 709 -24.87 -84.57 30.18
N VAL N 710 -23.83 -84.21 30.93
CA VAL N 710 -22.53 -84.86 30.83
C VAL N 710 -22.10 -85.33 32.21
N TYR N 711 -21.84 -86.62 32.35
CA TYR N 711 -21.02 -87.13 33.43
C TYR N 711 -19.64 -87.43 32.86
N THR N 712 -18.63 -87.51 33.72
CA THR N 712 -17.32 -87.95 33.26
C THR N 712 -17.42 -89.44 32.94
N ASP N 713 -16.51 -89.92 32.08
CA ASP N 713 -16.36 -91.36 31.89
C ASP N 713 -15.83 -92.01 33.16
N HIS N 714 -15.19 -91.22 34.02
CA HIS N 714 -15.07 -91.59 35.42
C HIS N 714 -16.42 -91.59 36.13
N GLU N 715 -17.20 -90.52 35.96
CA GLU N 715 -18.26 -90.22 36.91
C GLU N 715 -19.63 -90.75 36.55
N SER N 716 -19.86 -91.15 35.30
CA SER N 716 -21.08 -91.89 35.04
C SER N 716 -21.02 -93.29 35.65
N TYR N 717 -19.83 -93.83 35.83
CA TYR N 717 -19.63 -95.12 36.47
C TYR N 717 -19.80 -94.97 37.97
N ILE N 718 -20.70 -95.76 38.55
CA ILE N 718 -20.91 -95.73 39.99
C ILE N 718 -20.38 -97.02 40.59
N VAL N 719 -19.37 -96.88 41.43
CA VAL N 719 -18.87 -97.97 42.25
C VAL N 719 -19.43 -97.72 43.64
N ASN N 720 -19.76 -98.79 44.35
CA ASN N 720 -19.98 -98.67 45.77
C ASN N 720 -18.94 -99.51 46.47
N VAL N 721 -18.44 -99.01 47.60
CA VAL N 721 -17.37 -99.64 48.36
C VAL N 721 -17.67 -99.48 49.84
N VAL N 722 -17.63 -100.57 50.59
CA VAL N 722 -17.63 -100.49 52.05
C VAL N 722 -16.26 -100.05 52.50
N VAL N 723 -16.19 -98.98 53.29
CA VAL N 723 -14.99 -98.70 54.06
C VAL N 723 -15.36 -98.82 55.53
N ASN N 724 -14.37 -99.13 56.36
CA ASN N 724 -14.51 -98.99 57.80
C ASN N 724 -14.04 -97.64 58.27
N THR N 725 -13.62 -96.79 57.34
CA THR N 725 -13.14 -95.45 57.64
C THR N 725 -14.26 -94.41 57.59
N MET N 726 -15.50 -94.81 57.91
CA MET N 726 -16.59 -93.84 57.99
C MET N 726 -16.77 -93.34 59.42
N TYR N 727 -16.93 -92.03 59.56
CA TYR N 727 -17.19 -91.43 60.86
C TYR N 727 -18.53 -91.87 61.41
N ILE N 728 -18.59 -92.03 62.73
CA ILE N 728 -19.77 -92.58 63.40
C ILE N 728 -20.98 -91.68 63.24
N ASP N 729 -20.79 -90.37 63.27
CA ASP N 729 -21.92 -89.44 63.25
C ASP N 729 -22.13 -88.85 61.87
N SER N 730 -21.60 -89.48 60.84
CA SER N 730 -21.90 -89.05 59.49
C SER N 730 -23.38 -89.32 59.18
N PRO N 731 -24.00 -88.48 58.37
CA PRO N 731 -25.38 -88.74 57.95
C PRO N 731 -25.49 -89.95 57.05
N VAL N 732 -25.51 -91.13 57.66
CA VAL N 732 -25.66 -92.40 56.95
C VAL N 732 -27.03 -92.49 56.28
N ASN N 733 -28.06 -91.92 56.91
CA ASN N 733 -29.41 -91.93 56.36
C ASN N 733 -29.62 -90.91 55.25
N LEU N 734 -28.68 -90.00 55.01
CA LEU N 734 -28.95 -88.91 54.10
C LEU N 734 -28.21 -89.02 52.77
N LEU N 735 -27.09 -89.72 52.70
CA LEU N 735 -26.49 -90.00 51.41
C LEU N 735 -27.39 -90.96 50.65
N LYS N 736 -27.58 -90.69 49.38
CA LYS N 736 -28.46 -91.46 48.52
C LYS N 736 -27.69 -92.55 47.80
N PRO N 737 -28.24 -93.77 47.75
CA PRO N 737 -27.53 -94.86 47.07
C PRO N 737 -27.42 -94.61 45.56
N PHE N 738 -26.26 -94.98 45.02
CA PHE N 738 -25.86 -94.77 43.63
C PHE N 738 -25.84 -93.30 43.22
N ASN N 739 -25.67 -92.38 44.18
CA ASN N 739 -25.43 -90.97 43.88
C ASN N 739 -24.24 -90.51 44.70
N PRO N 740 -23.14 -90.06 44.06
CA PRO N 740 -21.99 -89.57 44.81
C PRO N 740 -22.13 -88.14 45.30
N THR N 741 -23.34 -87.58 45.31
CA THR N 741 -23.55 -86.24 45.82
C THR N 741 -23.62 -86.35 47.33
N LEU N 742 -22.46 -86.30 47.96
CA LEU N 742 -22.38 -86.51 49.41
C LEU N 742 -22.62 -85.19 50.14
N PRO N 743 -23.58 -85.13 51.05
CA PRO N 743 -23.74 -83.91 51.86
C PRO N 743 -22.67 -83.81 52.93
N GLU N 744 -22.70 -82.69 53.64
CA GLU N 744 -21.67 -82.41 54.63
C GLU N 744 -22.02 -82.98 55.99
N GLY N 745 -21.00 -83.18 56.81
CA GLY N 745 -21.07 -84.07 57.95
C GLY N 745 -20.61 -85.48 57.63
N ILE N 746 -20.78 -85.90 56.38
CA ILE N 746 -20.24 -87.16 55.88
C ILE N 746 -18.75 -86.95 55.63
N ARG N 747 -17.94 -87.74 56.33
CA ARG N 747 -16.50 -87.53 56.42
C ARG N 747 -15.89 -88.78 57.04
N PRO N 748 -14.56 -88.94 56.98
CA PRO N 748 -13.93 -90.01 57.77
C PRO N 748 -14.00 -89.70 59.25
N ALA N 749 -13.72 -90.70 60.06
CA ALA N 749 -13.58 -90.46 61.49
C ALA N 749 -12.25 -89.77 61.74
N GLU N 750 -12.33 -88.53 62.23
CA GLU N 750 -11.14 -87.72 62.50
C GLU N 750 -10.45 -88.21 63.78
N GLU N 751 -9.56 -87.37 64.30
CA GLU N 751 -8.61 -87.80 65.34
C GLU N 751 -9.32 -88.18 66.63
N GLY N 752 -9.38 -89.48 66.90
CA GLY N 752 -10.13 -90.02 68.02
C GLY N 752 -11.61 -90.19 67.79
N GLU N 753 -12.11 -89.88 66.61
CA GLU N 753 -13.51 -90.06 66.28
C GLU N 753 -13.76 -91.51 65.89
N LYS N 754 -14.98 -91.97 66.15
CA LYS N 754 -15.23 -93.39 66.00
C LYS N 754 -15.47 -93.74 64.55
N SER N 755 -14.77 -94.77 64.11
CA SER N 755 -14.89 -95.30 62.77
C SER N 755 -16.06 -96.27 62.74
N ILE N 756 -16.88 -96.14 61.70
CA ILE N 756 -17.94 -97.11 61.44
C ILE N 756 -17.82 -97.55 60.00
N CYS N 757 -18.66 -98.49 59.62
CA CYS N 757 -18.75 -98.95 58.26
C CYS N 757 -19.99 -98.37 57.60
N ALA N 758 -19.83 -97.93 56.35
CA ALA N 758 -20.93 -97.44 55.54
C ALA N 758 -20.57 -97.64 54.08
N VAL N 759 -21.56 -97.42 53.21
CA VAL N 759 -21.39 -97.61 51.78
C VAL N 759 -21.61 -96.28 51.08
N ILE N 760 -20.64 -95.88 50.25
CA ILE N 760 -20.73 -94.62 49.51
C ILE N 760 -20.74 -94.90 48.02
N PRO N 761 -21.57 -94.18 47.27
CA PRO N 761 -21.51 -94.28 45.81
C PRO N 761 -20.29 -93.51 45.33
N ILE N 762 -19.38 -94.20 44.65
CA ILE N 762 -18.15 -93.59 44.18
C ILE N 762 -17.96 -93.89 42.70
N THR N 763 -17.05 -93.12 42.10
CA THR N 763 -16.75 -93.19 40.69
C THR N 763 -15.30 -93.59 40.48
N LEU N 764 -14.83 -93.50 39.23
CA LEU N 764 -13.42 -93.76 38.95
C LEU N 764 -12.51 -92.65 39.44
N ASP N 765 -13.04 -91.45 39.69
CA ASP N 765 -12.23 -90.37 40.28
C ASP N 765 -11.91 -90.67 41.73
N SER N 766 -12.75 -91.42 42.41
CA SER N 766 -12.53 -91.73 43.81
C SER N 766 -11.44 -92.76 44.02
N ILE N 767 -11.03 -93.44 42.96
CA ILE N 767 -10.11 -94.56 43.09
C ILE N 767 -8.72 -93.96 43.27
N LYS N 768 -8.18 -94.11 44.48
CA LYS N 768 -6.79 -93.76 44.68
C LYS N 768 -5.88 -94.85 44.14
N SER N 769 -6.14 -96.09 44.53
CA SER N 769 -5.46 -97.26 43.99
C SER N 769 -6.30 -98.49 44.28
N ILE N 770 -5.91 -99.61 43.69
CA ILE N 770 -6.63 -100.87 43.81
C ILE N 770 -5.63 -101.98 44.13
N GLY N 771 -5.89 -102.73 45.20
CA GLY N 771 -5.04 -103.86 45.54
C GLY N 771 -5.43 -105.15 44.82
N ASN N 772 -4.76 -106.24 45.22
CA ASN N 772 -4.84 -107.54 44.54
C ASN N 772 -5.34 -108.65 45.47
N LEU N 773 -6.34 -108.39 46.29
CA LEU N 773 -6.89 -109.42 47.17
C LEU N 773 -8.41 -109.31 47.18
N ARG N 774 -9.06 -110.46 47.34
CA ARG N 774 -10.51 -110.51 47.38
C ARG N 774 -10.96 -111.37 48.54
N LEU N 775 -11.57 -110.73 49.53
CA LEU N 775 -12.16 -111.44 50.66
C LEU N 775 -13.64 -111.70 50.38
N TYR N 776 -14.33 -112.19 51.41
CA TYR N 776 -15.77 -112.47 51.33
C TYR N 776 -16.55 -111.17 51.22
N MET N 777 -16.98 -110.83 50.00
CA MET N 777 -17.91 -109.71 49.85
C MET N 777 -19.33 -110.27 49.83
N PRO N 778 -20.21 -109.79 50.70
CA PRO N 778 -21.52 -110.45 50.84
C PRO N 778 -22.43 -110.18 49.66
N LYS N 779 -23.02 -111.25 49.13
CA LYS N 779 -24.13 -111.10 48.21
C LYS N 779 -25.36 -110.53 48.91
N ASP N 780 -25.46 -110.75 50.23
CA ASP N 780 -26.40 -110.03 51.07
C ASP N 780 -26.04 -108.55 51.09
N ILE N 781 -26.89 -107.77 50.42
CA ILE N 781 -26.64 -106.37 50.13
C ILE N 781 -26.66 -105.47 51.37
N ARG N 782 -27.82 -105.34 52.03
CA ARG N 782 -27.97 -104.49 53.20
C ARG N 782 -28.92 -105.20 54.17
N ALA N 783 -28.33 -105.82 55.19
CA ALA N 783 -29.09 -106.55 56.21
C ALA N 783 -28.49 -106.23 57.57
N SER N 784 -27.96 -105.00 57.71
CA SER N 784 -27.50 -104.42 58.98
C SER N 784 -26.41 -105.27 59.65
N GLY N 785 -25.25 -105.32 59.00
CA GLY N 785 -24.15 -106.12 59.49
C GLY N 785 -23.47 -106.99 58.47
N GLN N 786 -23.56 -106.65 57.18
CA GLN N 786 -22.66 -107.26 56.22
C GLN N 786 -21.59 -106.28 55.78
N LYS N 787 -21.90 -104.98 55.79
CA LYS N 787 -20.86 -104.00 55.57
C LYS N 787 -19.98 -103.84 56.80
N GLU N 788 -20.52 -104.10 57.99
CA GLU N 788 -19.68 -104.06 59.18
C GLU N 788 -18.84 -105.31 59.34
N THR N 789 -19.23 -106.42 58.71
CA THR N 789 -18.31 -107.56 58.61
C THR N 789 -17.23 -107.35 57.59
N VAL N 790 -17.45 -106.48 56.59
CA VAL N 790 -16.39 -106.10 55.66
C VAL N 790 -15.29 -105.36 56.39
N GLY N 791 -15.66 -104.36 57.18
CA GLY N 791 -14.68 -103.50 57.81
C GLY N 791 -13.84 -104.18 58.86
N LYS N 792 -14.45 -105.09 59.63
CA LYS N 792 -13.65 -105.90 60.54
C LYS N 792 -12.76 -106.88 59.76
N SER N 793 -13.28 -107.41 58.65
CA SER N 793 -12.43 -108.18 57.75
C SER N 793 -11.39 -107.29 57.07
N LEU N 794 -11.75 -106.02 56.80
CA LEU N 794 -10.75 -105.04 56.40
C LEU N 794 -9.73 -104.84 57.51
N ARG N 795 -10.20 -104.79 58.75
CA ARG N 795 -9.29 -104.76 59.89
C ARG N 795 -8.55 -106.08 60.04
N GLU N 796 -9.18 -107.20 59.66
CA GLU N 796 -8.45 -108.45 59.59
C GLU N 796 -7.55 -108.48 58.36
N VAL N 797 -7.91 -107.74 57.32
CA VAL N 797 -6.95 -107.50 56.24
C VAL N 797 -5.93 -106.45 56.67
N ASN N 798 -6.35 -105.52 57.53
CA ASN N 798 -5.36 -104.66 58.19
C ASN N 798 -4.59 -105.42 59.27
N ARG N 799 -5.04 -106.62 59.64
CA ARG N 799 -4.16 -107.57 60.30
C ARG N 799 -3.34 -108.38 59.30
N ARG N 800 -3.84 -108.55 58.08
CA ARG N 800 -3.17 -109.42 57.10
C ARG N 800 -2.00 -108.70 56.44
N PHE N 801 -2.22 -107.49 55.91
CA PHE N 801 -1.15 -106.57 55.52
C PHE N 801 -1.29 -105.29 56.32
N PRO N 802 -0.75 -105.26 57.54
CA PRO N 802 -0.71 -103.99 58.28
C PRO N 802 0.25 -103.01 57.65
N ASP N 803 1.30 -103.54 56.99
CA ASP N 803 2.27 -102.68 56.34
C ASP N 803 1.69 -102.06 55.08
N GLY N 804 1.25 -102.89 54.13
CA GLY N 804 0.73 -102.35 52.89
C GLY N 804 0.28 -103.45 51.95
N ILE N 805 -0.87 -103.19 51.32
CA ILE N 805 -1.43 -104.07 50.31
C ILE N 805 -0.59 -103.97 49.05
N PRO N 806 -0.23 -105.08 48.42
CA PRO N 806 0.26 -105.02 47.04
C PRO N 806 -0.84 -104.52 46.12
N VAL N 807 -0.66 -103.31 45.62
CA VAL N 807 -1.59 -102.60 44.74
C VAL N 807 -1.53 -103.27 43.37
N LEU N 808 -2.63 -103.23 42.60
CA LEU N 808 -2.58 -103.69 41.22
C LEU N 808 -1.62 -102.81 40.43
N ASP N 809 -0.45 -103.37 40.13
CA ASP N 809 0.50 -102.69 39.29
C ASP N 809 -0.07 -102.62 37.88
N PRO N 810 -0.01 -101.47 37.23
CA PRO N 810 -0.27 -101.46 35.78
C PRO N 810 0.74 -102.28 34.99
N VAL N 811 1.95 -102.45 35.47
CA VAL N 811 2.88 -103.35 34.80
C VAL N 811 2.51 -104.80 35.04
N LYS N 812 2.41 -105.19 36.31
CA LYS N 812 2.40 -106.61 36.66
C LYS N 812 1.02 -107.19 36.85
N ASN N 813 0.01 -106.36 37.10
CA ASN N 813 -1.29 -106.85 37.50
C ASN N 813 -2.41 -106.43 36.57
N MET N 814 -2.48 -105.17 36.20
CA MET N 814 -3.43 -104.75 35.18
C MET N 814 -2.83 -104.86 33.79
N LYS N 815 -1.51 -105.08 33.69
CA LYS N 815 -0.78 -105.39 32.46
C LYS N 815 -0.85 -104.23 31.45
N ILE N 816 -0.99 -103.01 31.99
CA ILE N 816 -1.01 -101.79 31.20
C ILE N 816 0.40 -101.57 30.71
N GLU N 817 0.57 -101.58 29.40
CA GLU N 817 1.86 -101.47 28.74
C GLU N 817 1.79 -100.41 27.66
N ASP N 818 1.97 -99.15 28.05
CA ASP N 818 2.02 -98.05 27.09
C ASP N 818 3.33 -97.34 27.26
N GLU N 819 3.99 -97.04 26.13
CA GLU N 819 5.18 -96.21 26.17
C GLU N 819 4.85 -94.80 26.64
N ASP N 820 3.62 -94.37 26.37
CA ASP N 820 3.09 -93.17 27.02
C ASP N 820 3.01 -93.35 28.53
N PHE N 821 2.53 -94.52 28.98
CA PHE N 821 2.31 -94.70 30.40
C PHE N 821 3.60 -95.00 31.13
N LEU N 822 4.48 -95.80 30.53
CA LEU N 822 5.67 -96.26 31.24
C LEU N 822 6.71 -95.16 31.35
N LYS N 823 6.87 -94.35 30.30
CA LYS N 823 7.85 -93.27 30.33
C LYS N 823 7.35 -92.12 31.20
N LEU N 824 6.04 -92.08 31.44
CA LEU N 824 5.45 -91.06 32.31
C LEU N 824 5.91 -91.22 33.75
N MET N 825 6.13 -92.45 34.19
CA MET N 825 6.48 -92.69 35.59
C MET N 825 7.92 -92.30 35.88
N LYS N 826 8.71 -92.09 34.84
CA LYS N 826 10.12 -91.76 34.96
C LYS N 826 10.35 -90.42 35.66
N LYS N 827 9.35 -89.53 35.58
CA LYS N 827 9.39 -88.29 36.36
C LYS N 827 9.42 -88.59 37.86
N ILE N 828 8.69 -89.61 38.29
CA ILE N 828 8.80 -90.04 39.68
C ILE N 828 10.05 -90.89 39.87
N ASP N 829 10.55 -91.50 38.80
CA ASP N 829 11.69 -92.40 38.92
C ASP N 829 13.02 -91.66 39.00
N VAL N 830 12.97 -90.33 38.92
CA VAL N 830 14.02 -89.48 39.48
C VAL N 830 13.79 -89.21 40.95
N LEU N 831 12.53 -88.91 41.33
CA LEU N 831 12.18 -88.64 42.72
C LEU N 831 12.35 -89.88 43.58
N ASN N 832 12.13 -91.07 43.01
CA ASN N 832 12.46 -92.30 43.71
C ASN N 832 13.95 -92.35 44.02
N THR N 833 14.78 -91.90 43.08
CA THR N 833 16.21 -91.82 43.32
C THR N 833 16.57 -90.57 44.10
N LYS N 834 16.30 -89.41 43.52
CA LYS N 834 17.05 -88.21 43.87
C LYS N 834 16.66 -87.67 45.23
N LEU N 835 15.38 -87.84 45.59
CA LEU N 835 14.92 -87.48 46.93
C LEU N 835 15.66 -88.26 47.99
N SER N 836 15.79 -89.56 47.81
CA SER N 836 16.59 -90.36 48.72
C SER N 836 18.07 -90.02 48.62
N SER N 837 18.49 -89.52 47.45
CA SER N 837 19.92 -89.29 47.24
C SER N 837 20.39 -88.02 47.93
N ASN N 838 19.49 -87.06 48.11
CA ASN N 838 19.90 -85.72 48.49
C ASN N 838 20.39 -85.69 49.94
N PRO N 839 21.48 -84.99 50.23
CA PRO N 839 22.02 -84.97 51.58
C PRO N 839 21.11 -84.24 52.53
N LEU N 840 20.91 -84.85 53.70
CA LEU N 840 19.81 -84.54 54.60
C LEU N 840 18.49 -84.51 53.86
N THR N 841 18.07 -85.67 53.35
CA THR N 841 16.70 -85.82 52.86
C THR N 841 15.71 -85.50 53.96
N ASN N 842 15.95 -86.06 55.13
CA ASN N 842 15.19 -85.78 56.33
C ASN N 842 16.08 -85.68 57.57
N SER N 843 17.39 -85.81 57.40
CA SER N 843 18.33 -85.54 58.47
C SER N 843 18.35 -84.06 58.80
N MET N 844 18.80 -83.73 60.02
CA MET N 844 18.84 -82.37 60.57
C MET N 844 17.45 -81.74 60.63
N ARG N 845 16.47 -82.60 60.93
CA ARG N 845 15.05 -82.25 61.07
C ARG N 845 14.54 -81.49 59.85
N LEU N 846 14.95 -81.99 58.68
CA LEU N 846 14.72 -81.29 57.44
C LEU N 846 13.24 -81.28 57.10
N GLU N 847 12.52 -82.32 57.54
CA GLU N 847 11.08 -82.32 57.52
C GLU N 847 10.52 -81.15 58.32
N GLU N 848 11.03 -80.94 59.53
CA GLU N 848 10.62 -79.77 60.29
C GLU N 848 11.21 -78.51 59.68
N LEU N 849 12.45 -78.60 59.20
CA LEU N 849 13.10 -77.46 58.58
C LEU N 849 12.46 -77.12 57.25
N TYR N 850 11.73 -78.07 56.65
CA TYR N 850 10.87 -77.75 55.53
C TYR N 850 9.78 -76.77 55.92
N GLY N 851 9.05 -77.07 57.00
CA GLY N 851 8.03 -76.16 57.48
C GLY N 851 8.63 -74.87 57.99
N LYS N 852 9.87 -74.92 58.47
CA LYS N 852 10.61 -73.71 58.73
C LYS N 852 10.82 -72.91 57.46
N TYR N 853 11.19 -73.60 56.39
CA TYR N 853 11.28 -72.91 55.10
C TYR N 853 9.91 -72.53 54.59
N SER N 854 8.92 -73.39 54.83
CA SER N 854 7.62 -73.17 54.24
C SER N 854 6.91 -71.99 54.88
N ARG N 855 7.07 -71.84 56.20
CA ARG N 855 6.50 -70.68 56.88
C ARG N 855 7.19 -69.39 56.44
N LYS N 856 8.45 -69.49 56.04
CA LYS N 856 9.04 -68.40 55.30
C LYS N 856 8.46 -68.32 53.90
N HIS N 857 8.26 -69.47 53.26
CA HIS N 857 7.87 -69.47 51.85
C HIS N 857 6.43 -69.03 51.65
N ASP N 858 5.58 -69.30 52.63
CA ASP N 858 4.22 -68.78 52.56
C ASP N 858 4.22 -67.27 52.68
N LEU N 859 5.04 -66.75 53.60
CA LEU N 859 5.22 -65.31 53.71
C LEU N 859 5.87 -64.75 52.45
N HIS N 860 6.68 -65.58 51.79
CA HIS N 860 7.18 -65.25 50.46
C HIS N 860 6.04 -65.14 49.45
N GLU N 861 4.95 -65.87 49.67
CA GLU N 861 3.90 -65.90 48.67
C GLU N 861 2.92 -64.76 48.87
N ASP N 862 2.54 -64.49 50.12
CA ASP N 862 1.25 -63.86 50.36
C ASP N 862 1.35 -62.34 50.45
N MET N 863 2.55 -61.83 50.75
CA MET N 863 2.77 -60.39 50.69
C MET N 863 2.60 -59.88 49.29
N LYS N 864 3.34 -60.46 48.36
CA LYS N 864 3.32 -59.99 46.98
C LYS N 864 1.97 -60.30 46.35
N GLN N 865 1.36 -61.42 46.75
CA GLN N 865 -0.05 -61.69 46.48
C GLN N 865 -0.92 -60.53 46.92
N LEU N 866 -0.74 -60.07 48.16
CA LEU N 866 -1.35 -58.84 48.58
C LEU N 866 -0.78 -57.64 47.83
N LYS N 867 0.53 -57.65 47.56
CA LYS N 867 1.12 -56.46 46.96
C LYS N 867 0.79 -56.35 45.49
N ARG N 868 0.47 -57.48 44.84
CA ARG N 868 -0.10 -57.38 43.50
C ARG N 868 -1.43 -56.66 43.57
N LYS N 869 -2.27 -57.05 44.53
CA LYS N 869 -3.57 -56.43 44.75
C LYS N 869 -3.46 -54.92 44.99
N ILE N 870 -2.48 -54.52 45.80
CA ILE N 870 -2.30 -53.10 46.05
C ILE N 870 -1.76 -52.39 44.83
N SER N 871 -0.82 -53.04 44.13
CA SER N 871 -0.35 -52.47 42.87
C SER N 871 -1.45 -52.50 41.83
N GLU N 872 -2.31 -53.51 41.88
CA GLU N 872 -3.54 -53.50 41.09
C GLU N 872 -4.48 -52.42 41.59
N SER N 873 -4.35 -52.03 42.85
CA SER N 873 -5.23 -51.00 43.39
C SER N 873 -4.66 -49.61 43.16
N GLN N 874 -3.75 -49.45 42.21
CA GLN N 874 -3.18 -48.12 42.05
C GLN N 874 -4.00 -47.25 41.12
N ALA N 875 -4.04 -47.61 39.85
CA ALA N 875 -4.05 -46.60 38.80
C ALA N 875 -5.43 -46.01 38.57
N VAL N 876 -5.48 -45.04 37.65
CA VAL N 876 -6.75 -44.53 37.16
C VAL N 876 -7.36 -45.65 36.37
N ILE N 877 -8.49 -46.17 36.82
CA ILE N 877 -9.17 -47.26 36.14
C ILE N 877 -9.98 -46.75 34.95
N GLN N 878 -10.07 -45.43 34.81
CA GLN N 878 -10.92 -44.86 33.78
C GLN N 878 -10.18 -44.73 32.47
N LEU N 879 -8.87 -44.95 32.50
CA LEU N 879 -8.03 -44.75 31.32
C LEU N 879 -8.49 -45.63 30.18
N ASP N 880 -8.95 -46.83 30.52
CA ASP N 880 -9.41 -47.78 29.53
C ASP N 880 -10.62 -47.25 28.80
N ASP N 881 -11.47 -46.49 29.48
CA ASP N 881 -12.46 -45.72 28.76
C ASP N 881 -11.79 -44.67 27.90
N LEU N 882 -10.85 -43.93 28.50
CA LEU N 882 -10.26 -42.78 27.84
C LEU N 882 -9.44 -43.20 26.64
N ARG N 883 -8.65 -44.26 26.81
CA ARG N 883 -7.83 -44.80 25.74
C ARG N 883 -8.69 -45.26 24.57
N ARG N 884 -9.91 -45.70 24.85
CA ARG N 884 -10.85 -45.95 23.78
C ARG N 884 -11.31 -44.66 23.15
N ARG N 885 -11.41 -43.60 23.92
CA ARG N 885 -11.94 -42.40 23.31
C ARG N 885 -10.86 -41.68 22.53
N LYS N 886 -9.59 -41.94 22.88
CA LYS N 886 -8.46 -41.45 22.11
C LYS N 886 -8.47 -42.04 20.72
N ARG N 887 -8.95 -43.27 20.60
CA ARG N 887 -9.17 -43.89 19.31
C ARG N 887 -10.13 -43.07 18.48
N VAL N 888 -11.22 -42.65 19.12
CA VAL N 888 -12.43 -42.21 18.44
C VAL N 888 -12.19 -41.00 17.55
N LEU N 889 -11.54 -40.01 18.12
CA LEU N 889 -11.35 -38.77 17.40
C LEU N 889 -10.32 -38.95 16.31
N ARG N 890 -9.35 -39.83 16.54
CA ARG N 890 -8.40 -40.18 15.49
C ARG N 890 -9.09 -40.92 14.38
N ARG N 891 -10.00 -41.81 14.75
CA ARG N 891 -10.85 -42.44 13.76
C ARG N 891 -11.75 -41.41 13.10
N LEU N 892 -12.15 -40.40 13.85
CA LEU N 892 -12.92 -39.34 13.24
C LEU N 892 -12.05 -38.28 12.60
N GLY N 893 -10.73 -38.40 12.73
CA GLY N 893 -9.87 -37.37 12.20
C GLY N 893 -9.97 -36.05 12.91
N PHE N 894 -10.46 -36.03 14.14
CA PHE N 894 -10.56 -34.74 14.82
C PHE N 894 -9.21 -34.29 15.35
N CYS N 895 -8.27 -35.22 15.48
CA CYS N 895 -6.91 -34.85 15.83
C CYS N 895 -5.96 -35.84 15.17
N THR N 896 -4.68 -35.51 15.23
CA THR N 896 -3.62 -36.41 14.79
C THR N 896 -3.51 -37.59 15.74
N PRO N 897 -2.77 -38.63 15.35
CA PRO N 897 -2.26 -39.57 16.36
C PRO N 897 -1.30 -38.91 17.33
N ASN N 898 -0.69 -37.78 16.97
CA ASN N 898 0.01 -36.93 17.92
C ASN N 898 -0.93 -35.99 18.65
N ASP N 899 -2.24 -36.19 18.49
CA ASP N 899 -3.31 -35.65 19.33
C ASP N 899 -3.54 -34.16 19.07
N ILE N 900 -2.91 -33.65 18.03
CA ILE N 900 -3.01 -32.25 17.66
C ILE N 900 -4.34 -32.05 16.96
N ILE N 901 -5.19 -31.20 17.55
CA ILE N 901 -6.59 -31.11 17.15
C ILE N 901 -6.71 -30.54 15.74
N GLU N 902 -7.52 -31.19 14.94
CA GLU N 902 -7.74 -30.73 13.59
C GLU N 902 -8.84 -29.70 13.59
N LEU N 903 -9.04 -29.10 12.43
CA LEU N 903 -10.12 -28.14 12.27
C LEU N 903 -11.46 -28.82 12.42
N LYS N 904 -11.52 -30.09 12.06
CA LYS N 904 -12.68 -30.93 12.32
C LYS N 904 -13.03 -30.93 13.80
N GLY N 905 -12.06 -31.24 14.64
CA GLY N 905 -12.30 -31.21 16.07
C GLY N 905 -12.42 -29.80 16.60
N ARG N 906 -11.90 -28.83 15.85
CA ARG N 906 -12.03 -27.44 16.27
C ARG N 906 -13.46 -26.96 16.18
N VAL N 907 -14.29 -27.66 15.42
CA VAL N 907 -15.66 -27.22 15.18
C VAL N 907 -16.46 -27.21 16.47
N ALA N 908 -16.56 -28.34 17.13
CA ALA N 908 -17.54 -28.46 18.20
C ALA N 908 -17.03 -27.87 19.51
N CYS N 909 -15.92 -27.15 19.45
CA CYS N 909 -15.42 -26.43 20.60
C CYS N 909 -16.44 -25.44 21.12
N GLU N 910 -17.19 -24.82 20.23
CA GLU N 910 -18.36 -24.09 20.68
C GLU N 910 -19.64 -24.89 20.55
N ILE N 911 -19.60 -26.20 20.74
CA ILE N 911 -20.81 -27.00 20.80
C ILE N 911 -20.80 -27.82 22.07
N SER N 912 -21.81 -27.63 22.90
CA SER N 912 -21.96 -28.47 24.07
C SER N 912 -23.41 -28.92 24.13
N SER N 913 -24.25 -28.21 23.40
CA SER N 913 -25.68 -28.31 23.58
C SER N 913 -26.29 -29.53 22.91
N GLY N 914 -25.48 -30.35 22.23
CA GLY N 914 -25.99 -31.56 21.61
C GLY N 914 -24.89 -32.59 21.45
N ASP N 915 -25.22 -33.60 20.65
CA ASP N 915 -24.24 -34.60 20.26
C ASP N 915 -23.18 -33.91 19.43
N GLU N 916 -22.04 -33.62 20.06
CA GLU N 916 -20.97 -33.02 19.31
C GLU N 916 -20.35 -34.03 18.36
N LEU N 917 -20.42 -35.31 18.71
CA LEU N 917 -19.83 -36.36 17.89
C LEU N 917 -20.53 -36.45 16.56
N LEU N 918 -21.83 -36.14 16.55
CA LEU N 918 -22.57 -36.21 15.30
C LEU N 918 -22.52 -34.89 14.56
N LEU N 919 -22.73 -33.78 15.27
CA LEU N 919 -23.02 -32.49 14.65
C LEU N 919 -21.90 -31.97 13.78
N THR N 920 -20.69 -32.43 14.03
CA THR N 920 -19.59 -32.10 13.15
C THR N 920 -19.76 -32.80 11.81
N GLU N 921 -20.19 -34.05 11.84
CA GLU N 921 -20.19 -34.88 10.64
C GLU N 921 -21.30 -34.49 9.70
N LEU N 922 -22.44 -34.11 10.26
CA LEU N 922 -23.58 -33.68 9.47
C LEU N 922 -23.21 -32.47 8.63
N ILE N 923 -22.57 -31.51 9.27
CA ILE N 923 -22.11 -30.33 8.57
C ILE N 923 -20.96 -30.69 7.67
N PHE N 924 -20.12 -31.63 8.08
CA PHE N 924 -19.12 -32.13 7.16
C PHE N 924 -19.70 -33.07 6.13
N ASN N 925 -20.92 -33.54 6.33
CA ASN N 925 -21.56 -34.17 5.20
C ASN N 925 -22.43 -33.19 4.41
N GLY N 926 -22.49 -31.93 4.86
CA GLY N 926 -22.98 -30.81 4.08
C GLY N 926 -24.38 -30.93 3.54
N ASN N 927 -25.28 -31.57 4.28
CA ASN N 927 -26.54 -31.96 3.69
C ASN N 927 -27.56 -30.84 3.75
N PHE N 928 -27.17 -29.71 4.31
CA PHE N 928 -28.05 -28.60 4.55
C PHE N 928 -27.99 -27.60 3.43
N ASN N 929 -27.16 -27.87 2.43
CA ASN N 929 -27.05 -27.03 1.27
C ASN N 929 -28.36 -26.97 0.51
N GLU N 930 -29.06 -28.09 0.47
CA GLU N 930 -30.41 -28.11 -0.06
C GLU N 930 -31.42 -28.49 1.00
N LEU N 931 -31.20 -27.99 2.21
CA LEU N 931 -32.25 -27.89 3.19
C LEU N 931 -32.65 -26.43 3.31
N LYS N 932 -33.94 -26.19 3.48
CA LYS N 932 -34.39 -24.85 3.72
C LYS N 932 -34.44 -24.61 5.23
N PRO N 933 -34.55 -23.34 5.67
CA PRO N 933 -34.65 -23.06 7.12
C PRO N 933 -35.80 -23.76 7.81
N GLU N 934 -36.90 -23.97 7.11
CA GLU N 934 -37.95 -24.80 7.68
C GLU N 934 -37.56 -26.26 7.66
N GLN N 935 -36.65 -26.65 6.78
CA GLN N 935 -36.36 -28.06 6.60
C GLN N 935 -35.32 -28.54 7.59
N ALA N 936 -34.21 -27.82 7.72
CA ALA N 936 -33.14 -28.29 8.58
C ALA N 936 -33.48 -28.11 10.04
N ALA N 937 -34.45 -27.24 10.35
CA ALA N 937 -34.81 -27.01 11.74
C ALA N 937 -35.44 -28.24 12.34
N ALA N 938 -36.21 -28.97 11.54
CA ALA N 938 -36.77 -30.24 11.97
C ALA N 938 -35.68 -31.24 12.23
N LEU N 939 -34.56 -31.13 11.52
CA LEU N 939 -33.43 -31.97 11.83
C LEU N 939 -32.78 -31.53 13.13
N LEU N 940 -32.95 -30.27 13.48
CA LEU N 940 -32.42 -29.85 14.76
C LEU N 940 -33.38 -30.15 15.87
N SER N 941 -34.62 -30.44 15.54
CA SER N 941 -35.49 -31.05 16.52
C SER N 941 -35.08 -32.47 16.83
N CYS N 942 -34.25 -33.07 15.99
CA CYS N 942 -33.80 -34.43 16.27
C CYS N 942 -32.71 -34.45 17.32
N PHE N 943 -32.34 -33.30 17.86
CA PHE N 943 -31.32 -33.23 18.89
C PHE N 943 -31.82 -32.66 20.19
N ALA N 944 -32.60 -31.59 20.14
CA ALA N 944 -32.81 -30.75 21.30
C ALA N 944 -33.80 -31.32 22.30
N PHE N 945 -34.06 -32.62 22.27
CA PHE N 945 -35.12 -33.20 23.07
C PHE N 945 -34.92 -34.70 23.22
N GLN N 946 -35.21 -35.22 24.41
CA GLN N 946 -34.75 -36.55 24.79
C GLN N 946 -35.87 -37.53 25.11
N GLU N 947 -36.91 -37.09 25.84
CA GLU N 947 -37.91 -38.02 26.37
C GLU N 947 -38.86 -38.53 25.29
N ARG N 948 -39.03 -39.84 25.26
CA ARG N 948 -39.92 -40.49 24.30
C ARG N 948 -41.39 -40.19 24.60
N CYS N 949 -42.22 -40.40 23.59
CA CYS N 949 -43.64 -40.17 23.69
C CYS N 949 -44.34 -40.96 22.59
N LYS N 950 -45.56 -40.54 22.25
CA LYS N 950 -46.36 -41.17 21.20
C LYS N 950 -45.67 -41.07 19.84
N GLU N 951 -45.96 -42.02 18.95
CA GLU N 951 -45.44 -41.97 17.58
C GLU N 951 -46.00 -40.78 16.82
N ALA N 952 -45.11 -40.02 16.25
CA ALA N 952 -45.52 -39.13 15.18
C ALA N 952 -45.78 -39.97 13.92
N PRO N 953 -46.54 -39.46 12.96
CA PRO N 953 -46.65 -40.16 11.69
C PRO N 953 -45.35 -40.04 10.92
N ARG N 954 -45.21 -40.89 9.91
CA ARG N 954 -44.15 -40.68 8.93
C ARG N 954 -44.43 -39.41 8.16
N LEU N 955 -43.58 -38.41 8.38
CA LEU N 955 -43.91 -37.07 7.95
C LEU N 955 -43.64 -36.88 6.47
N LYS N 956 -43.70 -35.62 6.04
CA LYS N 956 -43.39 -35.28 4.68
C LYS N 956 -41.92 -35.58 4.39
N PRO N 957 -41.65 -36.32 3.31
CA PRO N 957 -40.37 -37.05 3.21
C PRO N 957 -39.16 -36.17 3.03
N GLU N 958 -39.37 -34.92 2.63
CA GLU N 958 -38.30 -33.94 2.55
C GLU N 958 -37.77 -33.57 3.92
N LEU N 959 -38.49 -33.94 4.97
CA LEU N 959 -37.94 -34.03 6.30
C LEU N 959 -37.33 -35.39 6.54
N ALA N 960 -38.05 -36.42 6.12
CA ALA N 960 -37.72 -37.77 6.52
C ALA N 960 -36.50 -38.28 5.79
N GLU N 961 -36.36 -37.94 4.52
CA GLU N 961 -35.16 -38.37 3.80
C GLU N 961 -33.89 -37.72 4.35
N PRO N 962 -33.85 -36.44 4.72
CA PRO N 962 -32.71 -35.97 5.50
C PRO N 962 -32.60 -36.63 6.84
N LEU N 963 -33.74 -36.92 7.46
CA LEU N 963 -33.74 -37.70 8.67
C LEU N 963 -33.23 -39.10 8.40
N LYS N 964 -33.58 -39.65 7.25
CA LYS N 964 -32.99 -40.90 6.83
C LYS N 964 -31.51 -40.70 6.55
N ALA N 965 -31.12 -39.51 6.09
CA ALA N 965 -29.74 -39.26 5.75
C ALA N 965 -28.86 -39.16 6.97
N MET N 966 -29.28 -38.42 8.00
CA MET N 966 -28.47 -38.33 9.20
C MET N 966 -28.36 -39.65 9.94
N ARG N 967 -29.43 -40.46 9.89
CA ARG N 967 -29.40 -41.78 10.48
C ARG N 967 -28.31 -42.64 9.86
N GLU N 968 -28.09 -42.48 8.56
CA GLU N 968 -27.04 -43.22 7.87
C GLU N 968 -25.66 -42.80 8.36
N ILE N 969 -25.54 -41.58 8.85
CA ILE N 969 -24.22 -41.08 9.20
C ILE N 969 -23.77 -41.66 10.53
N ALA N 970 -24.65 -41.65 11.51
CA ALA N 970 -24.24 -41.92 12.87
C ALA N 970 -23.97 -43.40 13.08
N ALA N 971 -24.52 -44.23 12.20
CA ALA N 971 -24.33 -45.67 12.34
C ALA N 971 -22.88 -46.04 12.12
N LYS N 972 -22.33 -45.61 10.99
CA LYS N 972 -20.92 -45.76 10.68
C LYS N 972 -20.05 -45.17 11.76
N ILE N 973 -20.49 -44.06 12.34
CA ILE N 973 -19.85 -43.52 13.53
C ILE N 973 -19.91 -44.52 14.66
N ALA N 974 -21.11 -44.99 14.97
CA ALA N 974 -21.25 -45.89 16.10
C ALA N 974 -20.71 -47.27 15.76
N LYS N 975 -20.64 -47.58 14.47
CA LYS N 975 -19.95 -48.79 14.02
C LYS N 975 -18.52 -48.81 14.52
N ILE N 976 -17.82 -47.71 14.33
CA ILE N 976 -16.43 -47.67 14.75
C ILE N 976 -16.37 -47.53 16.27
N MET N 977 -17.42 -46.96 16.85
CA MET N 977 -17.55 -47.01 18.30
C MET N 977 -17.72 -48.45 18.78
N LYS N 978 -18.48 -49.25 18.05
CA LYS N 978 -18.52 -50.67 18.35
C LYS N 978 -17.15 -51.30 18.11
N ASP N 979 -16.46 -50.80 17.08
CA ASP N 979 -15.10 -51.24 16.84
C ASP N 979 -14.15 -50.70 17.90
N SER N 980 -14.60 -49.69 18.65
CA SER N 980 -13.73 -49.07 19.61
C SER N 980 -13.66 -49.79 20.92
N LYS N 981 -14.29 -50.96 21.00
CA LYS N 981 -14.59 -51.65 22.26
C LYS N 981 -15.41 -50.76 23.19
N ILE N 982 -16.14 -49.83 22.62
CA ILE N 982 -17.03 -49.01 23.41
C ILE N 982 -18.38 -49.68 23.37
N GLU N 983 -18.81 -50.18 24.52
CA GLU N 983 -20.00 -51.02 24.58
C GLU N 983 -21.25 -50.18 24.38
N VAL N 984 -21.56 -49.87 23.13
CA VAL N 984 -22.76 -49.11 22.77
C VAL N 984 -23.53 -49.90 21.74
N VAL N 985 -24.79 -50.20 22.04
CA VAL N 985 -25.68 -50.84 21.10
C VAL N 985 -25.99 -49.84 20.01
N GLU N 986 -25.54 -50.16 18.80
CA GLU N 986 -25.68 -49.28 17.64
C GLU N 986 -27.13 -48.98 17.38
N LYS N 987 -27.98 -50.00 17.51
CA LYS N 987 -29.41 -49.82 17.41
C LYS N 987 -29.90 -48.85 18.46
N ASP N 988 -29.54 -49.09 19.72
CA ASP N 988 -30.00 -48.23 20.80
C ASP N 988 -29.37 -46.85 20.70
N TYR N 989 -28.20 -46.79 20.06
CA TYR N 989 -27.58 -45.50 19.80
C TYR N 989 -28.41 -44.67 18.82
N VAL N 990 -29.12 -45.33 17.92
CA VAL N 990 -29.91 -44.57 16.97
C VAL N 990 -31.14 -43.99 17.64
N GLU N 991 -31.88 -44.83 18.39
CA GLU N 991 -33.06 -44.31 19.07
C GLU N 991 -32.73 -43.41 20.24
N SER N 992 -31.44 -43.16 20.50
CA SER N 992 -31.07 -41.96 21.21
C SER N 992 -31.52 -40.70 20.47
N PHE N 993 -31.73 -40.77 19.16
CA PHE N 993 -32.25 -39.63 18.41
C PHE N 993 -33.76 -39.74 18.28
N ARG N 994 -34.42 -38.64 18.60
CA ARG N 994 -35.87 -38.57 18.65
C ARG N 994 -36.39 -37.55 17.65
N HIS N 995 -37.35 -37.98 16.86
CA HIS N 995 -37.65 -37.41 15.55
C HIS N 995 -39.11 -37.05 15.38
N GLU N 996 -39.79 -36.64 16.43
CA GLU N 996 -41.24 -36.72 16.37
C GLU N 996 -41.87 -35.35 16.33
N LEU N 997 -41.19 -34.34 16.82
CA LEU N 997 -41.77 -33.02 16.92
C LEU N 997 -41.50 -32.24 15.66
N MET N 998 -40.88 -32.91 14.69
CA MET N 998 -40.33 -32.30 13.49
C MET N 998 -41.40 -31.56 12.72
N GLU N 999 -42.58 -32.16 12.64
CA GLU N 999 -43.76 -31.54 12.03
C GLU N 999 -44.11 -30.24 12.71
N VAL N 1000 -44.19 -30.25 14.03
CA VAL N 1000 -44.52 -29.06 14.78
C VAL N 1000 -43.42 -28.03 14.60
N VAL N 1001 -42.19 -28.51 14.57
CA VAL N 1001 -41.07 -27.66 14.25
C VAL N 1001 -41.16 -27.17 12.82
N TYR N 1002 -41.68 -28.00 11.93
CA TYR N 1002 -41.80 -27.59 10.54
C TYR N 1002 -42.88 -26.52 10.37
N GLU N 1003 -43.78 -26.42 11.34
CA GLU N 1003 -44.88 -25.48 11.13
C GLU N 1003 -44.69 -24.20 11.89
N TRP N 1004 -44.02 -24.26 13.05
CA TRP N 1004 -43.63 -23.03 13.71
C TRP N 1004 -42.66 -22.23 12.86
N CYS N 1005 -41.86 -22.92 12.05
CA CYS N 1005 -41.12 -22.27 10.98
C CYS N 1005 -42.02 -21.61 9.95
N ARG N 1006 -43.23 -22.11 9.76
CA ARG N 1006 -44.14 -21.53 8.79
C ARG N 1006 -45.06 -20.50 9.42
N GLY N 1007 -44.76 -20.07 10.63
CA GLY N 1007 -45.55 -19.05 11.28
C GLY N 1007 -46.79 -19.59 11.93
N ALA N 1008 -46.77 -20.81 12.44
CA ALA N 1008 -47.99 -21.37 12.99
C ALA N 1008 -48.29 -20.79 14.35
N THR N 1009 -49.57 -20.84 14.70
CA THR N 1009 -50.06 -20.37 15.99
C THR N 1009 -49.59 -21.31 17.08
N PHE N 1010 -49.28 -20.73 18.24
CA PHE N 1010 -49.05 -21.54 19.42
C PHE N 1010 -50.27 -22.35 19.77
N THR N 1011 -51.46 -21.79 19.58
CA THR N 1011 -52.71 -22.48 19.88
C THR N 1011 -52.85 -23.73 19.05
N GLN N 1012 -52.61 -23.59 17.75
CA GLN N 1012 -52.76 -24.68 16.81
C GLN N 1012 -51.77 -25.81 17.08
N ILE N 1013 -50.54 -25.45 17.41
CA ILE N 1013 -49.54 -26.50 17.52
C ILE N 1013 -49.66 -27.23 18.83
N CYS N 1014 -50.40 -26.66 19.79
CA CYS N 1014 -50.72 -27.38 21.01
C CYS N 1014 -51.49 -28.65 20.75
N LYS N 1015 -52.33 -28.66 19.72
CA LYS N 1015 -53.10 -29.84 19.36
C LYS N 1015 -52.24 -30.98 18.87
N MET N 1016 -51.05 -30.70 18.38
CA MET N 1016 -50.33 -31.77 17.72
C MET N 1016 -49.46 -32.57 18.67
N THR N 1017 -49.59 -32.37 19.98
CA THR N 1017 -48.93 -33.26 20.92
C THR N 1017 -49.65 -33.32 22.25
N ASP N 1018 -49.22 -34.29 23.06
CA ASP N 1018 -49.49 -34.38 24.48
C ASP N 1018 -48.42 -33.69 25.28
N VAL N 1019 -47.25 -33.49 24.68
CA VAL N 1019 -46.10 -32.98 25.41
C VAL N 1019 -46.38 -31.54 25.81
N TYR N 1020 -46.18 -31.26 27.08
CA TYR N 1020 -46.66 -30.03 27.67
C TYR N 1020 -45.90 -28.82 27.16
N GLU N 1021 -46.52 -27.67 27.34
CA GLU N 1021 -46.24 -26.52 26.49
C GLU N 1021 -44.93 -25.88 26.87
N GLY N 1022 -44.64 -25.84 28.16
CA GLY N 1022 -43.33 -25.38 28.59
C GLY N 1022 -42.22 -26.29 28.13
N SER N 1023 -42.50 -27.59 28.07
CA SER N 1023 -41.51 -28.54 27.63
C SER N 1023 -41.18 -28.34 26.17
N LEU N 1024 -42.16 -27.91 25.40
CA LEU N 1024 -41.91 -27.43 24.06
C LEU N 1024 -40.96 -26.26 24.09
N ILE N 1025 -41.27 -25.28 24.95
CA ILE N 1025 -40.41 -24.12 25.06
C ILE N 1025 -39.07 -24.51 25.66
N ARG N 1026 -39.10 -25.53 26.52
CA ARG N 1026 -37.85 -26.04 27.08
C ARG N 1026 -36.98 -26.70 26.03
N MET N 1027 -37.55 -27.11 24.90
CA MET N 1027 -36.66 -27.41 23.81
C MET N 1027 -36.57 -26.25 22.82
N PHE N 1028 -37.59 -25.38 22.76
CA PHE N 1028 -37.48 -24.20 21.92
C PHE N 1028 -36.36 -23.30 22.36
N LYS N 1029 -36.34 -22.91 23.62
CA LYS N 1029 -35.25 -22.08 24.07
C LYS N 1029 -33.96 -22.87 24.15
N ARG N 1030 -34.04 -24.21 24.19
CA ARG N 1030 -32.85 -24.98 23.90
C ARG N 1030 -32.44 -24.81 22.45
N LEU N 1031 -33.41 -24.76 21.55
CA LEU N 1031 -33.09 -24.80 20.14
C LEU N 1031 -32.41 -23.51 19.70
N GLU N 1032 -32.73 -22.38 20.34
CA GLU N 1032 -32.02 -21.14 20.05
C GLU N 1032 -30.55 -21.25 20.43
N GLU N 1033 -30.28 -21.85 21.58
CA GLU N 1033 -28.91 -22.09 22.02
C GLU N 1033 -28.18 -22.96 21.02
N LEU N 1034 -28.89 -23.89 20.41
CA LEU N 1034 -28.32 -24.67 19.34
C LEU N 1034 -27.96 -23.79 18.15
N VAL N 1035 -28.95 -23.12 17.57
CA VAL N 1035 -28.79 -22.42 16.30
C VAL N 1035 -27.78 -21.29 16.44
N LYS N 1036 -27.77 -20.65 17.60
CA LYS N 1036 -26.73 -19.66 17.86
C LYS N 1036 -25.35 -20.28 17.90
N GLU N 1037 -25.22 -21.48 18.47
CA GLU N 1037 -23.93 -22.12 18.40
C GLU N 1037 -23.66 -22.68 17.01
N LEU N 1038 -24.70 -22.83 16.20
CA LEU N 1038 -24.46 -23.20 14.82
C LEU N 1038 -23.93 -22.06 13.99
N VAL N 1039 -24.31 -20.83 14.33
CA VAL N 1039 -23.80 -19.63 13.68
C VAL N 1039 -22.29 -19.52 13.82
N ASP N 1040 -21.75 -20.04 14.91
CA ASP N 1040 -20.32 -20.08 15.14
C ASP N 1040 -19.57 -20.83 14.07
N VAL N 1041 -20.20 -21.82 13.47
CA VAL N 1041 -19.45 -22.83 12.75
C VAL N 1041 -19.00 -22.31 11.40
N ALA N 1042 -19.91 -21.68 10.66
CA ALA N 1042 -19.56 -21.19 9.34
C ALA N 1042 -18.59 -20.04 9.41
N ASN N 1043 -18.55 -19.36 10.55
CA ASN N 1043 -17.50 -18.39 10.81
C ASN N 1043 -16.15 -19.07 10.85
N THR N 1044 -16.11 -20.25 11.42
CA THR N 1044 -14.89 -21.03 11.51
C THR N 1044 -14.61 -21.81 10.25
N ILE N 1045 -15.55 -21.84 9.31
CA ILE N 1045 -15.30 -22.54 8.06
C ILE N 1045 -15.38 -21.65 6.85
N GLY N 1046 -16.24 -20.64 6.82
CA GLY N 1046 -16.38 -19.86 5.61
C GLY N 1046 -17.52 -20.30 4.73
N ASN N 1047 -18.42 -21.14 5.23
CA ASN N 1047 -19.59 -21.51 4.46
C ASN N 1047 -20.53 -20.32 4.53
N SER N 1048 -20.38 -19.45 3.54
CA SER N 1048 -21.11 -18.20 3.52
C SER N 1048 -22.57 -18.44 3.22
N SER N 1049 -22.86 -19.49 2.46
CA SER N 1049 -24.23 -19.91 2.24
C SER N 1049 -24.89 -20.30 3.55
N LEU N 1050 -24.14 -20.97 4.40
CA LEU N 1050 -24.65 -21.44 5.67
C LEU N 1050 -25.01 -20.28 6.57
N LYS N 1051 -24.13 -19.28 6.65
CA LYS N 1051 -24.37 -18.14 7.51
C LYS N 1051 -25.56 -17.35 7.04
N GLU N 1052 -25.76 -17.29 5.72
CA GLU N 1052 -27.01 -16.77 5.19
C GLU N 1052 -28.17 -17.63 5.63
N LYS N 1053 -27.97 -18.94 5.66
CA LYS N 1053 -29.07 -19.83 5.97
C LYS N 1053 -29.27 -19.94 7.47
N MET N 1054 -28.21 -19.71 8.25
CA MET N 1054 -28.29 -19.93 9.70
C MET N 1054 -29.18 -18.92 10.39
N GLU N 1055 -28.90 -17.64 10.22
CA GLU N 1055 -29.71 -16.65 10.90
C GLU N 1055 -31.07 -16.53 10.25
N ALA N 1056 -31.20 -17.00 9.01
CA ALA N 1056 -32.52 -17.15 8.40
C ALA N 1056 -33.40 -18.08 9.22
N VAL N 1057 -32.81 -19.15 9.76
CA VAL N 1057 -33.54 -19.97 10.73
C VAL N 1057 -33.84 -19.16 11.97
N LEU N 1058 -32.84 -18.43 12.45
CA LEU N 1058 -32.92 -17.79 13.76
C LEU N 1058 -33.97 -16.70 13.76
N LYS N 1059 -34.17 -16.08 12.61
CA LYS N 1059 -35.31 -15.18 12.43
C LYS N 1059 -36.61 -15.92 12.60
N LEU N 1060 -36.65 -17.17 12.15
CA LEU N 1060 -37.93 -17.81 11.98
C LEU N 1060 -38.30 -18.65 13.19
N ILE N 1061 -37.49 -18.62 14.23
CA ILE N 1061 -37.92 -19.25 15.47
C ILE N 1061 -38.06 -18.22 16.59
N HIS N 1062 -37.07 -17.35 16.72
CA HIS N 1062 -37.05 -16.41 17.84
C HIS N 1062 -38.11 -15.34 17.66
N ARG N 1063 -39.24 -15.53 18.30
CA ARG N 1063 -40.39 -14.67 18.10
C ARG N 1063 -41.30 -14.79 19.31
N ASP N 1064 -42.58 -14.50 19.08
CA ASP N 1064 -43.68 -14.09 19.96
C ASP N 1064 -43.65 -14.83 21.31
N ILE N 1065 -43.92 -16.14 21.35
CA ILE N 1065 -43.99 -16.81 22.64
C ILE N 1065 -42.60 -17.20 23.11
N VAL N 1066 -41.64 -17.16 22.19
CA VAL N 1066 -40.29 -17.54 22.53
C VAL N 1066 -39.61 -16.40 23.28
N SER N 1067 -40.27 -15.26 23.37
CA SER N 1067 -39.78 -14.06 24.03
C SER N 1067 -40.15 -14.01 25.50
N ALA N 1068 -40.22 -15.16 26.18
CA ALA N 1068 -40.70 -15.19 27.55
C ALA N 1068 -39.62 -14.74 28.54
N GLY N 1069 -40.02 -13.85 29.46
CA GLY N 1069 -39.18 -13.44 30.57
C GLY N 1069 -39.87 -13.64 31.90
N SER N 1070 -39.12 -13.47 32.99
CA SER N 1070 -39.61 -13.86 34.30
C SER N 1070 -40.00 -12.66 35.15
N LEU N 1071 -40.56 -12.94 36.33
CA LEU N 1071 -41.18 -11.87 37.11
C LEU N 1071 -40.33 -11.44 38.28
N TYR N 1072 -39.53 -12.34 38.84
CA TYR N 1072 -38.69 -11.99 39.98
C TYR N 1072 -37.62 -11.01 39.54
N LEU N 1073 -36.90 -11.39 38.50
CA LEU N 1073 -36.11 -10.44 37.77
C LEU N 1073 -37.04 -9.44 37.12
N UNK O 1 -48.09 -1.34 35.16
CA UNK O 1 -46.85 -1.41 35.91
C UNK O 1 -47.08 -2.07 37.26
N UNK O 2 -46.73 -3.35 37.37
CA UNK O 2 -46.97 -4.11 38.59
C UNK O 2 -45.71 -4.76 39.13
N UNK O 3 -44.81 -5.16 38.22
CA UNK O 3 -43.65 -6.02 38.48
C UNK O 3 -42.69 -5.54 39.57
N UNK O 4 -42.74 -4.25 39.92
CA UNK O 4 -41.78 -3.72 40.88
C UNK O 4 -42.34 -3.70 42.29
N UNK O 5 -43.56 -3.20 42.47
CA UNK O 5 -44.02 -2.88 43.81
C UNK O 5 -45.10 -3.82 44.30
N UNK O 6 -45.45 -4.83 43.50
CA UNK O 6 -46.53 -5.74 43.89
C UNK O 6 -46.14 -6.58 45.08
N UNK O 7 -44.86 -6.90 45.21
CA UNK O 7 -44.36 -7.51 46.43
C UNK O 7 -44.53 -6.57 47.60
N UNK O 8 -44.33 -5.28 47.38
CA UNK O 8 -44.61 -4.31 48.42
C UNK O 8 -46.12 -4.08 48.54
N UNK O 9 -46.86 -4.30 47.45
CA UNK O 9 -48.29 -4.00 47.48
C UNK O 9 -49.08 -5.11 48.18
N UNK O 10 -48.75 -6.38 47.88
CA UNK O 10 -49.43 -7.49 48.53
C UNK O 10 -49.11 -7.53 50.01
N UNK O 11 -47.87 -7.20 50.36
CA UNK O 11 -47.50 -7.03 51.75
C UNK O 11 -48.06 -5.72 52.27
N PRO O 12 -32.58 46.10 32.99
CA PRO O 12 -33.63 46.56 33.90
C PRO O 12 -35.02 46.36 33.32
N ASN O 13 -35.27 45.18 32.77
CA ASN O 13 -36.49 44.92 32.03
C ASN O 13 -37.01 43.52 32.34
N LEU O 14 -38.06 43.14 31.62
CA LEU O 14 -38.78 41.92 31.92
C LEU O 14 -38.46 40.89 30.84
N ILE O 15 -37.38 40.16 31.07
CA ILE O 15 -36.83 39.25 30.09
C ILE O 15 -37.24 37.81 30.41
N ILE O 16 -37.89 37.16 29.46
CA ILE O 16 -38.17 35.74 29.53
C ILE O 16 -37.52 35.10 28.31
N SER O 17 -36.77 34.03 28.54
CA SER O 17 -35.66 33.68 27.66
C SER O 17 -36.10 33.00 26.37
N ASN O 18 -35.10 32.48 25.64
CA ASN O 18 -35.29 31.95 24.29
C ASN O 18 -36.12 30.71 24.30
N VAL O 19 -36.74 30.41 23.18
CA VAL O 19 -37.56 29.22 23.05
C VAL O 19 -37.43 28.70 21.63
N GLY O 20 -37.63 27.38 21.48
CA GLY O 20 -37.62 26.75 20.18
C GLY O 20 -38.89 27.04 19.42
N TYR O 21 -38.89 26.64 18.15
CA TYR O 21 -40.08 26.85 17.35
C TYR O 21 -41.13 25.80 17.65
N SER O 22 -40.76 24.74 18.38
CA SER O 22 -41.67 23.72 18.87
C SER O 22 -42.79 24.32 19.70
N GLU O 23 -42.46 25.35 20.45
CA GLU O 23 -43.40 26.01 21.32
C GLU O 23 -44.12 27.13 20.62
N LEU O 24 -43.79 27.38 19.36
CA LEU O 24 -44.48 28.41 18.60
C LEU O 24 -45.61 27.85 17.77
N ARG O 25 -45.83 26.54 17.85
CA ARG O 25 -47.08 25.98 17.40
C ARG O 25 -47.89 25.52 18.61
N LYS O 26 -49.17 25.85 18.61
CA LYS O 26 -50.01 25.83 19.79
C LYS O 26 -50.45 24.48 20.37
N PRO O 27 -50.71 23.38 19.58
CA PRO O 27 -51.04 22.11 20.25
C PRO O 27 -49.89 21.50 21.03
N GLU O 28 -48.67 21.99 20.78
CA GLU O 28 -47.46 21.70 21.54
C GLU O 28 -47.08 20.22 21.50
N GLY O 29 -46.76 19.74 20.29
CA GLY O 29 -46.13 18.45 20.13
C GLY O 29 -47.04 17.24 20.22
N VAL O 30 -48.35 17.41 20.03
CA VAL O 30 -49.26 16.28 19.98
C VAL O 30 -49.39 15.96 18.49
N ILE O 31 -48.82 16.85 17.66
CA ILE O 31 -48.72 16.66 16.22
C ILE O 31 -47.89 15.43 15.96
N SER O 32 -48.51 14.39 15.44
CA SER O 32 -47.82 13.15 15.14
C SER O 32 -46.92 13.40 13.94
N GLY O 33 -45.63 13.15 14.10
CA GLY O 33 -44.72 13.37 13.01
C GLY O 33 -44.82 12.34 11.91
N ARG O 34 -45.26 11.13 12.22
CA ARG O 34 -45.22 10.03 11.27
C ARG O 34 -46.63 9.68 10.82
N LYS O 35 -46.94 10.05 9.59
CA LYS O 35 -48.26 9.83 9.03
C LYS O 35 -48.15 8.87 7.85
N THR O 36 -48.89 7.78 7.93
CA THR O 36 -49.29 7.06 6.73
C THR O 36 -50.59 7.71 6.29
N PHE O 37 -50.98 7.49 5.04
CA PHE O 37 -52.24 8.04 4.57
C PHE O 37 -53.22 6.91 4.31
N GLY O 38 -54.40 7.00 4.91
CA GLY O 38 -55.37 5.93 4.89
C GLY O 38 -56.17 5.89 3.59
N ASP O 39 -56.93 4.80 3.41
CA ASP O 39 -57.53 4.40 2.15
C ASP O 39 -58.45 5.42 1.49
N ASN O 40 -58.03 5.95 0.35
CA ASN O 40 -58.87 6.66 -0.63
C ASN O 40 -58.25 6.53 -2.02
#